data_7WYX
#
_entry.id   7WYX
#
_cell.length_a   1.00
_cell.length_b   1.00
_cell.length_c   1.00
_cell.angle_alpha   90.00
_cell.angle_beta   90.00
_cell.angle_gamma   90.00
#
_symmetry.space_group_name_H-M   'P 1'
#
loop_
_entity.id
_entity.type
_entity.pdbx_description
1 polymer 'Sodium/potassium-transporting ATPase subunit alpha'
2 polymer 'Na+,K+-ATPase beta subunit'
3 polymer 'FXYD domain-containing ion transport regulator'
4 branched alpha-D-mannopyranose-(1-3)-[alpha-D-mannopyranose-(1-6)]beta-D-mannopyranose-(1-4)-2-acetamido-2-deoxy-beta-D-glucopyranose-(1-4)-[alpha-L-fucopyranose-(1-6)]2-acetamido-2-deoxy-beta-D-glucopyranose
5 branched 2-acetamido-2-deoxy-beta-D-glucopyranose-(1-2)-alpha-D-mannopyranose-(1-3)-[alpha-D-mannopyranose-(1-6)]beta-D-mannopyranose-(1-4)-2-acetamido-2-deoxy-beta-D-glucopyranose-(1-4)-2-acetamido-2-deoxy-beta-D-glucopyranose
6 branched alpha-D-mannopyranose-(1-3)-beta-D-mannopyranose-(1-4)-2-acetamido-2-deoxy-beta-D-glucopyranose-(1-4)-[alpha-L-fucopyranose-(1-6)]2-acetamido-2-deoxy-beta-D-glucopyranose
7 branched 2-acetamido-2-deoxy-beta-D-glucopyranose-(1-4)-2-acetamido-2-deoxy-beta-D-glucopyranose
8 non-polymer 'MAGNESIUM ION'
9 non-polymer 'SODIUM ION'
10 non-polymer "ADENOSINE-5'-TRIPHOSPHATE"
11 non-polymer (3E,5S,8R,9S,10R,13S,14S)-3-(2-azanylethoxyimino)-10,13-dimethyl-1,2,4,5,7,8,9,11,12,14,15,16-dodecahydrocyclopenta[a]phenanthrene-6,17-dione
12 non-polymer CHOLESTEROL
13 non-polymer 1,2-DIOLEOYL-SN-GLYCERO-3-PHOSPHOCHOLINE
14 water water
#
loop_
_entity_poly.entity_id
_entity_poly.type
_entity_poly.pdbx_seq_one_letter_code
_entity_poly.pdbx_strand_id
1 'polypeptide(L)'
;MGKGTASDKYEPAATSENATKSKKKGKKDKIDKKRDLDELKKEVSMDDHKLSLDELHNKYGTDLTRGLTNARAKEILARD
GPNSLTPPPTTPEWIKFCRQLFGGFSILLWIGAILCFLAYGIQAATEDEPANDNLYLGVVLSTVVIVTGCFSYYQEAKSS
RIMDSFKNMVPQQALVIRDGEKSTINAEFVVAGDLVEVKGGDRIPADLRIISAHGCKVDNSSLTGESEPQTRSPEFSSEN
PLETRNIAFFSTNCVEGTARGVVVYTGDRTVMGRIATLASGLEVGRTPIAIEIEHFIHIITGVAVFLGVSFFILSLILGY
SWLEAVIFLIGIIVANVPEGLLATVTVCLTLTAKRMARKNCLVKNLEAVETLGSTSTICS(PHD)KTGTLTQNRMTVAHM
WFDNQIHEADTTENQSGAAFDKTSATWSALSRIAALCNRAVFQAGQDNVPILKRSVAGDASESALLKCIELCCGSVQGMR
DRNPKIVEIPFNSTNKYQLSIHENEKSSESRYLLVMKGAPERILDRCSTILLNGAEEPLKEDMKEAFQNAYLELGGLGER
VLGFCHFALPEDKYNEGYPFDADEPNFPTTDLCFVGLMAMIDPPRAAVPDAVGKCRSAGIKVIMVTGDHPITAKAIAKGV
GIISEGNETIEDIAARLNIPIGQVNPRDAKACVVHGSDLKDLSTEVLDDILHYHTEIVFARTSPQQKLIIVEGCQRQGAI
VAVTGDGVNDSPALKKADIGVAMGISGSDVSKQAADMILLDDNFASIVTGVEEGRLIFDNLKKSIAYTLTSNIPEITPFL
VFIIGNVPLPLGTVTILCIDLGTDMVPAISLAYEQAESDIMKRQPRNPKTDKLVNERLISMAYGQIGMIQALGGFFSYFV
ILAENGFLPMDLIGKRVRWDDRWISDVEDSFGQQWTYEQRKIVEFTCHTSFFISIVVVQWADLIICKTRRNSIFQQGMKN
KILIFGLFEETALAAFLSYCPGTDVALRMYPLKPSWWFCAFPYSLIIFLYDEMRRFIIRRSPGGWVEQETYY
;
A,C
2 'polypeptide(L)'
;MARGKSKETDGGWKKFLWDSEKKEFLGRTGSSWFKIFLFYLIFYGCLAGIFIGTIQVLLLTLSDFEPKYQDRVAPPGLSH
APYAIKTEISFSISNPKSYESFVKSMHKLMDLYNESSQAGNSPFEDCSDTPADYIKRGDLDDSQGQKKACRFSRMWLKNC
SGLDDTTYGYAEGKPCVVAKLNRIIGFYPKPLKNTTDLPEELQANYNQYVLPLRCAAKREEDREKIGSIEYFGLGGYAGF
PLQYYPYYGKRLQKKYLQPLLAIQFTNLTQNMELRIECKVYGENIDYSEKDRFRGRFEVKIEVKS
;
B,D
3 'polypeptide(L)'
;MLGAATGLMVLVAVTQGVWAMDPEGPDNDERFTYDYYRLRVVGLIVAAVLCVIGIIILLAGKCRCKFNQNKRTRSNSGTA
TAQHLLQPGEATEC
;
G,E
#
# COMPACT_ATOMS: atom_id res chain seq x y z
N ASP A 36 -11.63 17.15 -70.79
CA ASP A 36 -12.67 16.68 -69.89
C ASP A 36 -13.40 17.88 -69.28
N LEU A 37 -14.18 18.57 -70.11
CA LEU A 37 -14.93 19.74 -69.66
C LEU A 37 -15.94 19.29 -68.61
N ASP A 38 -15.76 19.75 -67.37
CA ASP A 38 -16.69 19.35 -66.31
C ASP A 38 -18.02 20.07 -66.40
N GLU A 39 -18.03 21.36 -66.78
CA GLU A 39 -19.31 22.04 -66.86
C GLU A 39 -20.22 21.41 -67.91
N LEU A 40 -19.65 20.90 -69.01
CA LEU A 40 -20.50 20.29 -70.02
C LEU A 40 -20.92 18.90 -69.60
N LYS A 41 -20.34 18.41 -68.51
CA LYS A 41 -20.65 17.12 -67.97
C LYS A 41 -21.52 17.30 -66.74
N LYS A 42 -21.53 18.53 -66.19
CA LYS A 42 -22.36 18.80 -65.01
C LYS A 42 -23.79 19.08 -65.44
N GLU A 43 -23.97 19.53 -66.67
CA GLU A 43 -25.26 19.84 -67.25
C GLU A 43 -26.11 18.59 -67.34
N VAL A 44 -27.43 18.78 -67.38
CA VAL A 44 -28.34 17.64 -67.47
C VAL A 44 -28.38 17.15 -68.91
N SER A 45 -28.50 15.84 -69.07
CA SER A 45 -28.54 15.19 -70.38
C SER A 45 -29.56 15.80 -71.32
N MET A 46 -29.17 15.88 -72.58
CA MET A 46 -29.96 16.39 -73.71
C MET A 46 -30.04 15.25 -74.70
N ASP A 47 -30.88 15.37 -75.72
CA ASP A 47 -30.98 14.27 -76.68
C ASP A 47 -31.71 14.72 -77.94
N ASP A 48 -31.86 13.75 -78.86
CA ASP A 48 -32.52 13.91 -80.15
C ASP A 48 -33.72 12.96 -80.25
N HIS A 49 -34.28 12.59 -79.10
CA HIS A 49 -35.43 11.69 -79.04
C HIS A 49 -36.61 12.21 -79.85
N LYS A 50 -37.01 13.47 -79.63
CA LYS A 50 -38.13 14.07 -80.34
C LYS A 50 -37.80 14.25 -81.81
N LEU A 51 -37.87 13.13 -82.54
CA LEU A 51 -37.60 13.11 -83.97
C LEU A 51 -38.51 12.04 -84.58
N SER A 52 -38.15 11.56 -85.76
CA SER A 52 -38.91 10.54 -86.46
C SER A 52 -37.96 9.41 -86.84
N LEU A 53 -38.51 8.37 -87.44
CA LEU A 53 -37.64 7.27 -87.84
C LEU A 53 -36.86 7.66 -89.08
N ASP A 54 -37.46 8.53 -89.91
CA ASP A 54 -36.81 8.98 -91.12
C ASP A 54 -35.72 9.99 -90.76
N GLU A 55 -36.01 10.90 -89.83
CA GLU A 55 -35.02 11.89 -89.44
C GLU A 55 -33.84 11.20 -88.76
N LEU A 56 -34.12 10.17 -87.97
CA LEU A 56 -33.05 9.45 -87.28
C LEU A 56 -32.17 8.73 -88.28
N HIS A 57 -32.80 7.98 -89.20
CA HIS A 57 -32.02 7.26 -90.21
C HIS A 57 -31.29 8.23 -91.12
N ASN A 58 -31.83 9.44 -91.30
CA ASN A 58 -31.19 10.44 -92.14
C ASN A 58 -30.06 11.16 -91.42
N LYS A 59 -30.05 11.13 -90.08
CA LYS A 59 -28.98 11.80 -89.37
C LYS A 59 -27.80 10.87 -89.15
N TYR A 60 -28.04 9.62 -88.75
CA TYR A 60 -26.88 8.76 -88.54
C TYR A 60 -26.57 7.90 -89.77
N GLY A 61 -27.56 7.65 -90.62
CA GLY A 61 -27.37 6.86 -91.83
C GLY A 61 -27.65 5.40 -91.54
N THR A 62 -28.83 4.89 -91.89
CA THR A 62 -29.09 3.48 -91.60
C THR A 62 -30.41 3.01 -92.20
N ASP A 63 -30.38 1.79 -92.74
CA ASP A 63 -31.54 1.15 -93.34
C ASP A 63 -32.40 0.58 -92.22
N LEU A 64 -33.68 0.98 -92.16
CA LEU A 64 -34.55 0.46 -91.10
C LEU A 64 -34.83 -1.02 -91.27
N THR A 65 -34.78 -1.54 -92.51
CA THR A 65 -35.06 -2.95 -92.75
C THR A 65 -33.83 -3.76 -93.16
N ARG A 66 -32.70 -3.14 -93.45
CA ARG A 66 -31.50 -3.86 -93.85
C ARG A 66 -30.30 -3.54 -92.99
N GLY A 67 -30.35 -2.49 -92.18
CA GLY A 67 -29.22 -2.13 -91.35
C GLY A 67 -28.07 -1.60 -92.17
N LEU A 68 -26.90 -1.63 -91.57
CA LEU A 68 -25.67 -1.17 -92.20
C LEU A 68 -24.99 -2.30 -92.96
N THR A 69 -23.95 -1.94 -93.70
CA THR A 69 -23.16 -2.89 -94.46
C THR A 69 -21.92 -3.20 -93.63
N ASN A 70 -21.35 -4.39 -93.85
CA ASN A 70 -20.17 -4.76 -93.07
C ASN A 70 -19.01 -3.80 -93.31
N ALA A 71 -18.79 -3.40 -94.58
CA ALA A 71 -17.69 -2.48 -94.84
C ALA A 71 -17.92 -1.15 -94.16
N ARG A 72 -19.16 -0.65 -94.21
CA ARG A 72 -19.48 0.62 -93.56
C ARG A 72 -19.37 0.49 -92.05
N ALA A 73 -19.81 -0.66 -91.53
CA ALA A 73 -19.74 -0.90 -90.09
C ALA A 73 -18.30 -0.85 -89.62
N LYS A 74 -17.39 -1.51 -90.34
CA LYS A 74 -15.99 -1.49 -89.93
C LYS A 74 -15.41 -0.10 -90.11
N GLU A 75 -15.88 0.65 -91.12
CA GLU A 75 -15.37 1.99 -91.34
C GLU A 75 -15.71 2.88 -90.14
N ILE A 76 -16.87 2.65 -89.54
CA ILE A 76 -17.25 3.47 -88.38
C ILE A 76 -16.57 2.93 -87.13
N LEU A 77 -16.44 1.60 -87.03
CA LEU A 77 -15.80 0.99 -85.88
C LEU A 77 -14.39 1.54 -85.72
N ALA A 78 -13.69 1.69 -86.84
CA ALA A 78 -12.33 2.22 -86.82
C ALA A 78 -12.36 3.75 -86.76
N ARG A 79 -13.46 4.37 -87.19
CA ARG A 79 -13.56 5.82 -87.19
C ARG A 79 -13.75 6.42 -85.79
N ASP A 80 -14.48 5.75 -84.89
CA ASP A 80 -14.64 6.38 -83.57
C ASP A 80 -14.33 5.56 -82.32
N GLY A 81 -14.16 4.24 -82.38
CA GLY A 81 -13.86 3.52 -81.17
C GLY A 81 -14.89 2.51 -80.72
N PRO A 82 -14.42 1.43 -80.08
CA PRO A 82 -15.33 0.38 -79.60
C PRO A 82 -16.31 0.87 -78.54
N ASN A 83 -17.45 0.17 -78.47
CA ASN A 83 -18.54 0.47 -77.53
C ASN A 83 -18.22 -0.09 -76.14
N SER A 84 -17.09 0.36 -75.58
CA SER A 84 -16.68 -0.08 -74.25
C SER A 84 -16.15 1.09 -73.44
N LEU A 85 -16.59 1.17 -72.19
CA LEU A 85 -16.15 2.25 -71.30
C LEU A 85 -14.64 2.20 -71.08
N THR A 86 -14.05 3.39 -70.94
CA THR A 86 -12.62 3.50 -70.71
C THR A 86 -12.24 2.89 -69.36
N PRO A 87 -11.01 2.38 -69.25
CA PRO A 87 -10.58 1.79 -67.98
C PRO A 87 -10.17 2.88 -67.01
N PRO A 88 -10.22 2.61 -65.71
CA PRO A 88 -9.83 3.63 -64.73
C PRO A 88 -8.35 3.97 -64.80
N PRO A 89 -7.96 5.10 -64.21
CA PRO A 89 -6.54 5.50 -64.22
C PRO A 89 -5.74 4.65 -63.24
N THR A 90 -5.02 3.65 -63.73
CA THR A 90 -4.20 2.73 -62.94
C THR A 90 -3.31 3.39 -61.88
N THR A 91 -2.62 2.57 -61.07
CA THR A 91 -1.76 3.12 -60.02
C THR A 91 -0.62 2.22 -59.55
N PRO A 92 0.62 2.47 -59.96
CA PRO A 92 1.74 1.64 -59.52
C PRO A 92 1.82 1.56 -57.99
N GLU A 93 2.38 0.47 -57.49
CA GLU A 93 2.48 0.29 -56.04
C GLU A 93 3.53 1.19 -55.38
N TRP A 94 4.59 1.57 -56.10
CA TRP A 94 5.57 2.42 -55.44
C TRP A 94 5.01 3.82 -55.24
N ILE A 95 4.04 4.21 -56.08
CA ILE A 95 3.45 5.54 -55.94
C ILE A 95 2.66 5.62 -54.63
N LYS A 96 1.82 4.62 -54.36
CA LYS A 96 1.07 4.68 -53.12
C LYS A 96 1.97 4.39 -51.92
N PHE A 97 3.11 3.73 -52.14
CA PHE A 97 3.96 3.50 -50.98
C PHE A 97 4.62 4.82 -50.61
N CYS A 98 4.93 5.64 -51.64
CA CYS A 98 5.52 6.94 -51.40
C CYS A 98 4.48 7.84 -50.78
N ARG A 99 3.21 7.62 -51.12
CA ARG A 99 2.14 8.43 -50.56
C ARG A 99 2.06 8.17 -49.06
N GLN A 100 2.13 6.89 -48.67
CA GLN A 100 2.08 6.55 -47.26
C GLN A 100 3.31 7.05 -46.52
N LEU A 101 4.46 7.13 -47.20
CA LEU A 101 5.67 7.61 -46.52
C LEU A 101 5.60 9.11 -46.20
N PHE A 102 4.67 9.83 -46.81
CA PHE A 102 4.48 11.27 -46.60
C PHE A 102 3.16 11.51 -45.86
N GLY A 103 2.70 12.76 -45.86
CA GLY A 103 1.47 13.14 -45.19
C GLY A 103 1.63 14.36 -44.31
N GLY A 104 1.03 14.36 -43.13
CA GLY A 104 1.18 15.51 -42.25
C GLY A 104 2.03 15.19 -41.05
N PHE A 105 1.73 14.06 -40.40
CA PHE A 105 2.49 13.63 -39.23
C PHE A 105 3.88 13.16 -39.64
N SER A 106 3.93 12.30 -40.66
CA SER A 106 5.20 11.78 -41.13
C SER A 106 6.10 12.90 -41.63
N ILE A 107 5.52 13.99 -42.12
CA ILE A 107 6.34 15.10 -42.59
C ILE A 107 7.00 15.78 -41.40
N LEU A 108 6.27 15.89 -40.28
CA LEU A 108 6.85 16.50 -39.10
C LEU A 108 8.03 15.67 -38.62
N LEU A 109 7.87 14.33 -38.65
CA LEU A 109 8.97 13.48 -38.22
C LEU A 109 10.14 13.58 -39.20
N TRP A 110 9.83 13.84 -40.48
CA TRP A 110 10.87 13.96 -41.48
C TRP A 110 11.72 15.20 -41.22
N ILE A 111 11.06 16.32 -40.89
CA ILE A 111 11.81 17.53 -40.63
C ILE A 111 12.61 17.35 -39.34
N GLY A 112 12.11 16.53 -38.41
CA GLY A 112 12.86 16.32 -37.19
C GLY A 112 14.16 15.59 -37.48
N ALA A 113 14.09 14.55 -38.32
CA ALA A 113 15.31 13.81 -38.65
C ALA A 113 16.30 14.72 -39.38
N ILE A 114 15.80 15.56 -40.29
CA ILE A 114 16.68 16.46 -41.03
C ILE A 114 17.41 17.40 -40.07
N LEU A 115 16.66 17.95 -39.10
CA LEU A 115 17.27 18.85 -38.12
C LEU A 115 18.35 18.13 -37.31
N CYS A 116 18.09 16.88 -36.92
CA CYS A 116 19.08 16.15 -36.14
C CYS A 116 20.39 16.00 -36.92
N PHE A 117 20.30 15.66 -38.21
CA PHE A 117 21.55 15.52 -38.95
C PHE A 117 22.24 16.86 -39.15
N LEU A 118 21.48 17.95 -39.21
CA LEU A 118 22.12 19.25 -39.38
C LEU A 118 22.94 19.59 -38.14
N ALA A 119 22.35 19.37 -36.96
CA ALA A 119 23.08 19.66 -35.73
C ALA A 119 24.32 18.76 -35.61
N TYR A 120 24.25 17.54 -36.15
CA TYR A 120 25.42 16.68 -36.06
C TYR A 120 26.54 17.21 -36.94
N GLY A 121 26.20 17.67 -38.15
CA GLY A 121 27.22 18.20 -39.03
C GLY A 121 27.91 19.40 -38.38
N ILE A 122 27.13 20.23 -37.70
CA ILE A 122 27.71 21.40 -37.04
C ILE A 122 28.71 20.94 -35.98
N GLN A 123 28.22 20.18 -34.99
CA GLN A 123 29.12 19.69 -33.93
C GLN A 123 30.38 19.05 -34.49
N ALA A 124 30.28 18.44 -35.68
CA ALA A 124 31.46 17.80 -36.25
C ALA A 124 32.46 18.83 -36.76
N ALA A 125 31.98 19.87 -37.44
CA ALA A 125 32.91 20.87 -37.94
C ALA A 125 33.41 21.86 -36.89
N THR A 126 32.74 21.98 -35.75
CA THR A 126 33.20 22.93 -34.73
C THR A 126 34.02 22.32 -33.60
N GLU A 127 33.69 21.12 -33.14
CA GLU A 127 34.45 20.51 -32.04
C GLU A 127 34.96 19.13 -32.39
N ASP A 128 35.83 18.65 -31.50
CA ASP A 128 36.46 17.34 -31.59
C ASP A 128 35.83 16.46 -30.52
N GLU A 129 35.67 15.18 -30.84
CA GLU A 129 35.08 14.10 -30.04
C GLU A 129 33.56 14.29 -30.06
N PRO A 130 32.98 14.71 -31.22
CA PRO A 130 31.53 14.92 -31.29
C PRO A 130 30.67 13.75 -30.85
N ALA A 131 29.79 13.99 -29.89
CA ALA A 131 28.92 12.91 -29.42
C ALA A 131 27.98 12.53 -30.56
N ASN A 132 27.86 11.22 -30.82
CA ASN A 132 27.01 10.71 -31.88
C ASN A 132 25.54 10.58 -31.49
N ASP A 133 25.12 11.28 -30.43
CA ASP A 133 23.74 11.25 -29.95
C ASP A 133 22.74 11.65 -31.04
N ASN A 134 22.99 12.78 -31.68
CA ASN A 134 22.11 13.32 -32.71
C ASN A 134 21.96 12.38 -33.91
N LEU A 135 23.04 11.72 -34.32
CA LEU A 135 22.95 10.81 -35.46
C LEU A 135 22.07 9.60 -35.15
N TYR A 136 22.20 9.05 -33.93
CA TYR A 136 21.38 7.90 -33.57
C TYR A 136 19.91 8.30 -33.58
N LEU A 137 19.61 9.47 -32.99
CA LEU A 137 18.23 9.91 -32.96
C LEU A 137 17.66 10.12 -34.36
N GLY A 138 18.50 10.59 -35.30
CA GLY A 138 18.00 10.81 -36.65
C GLY A 138 17.69 9.52 -37.38
N VAL A 139 18.58 8.53 -37.27
CA VAL A 139 18.27 7.28 -37.97
C VAL A 139 17.06 6.62 -37.34
N VAL A 140 16.87 6.78 -36.02
CA VAL A 140 15.72 6.16 -35.39
C VAL A 140 14.42 6.80 -35.90
N LEU A 141 14.39 8.13 -36.02
CA LEU A 141 13.18 8.78 -36.50
C LEU A 141 12.87 8.34 -37.94
N SER A 142 13.90 8.22 -38.77
CA SER A 142 13.66 7.80 -40.16
C SER A 142 13.07 6.39 -40.18
N THR A 143 13.60 5.50 -39.33
CA THR A 143 13.10 4.14 -39.30
C THR A 143 11.64 4.11 -38.85
N VAL A 144 11.29 4.98 -37.91
CA VAL A 144 9.90 5.03 -37.41
C VAL A 144 8.96 5.39 -38.55
N VAL A 145 9.33 6.41 -39.33
CA VAL A 145 8.47 6.83 -40.44
C VAL A 145 8.32 5.70 -41.47
N ILE A 146 9.43 5.04 -41.80
CA ILE A 146 9.37 3.96 -42.79
C ILE A 146 8.48 2.81 -42.31
N VAL A 147 8.61 2.41 -41.04
CA VAL A 147 7.79 1.31 -40.52
C VAL A 147 6.30 1.67 -40.54
N THR A 148 5.98 2.90 -40.11
CA THR A 148 4.57 3.30 -40.11
C THR A 148 4.00 3.26 -41.53
N GLY A 149 4.79 3.72 -42.50
CA GLY A 149 4.31 3.70 -43.87
C GLY A 149 4.06 2.29 -44.36
N CYS A 150 4.97 1.37 -44.03
CA CYS A 150 4.80 -0.02 -44.47
C CYS A 150 3.52 -0.63 -43.91
N PHE A 151 3.23 -0.38 -42.62
CA PHE A 151 2.03 -0.95 -42.02
C PHE A 151 0.75 -0.37 -42.65
N SER A 152 0.65 0.96 -42.75
CA SER A 152 -0.55 1.55 -43.32
C SER A 152 -0.76 1.10 -44.78
N TYR A 153 0.34 1.01 -45.54
CA TYR A 153 0.23 0.59 -46.93
C TYR A 153 -0.24 -0.85 -47.02
N TYR A 154 0.26 -1.72 -46.14
CA TYR A 154 -0.15 -3.11 -46.17
C TYR A 154 -1.64 -3.25 -45.91
N GLN A 155 -2.18 -2.43 -45.01
CA GLN A 155 -3.61 -2.52 -44.74
C GLN A 155 -4.44 -2.09 -45.95
N GLU A 156 -4.08 -0.94 -46.55
CA GLU A 156 -4.87 -0.53 -47.71
C GLU A 156 -4.72 -1.52 -48.87
N ALA A 157 -3.62 -2.29 -48.89
CA ALA A 157 -3.47 -3.26 -49.97
C ALA A 157 -4.34 -4.47 -49.70
N LYS A 158 -4.47 -4.84 -48.41
CA LYS A 158 -5.31 -5.98 -48.06
C LYS A 158 -6.72 -5.71 -48.54
N SER A 159 -7.22 -4.51 -48.22
CA SER A 159 -8.57 -4.15 -48.65
C SER A 159 -8.68 -4.13 -50.16
N SER A 160 -7.61 -3.70 -50.86
CA SER A 160 -7.69 -3.67 -52.32
C SER A 160 -7.78 -5.09 -52.90
N ARG A 161 -7.09 -6.05 -52.30
CA ARG A 161 -7.17 -7.42 -52.84
C ARG A 161 -8.56 -8.01 -52.63
N ILE A 162 -9.09 -7.88 -51.40
CA ILE A 162 -10.43 -8.43 -51.19
C ILE A 162 -11.42 -7.66 -52.05
N MET A 163 -11.07 -6.44 -52.48
CA MET A 163 -11.96 -5.65 -53.32
C MET A 163 -11.89 -6.14 -54.76
N ASP A 164 -10.71 -6.60 -55.18
CA ASP A 164 -10.56 -7.09 -56.55
C ASP A 164 -11.27 -8.43 -56.71
N SER A 165 -11.47 -9.14 -55.61
CA SER A 165 -12.17 -10.42 -55.82
C SER A 165 -13.71 -10.24 -56.13
N PHE A 166 -14.24 -9.04 -56.38
CA PHE A 166 -15.65 -8.84 -56.66
C PHE A 166 -15.98 -8.48 -58.11
N LYS A 167 -15.05 -7.89 -58.85
CA LYS A 167 -15.33 -7.52 -60.24
C LYS A 167 -15.35 -8.77 -61.10
N ASN A 168 -16.54 -9.29 -61.38
CA ASN A 168 -16.73 -10.48 -62.20
C ASN A 168 -17.26 -9.95 -63.52
N MET A 169 -16.42 -9.97 -64.55
CA MET A 169 -16.79 -9.49 -65.88
C MET A 169 -16.76 -10.60 -66.93
N VAL A 170 -17.95 -11.07 -67.29
CA VAL A 170 -18.12 -12.12 -68.29
C VAL A 170 -18.41 -11.43 -69.62
N PRO A 171 -17.68 -11.76 -70.69
CA PRO A 171 -17.96 -11.11 -71.98
C PRO A 171 -19.41 -11.25 -72.39
N GLN A 172 -19.90 -10.25 -73.12
CA GLN A 172 -21.28 -10.20 -73.60
C GLN A 172 -21.33 -9.87 -75.08
N GLN A 173 -22.22 -10.55 -75.80
CA GLN A 173 -22.40 -10.35 -77.24
C GLN A 173 -23.82 -9.93 -77.57
N ALA A 174 -23.94 -8.93 -78.44
CA ALA A 174 -25.20 -8.37 -78.90
C ALA A 174 -25.61 -8.94 -80.26
N LEU A 175 -26.88 -8.75 -80.58
CA LEU A 175 -27.47 -9.22 -81.84
C LEU A 175 -27.67 -8.01 -82.75
N VAL A 176 -26.87 -7.92 -83.80
CA VAL A 176 -26.91 -6.85 -84.78
C VAL A 176 -27.34 -7.38 -86.14
N ILE A 177 -28.03 -6.55 -86.89
CA ILE A 177 -28.53 -6.91 -88.22
C ILE A 177 -27.78 -6.06 -89.25
N ARG A 178 -26.97 -6.73 -90.06
CA ARG A 178 -26.18 -6.08 -91.10
C ARG A 178 -26.44 -6.75 -92.44
N ASP A 179 -26.61 -5.94 -93.48
CA ASP A 179 -26.87 -6.39 -94.85
C ASP A 179 -28.12 -7.24 -94.94
N GLY A 180 -28.93 -7.27 -93.88
CA GLY A 180 -30.14 -8.06 -93.86
C GLY A 180 -30.02 -9.37 -93.12
N GLU A 181 -28.95 -9.56 -92.33
CA GLU A 181 -28.76 -10.80 -91.58
C GLU A 181 -28.46 -10.52 -90.12
N LYS A 182 -28.91 -11.47 -89.28
CA LYS A 182 -28.75 -11.43 -87.83
C LYS A 182 -27.44 -12.09 -87.43
N SER A 183 -26.63 -11.40 -86.64
CA SER A 183 -25.36 -11.94 -86.17
C SER A 183 -25.11 -11.49 -84.74
N THR A 184 -24.48 -12.36 -83.97
CA THR A 184 -24.17 -12.07 -82.57
C THR A 184 -22.67 -11.77 -82.50
N ILE A 185 -22.35 -10.50 -82.24
CA ILE A 185 -20.96 -10.06 -82.16
C ILE A 185 -20.69 -9.48 -80.77
N ASN A 186 -19.41 -9.51 -80.40
CA ASN A 186 -18.97 -8.98 -79.11
C ASN A 186 -19.52 -7.59 -78.88
N ALA A 187 -19.78 -7.25 -77.62
CA ALA A 187 -20.31 -5.93 -77.30
C ALA A 187 -19.35 -4.82 -77.71
N GLU A 188 -18.05 -5.13 -77.77
CA GLU A 188 -17.02 -4.17 -78.14
C GLU A 188 -16.97 -3.89 -79.64
N PHE A 189 -17.84 -4.52 -80.45
CA PHE A 189 -17.84 -4.32 -81.89
C PHE A 189 -19.08 -3.60 -82.39
N VAL A 190 -19.96 -3.14 -81.49
CA VAL A 190 -21.16 -2.44 -81.91
C VAL A 190 -20.82 -0.98 -82.19
N VAL A 191 -21.39 -0.44 -83.27
CA VAL A 191 -21.12 0.95 -83.63
C VAL A 191 -22.42 1.73 -83.71
N ALA A 192 -22.31 3.03 -83.96
CA ALA A 192 -23.49 3.87 -84.07
C ALA A 192 -24.08 3.76 -85.48
N GLY A 193 -25.37 3.43 -85.56
CA GLY A 193 -26.06 3.31 -86.84
C GLY A 193 -26.57 1.92 -87.17
N ASP A 194 -25.87 0.86 -86.72
CA ASP A 194 -26.38 -0.45 -87.07
C ASP A 194 -27.68 -0.76 -86.31
N LEU A 195 -28.37 -1.79 -86.79
CA LEU A 195 -29.62 -2.24 -86.20
C LEU A 195 -29.30 -3.26 -85.10
N VAL A 196 -29.96 -3.13 -83.96
CA VAL A 196 -29.74 -4.03 -82.84
C VAL A 196 -31.08 -4.54 -82.33
N GLU A 197 -31.16 -5.85 -82.13
CA GLU A 197 -32.36 -6.51 -81.64
C GLU A 197 -32.09 -7.02 -80.23
N VAL A 198 -33.11 -6.91 -79.37
CA VAL A 198 -33.00 -7.36 -77.99
C VAL A 198 -34.15 -8.31 -77.72
N LYS A 199 -33.96 -9.14 -76.69
CA LYS A 199 -34.90 -10.15 -76.26
C LYS A 199 -34.90 -10.21 -74.74
N GLY A 200 -36.08 -10.42 -74.16
CA GLY A 200 -36.23 -10.51 -72.72
C GLY A 200 -35.21 -11.40 -72.05
N GLY A 201 -34.29 -10.79 -71.30
CA GLY A 201 -33.25 -11.54 -70.61
C GLY A 201 -31.87 -11.04 -70.96
N ASP A 202 -31.77 -10.29 -72.06
CA ASP A 202 -30.50 -9.74 -72.51
C ASP A 202 -30.33 -8.31 -72.02
N ARG A 203 -29.13 -7.79 -72.20
CA ARG A 203 -28.78 -6.44 -71.78
C ARG A 203 -28.67 -5.51 -72.97
N ILE A 204 -29.18 -4.29 -72.82
CA ILE A 204 -29.15 -3.29 -73.87
C ILE A 204 -27.67 -2.92 -74.06
N PRO A 205 -27.09 -3.17 -75.22
CA PRO A 205 -25.66 -2.83 -75.42
C PRO A 205 -25.30 -1.36 -75.28
N ALA A 206 -25.75 -0.54 -76.22
CA ALA A 206 -25.48 0.90 -76.24
C ALA A 206 -26.81 1.66 -76.12
N ASP A 207 -26.74 2.97 -76.32
CA ASP A 207 -27.96 3.78 -76.23
C ASP A 207 -28.66 3.66 -77.58
N LEU A 208 -29.78 2.95 -77.58
CA LEU A 208 -30.63 2.68 -78.74
C LEU A 208 -31.84 3.60 -78.82
N ARG A 209 -32.41 3.62 -80.03
CA ARG A 209 -33.60 4.41 -80.37
C ARG A 209 -34.54 3.34 -80.90
N ILE A 210 -35.49 2.93 -80.07
CA ILE A 210 -36.45 1.89 -80.44
C ILE A 210 -37.22 2.26 -81.70
N ILE A 211 -37.28 1.31 -82.63
CA ILE A 211 -37.98 1.50 -83.90
C ILE A 211 -39.20 0.58 -83.99
N SER A 212 -39.19 -0.57 -83.32
CA SER A 212 -40.30 -1.52 -83.34
C SER A 212 -40.17 -2.39 -82.11
N ALA A 213 -41.24 -2.46 -81.31
CA ALA A 213 -41.22 -3.26 -80.09
C ALA A 213 -42.42 -4.19 -80.05
N HIS A 214 -42.33 -5.25 -79.23
CA HIS A 214 -43.41 -6.22 -79.08
C HIS A 214 -43.55 -6.49 -77.57
N GLY A 215 -44.28 -5.60 -76.88
CA GLY A 215 -44.51 -5.73 -75.45
C GLY A 215 -43.19 -5.85 -74.71
N CYS A 216 -42.24 -4.98 -75.06
CA CYS A 216 -40.91 -4.98 -74.45
C CYS A 216 -40.79 -4.06 -73.24
N LYS A 217 -40.52 -4.66 -72.08
CA LYS A 217 -40.34 -3.95 -70.82
C LYS A 217 -38.84 -3.89 -70.52
N VAL A 218 -38.42 -2.84 -69.82
CA VAL A 218 -37.01 -2.66 -69.47
C VAL A 218 -36.88 -2.28 -67.99
N ASP A 219 -35.71 -2.61 -67.41
CA ASP A 219 -35.40 -2.33 -66.02
C ASP A 219 -34.46 -1.12 -65.93
N ASN A 220 -35.03 0.05 -65.65
CA ASN A 220 -34.28 1.31 -65.53
C ASN A 220 -33.99 1.66 -64.07
N SER A 221 -33.70 0.66 -63.24
CA SER A 221 -33.42 0.89 -61.82
C SER A 221 -32.02 1.46 -61.57
N SER A 222 -30.99 0.91 -62.20
CA SER A 222 -29.64 1.40 -61.96
C SER A 222 -29.43 2.82 -62.49
N LEU A 223 -29.82 3.09 -63.73
CA LEU A 223 -29.62 4.42 -64.29
C LEU A 223 -30.64 5.45 -63.80
N THR A 224 -31.93 5.25 -64.11
CA THR A 224 -32.95 6.20 -63.70
C THR A 224 -33.61 5.91 -62.34
N GLY A 225 -33.35 4.75 -61.73
CA GLY A 225 -33.97 4.49 -60.45
C GLY A 225 -35.45 4.16 -60.43
N GLU A 226 -36.02 3.72 -61.55
CA GLU A 226 -37.44 3.37 -61.61
C GLU A 226 -37.60 1.92 -61.16
N SER A 227 -38.24 1.74 -60.01
CA SER A 227 -38.46 0.42 -59.43
C SER A 227 -39.25 -0.54 -60.32
N GLU A 228 -40.18 -0.05 -61.14
CA GLU A 228 -40.91 -1.02 -61.95
C GLU A 228 -40.46 -1.00 -63.40
N PRO A 229 -40.75 -2.08 -64.16
CA PRO A 229 -40.35 -2.12 -65.56
C PRO A 229 -41.14 -1.22 -66.49
N GLN A 230 -40.49 -0.19 -67.01
CA GLN A 230 -41.12 0.75 -67.92
C GLN A 230 -41.14 0.16 -69.33
N THR A 231 -42.31 0.16 -69.96
CA THR A 231 -42.43 -0.40 -71.31
C THR A 231 -41.79 0.53 -72.32
N ARG A 232 -41.00 -0.04 -73.23
CA ARG A 232 -40.32 0.71 -74.28
C ARG A 232 -41.16 0.63 -75.55
N SER A 233 -41.68 1.78 -75.98
CA SER A 233 -42.50 1.86 -77.17
C SER A 233 -41.81 2.72 -78.23
N PRO A 234 -42.03 2.43 -79.52
CA PRO A 234 -41.38 3.23 -80.56
C PRO A 234 -41.85 4.69 -80.58
N GLU A 235 -43.02 4.97 -80.04
CA GLU A 235 -43.52 6.34 -80.02
C GLU A 235 -42.88 7.15 -78.90
N PHE A 236 -42.94 8.47 -79.04
CA PHE A 236 -42.37 9.37 -78.05
C PHE A 236 -43.44 9.82 -77.06
N SER A 237 -43.05 10.04 -75.81
CA SER A 237 -44.06 10.46 -74.85
C SER A 237 -43.71 11.66 -73.98
N SER A 238 -42.47 11.77 -73.51
CA SER A 238 -42.10 12.90 -72.66
C SER A 238 -40.87 13.64 -73.17
N GLU A 239 -40.85 14.94 -72.90
CA GLU A 239 -39.75 15.82 -73.30
C GLU A 239 -38.43 15.42 -72.66
N ASN A 240 -38.48 14.74 -71.51
CA ASN A 240 -37.28 14.31 -70.80
C ASN A 240 -36.83 12.98 -71.39
N PRO A 241 -35.60 12.87 -71.90
CA PRO A 241 -35.15 11.59 -72.47
C PRO A 241 -35.21 10.43 -71.50
N LEU A 242 -35.03 10.67 -70.20
CA LEU A 242 -35.08 9.56 -69.25
C LEU A 242 -36.49 9.05 -69.05
N GLU A 243 -37.51 9.85 -69.38
CA GLU A 243 -38.91 9.45 -69.23
C GLU A 243 -39.53 8.86 -70.49
N THR A 244 -39.02 9.19 -71.67
CA THR A 244 -39.60 8.65 -72.89
C THR A 244 -39.34 7.15 -73.00
N ARG A 245 -40.16 6.48 -73.82
CA ARG A 245 -40.08 5.05 -74.03
C ARG A 245 -39.41 4.65 -75.35
N ASN A 246 -39.02 5.61 -76.19
CA ASN A 246 -38.39 5.28 -77.46
C ASN A 246 -36.87 5.24 -77.37
N ILE A 247 -36.31 5.16 -76.17
CA ILE A 247 -34.85 5.11 -76.00
C ILE A 247 -34.46 4.05 -74.99
N ALA A 248 -33.56 3.16 -75.41
CA ALA A 248 -33.04 2.09 -74.57
C ALA A 248 -31.76 2.65 -73.99
N PHE A 249 -31.38 2.21 -72.80
CA PHE A 249 -30.16 2.73 -72.21
C PHE A 249 -29.09 1.69 -71.94
N PHE A 250 -27.86 2.18 -71.93
CA PHE A 250 -26.68 1.36 -71.69
C PHE A 250 -26.76 0.75 -70.29
N SER A 251 -26.41 -0.53 -70.19
CA SER A 251 -26.39 -1.33 -68.97
C SER A 251 -27.78 -1.71 -68.49
N THR A 252 -28.83 -1.41 -69.24
CA THR A 252 -30.17 -1.76 -68.82
C THR A 252 -30.52 -3.14 -69.39
N ASN A 253 -31.43 -3.83 -68.72
CA ASN A 253 -31.84 -5.16 -69.16
C ASN A 253 -33.30 -5.20 -69.54
N CYS A 254 -33.60 -5.99 -70.58
CA CYS A 254 -34.94 -6.16 -71.09
C CYS A 254 -35.59 -7.30 -70.32
N VAL A 255 -36.55 -6.98 -69.46
CA VAL A 255 -37.23 -7.99 -68.65
C VAL A 255 -38.06 -8.93 -69.53
N GLU A 256 -39.08 -8.41 -70.19
CA GLU A 256 -39.93 -9.24 -71.03
C GLU A 256 -40.26 -8.55 -72.34
N GLY A 257 -40.20 -9.32 -73.42
CA GLY A 257 -40.48 -8.84 -74.76
C GLY A 257 -39.22 -8.75 -75.62
N THR A 258 -39.44 -8.36 -76.87
CA THR A 258 -38.38 -8.21 -77.85
C THR A 258 -38.52 -6.85 -78.52
N ALA A 259 -37.39 -6.29 -78.95
CA ALA A 259 -37.44 -4.99 -79.60
C ALA A 259 -36.28 -4.80 -80.55
N ARG A 260 -36.39 -3.76 -81.38
CA ARG A 260 -35.40 -3.39 -82.38
C ARG A 260 -35.03 -1.93 -82.13
N GLY A 261 -33.86 -1.51 -82.62
CA GLY A 261 -33.47 -0.14 -82.41
C GLY A 261 -32.17 0.20 -83.09
N VAL A 262 -32.01 1.51 -83.35
CA VAL A 262 -30.83 2.07 -84.00
C VAL A 262 -29.93 2.62 -82.90
N VAL A 263 -28.66 2.23 -82.93
CA VAL A 263 -27.71 2.70 -81.92
C VAL A 263 -27.48 4.20 -82.10
N VAL A 264 -27.93 4.99 -81.13
CA VAL A 264 -27.76 6.43 -81.19
C VAL A 264 -26.46 6.86 -80.51
N TYR A 265 -26.22 6.34 -79.30
CA TYR A 265 -25.01 6.67 -78.57
C TYR A 265 -24.20 5.40 -78.32
N THR A 266 -22.88 5.52 -78.45
CA THR A 266 -21.98 4.39 -78.25
C THR A 266 -20.74 4.82 -77.47
N GLY A 267 -20.11 3.86 -76.82
CA GLY A 267 -18.91 4.02 -76.01
C GLY A 267 -19.10 4.96 -74.83
N ASP A 268 -18.01 5.61 -74.45
CA ASP A 268 -18.01 6.54 -73.32
C ASP A 268 -19.02 7.68 -73.50
N ARG A 269 -19.38 8.00 -74.74
CA ARG A 269 -20.34 9.08 -74.99
C ARG A 269 -21.75 8.74 -74.52
N THR A 270 -21.97 7.56 -73.96
CA THR A 270 -23.29 7.18 -73.49
C THR A 270 -23.63 7.92 -72.20
N VAL A 271 -24.88 7.75 -71.74
CA VAL A 271 -25.34 8.42 -70.53
C VAL A 271 -24.49 7.99 -69.33
N MET A 272 -24.49 6.69 -69.03
CA MET A 272 -23.71 6.22 -67.90
C MET A 272 -22.20 6.41 -68.12
N GLY A 273 -21.80 6.69 -69.36
CA GLY A 273 -20.39 6.88 -69.66
C GLY A 273 -20.05 8.28 -69.18
N ARG A 274 -20.92 9.24 -69.47
CA ARG A 274 -20.65 10.61 -69.02
C ARG A 274 -20.73 10.67 -67.51
N ILE A 275 -21.64 9.88 -66.92
CA ILE A 275 -21.76 9.89 -65.46
C ILE A 275 -20.49 9.30 -64.83
N ALA A 276 -19.98 8.19 -65.37
CA ALA A 276 -18.77 7.60 -64.80
C ALA A 276 -17.58 8.53 -64.98
N THR A 277 -17.47 9.16 -66.15
CA THR A 277 -16.35 10.07 -66.38
C THR A 277 -16.44 11.26 -65.43
N LEU A 278 -17.65 11.70 -65.11
CA LEU A 278 -17.79 12.82 -64.19
C LEU A 278 -17.38 12.38 -62.79
N ALA A 279 -17.77 11.16 -62.40
CA ALA A 279 -17.41 10.65 -61.08
C ALA A 279 -15.90 10.62 -60.93
N SER A 280 -15.20 10.10 -61.95
CA SER A 280 -13.74 10.04 -61.88
C SER A 280 -13.13 11.43 -61.87
N GLY A 281 -13.79 12.41 -62.50
CA GLY A 281 -13.28 13.76 -62.55
C GLY A 281 -13.80 14.69 -61.47
N LEU A 282 -13.85 14.18 -60.24
CA LEU A 282 -14.31 14.93 -59.08
C LEU A 282 -13.18 14.88 -58.05
N GLU A 283 -13.14 15.87 -57.16
CA GLU A 283 -12.07 15.82 -56.19
C GLU A 283 -12.41 14.85 -55.06
N VAL A 284 -11.46 14.66 -54.15
CA VAL A 284 -11.63 13.75 -53.02
C VAL A 284 -12.04 14.48 -51.75
N GLY A 285 -11.26 15.48 -51.33
CA GLY A 285 -11.61 16.19 -50.11
C GLY A 285 -10.56 15.99 -49.04
N ARG A 286 -10.93 16.25 -47.79
CA ARG A 286 -10.00 16.09 -46.67
C ARG A 286 -10.85 15.81 -45.43
N THR A 287 -10.83 14.56 -44.97
CA THR A 287 -11.57 14.05 -43.82
C THR A 287 -11.40 14.90 -42.57
N PRO A 288 -12.27 14.73 -41.56
CA PRO A 288 -12.13 15.54 -40.34
C PRO A 288 -10.95 15.13 -39.47
N ILE A 289 -10.66 13.83 -39.38
CA ILE A 289 -9.55 13.35 -38.57
C ILE A 289 -8.24 13.96 -39.06
N ALA A 290 -8.11 14.14 -40.37
CA ALA A 290 -6.88 14.71 -40.92
C ALA A 290 -6.76 16.17 -40.51
N ILE A 291 -7.86 16.91 -40.54
CA ILE A 291 -7.82 18.32 -40.15
C ILE A 291 -7.48 18.43 -38.68
N GLU A 292 -7.95 17.48 -37.86
CA GLU A 292 -7.63 17.52 -36.45
C GLU A 292 -6.15 17.26 -36.22
N ILE A 293 -5.59 16.30 -36.96
CA ILE A 293 -4.16 16.01 -36.82
C ILE A 293 -3.34 17.22 -37.24
N GLU A 294 -3.80 17.91 -38.28
CA GLU A 294 -3.10 19.08 -38.77
C GLU A 294 -3.08 20.19 -37.71
N HIS A 295 -4.25 20.49 -37.12
CA HIS A 295 -4.27 21.53 -36.10
C HIS A 295 -3.46 21.11 -34.88
N PHE A 296 -3.34 19.79 -34.66
CA PHE A 296 -2.57 19.29 -33.54
C PHE A 296 -1.10 19.60 -33.77
N ILE A 297 -0.63 19.33 -34.99
CA ILE A 297 0.77 19.60 -35.32
C ILE A 297 1.00 21.10 -35.25
N HIS A 298 -0.03 21.90 -35.57
CA HIS A 298 0.12 23.35 -35.50
C HIS A 298 0.45 23.78 -34.07
N ILE A 299 -0.26 23.21 -33.10
CA ILE A 299 0.00 23.58 -31.71
C ILE A 299 1.37 23.06 -31.26
N ILE A 300 1.69 21.81 -31.61
CA ILE A 300 2.97 21.24 -31.20
C ILE A 300 4.13 22.09 -31.72
N THR A 301 4.03 22.57 -32.97
CA THR A 301 5.11 23.37 -33.50
C THR A 301 5.10 24.77 -32.91
N GLY A 302 3.94 25.28 -32.53
CA GLY A 302 3.91 26.60 -31.93
C GLY A 302 4.71 26.61 -30.65
N VAL A 303 4.39 25.69 -29.73
CA VAL A 303 5.12 25.65 -28.47
C VAL A 303 6.58 25.22 -28.66
N ALA A 304 6.89 24.45 -29.72
CA ALA A 304 8.27 24.03 -29.89
C ALA A 304 9.15 25.19 -30.37
N VAL A 305 8.70 25.94 -31.38
CA VAL A 305 9.53 27.04 -31.83
C VAL A 305 9.53 28.15 -30.79
N PHE A 306 8.52 28.20 -29.91
CA PHE A 306 8.51 29.25 -28.91
C PHE A 306 9.58 28.96 -27.86
N LEU A 307 9.61 27.71 -27.36
CA LEU A 307 10.62 27.39 -26.36
C LEU A 307 12.02 27.46 -26.96
N GLY A 308 12.16 27.21 -28.26
CA GLY A 308 13.50 27.29 -28.82
C GLY A 308 14.00 28.70 -29.04
N VAL A 309 13.20 29.58 -29.64
CA VAL A 309 13.70 30.93 -29.85
C VAL A 309 13.88 31.64 -28.50
N SER A 310 13.07 31.28 -27.50
CA SER A 310 13.23 31.93 -26.20
C SER A 310 14.48 31.44 -25.50
N PHE A 311 14.70 30.11 -25.48
CA PHE A 311 15.93 29.75 -24.80
C PHE A 311 17.16 30.07 -25.62
N PHE A 312 16.96 30.58 -26.85
CA PHE A 312 18.09 30.95 -27.68
C PHE A 312 18.52 32.34 -27.28
N ILE A 313 17.54 33.23 -27.11
CA ILE A 313 17.91 34.57 -26.69
C ILE A 313 18.46 34.52 -25.26
N LEU A 314 17.88 33.65 -24.42
CA LEU A 314 18.36 33.53 -23.04
C LEU A 314 19.79 32.99 -23.00
N SER A 315 20.10 32.00 -23.84
CA SER A 315 21.47 31.47 -23.82
C SER A 315 22.43 32.53 -24.33
N LEU A 316 22.01 33.35 -25.29
CA LEU A 316 22.92 34.37 -25.77
C LEU A 316 23.11 35.45 -24.71
N ILE A 317 22.13 35.60 -23.83
CA ILE A 317 22.24 36.60 -22.76
C ILE A 317 23.11 36.10 -21.62
N LEU A 318 23.36 34.79 -21.52
CA LEU A 318 24.19 34.27 -20.44
C LEU A 318 25.65 34.04 -20.83
N GLY A 319 26.06 34.38 -22.04
CA GLY A 319 27.43 34.20 -22.46
C GLY A 319 27.74 33.15 -23.51
N TYR A 320 27.04 32.00 -23.54
CA TYR A 320 27.29 30.97 -24.55
C TYR A 320 27.55 31.55 -25.94
N SER A 321 28.19 30.77 -26.80
CA SER A 321 28.46 31.29 -28.14
C SER A 321 27.31 30.94 -29.08
N TRP A 322 27.36 31.52 -30.27
CA TRP A 322 26.32 31.28 -31.27
C TRP A 322 26.28 29.81 -31.69
N LEU A 323 27.44 29.26 -32.03
CA LEU A 323 27.54 27.86 -32.44
C LEU A 323 26.80 26.93 -31.49
N GLU A 324 26.91 27.16 -30.18
CA GLU A 324 26.23 26.33 -29.20
C GLU A 324 24.73 26.63 -29.13
N ALA A 325 24.38 27.91 -29.17
CA ALA A 325 22.96 28.29 -29.10
C ALA A 325 22.17 27.70 -30.25
N VAL A 326 22.77 27.58 -31.43
CA VAL A 326 22.05 27.00 -32.57
C VAL A 326 21.72 25.54 -32.28
N ILE A 327 22.68 24.81 -31.70
CA ILE A 327 22.45 23.42 -31.37
C ILE A 327 21.39 23.32 -30.29
N PHE A 328 21.36 24.29 -29.38
CA PHE A 328 20.35 24.27 -28.32
C PHE A 328 18.95 24.46 -28.91
N LEU A 329 18.84 25.38 -29.87
CA LEU A 329 17.55 25.64 -30.52
C LEU A 329 17.06 24.39 -31.23
N ILE A 330 17.93 23.77 -32.02
CA ILE A 330 17.55 22.56 -32.74
C ILE A 330 17.21 21.44 -31.77
N GLY A 331 17.98 21.31 -30.68
CA GLY A 331 17.70 20.26 -29.73
C GLY A 331 16.36 20.41 -29.04
N ILE A 332 16.00 21.63 -28.66
CA ILE A 332 14.70 21.83 -28.00
C ILE A 332 13.55 21.62 -28.97
N ILE A 333 13.69 22.10 -30.21
CA ILE A 333 12.62 21.93 -31.18
C ILE A 333 12.43 20.45 -31.51
N VAL A 334 13.53 19.73 -31.75
CA VAL A 334 13.43 18.32 -32.06
C VAL A 334 12.90 17.53 -30.86
N ALA A 335 13.29 17.94 -29.65
CA ALA A 335 12.83 17.25 -28.45
C ALA A 335 11.33 17.41 -28.26
N ASN A 336 10.74 18.49 -28.76
CA ASN A 336 9.30 18.67 -28.60
C ASN A 336 8.51 18.03 -29.74
N VAL A 337 8.78 16.75 -30.05
CA VAL A 337 8.06 16.08 -31.13
C VAL A 337 7.70 14.64 -30.74
N PRO A 338 6.40 14.30 -30.63
CA PRO A 338 6.01 12.93 -30.26
C PRO A 338 6.29 11.93 -31.37
N GLU A 339 7.36 11.14 -31.23
CA GLU A 339 7.70 10.16 -32.27
C GLU A 339 6.79 8.93 -32.24
N GLY A 340 6.50 8.38 -31.06
CA GLY A 340 5.65 7.21 -31.00
C GLY A 340 4.17 7.44 -31.22
N LEU A 341 3.72 8.70 -31.18
CA LEU A 341 2.31 8.98 -31.38
C LEU A 341 1.83 8.59 -32.77
N LEU A 342 2.74 8.53 -33.76
CA LEU A 342 2.33 8.16 -35.11
C LEU A 342 1.95 6.70 -35.18
N ALA A 343 2.80 5.81 -34.66
CA ALA A 343 2.49 4.38 -34.68
C ALA A 343 1.28 4.10 -33.80
N THR A 344 1.17 4.82 -32.68
CA THR A 344 0.04 4.62 -31.79
C THR A 344 -1.27 5.03 -32.45
N VAL A 345 -1.28 6.17 -33.15
CA VAL A 345 -2.49 6.61 -33.82
C VAL A 345 -2.85 5.64 -34.95
N THR A 346 -1.84 5.17 -35.69
CA THR A 346 -2.11 4.24 -36.78
C THR A 346 -2.72 2.95 -36.25
N VAL A 347 -2.21 2.45 -35.12
CA VAL A 347 -2.74 1.21 -34.56
C VAL A 347 -4.13 1.47 -33.98
N CYS A 348 -4.33 2.66 -33.40
CA CYS A 348 -5.63 3.00 -32.83
C CYS A 348 -6.69 2.93 -33.92
N LEU A 349 -6.44 3.62 -35.03
CA LEU A 349 -7.38 3.63 -36.14
C LEU A 349 -7.57 2.22 -36.73
N THR A 350 -6.49 1.45 -36.84
CA THR A 350 -6.55 0.09 -37.40
C THR A 350 -7.41 -0.87 -36.55
N LEU A 351 -7.36 -0.70 -35.23
CA LEU A 351 -8.13 -1.58 -34.35
C LEU A 351 -9.63 -1.46 -34.60
N THR A 352 -10.13 -0.23 -34.70
CA THR A 352 -11.56 -0.06 -34.95
C THR A 352 -11.98 -0.56 -36.32
N ALA A 353 -11.03 -0.69 -37.26
CA ALA A 353 -11.38 -1.16 -38.60
C ALA A 353 -11.57 -2.67 -38.61
N LYS A 354 -10.81 -3.41 -37.81
CA LYS A 354 -11.02 -4.86 -37.86
C LYS A 354 -12.40 -5.26 -37.32
N ARG A 355 -12.93 -4.54 -36.34
CA ARG A 355 -14.26 -4.88 -35.81
C ARG A 355 -15.29 -4.72 -36.92
N MET A 356 -15.23 -3.56 -37.59
CA MET A 356 -16.14 -3.28 -38.69
C MET A 356 -16.05 -4.40 -39.71
N ALA A 357 -14.83 -4.87 -39.98
CA ALA A 357 -14.67 -5.96 -40.93
C ALA A 357 -15.24 -7.26 -40.38
N ARG A 358 -15.41 -7.34 -39.05
CA ARG A 358 -15.97 -8.55 -38.46
C ARG A 358 -17.47 -8.55 -38.68
N LYS A 359 -18.08 -7.37 -38.74
CA LYS A 359 -19.52 -7.27 -38.97
C LYS A 359 -19.84 -7.04 -40.45
N ASN A 360 -18.87 -7.32 -41.33
CA ASN A 360 -18.99 -7.18 -42.79
C ASN A 360 -19.05 -5.72 -43.27
N CYS A 361 -18.27 -4.84 -42.63
CA CYS A 361 -18.21 -3.42 -42.98
C CYS A 361 -16.76 -3.17 -43.35
N LEU A 362 -16.44 -3.09 -44.65
CA LEU A 362 -15.06 -2.88 -45.08
C LEU A 362 -14.78 -1.47 -45.55
N VAL A 363 -13.68 -0.89 -45.05
CA VAL A 363 -13.23 0.46 -45.41
C VAL A 363 -12.00 0.33 -46.30
N LYS A 364 -11.96 1.11 -47.38
CA LYS A 364 -10.82 1.05 -48.27
C LYS A 364 -9.64 1.86 -47.73
N ASN A 365 -9.92 3.04 -47.20
CA ASN A 365 -8.87 3.88 -46.64
C ASN A 365 -8.76 3.53 -45.16
N LEU A 366 -7.98 4.29 -44.39
CA LEU A 366 -7.84 3.99 -42.97
C LEU A 366 -8.52 5.01 -42.08
N GLU A 367 -8.60 6.27 -42.50
CA GLU A 367 -9.23 7.31 -41.70
C GLU A 367 -10.74 7.37 -41.89
N ALA A 368 -11.28 6.71 -42.91
CA ALA A 368 -12.72 6.72 -43.16
C ALA A 368 -13.52 6.03 -42.06
N VAL A 369 -12.84 5.51 -41.03
CA VAL A 369 -13.49 4.84 -39.92
C VAL A 369 -14.08 5.82 -38.92
N GLU A 370 -13.54 7.03 -38.86
CA GLU A 370 -14.00 8.06 -37.93
C GLU A 370 -15.06 9.00 -38.51
N THR A 371 -15.08 9.18 -39.84
CA THR A 371 -16.06 10.07 -40.46
C THR A 371 -17.50 9.72 -40.11
N LEU A 372 -17.83 8.43 -39.93
CA LEU A 372 -19.20 8.06 -39.60
C LEU A 372 -19.65 8.66 -38.28
N GLY A 373 -18.79 8.64 -37.26
CA GLY A 373 -19.16 9.19 -35.98
C GLY A 373 -19.38 10.69 -36.00
N SER A 374 -18.68 11.41 -36.86
CA SER A 374 -18.81 12.85 -36.96
C SER A 374 -19.92 13.30 -37.90
N THR A 375 -20.57 12.37 -38.61
CA THR A 375 -21.63 12.74 -39.53
C THR A 375 -22.84 13.30 -38.78
N SER A 376 -23.50 14.28 -39.39
CA SER A 376 -24.67 14.93 -38.83
C SER A 376 -25.80 15.08 -39.82
N THR A 377 -25.65 14.56 -41.05
CA THR A 377 -26.68 14.64 -42.07
C THR A 377 -26.42 13.51 -43.05
N ILE A 378 -27.29 12.50 -43.05
CA ILE A 378 -27.15 11.35 -43.94
C ILE A 378 -28.12 11.46 -45.10
N CYS A 379 -27.57 11.50 -46.32
CA CYS A 379 -28.36 11.59 -47.54
C CYS A 379 -28.44 10.16 -48.06
N SER A 380 -29.64 9.59 -48.07
CA SER A 380 -29.79 8.22 -48.55
C SER A 380 -30.54 8.06 -49.87
N LYS A 382 -33.22 5.56 -52.20
CA LYS A 382 -34.38 4.70 -51.95
C LYS A 382 -34.25 3.32 -52.59
N THR A 383 -34.24 3.29 -53.92
CA THR A 383 -34.14 2.05 -54.67
C THR A 383 -32.76 1.42 -54.50
N GLY A 384 -32.74 0.20 -53.95
CA GLY A 384 -31.51 -0.54 -53.72
C GLY A 384 -30.83 -0.29 -52.40
N THR A 385 -31.12 0.84 -51.74
CA THR A 385 -30.52 1.17 -50.46
C THR A 385 -31.56 1.13 -49.35
N LEU A 386 -32.57 2.00 -49.43
CA LEU A 386 -33.62 2.03 -48.43
C LEU A 386 -34.58 0.86 -48.59
N THR A 387 -34.73 0.36 -49.81
CA THR A 387 -35.62 -0.75 -50.14
C THR A 387 -34.85 -1.98 -50.62
N GLN A 388 -35.61 -3.00 -51.06
CA GLN A 388 -35.07 -4.26 -51.55
C GLN A 388 -35.14 -4.43 -53.07
N ASN A 389 -35.78 -3.51 -53.78
CA ASN A 389 -35.91 -3.56 -55.25
C ASN A 389 -36.53 -4.88 -55.74
N ARG A 390 -37.39 -5.50 -54.93
CA ARG A 390 -38.03 -6.76 -55.31
C ARG A 390 -39.52 -6.68 -54.96
N MET A 391 -40.38 -6.94 -55.95
CA MET A 391 -41.82 -6.90 -55.72
C MET A 391 -42.26 -8.02 -54.78
N THR A 392 -43.08 -7.69 -53.79
CA THR A 392 -43.57 -8.66 -52.83
C THR A 392 -45.02 -8.39 -52.46
N VAL A 393 -45.80 -9.46 -52.30
CA VAL A 393 -47.22 -9.38 -51.94
C VAL A 393 -47.31 -8.76 -50.55
N ALA A 394 -47.86 -7.55 -50.45
CA ALA A 394 -47.98 -6.85 -49.17
C ALA A 394 -49.31 -7.05 -48.44
N HIS A 395 -50.42 -6.66 -49.05
CA HIS A 395 -51.74 -6.79 -48.41
C HIS A 395 -52.70 -7.60 -49.28
N MET A 396 -53.64 -8.27 -48.61
CA MET A 396 -54.65 -9.10 -49.26
C MET A 396 -56.04 -8.82 -48.69
N TRP A 397 -57.04 -8.83 -49.57
CA TRP A 397 -58.43 -8.59 -49.17
C TRP A 397 -59.24 -9.86 -49.33
N PHE A 398 -60.00 -10.20 -48.28
CA PHE A 398 -60.85 -11.39 -48.26
C PHE A 398 -61.65 -11.37 -46.97
N ASP A 399 -62.92 -11.80 -47.07
CA ASP A 399 -63.85 -11.84 -45.93
C ASP A 399 -63.96 -10.46 -45.29
N ASN A 400 -64.21 -9.45 -46.12
CA ASN A 400 -64.36 -8.06 -45.70
C ASN A 400 -63.35 -7.72 -44.61
N GLN A 401 -62.08 -8.04 -44.86
CA GLN A 401 -61.04 -7.78 -43.88
C GLN A 401 -59.68 -7.73 -44.53
N ILE A 402 -58.92 -6.67 -44.22
CA ILE A 402 -57.58 -6.49 -44.76
C ILE A 402 -56.61 -7.36 -43.97
N HIS A 403 -55.79 -8.13 -44.69
CA HIS A 403 -54.81 -9.02 -44.08
C HIS A 403 -53.43 -8.59 -44.55
N GLU A 404 -52.46 -8.64 -43.64
CA GLU A 404 -51.09 -8.26 -43.95
C GLU A 404 -50.21 -9.50 -44.00
N ALA A 405 -49.29 -9.51 -44.96
CA ALA A 405 -48.36 -10.61 -45.15
C ALA A 405 -46.96 -10.15 -44.81
N ASP A 406 -46.11 -11.13 -44.48
CA ASP A 406 -44.73 -10.82 -44.13
C ASP A 406 -43.94 -10.51 -45.39
N THR A 407 -43.36 -9.30 -45.44
CA THR A 407 -42.57 -8.84 -46.57
C THR A 407 -41.13 -8.57 -46.16
N THR A 408 -40.53 -9.49 -45.41
CA THR A 408 -39.17 -9.34 -44.94
C THR A 408 -38.29 -10.50 -45.43
N GLU A 409 -37.09 -10.15 -45.88
CA GLU A 409 -36.07 -11.05 -46.41
C GLU A 409 -35.95 -12.41 -45.71
N ASN A 410 -35.67 -12.41 -44.40
CA ASN A 410 -35.52 -13.65 -43.65
C ASN A 410 -36.83 -14.24 -43.13
N GLN A 411 -37.98 -13.65 -43.47
CA GLN A 411 -39.29 -14.13 -43.03
C GLN A 411 -39.35 -14.25 -41.50
N SER A 412 -39.26 -13.08 -40.86
CA SER A 412 -39.31 -12.98 -39.40
C SER A 412 -40.47 -12.04 -39.04
N GLY A 413 -41.68 -12.59 -39.02
CA GLY A 413 -42.82 -11.77 -38.68
C GLY A 413 -44.09 -12.46 -38.22
N ALA A 414 -45.24 -11.96 -38.67
CA ALA A 414 -46.55 -12.50 -38.32
C ALA A 414 -47.27 -13.14 -39.50
N ALA A 415 -47.85 -14.32 -39.27
CA ALA A 415 -48.59 -15.03 -40.30
C ALA A 415 -49.93 -14.31 -40.52
N PHE A 416 -50.68 -14.73 -41.54
CA PHE A 416 -51.96 -14.07 -41.81
C PHE A 416 -53.21 -14.91 -41.55
N ASP A 417 -53.19 -15.86 -40.61
CA ASP A 417 -54.38 -16.67 -40.31
C ASP A 417 -54.82 -17.54 -41.49
N LYS A 418 -54.01 -18.56 -41.78
CA LYS A 418 -54.31 -19.48 -42.88
C LYS A 418 -55.30 -20.58 -42.49
N THR A 419 -56.46 -20.22 -41.91
CA THR A 419 -57.44 -21.21 -41.50
C THR A 419 -58.80 -21.13 -42.19
N SER A 420 -59.05 -20.16 -43.06
CA SER A 420 -60.34 -20.06 -43.72
C SER A 420 -60.30 -20.68 -45.12
N ALA A 421 -61.48 -21.05 -45.61
CA ALA A 421 -61.57 -21.65 -46.94
C ALA A 421 -61.32 -20.61 -48.01
N THR A 422 -61.70 -19.35 -47.72
CA THR A 422 -61.50 -18.26 -48.66
C THR A 422 -60.05 -18.19 -49.10
N TRP A 423 -59.13 -18.25 -48.13
CA TRP A 423 -57.71 -18.22 -48.45
C TRP A 423 -57.32 -19.36 -49.36
N SER A 424 -57.88 -20.55 -49.13
CA SER A 424 -57.55 -21.70 -49.98
C SER A 424 -57.98 -21.42 -51.41
N ALA A 425 -59.21 -20.91 -51.59
CA ALA A 425 -59.69 -20.61 -52.93
C ALA A 425 -58.81 -19.56 -53.58
N LEU A 426 -58.35 -18.59 -52.79
CA LEU A 426 -57.47 -17.54 -53.30
C LEU A 426 -56.16 -18.14 -53.76
N SER A 427 -55.63 -19.08 -52.99
CA SER A 427 -54.38 -19.73 -53.35
C SER A 427 -54.55 -20.50 -54.65
N ARG A 428 -55.72 -21.11 -54.84
CA ARG A 428 -55.93 -21.86 -56.08
C ARG A 428 -56.03 -20.92 -57.26
N ILE A 429 -56.70 -19.77 -57.08
CA ILE A 429 -56.85 -18.81 -58.18
C ILE A 429 -55.48 -18.28 -58.60
N ALA A 430 -54.72 -17.75 -57.64
CA ALA A 430 -53.40 -17.19 -57.94
C ALA A 430 -52.41 -18.25 -58.43
N ALA A 431 -52.36 -19.41 -57.77
CA ALA A 431 -51.42 -20.46 -58.19
C ALA A 431 -51.77 -21.05 -59.54
N LEU A 432 -53.04 -21.02 -59.96
CA LEU A 432 -53.37 -21.60 -61.25
C LEU A 432 -53.30 -20.55 -62.35
N CYS A 433 -54.03 -19.44 -62.21
CA CYS A 433 -54.03 -18.38 -63.22
C CYS A 433 -52.72 -17.58 -63.08
N ASN A 434 -51.63 -18.23 -63.47
CA ASN A 434 -50.29 -17.66 -63.42
C ASN A 434 -49.42 -18.56 -64.29
N ARG A 435 -48.66 -17.96 -65.20
CA ARG A 435 -47.79 -18.69 -66.12
C ARG A 435 -46.31 -18.73 -65.74
N ALA A 436 -45.87 -18.04 -64.69
CA ALA A 436 -44.46 -18.06 -64.36
C ALA A 436 -44.09 -19.30 -63.54
N VAL A 437 -42.83 -19.71 -63.65
CA VAL A 437 -42.31 -20.88 -62.94
C VAL A 437 -40.85 -20.64 -62.57
N PHE A 438 -40.46 -21.13 -61.39
CA PHE A 438 -39.08 -20.98 -60.92
C PHE A 438 -38.11 -21.50 -61.97
N GLN A 439 -36.94 -20.87 -62.04
CA GLN A 439 -35.93 -21.29 -63.01
C GLN A 439 -35.32 -22.62 -62.58
N ALA A 440 -35.16 -23.52 -63.54
CA ALA A 440 -34.57 -24.83 -63.26
C ALA A 440 -33.33 -24.70 -62.39
N GLY A 441 -33.13 -25.67 -61.51
CA GLY A 441 -31.97 -25.67 -60.61
C GLY A 441 -31.87 -24.64 -59.51
N GLN A 442 -32.96 -24.37 -58.79
CA GLN A 442 -32.95 -23.41 -57.69
C GLN A 442 -33.30 -24.10 -56.38
N ASP A 443 -33.34 -25.42 -56.39
CA ASP A 443 -33.63 -26.29 -55.26
C ASP A 443 -32.83 -25.98 -54.00
N ASN A 444 -31.79 -25.15 -54.12
CA ASN A 444 -30.94 -24.78 -53.00
C ASN A 444 -31.22 -23.42 -52.39
N VAL A 445 -31.38 -22.37 -53.20
CA VAL A 445 -31.65 -21.03 -52.67
C VAL A 445 -32.96 -20.97 -51.88
N PRO A 446 -33.24 -19.88 -51.17
CA PRO A 446 -34.49 -19.79 -50.42
C PRO A 446 -35.65 -19.45 -51.34
N ILE A 447 -36.86 -19.51 -50.79
CA ILE A 447 -38.07 -19.24 -51.55
C ILE A 447 -38.15 -17.81 -52.08
N LEU A 448 -37.53 -16.85 -51.41
CA LEU A 448 -37.63 -15.48 -51.94
C LEU A 448 -36.50 -15.07 -52.87
N LYS A 449 -35.27 -15.52 -52.63
CA LYS A 449 -34.15 -15.14 -53.49
C LYS A 449 -34.00 -15.99 -54.76
N ARG A 450 -34.92 -16.89 -55.10
CA ARG A 450 -34.68 -17.63 -56.33
C ARG A 450 -35.15 -16.88 -57.56
N SER A 451 -34.60 -17.29 -58.71
CA SER A 451 -34.92 -16.70 -60.01
C SER A 451 -36.24 -17.23 -60.54
N VAL A 452 -37.11 -16.33 -60.99
CA VAL A 452 -38.42 -16.68 -61.54
C VAL A 452 -38.56 -16.02 -62.90
N ALA A 453 -38.86 -16.83 -63.92
CA ALA A 453 -39.03 -16.36 -65.29
C ALA A 453 -40.46 -15.87 -65.50
N GLY A 454 -40.63 -14.57 -65.64
CA GLY A 454 -41.95 -14.01 -65.84
C GLY A 454 -42.02 -12.58 -65.37
N ASP A 455 -43.24 -12.05 -65.34
CA ASP A 455 -43.48 -10.68 -64.91
C ASP A 455 -43.21 -10.57 -63.41
N ALA A 456 -43.14 -9.33 -62.92
CA ALA A 456 -42.87 -9.13 -61.50
C ALA A 456 -44.10 -9.45 -60.64
N SER A 457 -45.29 -9.07 -61.10
CA SER A 457 -46.50 -9.34 -60.34
C SER A 457 -46.73 -10.85 -60.20
N GLU A 458 -46.63 -11.56 -61.32
CA GLU A 458 -46.84 -13.01 -61.28
C GLU A 458 -45.76 -13.67 -60.44
N SER A 459 -44.55 -13.10 -60.43
CA SER A 459 -43.47 -13.67 -59.64
C SER A 459 -43.77 -13.53 -58.16
N ALA A 460 -44.25 -12.35 -57.75
CA ALA A 460 -44.57 -12.13 -56.35
C ALA A 460 -45.70 -13.06 -55.92
N LEU A 461 -46.71 -13.24 -56.78
CA LEU A 461 -47.83 -14.12 -56.45
C LEU A 461 -47.34 -15.55 -56.30
N LEU A 462 -46.50 -16.00 -57.23
CA LEU A 462 -45.98 -17.36 -57.18
C LEU A 462 -45.17 -17.58 -55.92
N LYS A 463 -44.36 -16.59 -55.53
CA LYS A 463 -43.56 -16.72 -54.33
C LYS A 463 -44.41 -16.78 -53.08
N CYS A 464 -45.47 -15.96 -53.00
CA CYS A 464 -46.31 -15.99 -51.81
C CYS A 464 -47.04 -17.33 -51.68
N ILE A 465 -47.51 -17.87 -52.82
CA ILE A 465 -48.22 -19.15 -52.77
C ILE A 465 -47.23 -20.26 -52.42
N GLU A 466 -46.03 -20.22 -53.00
CA GLU A 466 -45.05 -21.24 -52.72
C GLU A 466 -44.53 -21.10 -51.29
N LEU A 467 -44.74 -19.94 -50.68
CA LEU A 467 -44.28 -19.67 -49.33
C LEU A 467 -45.22 -20.26 -48.28
N CYS A 468 -46.52 -19.95 -48.35
CA CYS A 468 -47.42 -20.50 -47.34
C CYS A 468 -48.44 -21.50 -47.88
N CYS A 469 -48.17 -22.13 -49.02
CA CYS A 469 -49.09 -23.10 -49.57
C CYS A 469 -48.36 -24.30 -50.17
N GLY A 470 -47.07 -24.43 -49.89
CA GLY A 470 -46.27 -25.52 -50.42
C GLY A 470 -46.02 -25.42 -51.92
N SER A 471 -45.34 -26.45 -52.43
CA SER A 471 -44.95 -26.59 -53.82
C SER A 471 -46.06 -26.27 -54.84
N VAL A 472 -45.87 -25.21 -55.62
CA VAL A 472 -46.85 -24.82 -56.61
C VAL A 472 -46.82 -25.79 -57.79
N GLN A 473 -45.67 -26.42 -58.06
CA GLN A 473 -45.58 -27.36 -59.18
C GLN A 473 -46.55 -28.54 -59.03
N GLY A 474 -46.88 -28.90 -57.78
CA GLY A 474 -47.78 -30.01 -57.59
C GLY A 474 -49.17 -29.43 -57.55
N MET A 475 -49.30 -28.21 -57.06
CA MET A 475 -50.61 -27.58 -57.01
C MET A 475 -51.12 -27.37 -58.43
N ARG A 476 -50.19 -27.15 -59.36
CA ARG A 476 -50.49 -26.93 -60.77
C ARG A 476 -50.69 -28.27 -61.48
N ASP A 477 -49.93 -29.30 -61.11
CA ASP A 477 -50.17 -30.55 -61.80
C ASP A 477 -51.39 -31.26 -61.24
N ARG A 478 -51.86 -30.83 -60.06
CA ARG A 478 -53.03 -31.41 -59.42
C ARG A 478 -54.31 -30.99 -60.13
N ASN A 479 -54.26 -29.93 -60.94
CA ASN A 479 -55.37 -29.38 -61.71
C ASN A 479 -54.87 -29.05 -63.11
N PRO A 480 -55.22 -29.85 -64.12
CA PRO A 480 -54.77 -29.61 -65.50
C PRO A 480 -55.47 -28.44 -66.19
N LYS A 481 -54.68 -27.48 -66.67
CA LYS A 481 -55.20 -26.31 -67.37
C LYS A 481 -55.67 -26.68 -68.77
N ILE A 482 -56.96 -26.48 -69.04
CA ILE A 482 -57.49 -26.82 -70.36
C ILE A 482 -57.38 -25.69 -71.37
N VAL A 483 -57.97 -24.52 -71.08
CA VAL A 483 -57.89 -23.43 -72.04
C VAL A 483 -57.63 -22.12 -71.34
N GLU A 484 -56.69 -21.33 -71.87
CA GLU A 484 -56.32 -20.05 -71.32
C GLU A 484 -56.39 -18.94 -72.36
N ILE A 485 -56.93 -17.79 -71.96
CA ILE A 485 -57.03 -16.64 -72.83
C ILE A 485 -56.01 -15.63 -72.30
N PRO A 486 -54.91 -15.38 -73.02
CA PRO A 486 -53.88 -14.43 -72.54
C PRO A 486 -54.36 -13.04 -72.16
N PHE A 487 -53.38 -12.17 -71.92
CA PHE A 487 -53.67 -10.80 -71.52
C PHE A 487 -53.75 -9.86 -72.71
N ASN A 488 -54.95 -9.38 -72.96
CA ASN A 488 -55.27 -8.45 -74.02
C ASN A 488 -55.12 -7.06 -73.45
N SER A 489 -54.88 -6.07 -74.32
CA SER A 489 -54.75 -4.75 -73.73
C SER A 489 -56.11 -4.12 -73.48
N THR A 490 -57.16 -4.72 -74.02
CA THR A 490 -58.54 -4.28 -73.88
C THR A 490 -59.24 -5.03 -72.76
N ASN A 491 -59.06 -6.35 -72.72
CA ASN A 491 -59.68 -7.17 -71.69
C ASN A 491 -59.09 -6.88 -70.32
N LYS A 492 -57.82 -6.48 -70.29
CA LYS A 492 -57.08 -6.15 -69.07
C LYS A 492 -57.43 -7.18 -68.00
N TYR A 493 -57.48 -8.44 -68.41
CA TYR A 493 -57.82 -9.56 -67.52
C TYR A 493 -57.25 -10.84 -68.11
N GLN A 494 -56.80 -11.74 -67.24
CA GLN A 494 -56.23 -13.03 -67.61
C GLN A 494 -57.10 -14.14 -67.04
N LEU A 495 -57.65 -14.99 -67.90
CA LEU A 495 -58.51 -16.07 -67.42
C LEU A 495 -58.07 -17.41 -68.02
N SER A 496 -58.53 -18.48 -67.37
CA SER A 496 -58.22 -19.83 -67.80
C SER A 496 -59.06 -20.84 -67.05
N ILE A 497 -59.36 -21.96 -67.73
CA ILE A 497 -60.14 -23.05 -67.18
C ILE A 497 -59.26 -24.28 -67.07
N HIS A 498 -59.46 -24.99 -65.95
CA HIS A 498 -58.75 -26.19 -65.57
C HIS A 498 -59.73 -27.19 -64.98
N GLU A 499 -59.29 -28.44 -64.89
CA GLU A 499 -60.13 -29.48 -64.32
C GLU A 499 -60.13 -29.32 -62.80
N ASN A 500 -61.13 -29.91 -62.16
CA ASN A 500 -61.24 -29.84 -60.71
C ASN A 500 -60.73 -31.13 -60.11
N GLU A 501 -59.74 -31.02 -59.23
CA GLU A 501 -59.15 -32.20 -58.59
C GLU A 501 -60.06 -32.87 -57.58
N LYS A 502 -61.28 -32.39 -57.37
CA LYS A 502 -62.14 -33.04 -56.40
C LYS A 502 -62.50 -34.42 -56.95
N SER A 503 -62.19 -35.47 -56.20
CA SER A 503 -62.52 -36.80 -56.70
C SER A 503 -64.01 -37.05 -56.68
N SER A 504 -64.80 -36.17 -56.07
CA SER A 504 -66.23 -36.29 -55.99
C SER A 504 -66.94 -35.32 -56.94
N GLU A 505 -66.22 -34.37 -57.52
CA GLU A 505 -66.76 -33.39 -58.44
C GLU A 505 -65.88 -33.36 -59.69
N SER A 506 -66.45 -33.74 -60.82
CA SER A 506 -65.75 -33.75 -62.09
C SER A 506 -66.01 -32.50 -62.92
N ARG A 507 -66.58 -31.46 -62.31
CA ARG A 507 -66.89 -30.21 -63.00
C ARG A 507 -65.64 -29.48 -63.46
N TYR A 508 -65.84 -28.29 -64.03
CA TYR A 508 -64.75 -27.47 -64.54
C TYR A 508 -64.60 -26.17 -63.75
N LEU A 509 -63.36 -25.76 -63.51
CA LEU A 509 -63.06 -24.54 -62.77
C LEU A 509 -62.57 -23.46 -63.72
N LEU A 510 -63.05 -22.22 -63.50
CA LEU A 510 -62.68 -21.06 -64.30
C LEU A 510 -62.14 -20.00 -63.36
N VAL A 511 -60.98 -19.43 -63.69
CA VAL A 511 -60.38 -18.40 -62.84
C VAL A 511 -59.86 -17.24 -63.68
N MET A 512 -60.23 -16.02 -63.27
CA MET A 512 -59.78 -14.82 -63.96
C MET A 512 -59.17 -13.88 -62.92
N LYS A 513 -58.26 -13.03 -63.40
CA LYS A 513 -57.57 -12.07 -62.54
C LYS A 513 -57.31 -10.78 -63.32
N GLY A 514 -57.40 -9.65 -62.64
CA GLY A 514 -57.17 -8.39 -63.33
C GLY A 514 -57.40 -7.19 -62.45
N ALA A 515 -57.64 -6.04 -63.09
CA ALA A 515 -57.88 -4.82 -62.34
C ALA A 515 -59.15 -4.95 -61.51
N PRO A 516 -59.15 -4.47 -60.26
CA PRO A 516 -60.36 -4.60 -59.42
C PRO A 516 -61.62 -3.95 -59.99
N GLU A 517 -61.52 -2.89 -60.77
CA GLU A 517 -62.74 -2.27 -61.32
C GLU A 517 -63.38 -3.18 -62.36
N ARG A 518 -62.57 -3.65 -63.32
CA ARG A 518 -63.07 -4.52 -64.37
C ARG A 518 -63.64 -5.81 -63.79
N ILE A 519 -62.92 -6.40 -62.82
CA ILE A 519 -63.40 -7.63 -62.21
C ILE A 519 -64.65 -7.37 -61.38
N LEU A 520 -64.75 -6.20 -60.74
CA LEU A 520 -65.92 -5.91 -59.94
C LEU A 520 -67.14 -5.81 -60.83
N ASP A 521 -66.97 -5.30 -62.05
CA ASP A 521 -68.10 -5.19 -62.96
C ASP A 521 -68.51 -6.55 -63.54
N ARG A 522 -67.82 -7.64 -63.17
CA ARG A 522 -68.13 -8.96 -63.67
C ARG A 522 -68.53 -9.96 -62.59
N CYS A 523 -68.98 -9.49 -61.43
CA CYS A 523 -69.38 -10.42 -60.39
C CYS A 523 -70.76 -10.08 -59.85
N SER A 524 -71.30 -11.04 -59.11
CA SER A 524 -72.61 -10.90 -58.50
C SER A 524 -72.70 -11.68 -57.20
N THR A 525 -71.63 -12.34 -56.79
CA THR A 525 -71.57 -13.13 -55.56
C THR A 525 -70.24 -12.83 -54.89
N ILE A 526 -70.14 -13.24 -53.63
CA ILE A 526 -68.94 -13.03 -52.83
C ILE A 526 -68.77 -14.23 -51.91
N LEU A 527 -67.56 -14.80 -51.92
CA LEU A 527 -67.22 -15.95 -51.10
C LEU A 527 -66.85 -15.43 -49.71
N LEU A 528 -67.83 -15.44 -48.81
CA LEU A 528 -67.63 -14.96 -47.45
C LEU A 528 -67.48 -16.15 -46.50
N ASN A 529 -66.32 -16.22 -45.85
CA ASN A 529 -65.97 -17.27 -44.89
C ASN A 529 -66.18 -18.67 -45.46
N GLY A 530 -66.33 -18.77 -46.77
CA GLY A 530 -66.54 -20.04 -47.43
C GLY A 530 -67.85 -20.06 -48.19
N ALA A 531 -68.94 -19.72 -47.50
CA ALA A 531 -70.24 -19.70 -48.16
C ALA A 531 -70.30 -18.58 -49.19
N GLU A 532 -71.39 -18.52 -49.94
CA GLU A 532 -71.54 -17.47 -50.94
C GLU A 532 -72.65 -16.53 -50.50
N GLU A 533 -72.58 -15.30 -51.00
CA GLU A 533 -73.57 -14.28 -50.66
C GLU A 533 -73.71 -13.34 -51.84
N PRO A 534 -74.78 -12.54 -51.89
CA PRO A 534 -74.96 -11.61 -53.01
C PRO A 534 -73.96 -10.46 -52.91
N LEU A 535 -73.93 -9.66 -53.96
CA LEU A 535 -73.03 -8.51 -54.06
C LEU A 535 -73.74 -7.20 -53.75
N LYS A 536 -74.57 -7.14 -52.71
CA LYS A 536 -75.28 -5.90 -52.38
C LYS A 536 -74.31 -4.74 -52.20
N GLU A 537 -74.82 -3.51 -52.34
CA GLU A 537 -73.99 -2.30 -52.22
C GLU A 537 -73.20 -2.20 -50.92
N ASP A 538 -73.58 -2.93 -49.86
CA ASP A 538 -72.81 -2.83 -48.62
C ASP A 538 -71.39 -3.35 -48.84
N MET A 539 -71.27 -4.54 -49.42
CA MET A 539 -69.94 -5.07 -49.65
C MET A 539 -69.30 -4.38 -50.84
N LYS A 540 -70.10 -3.76 -51.72
CA LYS A 540 -69.51 -3.06 -52.85
C LYS A 540 -68.80 -1.81 -52.36
N GLU A 541 -69.36 -1.20 -51.30
CA GLU A 541 -68.73 -0.01 -50.75
C GLU A 541 -67.56 -0.43 -49.89
N ALA A 542 -67.66 -1.61 -49.26
CA ALA A 542 -66.53 -2.04 -48.46
C ALA A 542 -65.36 -2.37 -49.39
N PHE A 543 -65.69 -2.78 -50.63
CA PHE A 543 -64.68 -3.11 -51.61
C PHE A 543 -64.07 -1.83 -52.16
N GLN A 544 -64.87 -0.76 -52.23
CA GLN A 544 -64.33 0.50 -52.73
C GLN A 544 -63.38 1.09 -51.70
N ASN A 545 -63.77 1.01 -50.41
CA ASN A 545 -62.89 1.55 -49.39
C ASN A 545 -61.63 0.71 -49.29
N ALA A 546 -61.75 -0.61 -49.53
CA ALA A 546 -60.55 -1.45 -49.47
C ALA A 546 -59.63 -1.12 -50.64
N TYR A 547 -60.22 -0.83 -51.81
CA TYR A 547 -59.42 -0.48 -52.98
C TYR A 547 -58.66 0.81 -52.72
N LEU A 548 -59.33 1.81 -52.13
CA LEU A 548 -58.63 3.06 -51.87
C LEU A 548 -57.65 2.91 -50.72
N GLU A 549 -57.86 1.94 -49.83
CA GLU A 549 -56.94 1.75 -48.71
C GLU A 549 -55.64 1.17 -49.23
N LEU A 550 -55.74 0.12 -50.05
CA LEU A 550 -54.54 -0.49 -50.59
C LEU A 550 -53.89 0.44 -51.63
N GLY A 551 -54.69 1.25 -52.32
CA GLY A 551 -54.12 2.16 -53.31
C GLY A 551 -53.36 3.30 -52.67
N GLY A 552 -53.93 3.88 -51.61
CA GLY A 552 -53.27 4.99 -50.93
C GLY A 552 -51.95 4.58 -50.30
N LEU A 553 -51.76 3.29 -50.06
CA LEU A 553 -50.54 2.75 -49.47
C LEU A 553 -49.41 2.66 -50.49
N GLY A 554 -49.60 3.20 -51.69
CA GLY A 554 -48.58 3.17 -52.70
C GLY A 554 -48.41 1.80 -53.35
N GLU A 555 -49.34 0.89 -53.10
CA GLU A 555 -49.30 -0.46 -53.63
C GLU A 555 -50.16 -0.61 -54.89
N ARG A 556 -49.88 -1.70 -55.61
CA ARG A 556 -50.57 -2.07 -56.84
C ARG A 556 -51.46 -3.25 -56.45
N VAL A 557 -52.78 -3.08 -56.58
CA VAL A 557 -53.73 -4.12 -56.22
C VAL A 557 -54.37 -4.76 -57.44
N LEU A 558 -54.59 -6.07 -57.32
CA LEU A 558 -55.20 -6.90 -58.36
C LEU A 558 -56.36 -7.66 -57.73
N GLY A 559 -57.24 -8.19 -58.58
CA GLY A 559 -58.40 -8.94 -58.12
C GLY A 559 -58.47 -10.34 -58.71
N PHE A 560 -58.70 -11.32 -57.85
CA PHE A 560 -58.81 -12.73 -58.21
C PHE A 560 -60.23 -13.25 -58.00
N CYS A 561 -60.79 -13.88 -59.03
CA CYS A 561 -62.14 -14.41 -58.93
C CYS A 561 -62.21 -15.73 -59.69
N HIS A 562 -63.25 -16.51 -59.39
CA HIS A 562 -63.42 -17.80 -60.05
C HIS A 562 -64.90 -18.18 -60.08
N PHE A 563 -65.18 -19.25 -60.82
CA PHE A 563 -66.54 -19.75 -60.96
C PHE A 563 -66.51 -21.22 -61.39
N ALA A 564 -67.48 -21.97 -60.88
CA ALA A 564 -67.63 -23.39 -61.18
C ALA A 564 -68.55 -23.54 -62.39
N LEU A 565 -68.01 -23.99 -63.51
CA LEU A 565 -68.82 -24.16 -64.70
C LEU A 565 -69.74 -25.36 -64.54
N PRO A 566 -71.03 -25.23 -64.84
CA PRO A 566 -71.96 -26.36 -64.71
C PRO A 566 -71.61 -27.46 -65.71
N GLU A 567 -71.32 -28.65 -65.18
CA GLU A 567 -70.97 -29.77 -66.05
C GLU A 567 -72.16 -30.26 -66.88
N ASP A 568 -73.35 -29.71 -66.69
CA ASP A 568 -74.51 -30.13 -67.46
C ASP A 568 -74.60 -29.38 -68.77
N LYS A 569 -74.13 -28.14 -68.80
CA LYS A 569 -74.14 -27.31 -69.99
C LYS A 569 -72.81 -27.36 -70.72
N TYR A 570 -71.75 -27.82 -70.03
CA TYR A 570 -70.40 -27.96 -70.55
C TYR A 570 -69.87 -29.26 -69.95
N ASN A 571 -70.12 -30.37 -70.64
CA ASN A 571 -69.68 -31.68 -70.18
C ASN A 571 -68.16 -31.79 -70.15
N GLU A 572 -67.69 -32.91 -69.60
CA GLU A 572 -66.26 -33.15 -69.50
C GLU A 572 -65.60 -33.37 -70.86
N GLY A 573 -66.38 -33.65 -71.89
CA GLY A 573 -65.84 -33.87 -73.21
C GLY A 573 -65.85 -32.65 -74.12
N TYR A 574 -66.72 -31.69 -73.83
CA TYR A 574 -66.82 -30.50 -74.66
C TYR A 574 -65.52 -29.68 -74.62
N PRO A 575 -65.01 -29.24 -75.76
CA PRO A 575 -63.77 -28.44 -75.77
C PRO A 575 -64.10 -26.96 -75.92
N PHE A 576 -63.69 -26.13 -74.96
CA PHE A 576 -63.96 -24.69 -75.03
C PHE A 576 -62.86 -23.94 -75.77
N ASP A 577 -62.91 -24.03 -77.11
CA ASP A 577 -61.90 -23.33 -77.90
C ASP A 577 -62.03 -21.83 -77.67
N ALA A 578 -60.88 -21.15 -77.52
CA ALA A 578 -60.88 -19.70 -77.27
C ALA A 578 -61.24 -18.92 -78.54
N ASP A 579 -62.52 -18.91 -78.87
CA ASP A 579 -62.97 -18.19 -80.06
C ASP A 579 -64.23 -17.34 -79.81
N GLU A 580 -65.27 -17.97 -79.25
CA GLU A 580 -66.54 -17.33 -78.95
C GLU A 580 -66.83 -17.29 -77.46
N PRO A 581 -68.00 -16.74 -76.99
CA PRO A 581 -68.26 -16.72 -75.56
C PRO A 581 -68.66 -18.07 -74.99
N ASN A 582 -67.66 -18.86 -74.63
CA ASN A 582 -67.90 -20.18 -74.07
C ASN A 582 -67.96 -20.16 -72.55
N PHE A 583 -67.56 -19.05 -71.93
CA PHE A 583 -67.59 -18.92 -70.49
C PHE A 583 -68.37 -17.68 -70.09
N PRO A 584 -69.13 -17.75 -69.00
CA PRO A 584 -69.90 -16.57 -68.59
C PRO A 584 -68.98 -15.49 -68.06
N THR A 585 -68.83 -14.39 -68.81
CA THR A 585 -67.97 -13.31 -68.37
C THR A 585 -68.45 -12.73 -67.05
N THR A 586 -69.75 -12.53 -66.92
CA THR A 586 -70.35 -11.99 -65.71
C THR A 586 -70.78 -13.14 -64.80
N ASP A 587 -71.48 -12.81 -63.72
CA ASP A 587 -71.98 -13.78 -62.75
C ASP A 587 -70.88 -14.61 -62.11
N LEU A 588 -69.64 -14.10 -62.06
CA LEU A 588 -68.53 -14.83 -61.47
C LEU A 588 -68.56 -14.65 -59.95
N CYS A 589 -67.64 -15.31 -59.25
CA CYS A 589 -67.55 -15.24 -57.80
C CYS A 589 -66.22 -14.59 -57.44
N PHE A 590 -66.29 -13.34 -56.97
CA PHE A 590 -65.10 -12.60 -56.57
C PHE A 590 -64.62 -13.15 -55.23
N VAL A 591 -63.34 -13.47 -55.11
CA VAL A 591 -62.85 -13.99 -53.83
C VAL A 591 -62.11 -12.92 -53.04
N GLY A 592 -61.29 -12.11 -53.69
CA GLY A 592 -60.58 -11.09 -52.95
C GLY A 592 -59.44 -10.40 -53.68
N LEU A 593 -59.09 -9.20 -53.21
CA LEU A 593 -58.03 -8.42 -53.80
C LEU A 593 -56.66 -8.87 -53.28
N MET A 594 -55.63 -8.56 -54.06
CA MET A 594 -54.25 -8.92 -53.73
C MET A 594 -53.33 -7.78 -54.14
N ALA A 595 -52.78 -7.07 -53.15
CA ALA A 595 -51.87 -5.96 -53.41
C ALA A 595 -50.42 -6.44 -53.40
N MET A 596 -49.52 -5.54 -53.81
CA MET A 596 -48.10 -5.88 -53.85
C MET A 596 -47.28 -4.61 -54.02
N ILE A 597 -46.08 -4.62 -53.45
CA ILE A 597 -45.17 -3.47 -53.53
C ILE A 597 -43.80 -3.92 -53.04
N ASP A 598 -42.77 -3.15 -53.37
CA ASP A 598 -41.40 -3.48 -52.96
C ASP A 598 -41.19 -3.09 -51.51
N PRO A 599 -40.91 -4.05 -50.62
CA PRO A 599 -40.71 -3.72 -49.20
C PRO A 599 -39.28 -3.33 -48.89
N PRO A 600 -39.07 -2.64 -47.76
CA PRO A 600 -37.71 -2.23 -47.37
C PRO A 600 -36.96 -3.34 -46.66
N ARG A 601 -35.64 -3.14 -46.55
CA ARG A 601 -34.80 -4.13 -45.89
C ARG A 601 -35.13 -4.19 -44.39
N ALA A 602 -34.90 -5.36 -43.81
CA ALA A 602 -35.14 -5.67 -42.40
C ALA A 602 -34.78 -4.61 -41.37
N ALA A 603 -33.49 -4.28 -41.22
CA ALA A 603 -33.04 -3.28 -40.26
C ALA A 603 -33.08 -1.86 -40.77
N VAL A 604 -33.93 -1.54 -41.75
CA VAL A 604 -33.98 -0.16 -42.25
C VAL A 604 -34.70 0.75 -41.28
N PRO A 605 -35.92 0.45 -40.83
CA PRO A 605 -36.59 1.37 -39.89
C PRO A 605 -35.83 1.55 -38.57
N ASP A 606 -35.36 0.45 -37.98
CA ASP A 606 -34.63 0.55 -36.73
C ASP A 606 -33.36 1.38 -36.88
N ALA A 607 -32.61 1.17 -37.98
CA ALA A 607 -31.40 1.94 -38.20
C ALA A 607 -31.70 3.42 -38.40
N VAL A 608 -32.76 3.73 -39.16
CA VAL A 608 -33.09 5.15 -39.37
C VAL A 608 -33.47 5.78 -38.03
N GLY A 609 -34.20 5.05 -37.21
CA GLY A 609 -34.59 5.59 -35.91
C GLY A 609 -33.38 5.81 -35.03
N LYS A 610 -32.41 4.88 -35.08
CA LYS A 610 -31.21 5.01 -34.28
C LYS A 610 -30.40 6.23 -34.72
N CYS A 611 -30.34 6.47 -36.04
CA CYS A 611 -29.61 7.62 -36.55
C CYS A 611 -30.29 8.90 -36.11
N ARG A 612 -31.62 8.95 -36.18
CA ARG A 612 -32.34 10.14 -35.76
C ARG A 612 -32.16 10.38 -34.27
N SER A 613 -32.05 9.31 -33.49
CA SER A 613 -31.87 9.44 -32.05
C SER A 613 -30.55 10.11 -31.74
N ALA A 614 -29.52 9.82 -32.54
CA ALA A 614 -28.19 10.38 -32.36
C ALA A 614 -28.08 11.80 -32.92
N GLY A 615 -29.19 12.40 -33.31
CA GLY A 615 -29.19 13.74 -33.86
C GLY A 615 -28.72 13.85 -35.29
N ILE A 616 -28.82 12.79 -36.07
CA ILE A 616 -28.40 12.78 -37.47
C ILE A 616 -29.63 13.05 -38.33
N LYS A 617 -29.55 14.10 -39.16
CA LYS A 617 -30.65 14.48 -40.03
C LYS A 617 -30.69 13.52 -41.22
N VAL A 618 -31.82 12.83 -41.40
CA VAL A 618 -32.01 11.89 -42.49
C VAL A 618 -32.80 12.61 -43.58
N ILE A 619 -32.21 12.72 -44.77
CA ILE A 619 -32.82 13.38 -45.91
C ILE A 619 -32.86 12.38 -47.05
N MET A 620 -34.05 12.11 -47.58
CA MET A 620 -34.15 11.15 -48.67
C MET A 620 -33.86 11.83 -50.00
N VAL A 621 -33.04 11.20 -50.84
CA VAL A 621 -32.67 11.73 -52.14
C VAL A 621 -32.79 10.57 -53.12
N THR A 622 -33.83 10.60 -53.97
CA THR A 622 -34.00 9.51 -54.92
C THR A 622 -34.67 10.02 -56.20
N GLY A 623 -34.38 9.32 -57.30
CA GLY A 623 -34.93 9.65 -58.60
C GLY A 623 -36.19 8.88 -58.93
N ASP A 624 -36.96 8.50 -57.93
CA ASP A 624 -38.19 7.75 -58.11
C ASP A 624 -39.41 8.67 -57.99
N HIS A 625 -40.58 8.10 -58.29
CA HIS A 625 -41.83 8.83 -58.22
C HIS A 625 -42.05 9.39 -56.81
N PRO A 626 -42.58 10.62 -56.69
CA PRO A 626 -42.81 11.17 -55.35
C PRO A 626 -43.88 10.45 -54.57
N ILE A 627 -44.89 9.90 -55.26
CA ILE A 627 -45.97 9.19 -54.58
C ILE A 627 -45.44 7.96 -53.86
N THR A 628 -44.37 7.36 -54.37
CA THR A 628 -43.79 6.18 -53.73
C THR A 628 -42.71 6.58 -52.75
N ALA A 629 -41.96 7.64 -53.08
CA ALA A 629 -40.89 8.10 -52.20
C ALA A 629 -41.45 8.57 -50.87
N LYS A 630 -42.58 9.30 -50.90
CA LYS A 630 -43.17 9.78 -49.67
C LYS A 630 -43.66 8.62 -48.80
N ALA A 631 -44.24 7.59 -49.44
CA ALA A 631 -44.72 6.43 -48.68
C ALA A 631 -43.56 5.70 -48.04
N ILE A 632 -42.47 5.49 -48.78
CA ILE A 632 -41.33 4.79 -48.21
C ILE A 632 -40.71 5.63 -47.11
N ALA A 633 -40.71 6.96 -47.27
CA ALA A 633 -40.15 7.84 -46.26
C ALA A 633 -40.92 7.71 -44.95
N LYS A 634 -42.26 7.74 -45.05
CA LYS A 634 -43.07 7.59 -43.84
C LYS A 634 -42.93 6.20 -43.25
N GLY A 635 -42.69 5.19 -44.09
CA GLY A 635 -42.54 3.83 -43.60
C GLY A 635 -41.20 3.53 -42.96
N VAL A 636 -40.15 4.29 -43.31
CA VAL A 636 -38.83 4.06 -42.73
C VAL A 636 -38.48 5.03 -41.61
N GLY A 637 -39.24 6.10 -41.44
CA GLY A 637 -38.97 7.07 -40.40
C GLY A 637 -38.47 8.43 -40.85
N ILE A 638 -38.25 8.65 -42.15
CA ILE A 638 -37.78 9.95 -42.60
C ILE A 638 -38.85 11.00 -42.35
N ILE A 639 -40.10 10.68 -42.64
CA ILE A 639 -41.21 11.59 -42.44
C ILE A 639 -41.98 11.02 -41.27
N SER A 640 -41.65 11.47 -40.06
CA SER A 640 -42.30 10.98 -38.85
C SER A 640 -43.82 11.06 -38.97
N GLU A 641 -44.49 10.04 -38.47
CA GLU A 641 -45.95 10.02 -38.53
C GLU A 641 -46.49 11.19 -37.73
N GLY A 642 -47.30 12.01 -38.37
CA GLY A 642 -47.91 13.19 -37.76
C GLY A 642 -47.51 14.47 -38.46
N ASN A 643 -46.28 14.54 -38.97
CA ASN A 643 -45.82 15.73 -39.66
C ASN A 643 -46.62 15.89 -40.94
N GLU A 644 -46.67 17.11 -41.49
CA GLU A 644 -47.45 17.30 -42.70
C GLU A 644 -46.81 18.28 -43.68
N THR A 645 -47.11 18.06 -44.96
CA THR A 645 -46.66 18.84 -46.10
C THR A 645 -47.72 19.89 -46.43
N ILE A 646 -47.32 20.89 -47.21
CA ILE A 646 -48.27 21.95 -47.58
C ILE A 646 -49.46 21.40 -48.35
N GLU A 647 -49.24 20.39 -49.21
CA GLU A 647 -50.37 19.84 -49.95
C GLU A 647 -51.31 19.10 -49.03
N ASP A 648 -50.76 18.43 -48.01
CA ASP A 648 -51.61 17.69 -47.08
C ASP A 648 -52.53 18.66 -46.33
N ILE A 649 -52.00 19.84 -45.97
CA ILE A 649 -52.80 20.82 -45.24
C ILE A 649 -53.88 21.37 -46.17
N ALA A 650 -53.51 21.65 -47.43
CA ALA A 650 -54.49 22.17 -48.36
C ALA A 650 -55.59 21.16 -48.63
N ALA A 651 -55.27 19.86 -48.53
CA ALA A 651 -56.27 18.84 -48.77
C ALA A 651 -57.13 18.62 -47.53
N ARG A 652 -56.55 18.78 -46.35
CA ARG A 652 -57.31 18.60 -45.11
C ARG A 652 -58.27 19.77 -44.88
N LEU A 653 -57.94 20.94 -45.42
CA LEU A 653 -58.78 22.12 -45.26
C LEU A 653 -59.70 22.39 -46.44
N ASN A 654 -59.31 21.94 -47.65
CA ASN A 654 -60.08 22.11 -48.88
C ASN A 654 -59.92 23.54 -49.40
N ILE A 655 -58.69 24.04 -49.35
CA ILE A 655 -58.37 25.40 -49.81
C ILE A 655 -57.16 25.30 -50.74
N PRO A 656 -56.94 26.32 -51.56
CA PRO A 656 -55.79 26.29 -52.47
C PRO A 656 -54.48 26.19 -51.69
N ILE A 657 -53.43 25.78 -52.41
CA ILE A 657 -52.12 25.63 -51.78
C ILE A 657 -51.38 26.96 -51.65
N GLY A 658 -51.69 27.94 -52.48
CA GLY A 658 -51.01 29.23 -52.39
C GLY A 658 -51.38 30.07 -51.18
N GLN A 659 -52.36 29.64 -50.40
CA GLN A 659 -52.80 30.39 -49.22
C GLN A 659 -52.06 30.00 -47.93
N VAL A 660 -51.83 28.70 -47.73
CA VAL A 660 -51.15 28.25 -46.52
C VAL A 660 -49.71 28.78 -46.45
N ASN A 661 -49.22 28.94 -45.21
CA ASN A 661 -47.87 29.42 -44.90
C ASN A 661 -46.92 28.23 -44.86
N PRO A 662 -45.78 28.29 -45.55
CA PRO A 662 -44.84 27.16 -45.55
C PRO A 662 -44.10 26.95 -44.23
N ARG A 663 -44.28 27.80 -43.22
CA ARG A 663 -43.57 27.59 -41.97
C ARG A 663 -44.26 26.58 -41.07
N ASP A 664 -45.55 26.32 -41.29
CA ASP A 664 -46.31 25.38 -40.50
C ASP A 664 -46.12 23.94 -40.97
N ALA A 665 -45.28 23.70 -41.99
CA ALA A 665 -45.03 22.37 -42.53
C ALA A 665 -43.59 21.97 -42.20
N LYS A 666 -43.44 20.94 -41.36
CA LYS A 666 -42.13 20.45 -40.97
C LYS A 666 -41.45 19.63 -42.06
N ALA A 667 -42.18 18.78 -42.76
CA ALA A 667 -41.65 17.92 -43.82
C ALA A 667 -42.04 18.44 -45.20
N CYS A 668 -41.11 18.33 -46.15
CA CYS A 668 -41.37 18.79 -47.51
C CYS A 668 -40.84 17.82 -48.56
N VAL A 669 -41.61 17.67 -49.64
CA VAL A 669 -41.30 16.82 -50.77
C VAL A 669 -40.94 17.75 -51.93
N VAL A 670 -39.66 17.78 -52.28
CA VAL A 670 -39.16 18.62 -53.37
C VAL A 670 -39.02 17.79 -54.63
N HIS A 671 -39.75 18.19 -55.68
CA HIS A 671 -39.71 17.50 -56.96
C HIS A 671 -38.49 17.93 -57.76
N GLY A 672 -37.95 16.99 -58.54
CA GLY A 672 -36.78 17.31 -59.36
C GLY A 672 -37.04 18.39 -60.39
N SER A 673 -38.18 18.31 -61.08
CA SER A 673 -38.52 19.31 -62.09
C SER A 673 -38.46 20.70 -61.48
N ASP A 674 -38.93 20.83 -60.24
CA ASP A 674 -38.91 22.12 -59.57
C ASP A 674 -37.51 22.45 -59.06
N LEU A 675 -36.73 21.41 -58.74
CA LEU A 675 -35.37 21.61 -58.26
C LEU A 675 -34.48 22.20 -59.35
N LYS A 676 -34.79 21.91 -60.61
CA LYS A 676 -33.99 22.44 -61.71
C LYS A 676 -34.03 23.96 -61.77
N ASP A 677 -35.14 24.58 -61.39
CA ASP A 677 -35.33 26.03 -61.39
C ASP A 677 -35.18 26.66 -60.01
N LEU A 678 -34.22 26.27 -59.18
CA LEU A 678 -34.08 26.87 -57.86
C LEU A 678 -32.69 27.47 -57.61
N SER A 679 -32.68 28.66 -57.02
CA SER A 679 -31.47 29.40 -56.69
C SER A 679 -30.75 28.75 -55.51
N THR A 680 -29.55 29.25 -55.23
CA THR A 680 -28.75 28.73 -54.12
C THR A 680 -29.39 29.03 -52.77
N GLU A 681 -29.85 30.27 -52.58
CA GLU A 681 -30.48 30.64 -51.32
C GLU A 681 -31.73 29.81 -51.06
N VAL A 682 -32.51 29.54 -52.11
CA VAL A 682 -33.73 28.75 -51.92
C VAL A 682 -33.38 27.37 -51.37
N LEU A 683 -32.34 26.73 -51.91
CA LEU A 683 -31.97 25.41 -51.41
C LEU A 683 -31.49 25.52 -49.96
N ASP A 684 -30.75 26.59 -49.66
CA ASP A 684 -30.28 26.77 -48.29
C ASP A 684 -31.47 26.87 -47.35
N ASP A 685 -32.50 27.61 -47.76
CA ASP A 685 -33.70 27.78 -46.95
C ASP A 685 -34.47 26.47 -46.84
N ILE A 686 -34.46 25.66 -47.91
CA ILE A 686 -35.18 24.39 -47.88
C ILE A 686 -34.57 23.50 -46.82
N LEU A 687 -33.25 23.48 -46.73
CA LEU A 687 -32.60 22.66 -45.72
C LEU A 687 -32.61 23.32 -44.35
N HIS A 688 -32.72 24.65 -44.29
CA HIS A 688 -32.74 25.42 -43.06
C HIS A 688 -34.10 25.47 -42.36
N TYR A 689 -35.20 25.26 -43.08
CA TYR A 689 -36.52 25.31 -42.46
C TYR A 689 -37.26 23.99 -42.40
N HIS A 690 -36.93 23.01 -43.24
CA HIS A 690 -37.60 21.73 -43.23
C HIS A 690 -36.71 20.68 -42.58
N THR A 691 -37.25 19.98 -41.58
CA THR A 691 -36.50 18.96 -40.86
C THR A 691 -36.58 17.59 -41.52
N GLU A 692 -37.66 17.29 -42.22
CA GLU A 692 -37.86 16.01 -42.90
C GLU A 692 -38.03 16.33 -44.39
N ILE A 693 -36.91 16.30 -45.12
CA ILE A 693 -36.89 16.59 -46.54
C ILE A 693 -36.75 15.32 -47.38
N VAL A 694 -37.49 15.30 -48.49
CA VAL A 694 -37.48 14.18 -49.41
C VAL A 694 -37.40 14.76 -50.83
N PHE A 695 -36.28 14.52 -51.50
CA PHE A 695 -36.04 14.99 -52.86
C PHE A 695 -36.41 13.84 -53.78
N ALA A 696 -37.45 14.04 -54.59
CA ALA A 696 -37.92 13.04 -55.52
C ALA A 696 -37.69 13.47 -56.96
N ARG A 697 -37.51 12.49 -57.83
CA ARG A 697 -37.28 12.71 -59.27
C ARG A 697 -36.05 13.56 -59.51
N THR A 698 -35.01 13.35 -58.70
CA THR A 698 -33.76 14.11 -58.83
C THR A 698 -32.74 13.30 -59.62
N SER A 699 -32.10 13.96 -60.59
CA SER A 699 -31.09 13.35 -61.42
C SER A 699 -29.79 13.22 -60.65
N PRO A 700 -28.85 12.38 -61.11
CA PRO A 700 -27.58 12.25 -60.37
C PRO A 700 -26.88 13.58 -60.17
N GLN A 701 -26.92 14.44 -61.19
CA GLN A 701 -26.28 15.75 -61.06
C GLN A 701 -26.98 16.53 -59.96
N GLN A 702 -28.30 16.40 -59.87
CA GLN A 702 -29.03 17.11 -58.83
C GLN A 702 -28.67 16.53 -57.48
N LYS A 703 -28.39 15.21 -57.42
CA LYS A 703 -28.02 14.59 -56.16
C LYS A 703 -26.73 15.25 -55.67
N LEU A 704 -25.79 15.44 -56.60
CA LEU A 704 -24.52 16.08 -56.26
C LEU A 704 -24.78 17.51 -55.77
N ILE A 705 -25.70 18.20 -56.44
CA ILE A 705 -26.02 19.57 -56.05
C ILE A 705 -26.59 19.60 -54.63
N ILE A 706 -27.38 18.59 -54.27
CA ILE A 706 -27.96 18.52 -52.94
C ILE A 706 -26.87 18.30 -51.90
N VAL A 707 -25.93 17.39 -52.20
CA VAL A 707 -24.85 17.13 -51.26
C VAL A 707 -24.05 18.41 -51.04
N GLU A 708 -23.78 19.14 -52.12
CA GLU A 708 -23.03 20.38 -52.00
C GLU A 708 -23.83 21.40 -51.20
N GLY A 709 -25.15 21.43 -51.39
CA GLY A 709 -25.98 22.36 -50.65
C GLY A 709 -25.93 22.06 -49.17
N CYS A 710 -25.68 20.80 -48.82
CA CYS A 710 -25.60 20.44 -47.41
C CYS A 710 -24.24 20.84 -46.84
N GLN A 711 -23.18 20.69 -47.65
CA GLN A 711 -21.84 21.05 -47.17
C GLN A 711 -21.66 22.56 -47.04
N ARG A 712 -22.24 23.35 -47.97
CA ARG A 712 -22.11 24.81 -47.92
C ARG A 712 -22.34 25.40 -46.52
N GLN A 713 -23.20 24.77 -45.72
CA GLN A 713 -23.46 25.30 -44.38
C GLN A 713 -22.32 24.96 -43.42
N GLY A 714 -21.94 23.69 -43.33
CA GLY A 714 -20.86 23.32 -42.43
C GLY A 714 -20.99 22.00 -41.73
N ALA A 715 -21.88 21.13 -42.20
CA ALA A 715 -22.09 19.82 -41.61
C ALA A 715 -21.45 18.73 -42.46
N ILE A 716 -21.08 17.64 -41.80
CA ILE A 716 -20.45 16.49 -42.46
C ILE A 716 -21.56 15.71 -43.15
N VAL A 717 -21.27 15.14 -44.33
CA VAL A 717 -22.28 14.39 -45.07
C VAL A 717 -21.83 12.97 -45.42
N ALA A 718 -22.78 12.04 -45.29
CA ALA A 718 -22.60 10.63 -45.59
C ALA A 718 -23.70 10.24 -46.56
N VAL A 719 -23.33 9.78 -47.75
CA VAL A 719 -24.30 9.38 -48.76
C VAL A 719 -24.28 7.85 -48.86
N THR A 720 -25.45 7.24 -48.76
CA THR A 720 -25.60 5.78 -48.83
C THR A 720 -26.35 5.40 -50.11
N GLY A 721 -25.67 4.70 -51.03
CA GLY A 721 -26.32 4.29 -52.26
C GLY A 721 -25.93 2.95 -52.84
N ASP A 722 -26.46 2.66 -54.04
CA ASP A 722 -26.17 1.39 -54.71
C ASP A 722 -25.92 1.45 -56.21
N GLY A 723 -26.67 2.27 -56.96
CA GLY A 723 -26.51 2.37 -58.40
C GLY A 723 -25.48 3.38 -58.86
N VAL A 724 -25.45 3.55 -60.19
CA VAL A 724 -24.52 4.49 -60.81
C VAL A 724 -24.97 5.92 -60.60
N ASN A 725 -26.27 6.15 -60.43
CA ASN A 725 -26.75 7.51 -60.21
C ASN A 725 -26.23 8.08 -58.91
N ASP A 726 -25.74 7.22 -58.02
CA ASP A 726 -25.20 7.63 -56.74
C ASP A 726 -23.70 7.87 -56.80
N SER A 727 -23.05 7.52 -57.91
CA SER A 727 -21.60 7.74 -58.01
C SER A 727 -21.21 9.19 -57.79
N PRO A 728 -21.79 10.19 -58.48
CA PRO A 728 -21.38 11.57 -58.21
C PRO A 728 -21.76 12.05 -56.82
N ALA A 729 -22.67 11.36 -56.14
CA ALA A 729 -23.09 11.73 -54.79
C ALA A 729 -22.19 11.10 -53.73
N LEU A 730 -21.75 9.87 -53.97
CA LEU A 730 -20.88 9.18 -53.01
C LEU A 730 -19.49 9.77 -53.03
N LYS A 731 -19.05 10.25 -54.19
CA LYS A 731 -17.71 10.83 -54.33
C LYS A 731 -17.59 12.18 -53.62
N LYS A 732 -18.50 13.11 -53.91
CA LYS A 732 -18.43 14.44 -53.30
C LYS A 732 -18.83 14.44 -51.83
N ALA A 733 -19.53 13.43 -51.36
CA ALA A 733 -19.91 13.43 -49.95
C ALA A 733 -18.69 13.18 -49.07
N ASP A 734 -18.76 13.64 -47.82
CA ASP A 734 -17.63 13.43 -46.92
C ASP A 734 -17.34 11.96 -46.77
N ILE A 735 -18.36 11.11 -46.91
CA ILE A 735 -18.14 9.67 -46.80
C ILE A 735 -19.25 8.95 -47.56
N GLY A 736 -18.85 8.03 -48.44
CA GLY A 736 -19.78 7.26 -49.24
C GLY A 736 -19.90 5.83 -48.72
N VAL A 737 -21.13 5.32 -48.76
CA VAL A 737 -21.46 3.97 -48.31
C VAL A 737 -22.13 3.29 -49.48
N ALA A 738 -21.46 2.31 -50.06
CA ALA A 738 -22.03 1.61 -51.19
C ALA A 738 -22.48 0.21 -50.78
N MET A 739 -23.53 -0.25 -51.43
CA MET A 739 -24.02 -1.58 -51.11
C MET A 739 -23.09 -2.58 -51.76
N GLY A 740 -22.94 -3.74 -51.14
CA GLY A 740 -22.04 -4.74 -51.71
C GLY A 740 -22.63 -5.72 -52.69
N ILE A 741 -23.80 -6.29 -52.38
CA ILE A 741 -24.42 -7.24 -53.28
C ILE A 741 -25.27 -6.55 -54.34
N SER A 742 -26.12 -5.61 -53.94
CA SER A 742 -27.00 -4.89 -54.85
C SER A 742 -26.38 -3.61 -55.42
N GLY A 743 -25.09 -3.35 -55.17
CA GLY A 743 -24.48 -2.16 -55.69
C GLY A 743 -23.82 -2.32 -57.05
N SER A 744 -23.62 -1.19 -57.73
CA SER A 744 -23.00 -1.15 -59.05
C SER A 744 -21.48 -1.07 -58.89
N ASP A 745 -20.77 -1.53 -59.93
CA ASP A 745 -19.32 -1.50 -59.89
C ASP A 745 -18.76 -0.08 -59.86
N VAL A 746 -19.38 0.85 -60.59
CA VAL A 746 -18.88 2.22 -60.60
C VAL A 746 -19.04 2.86 -59.23
N SER A 747 -20.23 2.76 -58.64
CA SER A 747 -20.45 3.34 -57.33
C SER A 747 -19.66 2.60 -56.27
N LYS A 748 -19.33 1.33 -56.52
CA LYS A 748 -18.56 0.56 -55.55
C LYS A 748 -17.10 0.99 -55.57
N GLN A 749 -16.60 1.35 -56.76
CA GLN A 749 -15.21 1.79 -56.90
C GLN A 749 -15.04 3.25 -56.50
N ALA A 750 -16.11 4.04 -56.55
CA ALA A 750 -16.03 5.45 -56.19
C ALA A 750 -16.40 5.72 -54.73
N ALA A 751 -16.83 4.70 -53.99
CA ALA A 751 -17.22 4.88 -52.60
C ALA A 751 -16.01 4.68 -51.68
N ASP A 752 -16.20 5.03 -50.41
CA ASP A 752 -15.15 4.90 -49.41
C ASP A 752 -15.40 3.76 -48.43
N MET A 753 -16.65 3.35 -48.25
CA MET A 753 -17.00 2.25 -47.35
C MET A 753 -17.94 1.33 -48.09
N ILE A 754 -17.73 0.03 -47.96
CA ILE A 754 -18.55 -0.98 -48.63
C ILE A 754 -19.24 -1.85 -47.59
N LEU A 755 -20.52 -2.16 -47.86
CA LEU A 755 -21.36 -3.00 -47.01
C LEU A 755 -21.48 -4.32 -47.76
N LEU A 756 -20.54 -5.23 -47.49
CA LEU A 756 -20.53 -6.53 -48.15
C LEU A 756 -21.75 -7.39 -47.83
N ASP A 757 -22.48 -7.10 -46.75
CA ASP A 757 -23.65 -7.89 -46.38
C ASP A 757 -24.96 -7.18 -46.68
N ASP A 758 -24.91 -5.94 -47.16
CA ASP A 758 -26.10 -5.14 -47.49
C ASP A 758 -26.99 -4.90 -46.28
N ASN A 759 -26.41 -4.90 -45.08
CA ASN A 759 -27.14 -4.67 -43.86
C ASN A 759 -27.12 -3.18 -43.54
N PHE A 760 -28.28 -2.62 -43.17
CA PHE A 760 -28.31 -1.19 -42.88
C PHE A 760 -28.02 -0.86 -41.41
N ALA A 761 -28.13 -1.85 -40.50
CA ALA A 761 -27.84 -1.57 -39.09
C ALA A 761 -26.37 -1.25 -38.90
N SER A 762 -25.54 -1.65 -39.88
CA SER A 762 -24.12 -1.39 -39.82
C SER A 762 -23.85 0.10 -39.75
N ILE A 763 -24.77 0.92 -40.25
CA ILE A 763 -24.56 2.37 -40.20
C ILE A 763 -24.61 2.81 -38.75
N VAL A 764 -25.52 2.22 -37.96
CA VAL A 764 -25.62 2.56 -36.55
C VAL A 764 -24.37 2.09 -35.82
N THR A 765 -23.93 0.87 -36.14
CA THR A 765 -22.72 0.36 -35.50
C THR A 765 -21.53 1.28 -35.80
N GLY A 766 -21.45 1.74 -37.05
CA GLY A 766 -20.37 2.63 -37.45
C GLY A 766 -20.41 3.97 -36.75
N VAL A 767 -21.61 4.58 -36.66
CA VAL A 767 -21.70 5.87 -35.99
C VAL A 767 -21.34 5.72 -34.53
N GLU A 768 -21.52 4.53 -33.96
CA GLU A 768 -21.17 4.33 -32.55
C GLU A 768 -19.66 4.19 -32.38
N GLU A 769 -19.06 3.36 -33.23
CA GLU A 769 -17.61 3.14 -33.18
C GLU A 769 -16.84 4.42 -33.47
N GLY A 770 -17.36 5.25 -34.39
CA GLY A 770 -16.69 6.49 -34.74
C GLY A 770 -16.53 7.43 -33.55
N ARG A 771 -17.47 7.38 -32.61
CA ARG A 771 -17.40 8.22 -31.43
C ARG A 771 -16.49 7.59 -30.39
N LEU A 772 -16.73 6.31 -30.09
CA LEU A 772 -15.90 5.60 -29.12
C LEU A 772 -14.41 5.78 -29.40
N ILE A 773 -14.01 5.64 -30.68
CA ILE A 773 -12.59 5.79 -31.01
C ILE A 773 -12.13 7.24 -30.97
N PHE A 774 -13.05 8.18 -30.84
CA PHE A 774 -12.68 9.58 -30.79
C PHE A 774 -12.31 9.91 -29.36
N ASP A 775 -13.18 9.52 -28.43
CA ASP A 775 -12.87 9.79 -27.02
C ASP A 775 -11.61 9.01 -26.64
N ASN A 776 -11.40 7.85 -27.28
CA ASN A 776 -10.20 7.09 -26.94
C ASN A 776 -8.96 7.76 -27.52
N LEU A 777 -9.08 8.39 -28.71
CA LEU A 777 -7.91 9.05 -29.25
C LEU A 777 -7.51 10.20 -28.34
N LYS A 778 -8.51 10.90 -27.78
CA LYS A 778 -8.20 12.01 -26.87
C LYS A 778 -7.42 11.50 -25.66
N LYS A 779 -7.90 10.42 -25.05
CA LYS A 779 -7.21 9.88 -23.88
C LYS A 779 -5.77 9.46 -24.20
N SER A 780 -5.58 8.72 -25.30
CA SER A 780 -4.24 8.28 -25.67
C SER A 780 -3.32 9.46 -25.99
N ILE A 781 -3.86 10.52 -26.60
CA ILE A 781 -3.01 11.66 -26.91
C ILE A 781 -2.54 12.33 -25.62
N ALA A 782 -3.45 12.49 -24.65
CA ALA A 782 -3.01 13.11 -23.40
C ALA A 782 -1.96 12.25 -22.72
N TYR A 783 -2.07 10.93 -22.88
CA TYR A 783 -1.09 10.03 -22.26
C TYR A 783 0.28 10.21 -22.88
N THR A 784 0.36 10.14 -24.22
CA THR A 784 1.66 10.30 -24.89
C THR A 784 2.21 11.71 -24.75
N LEU A 785 1.39 12.71 -24.45
CA LEU A 785 1.90 14.07 -24.33
C LEU A 785 2.33 14.44 -22.91
N THR A 786 1.83 13.74 -21.89
CA THR A 786 2.23 14.07 -20.52
C THR A 786 3.72 13.85 -20.27
N SER A 787 4.32 12.82 -20.87
CA SER A 787 5.74 12.53 -20.67
C SER A 787 6.68 13.53 -21.36
N ASN A 788 6.17 14.46 -22.15
CA ASN A 788 7.04 15.42 -22.82
C ASN A 788 7.81 16.31 -21.84
N ILE A 789 7.16 16.73 -20.75
CA ILE A 789 7.81 17.59 -19.75
C ILE A 789 8.96 16.90 -19.04
N PRO A 790 8.78 15.70 -18.41
CA PRO A 790 9.91 15.07 -17.73
C PRO A 790 11.00 14.58 -18.66
N GLU A 791 10.93 14.98 -19.92
CA GLU A 791 11.92 14.60 -20.93
C GLU A 791 12.62 15.81 -21.52
N ILE A 792 12.13 17.01 -21.22
CA ILE A 792 12.71 18.25 -21.70
C ILE A 792 13.26 19.08 -20.55
N THR A 793 12.56 19.06 -19.41
CA THR A 793 13.03 19.82 -18.25
C THR A 793 14.47 19.50 -17.85
N PRO A 794 14.94 18.24 -17.86
CA PRO A 794 16.34 17.99 -17.50
C PRO A 794 17.34 18.80 -18.32
N PHE A 795 17.14 18.86 -19.63
CA PHE A 795 18.05 19.61 -20.48
C PHE A 795 17.95 21.11 -20.22
N LEU A 796 16.74 21.60 -19.92
CA LEU A 796 16.57 23.03 -19.66
C LEU A 796 17.31 23.40 -18.38
N VAL A 797 17.21 22.56 -17.35
CA VAL A 797 17.92 22.86 -16.10
C VAL A 797 19.40 22.62 -16.32
N PHE A 798 19.75 21.81 -17.30
CA PHE A 798 21.15 21.54 -17.60
C PHE A 798 21.82 22.79 -18.16
N ILE A 799 21.11 23.51 -19.02
CA ILE A 799 21.68 24.73 -19.60
C ILE A 799 21.56 25.92 -18.66
N ILE A 800 20.43 26.08 -17.95
CA ILE A 800 20.27 27.22 -17.05
C ILE A 800 21.02 27.04 -15.72
N GLY A 801 20.86 25.90 -15.06
CA GLY A 801 21.53 25.69 -13.79
C GLY A 801 22.91 25.07 -13.80
N ASN A 802 23.39 24.59 -14.95
CA ASN A 802 24.71 23.97 -15.07
C ASN A 802 24.91 22.79 -14.12
N VAL A 803 24.04 21.81 -14.27
CA VAL A 803 24.10 20.59 -13.44
C VAL A 803 24.41 19.45 -14.39
N PRO A 804 24.85 18.30 -13.88
CA PRO A 804 25.14 17.17 -14.78
C PRO A 804 23.86 16.75 -15.50
N LEU A 805 24.02 16.40 -16.79
CA LEU A 805 22.91 15.98 -17.63
C LEU A 805 22.04 14.93 -16.94
N PRO A 806 20.76 15.23 -16.68
CA PRO A 806 19.88 14.26 -16.00
C PRO A 806 19.30 13.14 -16.86
N LEU A 807 18.73 13.45 -18.03
CA LEU A 807 18.14 12.44 -18.91
C LEU A 807 18.87 12.28 -20.25
N GLY A 808 19.54 11.15 -20.43
CA GLY A 808 20.27 10.85 -21.64
C GLY A 808 19.34 10.68 -22.84
N THR A 809 19.94 10.46 -24.01
CA THR A 809 19.17 10.29 -25.23
C THR A 809 18.70 8.85 -25.47
N VAL A 810 19.49 7.84 -25.09
CA VAL A 810 19.03 6.48 -25.32
C VAL A 810 17.95 6.10 -24.31
N THR A 811 17.73 6.93 -23.31
CA THR A 811 16.70 6.64 -22.32
C THR A 811 15.42 7.28 -22.82
N ILE A 812 15.53 8.46 -23.41
CA ILE A 812 14.36 9.10 -23.95
C ILE A 812 13.83 8.22 -25.06
N LEU A 813 14.75 7.60 -25.81
CA LEU A 813 14.33 6.71 -26.88
C LEU A 813 13.70 5.45 -26.30
N CYS A 814 14.25 4.93 -25.18
CA CYS A 814 13.65 3.73 -24.60
C CYS A 814 12.29 4.03 -23.99
N ILE A 815 11.96 5.30 -23.78
CA ILE A 815 10.67 5.68 -23.20
C ILE A 815 9.63 5.97 -24.28
N ASP A 816 9.96 6.89 -25.20
CA ASP A 816 9.02 7.27 -26.27
C ASP A 816 8.70 6.12 -27.22
N LEU A 817 9.68 5.27 -27.56
CA LEU A 817 9.44 4.17 -28.47
C LEU A 817 9.39 2.79 -27.82
N GLY A 818 9.50 2.70 -26.51
CA GLY A 818 9.45 1.40 -25.88
C GLY A 818 8.22 1.21 -25.03
N THR A 819 8.43 1.17 -23.72
CA THR A 819 7.40 1.00 -22.70
C THR A 819 6.07 1.68 -23.02
N ASP A 820 6.12 2.98 -23.30
CA ASP A 820 4.95 3.80 -23.61
C ASP A 820 4.03 3.25 -24.71
N MET A 821 4.59 2.59 -25.73
CA MET A 821 3.77 2.08 -26.82
C MET A 821 2.61 1.17 -26.41
N VAL A 822 2.88 0.11 -25.63
CA VAL A 822 1.79 -0.79 -25.22
C VAL A 822 0.66 -0.08 -24.47
N PRO A 823 0.92 0.75 -23.45
CA PRO A 823 -0.20 1.41 -22.76
C PRO A 823 -1.03 2.32 -23.66
N ALA A 824 -0.37 3.12 -24.49
CA ALA A 824 -1.09 4.02 -25.39
C ALA A 824 -1.97 3.21 -26.33
N ILE A 825 -1.50 2.03 -26.75
CA ILE A 825 -2.28 1.18 -27.64
C ILE A 825 -3.46 0.61 -26.90
N SER A 826 -3.26 0.26 -25.62
CA SER A 826 -4.32 -0.30 -24.81
C SER A 826 -5.44 0.69 -24.54
N LEU A 827 -5.10 1.98 -24.44
CA LEU A 827 -6.13 2.99 -24.19
C LEU A 827 -7.26 3.00 -25.23
N ALA A 828 -7.12 2.27 -26.33
CA ALA A 828 -8.18 2.24 -27.34
C ALA A 828 -9.32 1.31 -26.96
N TYR A 829 -9.02 0.23 -26.25
CA TYR A 829 -9.96 -0.79 -25.79
C TYR A 829 -10.88 -0.30 -24.67
N GLU A 830 -10.92 0.99 -24.37
CA GLU A 830 -11.76 1.49 -23.29
C GLU A 830 -13.22 1.60 -23.73
N GLN A 831 -14.11 1.10 -22.88
CA GLN A 831 -15.53 1.11 -23.13
C GLN A 831 -16.10 2.50 -22.83
N ALA A 832 -17.38 2.67 -23.16
CA ALA A 832 -18.03 3.94 -22.93
C ALA A 832 -18.24 4.20 -21.44
N GLU A 833 -18.43 5.48 -21.11
CA GLU A 833 -18.66 5.95 -19.75
C GLU A 833 -20.12 6.25 -19.54
N SER A 834 -20.73 6.92 -20.51
CA SER A 834 -22.14 7.31 -20.54
C SER A 834 -22.67 6.79 -21.87
N ASP A 835 -23.96 6.99 -22.13
CA ASP A 835 -24.48 6.51 -23.40
C ASP A 835 -23.96 7.39 -24.53
N ILE A 836 -23.24 6.79 -25.48
CA ILE A 836 -22.71 7.59 -26.58
C ILE A 836 -23.78 7.81 -27.64
N MET A 837 -24.71 6.87 -27.77
CA MET A 837 -25.79 6.97 -28.74
C MET A 837 -26.91 7.89 -28.27
N LYS A 838 -26.62 8.75 -27.30
CA LYS A 838 -27.59 9.69 -26.73
C LYS A 838 -27.18 11.15 -26.89
N ARG A 839 -25.89 11.47 -26.77
CA ARG A 839 -25.45 12.84 -26.90
C ARG A 839 -25.57 13.32 -28.34
N GLN A 840 -25.68 14.64 -28.48
CA GLN A 840 -25.80 15.28 -29.78
C GLN A 840 -24.46 15.22 -30.53
N PRO A 841 -24.49 15.34 -31.87
CA PRO A 841 -23.23 15.29 -32.62
C PRO A 841 -22.30 16.42 -32.23
N ARG A 842 -21.00 16.11 -32.21
CA ARG A 842 -20.00 17.10 -31.85
C ARG A 842 -19.98 18.27 -32.82
N ASN A 843 -19.84 19.48 -32.29
CA ASN A 843 -19.79 20.65 -33.15
C ASN A 843 -18.41 20.73 -33.78
N PRO A 844 -18.31 20.86 -35.11
CA PRO A 844 -16.97 20.94 -35.72
C PRO A 844 -16.27 22.26 -35.50
N LYS A 845 -17.00 23.38 -35.45
CA LYS A 845 -16.38 24.68 -35.24
C LYS A 845 -15.99 24.99 -33.80
N THR A 846 -16.43 24.23 -32.80
CA THR A 846 -16.05 24.54 -31.43
C THR A 846 -15.37 23.41 -30.69
N ASP A 847 -15.92 22.19 -30.72
CA ASP A 847 -15.32 21.07 -30.01
C ASP A 847 -14.28 20.40 -30.91
N LYS A 848 -13.00 20.61 -30.59
CA LYS A 848 -11.89 20.06 -31.33
C LYS A 848 -11.41 18.76 -30.69
N LEU A 849 -10.32 18.22 -31.24
CA LEU A 849 -9.72 16.99 -30.75
C LEU A 849 -8.63 17.27 -29.72
N VAL A 850 -7.86 18.32 -29.93
CA VAL A 850 -6.78 18.72 -29.03
C VAL A 850 -6.97 20.22 -28.74
N ASN A 851 -7.52 20.53 -27.58
CA ASN A 851 -7.77 21.91 -27.18
C ASN A 851 -6.73 22.34 -26.15
N GLU A 852 -6.90 23.56 -25.62
CA GLU A 852 -5.96 24.05 -24.62
C GLU A 852 -6.18 23.40 -23.27
N ARG A 853 -7.36 22.79 -23.07
CA ARG A 853 -7.67 22.13 -21.81
C ARG A 853 -6.79 20.91 -21.61
N LEU A 854 -6.35 20.29 -22.72
CA LEU A 854 -5.50 19.12 -22.64
C LEU A 854 -4.07 19.56 -22.34
N ILE A 855 -3.59 20.55 -23.10
CA ILE A 855 -2.24 21.09 -22.92
C ILE A 855 -2.05 21.56 -21.48
N SER A 856 -3.10 22.13 -20.88
CA SER A 856 -2.98 22.60 -19.51
C SER A 856 -2.78 21.45 -18.54
N MET A 857 -3.22 20.25 -18.90
CA MET A 857 -3.08 19.06 -18.05
C MET A 857 -1.76 18.33 -18.28
N ALA A 858 -1.53 17.87 -19.51
CA ALA A 858 -0.31 17.14 -19.83
C ALA A 858 0.93 17.99 -19.64
N TYR A 859 1.02 19.11 -20.36
CA TYR A 859 2.19 19.98 -20.25
C TYR A 859 2.21 20.79 -18.96
N GLY A 860 1.05 21.13 -18.41
CA GLY A 860 0.99 21.92 -17.20
C GLY A 860 0.92 21.34 -15.80
N GLN A 861 0.11 20.32 -15.57
CA GLN A 861 -0.01 19.75 -14.23
C GLN A 861 0.59 18.37 -14.00
N ILE A 862 0.25 17.37 -14.82
CA ILE A 862 0.80 16.03 -14.61
C ILE A 862 2.28 15.96 -15.00
N GLY A 863 2.62 16.46 -16.19
CA GLY A 863 4.02 16.41 -16.61
C GLY A 863 4.95 17.11 -15.66
N MET A 864 4.47 18.17 -15.00
CA MET A 864 5.31 18.90 -14.05
C MET A 864 5.65 18.01 -12.86
N ILE A 865 4.65 17.31 -12.33
CA ILE A 865 4.87 16.43 -11.18
C ILE A 865 5.82 15.31 -11.57
N GLN A 866 5.65 14.77 -12.79
CA GLN A 866 6.54 13.69 -13.21
C GLN A 866 7.98 14.18 -13.31
N ALA A 867 8.17 15.42 -13.80
CA ALA A 867 9.52 15.97 -13.92
C ALA A 867 10.12 16.17 -12.54
N LEU A 868 9.32 16.63 -11.58
CA LEU A 868 9.83 16.83 -10.23
C LEU A 868 10.24 15.50 -9.62
N GLY A 869 9.47 14.44 -9.86
CA GLY A 869 9.82 13.14 -9.32
C GLY A 869 11.14 12.65 -9.90
N GLY A 870 11.33 12.88 -11.20
CA GLY A 870 12.57 12.45 -11.83
C GLY A 870 13.76 13.18 -11.23
N PHE A 871 13.62 14.50 -11.05
CA PHE A 871 14.73 15.26 -10.47
C PHE A 871 14.98 14.81 -9.04
N PHE A 872 13.93 14.36 -8.35
CA PHE A 872 14.10 13.90 -6.98
C PHE A 872 14.99 12.66 -6.96
N SER A 873 14.65 11.66 -7.78
CA SER A 873 15.45 10.44 -7.82
C SER A 873 16.89 10.79 -8.22
N TYR A 874 17.03 11.77 -9.12
CA TYR A 874 18.34 12.21 -9.58
C TYR A 874 19.19 12.69 -8.41
N PHE A 875 18.71 13.75 -7.73
CA PHE A 875 19.44 14.29 -6.58
C PHE A 875 19.71 13.21 -5.54
N VAL A 876 18.81 12.24 -5.38
CA VAL A 876 19.05 11.19 -4.39
C VAL A 876 20.26 10.35 -4.78
N ILE A 877 20.31 9.94 -6.05
CA ILE A 877 21.43 9.13 -6.51
C ILE A 877 22.75 9.89 -6.35
N LEU A 878 22.76 11.17 -6.71
CA LEU A 878 24.01 11.93 -6.57
C LEU A 878 24.34 12.27 -5.12
N ALA A 879 23.36 12.33 -4.23
CA ALA A 879 23.64 12.65 -2.83
C ALA A 879 24.16 11.43 -2.09
N GLU A 880 23.73 10.23 -2.48
CA GLU A 880 24.19 9.03 -1.80
C GLU A 880 25.63 8.68 -2.16
N ASN A 881 26.09 9.07 -3.36
CA ASN A 881 27.45 8.76 -3.77
C ASN A 881 28.47 9.82 -3.36
N GLY A 882 28.04 10.96 -2.82
CA GLY A 882 29.01 11.97 -2.43
C GLY A 882 28.87 13.38 -2.98
N PHE A 883 27.98 13.59 -3.95
CA PHE A 883 27.78 14.91 -4.53
C PHE A 883 26.48 15.52 -4.01
N LEU A 884 26.61 16.37 -2.98
CA LEU A 884 25.46 17.01 -2.37
C LEU A 884 24.86 18.07 -3.32
N PRO A 885 23.58 18.41 -3.14
CA PRO A 885 22.95 19.41 -4.02
C PRO A 885 23.61 20.78 -4.03
N MET A 886 24.30 21.19 -2.97
CA MET A 886 24.93 22.51 -2.99
C MET A 886 26.14 22.57 -3.90
N ASP A 887 26.87 21.48 -4.06
CA ASP A 887 28.06 21.47 -4.91
C ASP A 887 27.79 21.08 -6.36
N LEU A 888 26.56 20.75 -6.73
CA LEU A 888 26.29 20.37 -8.13
C LEU A 888 26.10 21.58 -9.04
N ILE A 889 25.62 22.70 -8.50
CA ILE A 889 25.38 23.90 -9.31
C ILE A 889 26.73 24.53 -9.69
N GLY A 890 27.06 24.54 -10.98
CA GLY A 890 28.31 25.10 -11.43
C GLY A 890 29.42 24.13 -11.76
N LYS A 891 29.11 22.84 -11.85
CA LYS A 891 30.10 21.81 -12.14
C LYS A 891 30.19 21.32 -13.58
N ARG A 892 29.13 21.45 -14.39
CA ARG A 892 29.16 20.97 -15.77
C ARG A 892 30.45 21.24 -16.56
N VAL A 893 31.11 22.38 -16.35
CA VAL A 893 32.33 22.67 -17.10
C VAL A 893 33.42 21.67 -16.74
N ARG A 894 33.54 21.32 -15.47
CA ARG A 894 34.56 20.35 -15.09
C ARG A 894 33.99 18.95 -15.05
N TRP A 895 32.67 18.82 -14.88
CA TRP A 895 32.07 17.49 -14.86
C TRP A 895 32.12 16.87 -16.24
N ASP A 896 32.15 17.71 -17.29
CA ASP A 896 32.20 17.21 -18.66
C ASP A 896 33.64 17.07 -19.16
N ASP A 897 34.50 18.04 -18.85
CA ASP A 897 35.90 18.01 -19.27
C ASP A 897 36.44 16.58 -19.17
N ARG A 898 37.06 16.13 -20.25
CA ARG A 898 37.61 14.79 -20.32
C ARG A 898 39.04 14.67 -19.80
N TRP A 899 39.70 15.78 -19.46
CA TRP A 899 41.07 15.70 -18.98
C TRP A 899 41.25 16.10 -17.51
N ILE A 900 40.20 16.14 -16.72
CA ILE A 900 40.30 16.50 -15.31
C ILE A 900 40.04 15.22 -14.51
N SER A 901 41.13 14.55 -14.11
CA SER A 901 41.03 13.32 -13.35
C SER A 901 41.02 13.54 -11.84
N ASP A 902 40.56 14.71 -11.37
CA ASP A 902 40.52 14.99 -9.93
C ASP A 902 39.40 16.00 -9.68
N VAL A 903 38.19 15.51 -9.49
CA VAL A 903 37.02 16.34 -9.24
C VAL A 903 36.61 16.14 -7.79
N GLU A 904 36.78 17.17 -6.98
CA GLU A 904 36.44 17.11 -5.56
C GLU A 904 34.93 17.14 -5.37
N ASP A 905 34.42 16.28 -4.48
CA ASP A 905 33.01 16.22 -4.19
C ASP A 905 32.76 16.94 -2.87
N SER A 906 31.51 16.87 -2.38
CA SER A 906 31.15 17.52 -1.13
C SER A 906 31.93 17.00 0.08
N PHE A 907 32.53 15.82 0.00
CA PHE A 907 33.27 15.28 1.12
C PHE A 907 34.79 15.36 0.96
N GLY A 908 35.29 15.77 -0.20
CA GLY A 908 36.71 15.89 -0.43
C GLY A 908 37.35 14.77 -1.24
N GLN A 909 36.58 13.80 -1.71
CA GLN A 909 37.12 12.70 -2.49
C GLN A 909 37.42 13.15 -3.91
N GLN A 910 38.39 12.49 -4.54
CA GLN A 910 38.80 12.80 -5.91
C GLN A 910 38.25 11.73 -6.84
N TRP A 911 37.42 12.16 -7.80
CA TRP A 911 36.78 11.29 -8.77
C TRP A 911 37.33 11.45 -10.18
N THR A 912 37.72 10.34 -10.80
CA THR A 912 38.23 10.42 -12.17
C THR A 912 37.06 10.69 -13.11
N TYR A 913 37.37 10.90 -14.39
CA TYR A 913 36.33 11.18 -15.38
C TYR A 913 35.35 10.02 -15.59
N GLU A 914 35.87 8.82 -15.88
CA GLU A 914 34.98 7.68 -16.11
C GLU A 914 34.15 7.31 -14.89
N GLN A 915 34.67 7.51 -13.68
CA GLN A 915 33.90 7.17 -12.49
C GLN A 915 32.67 8.07 -12.34
N ARG A 916 32.84 9.38 -12.57
CA ARG A 916 31.71 10.26 -12.44
C ARG A 916 30.74 10.04 -13.60
N LYS A 917 31.26 9.62 -14.76
CA LYS A 917 30.35 9.36 -15.87
C LYS A 917 29.49 8.14 -15.58
N ILE A 918 30.06 7.14 -14.90
CA ILE A 918 29.29 5.94 -14.57
C ILE A 918 28.13 6.34 -13.67
N VAL A 919 28.39 7.26 -12.74
CA VAL A 919 27.31 7.68 -11.85
C VAL A 919 26.23 8.44 -12.64
N GLU A 920 26.64 9.29 -13.59
CA GLU A 920 25.65 10.03 -14.36
C GLU A 920 24.75 9.06 -15.15
N PHE A 921 25.35 8.00 -15.68
CA PHE A 921 24.55 7.04 -16.44
C PHE A 921 23.58 6.31 -15.52
N THR A 922 24.03 5.98 -14.30
CA THR A 922 23.11 5.31 -13.39
C THR A 922 21.96 6.26 -13.04
N CYS A 923 22.22 7.58 -13.14
CA CYS A 923 21.16 8.52 -12.84
C CYS A 923 20.19 8.57 -14.00
N HIS A 924 20.66 8.23 -15.19
CA HIS A 924 19.77 8.24 -16.34
C HIS A 924 18.84 7.03 -16.24
N THR A 925 19.41 5.90 -15.82
CA THR A 925 18.63 4.69 -15.66
C THR A 925 17.54 4.89 -14.61
N SER A 926 17.90 5.47 -13.47
CA SER A 926 16.88 5.68 -12.44
C SER A 926 15.86 6.73 -12.88
N PHE A 927 16.27 7.70 -13.71
CA PHE A 927 15.31 8.71 -14.16
C PHE A 927 14.27 8.04 -15.05
N PHE A 928 14.72 7.14 -15.92
CA PHE A 928 13.80 6.43 -16.82
C PHE A 928 12.85 5.55 -16.02
N ILE A 929 13.36 4.93 -14.95
CA ILE A 929 12.49 4.08 -14.15
C ILE A 929 11.49 4.95 -13.41
N SER A 930 11.89 6.16 -13.00
CA SER A 930 10.96 7.05 -12.32
C SER A 930 9.85 7.44 -13.28
N ILE A 931 10.21 7.62 -14.55
CA ILE A 931 9.22 7.98 -15.56
C ILE A 931 8.18 6.87 -15.64
N VAL A 932 8.63 5.62 -15.66
CA VAL A 932 7.67 4.50 -15.73
C VAL A 932 6.77 4.49 -14.50
N VAL A 933 7.35 4.73 -13.32
CA VAL A 933 6.56 4.73 -12.09
C VAL A 933 5.47 5.79 -12.14
N VAL A 934 5.78 6.99 -12.62
CA VAL A 934 4.74 8.01 -12.67
C VAL A 934 3.78 7.72 -13.83
N GLN A 935 4.24 6.98 -14.84
CA GLN A 935 3.35 6.68 -15.95
C GLN A 935 2.28 5.71 -15.49
N TRP A 936 2.53 4.97 -14.40
CA TRP A 936 1.49 4.06 -13.92
C TRP A 936 0.23 4.86 -13.57
N ALA A 937 0.41 5.85 -12.68
CA ALA A 937 -0.71 6.69 -12.28
C ALA A 937 -1.20 7.54 -13.44
N ASP A 938 -0.35 7.82 -14.42
CA ASP A 938 -0.86 8.63 -15.52
C ASP A 938 -1.78 7.80 -16.40
N LEU A 939 -1.44 6.53 -16.59
CA LEU A 939 -2.27 5.66 -17.41
C LEU A 939 -3.57 5.36 -16.69
N ILE A 940 -3.55 5.39 -15.36
CA ILE A 940 -4.78 5.11 -14.62
C ILE A 940 -5.66 6.35 -14.60
N ILE A 941 -5.06 7.55 -14.51
CA ILE A 941 -5.90 8.74 -14.51
C ILE A 941 -6.34 9.09 -15.92
N CYS A 942 -5.68 8.51 -16.94
CA CYS A 942 -6.04 8.75 -18.32
C CYS A 942 -7.05 7.74 -18.81
N LYS A 943 -7.22 6.64 -18.07
CA LYS A 943 -8.19 5.62 -18.44
C LYS A 943 -9.58 6.22 -18.58
N THR A 944 -9.99 7.05 -17.61
CA THR A 944 -11.30 7.70 -17.61
C THR A 944 -11.12 9.21 -17.64
N ARG A 945 -12.01 9.89 -18.37
CA ARG A 945 -11.93 11.35 -18.48
C ARG A 945 -12.79 12.07 -17.45
N ARG A 946 -13.94 11.51 -17.09
CA ARG A 946 -14.84 12.12 -16.11
C ARG A 946 -15.13 11.18 -14.95
N ASN A 947 -15.67 9.99 -15.23
CA ASN A 947 -16.01 8.98 -14.24
C ASN A 947 -14.86 8.60 -13.34
N SER A 948 -15.16 7.92 -12.23
CA SER A 948 -14.15 7.48 -11.28
C SER A 948 -13.69 6.06 -11.59
N ILE A 949 -12.54 5.70 -11.02
CA ILE A 949 -12.00 4.36 -11.25
C ILE A 949 -12.85 3.32 -10.53
N PHE A 950 -13.39 3.65 -9.36
CA PHE A 950 -14.21 2.70 -8.62
C PHE A 950 -15.58 2.51 -9.25
N GLN A 951 -15.88 3.21 -10.33
CA GLN A 951 -17.16 3.08 -11.02
C GLN A 951 -16.95 2.28 -12.30
N GLN A 952 -16.19 2.83 -13.26
CA GLN A 952 -15.90 2.16 -14.52
C GLN A 952 -15.39 0.76 -14.22
N GLY A 953 -14.20 0.68 -13.64
CA GLY A 953 -13.58 -0.58 -13.28
C GLY A 953 -12.40 -0.92 -14.16
N MET A 954 -11.50 -1.74 -13.61
CA MET A 954 -10.30 -2.18 -14.32
C MET A 954 -10.56 -3.50 -15.03
N LYS A 955 -11.53 -3.47 -15.94
CA LYS A 955 -11.91 -4.64 -16.71
C LYS A 955 -11.12 -4.76 -18.00
N ASN A 956 -10.30 -3.75 -18.32
CA ASN A 956 -9.48 -3.74 -19.52
C ASN A 956 -8.23 -4.56 -19.23
N LYS A 957 -8.19 -5.79 -19.74
CA LYS A 957 -7.05 -6.67 -19.52
C LYS A 957 -5.79 -6.17 -20.23
N ILE A 958 -5.96 -5.50 -21.37
CA ILE A 958 -4.80 -5.00 -22.11
C ILE A 958 -4.04 -3.95 -21.29
N LEU A 959 -4.76 -3.06 -20.61
CA LEU A 959 -4.09 -2.05 -19.80
C LEU A 959 -3.27 -2.69 -18.69
N ILE A 960 -3.81 -3.73 -18.05
CA ILE A 960 -3.09 -4.43 -16.98
C ILE A 960 -1.83 -5.05 -17.55
N PHE A 961 -1.96 -5.66 -18.73
CA PHE A 961 -0.81 -6.29 -19.37
C PHE A 961 0.21 -5.23 -19.73
N GLY A 962 -0.25 -4.03 -20.08
CA GLY A 962 0.65 -2.95 -20.43
C GLY A 962 1.49 -2.55 -19.24
N LEU A 963 0.85 -2.41 -18.07
CA LEU A 963 1.60 -2.03 -16.87
C LEU A 963 2.66 -3.09 -16.53
N PHE A 964 2.24 -4.36 -16.53
CA PHE A 964 3.18 -5.43 -16.20
C PHE A 964 4.36 -5.46 -17.17
N GLU A 965 4.09 -5.36 -18.47
CA GLU A 965 5.18 -5.37 -19.45
C GLU A 965 6.05 -4.13 -19.32
N GLU A 966 5.44 -2.98 -19.06
CA GLU A 966 6.18 -1.74 -18.91
C GLU A 966 7.18 -1.84 -17.78
N THR A 967 6.84 -2.57 -16.71
CA THR A 967 7.79 -2.71 -15.62
C THR A 967 8.86 -3.75 -15.92
N ALA A 968 8.45 -4.87 -16.52
CA ALA A 968 9.41 -5.93 -16.86
C ALA A 968 10.48 -5.43 -17.83
N LEU A 969 10.09 -4.57 -18.78
CA LEU A 969 11.07 -4.07 -19.73
C LEU A 969 12.12 -3.19 -19.06
N ALA A 970 11.71 -2.33 -18.13
CA ALA A 970 12.67 -1.47 -17.44
C ALA A 970 13.63 -2.32 -16.61
N ALA A 971 13.11 -3.33 -15.92
CA ALA A 971 13.99 -4.17 -15.12
C ALA A 971 14.96 -4.93 -16.00
N PHE A 972 14.47 -5.39 -17.16
CA PHE A 972 15.34 -6.12 -18.08
C PHE A 972 16.44 -5.24 -18.64
N LEU A 973 16.09 -4.02 -19.04
CA LEU A 973 17.11 -3.12 -19.59
C LEU A 973 18.14 -2.74 -18.55
N SER A 974 17.79 -2.78 -17.26
CA SER A 974 18.82 -2.41 -16.30
C SER A 974 19.66 -3.56 -15.79
N TYR A 975 19.05 -4.69 -15.43
CA TYR A 975 19.75 -5.86 -14.89
C TYR A 975 20.42 -6.81 -15.89
N CYS A 976 20.15 -6.73 -17.19
CA CYS A 976 20.80 -7.68 -18.10
C CYS A 976 22.29 -7.36 -18.30
N PRO A 977 23.18 -8.35 -18.18
CA PRO A 977 24.61 -8.09 -18.38
C PRO A 977 24.92 -7.56 -19.77
N GLY A 978 25.94 -6.72 -19.84
CA GLY A 978 26.35 -6.14 -21.10
C GLY A 978 25.52 -4.97 -21.56
N THR A 979 24.71 -4.39 -20.68
CA THR A 979 23.88 -3.26 -21.07
C THR A 979 24.63 -1.95 -20.85
N ASP A 980 25.48 -1.91 -19.83
CA ASP A 980 26.27 -0.73 -19.53
C ASP A 980 27.33 -0.51 -20.60
N VAL A 981 27.48 -1.48 -21.49
CA VAL A 981 28.43 -1.44 -22.59
C VAL A 981 27.71 -1.09 -23.89
N ALA A 982 26.58 -1.76 -24.14
CA ALA A 982 25.78 -1.53 -25.33
C ALA A 982 24.91 -0.28 -25.25
N LEU A 983 24.01 -0.21 -24.27
CA LEU A 983 23.12 0.93 -24.10
C LEU A 983 23.52 1.91 -23.01
N ARG A 984 24.51 1.60 -22.17
CA ARG A 984 24.95 2.47 -21.10
C ARG A 984 23.92 2.66 -19.99
N MET A 985 23.46 1.56 -19.41
CA MET A 985 22.47 1.55 -18.34
C MET A 985 23.01 0.62 -17.27
N TYR A 986 23.33 1.16 -16.10
CA TYR A 986 23.88 0.40 -15.00
C TYR A 986 22.80 -0.07 -14.03
N PRO A 987 23.09 -1.14 -13.28
CA PRO A 987 22.11 -1.66 -12.31
C PRO A 987 21.84 -0.67 -11.18
N LEU A 988 20.62 -0.76 -10.64
CA LEU A 988 20.19 0.09 -9.56
C LEU A 988 20.10 -0.69 -8.25
N LYS A 989 20.28 0.03 -7.17
CA LYS A 989 20.24 -0.52 -5.82
C LYS A 989 18.78 -0.50 -5.36
N PRO A 990 18.26 -1.63 -4.87
CA PRO A 990 16.84 -1.72 -4.42
C PRO A 990 16.24 -0.58 -3.61
N SER A 991 17.02 0.35 -3.08
CA SER A 991 16.41 1.42 -2.31
C SER A 991 16.02 2.61 -3.19
N TRP A 992 16.60 2.73 -4.39
CA TRP A 992 16.30 3.83 -5.29
C TRP A 992 14.92 3.69 -5.94
N TRP A 993 14.58 2.49 -6.41
CA TRP A 993 13.29 2.24 -7.06
C TRP A 993 12.06 2.81 -6.35
N PHE A 994 12.19 3.19 -5.07
CA PHE A 994 11.07 3.73 -4.32
C PHE A 994 11.08 5.26 -4.19
N CYS A 995 11.87 5.97 -5.00
CA CYS A 995 11.91 7.42 -4.89
C CYS A 995 10.78 8.12 -5.65
N ALA A 996 10.12 7.43 -6.60
CA ALA A 996 9.05 8.03 -7.38
C ALA A 996 7.64 7.63 -6.91
N PHE A 997 7.52 6.67 -6.00
CA PHE A 997 6.22 6.23 -5.52
C PHE A 997 5.33 7.34 -4.94
N PRO A 998 5.81 8.21 -4.04
CA PRO A 998 4.91 9.26 -3.51
C PRO A 998 4.36 10.18 -4.58
N TYR A 999 5.18 10.54 -5.57
CA TYR A 999 4.71 11.42 -6.63
C TYR A 999 3.58 10.75 -7.41
N SER A 1000 3.70 9.44 -7.64
CA SER A 1000 2.67 8.72 -8.38
C SER A 1000 1.36 8.72 -7.60
N LEU A 1001 1.42 8.40 -6.30
CA LEU A 1001 0.18 8.39 -5.53
C LEU A 1001 -0.43 9.78 -5.50
N ILE A 1002 0.40 10.82 -5.41
CA ILE A 1002 -0.12 12.18 -5.39
C ILE A 1002 -0.83 12.48 -6.71
N ILE A 1003 -0.26 12.02 -7.82
CA ILE A 1003 -0.88 12.25 -9.12
C ILE A 1003 -2.28 11.63 -9.13
N PHE A 1004 -2.36 10.39 -8.64
CA PHE A 1004 -3.64 9.70 -8.60
C PHE A 1004 -4.65 10.47 -7.76
N LEU A 1005 -4.23 10.95 -6.58
CA LEU A 1005 -5.14 11.69 -5.71
C LEU A 1005 -5.59 13.01 -6.33
N TYR A 1006 -4.68 13.73 -6.96
CA TYR A 1006 -5.04 15.01 -7.58
C TYR A 1006 -6.05 14.79 -8.69
N ASP A 1007 -5.77 13.87 -9.61
CA ASP A 1007 -6.72 13.64 -10.69
C ASP A 1007 -8.04 13.07 -10.17
N GLU A 1008 -8.00 12.31 -9.06
CA GLU A 1008 -9.24 11.76 -8.54
C GLU A 1008 -10.12 12.87 -8.02
N MET A 1009 -9.55 13.82 -7.26
CA MET A 1009 -10.40 14.90 -6.77
C MET A 1009 -10.80 15.81 -7.92
N ARG A 1010 -9.99 15.84 -8.99
CA ARG A 1010 -10.32 16.66 -10.14
C ARG A 1010 -11.58 16.14 -10.81
N ARG A 1011 -11.61 14.84 -11.09
CA ARG A 1011 -12.74 14.16 -11.74
C ARG A 1011 -13.94 14.03 -10.80
N PHE A 1012 -13.96 14.77 -9.70
CA PHE A 1012 -15.03 14.74 -8.72
C PHE A 1012 -15.85 16.03 -8.71
N ILE A 1013 -15.17 17.17 -8.77
CA ILE A 1013 -15.88 18.44 -8.78
C ILE A 1013 -16.60 18.59 -10.12
N ILE A 1014 -16.06 17.97 -11.17
CA ILE A 1014 -16.68 18.04 -12.49
C ILE A 1014 -18.04 17.36 -12.44
N ARG A 1015 -18.11 16.24 -11.73
CA ARG A 1015 -19.36 15.50 -11.60
C ARG A 1015 -20.35 16.25 -10.73
N ARG A 1016 -19.94 16.60 -9.51
CA ARG A 1016 -20.85 17.31 -8.62
C ARG A 1016 -21.19 18.72 -9.13
N SER A 1017 -20.23 19.42 -9.73
CA SER A 1017 -20.46 20.76 -10.26
C SER A 1017 -20.40 20.80 -11.78
N PRO A 1018 -21.52 20.56 -12.47
CA PRO A 1018 -21.51 20.57 -13.94
C PRO A 1018 -21.51 22.01 -14.47
N GLY A 1019 -20.52 22.31 -15.31
CA GLY A 1019 -20.40 23.64 -15.90
C GLY A 1019 -19.51 24.57 -15.13
N GLY A 1020 -18.93 24.14 -14.01
CA GLY A 1020 -18.07 24.97 -13.20
C GLY A 1020 -16.69 25.16 -13.77
N TRP A 1021 -15.88 25.90 -13.00
CA TRP A 1021 -14.50 26.22 -13.36
C TRP A 1021 -13.68 24.99 -13.76
N VAL A 1022 -13.72 23.94 -12.93
CA VAL A 1022 -12.94 22.75 -13.24
C VAL A 1022 -13.35 22.14 -14.58
N GLU A 1023 -14.60 22.36 -15.01
CA GLU A 1023 -15.03 21.79 -16.28
C GLU A 1023 -14.56 22.63 -17.46
N GLN A 1024 -14.80 23.94 -17.44
CA GLN A 1024 -14.35 24.74 -18.58
C GLN A 1024 -12.86 25.03 -18.53
N GLU A 1025 -12.13 24.47 -17.56
CA GLU A 1025 -10.70 24.68 -17.46
C GLU A 1025 -9.88 23.40 -17.60
N THR A 1026 -10.35 22.27 -17.08
CA THR A 1026 -9.61 21.01 -17.18
C THR A 1026 -10.33 19.86 -17.90
N TYR A 1027 -11.56 20.05 -18.39
CA TYR A 1027 -12.31 18.98 -19.07
C TYR A 1027 -11.99 18.90 -20.56
N TYR A 1028 -10.87 18.23 -20.87
CA TYR A 1028 -10.35 18.00 -22.24
C TYR A 1028 -11.21 18.48 -23.40
N GLY B 12 -10.60 37.36 -37.12
CA GLY B 12 -9.73 36.37 -36.50
C GLY B 12 -8.49 36.97 -35.86
N TRP B 13 -7.48 37.23 -36.69
CA TRP B 13 -6.22 37.81 -36.24
C TRP B 13 -6.40 38.97 -35.26
N LYS B 14 -7.20 39.96 -35.64
CA LYS B 14 -7.45 41.13 -34.80
C LYS B 14 -8.43 40.86 -33.66
N LYS B 15 -9.57 40.23 -33.96
CA LYS B 15 -10.58 39.95 -32.93
C LYS B 15 -10.05 39.10 -31.78
N PHE B 16 -9.50 37.91 -32.07
CA PHE B 16 -9.00 37.07 -30.98
C PHE B 16 -7.91 37.74 -30.15
N LEU B 17 -7.56 38.98 -30.48
CA LEU B 17 -6.56 39.74 -29.76
C LEU B 17 -7.18 40.81 -28.89
N TRP B 18 -8.21 41.48 -29.41
CA TRP B 18 -8.89 42.53 -28.66
C TRP B 18 -10.20 42.95 -29.32
N ASP B 19 -11.32 42.66 -28.66
CA ASP B 19 -12.65 43.02 -29.15
C ASP B 19 -13.15 44.09 -28.20
N SER B 20 -14.02 44.98 -28.67
CA SER B 20 -14.49 46.03 -27.78
C SER B 20 -15.95 45.90 -27.34
N GLU B 21 -16.60 44.78 -27.61
CA GLU B 21 -17.99 44.67 -27.18
C GLU B 21 -18.04 43.91 -25.86
N LYS B 22 -17.36 42.78 -25.79
CA LYS B 22 -17.28 41.95 -24.59
C LYS B 22 -16.11 42.34 -23.71
N LYS B 23 -15.30 43.32 -24.14
CA LYS B 23 -14.13 43.79 -23.39
C LYS B 23 -13.21 42.63 -23.03
N GLU B 24 -12.89 41.83 -24.04
CA GLU B 24 -12.03 40.65 -23.91
C GLU B 24 -10.65 40.85 -24.52
N PHE B 25 -9.65 40.27 -23.85
CA PHE B 25 -8.25 40.33 -24.30
C PHE B 25 -7.77 38.89 -24.40
N LEU B 26 -7.34 38.51 -25.61
CA LEU B 26 -6.84 37.16 -25.91
C LEU B 26 -7.91 36.08 -25.80
N GLY B 27 -9.09 36.43 -25.29
CA GLY B 27 -10.16 35.45 -25.16
C GLY B 27 -11.03 35.60 -23.93
N ARG B 28 -10.42 35.97 -22.80
CA ARG B 28 -11.16 36.15 -21.56
C ARG B 28 -11.24 37.62 -21.18
N THR B 29 -11.92 37.88 -20.08
CA THR B 29 -12.10 39.23 -19.56
C THR B 29 -11.00 39.49 -18.52
N GLY B 30 -11.08 40.61 -17.80
CA GLY B 30 -10.07 40.91 -16.80
C GLY B 30 -10.01 39.93 -15.64
N SER B 31 -11.17 39.57 -15.08
CA SER B 31 -11.25 38.65 -13.94
C SER B 31 -10.83 37.20 -14.24
N SER B 32 -10.91 36.74 -15.48
CA SER B 32 -10.53 35.36 -15.77
C SER B 32 -9.03 35.14 -15.65
N TRP B 33 -8.23 35.95 -16.35
CA TRP B 33 -6.78 35.80 -16.26
C TRP B 33 -6.33 35.76 -14.80
N PHE B 34 -7.05 36.47 -13.93
CA PHE B 34 -6.71 36.48 -12.53
C PHE B 34 -7.03 35.15 -11.88
N LYS B 35 -8.18 34.57 -12.23
CA LYS B 35 -8.50 33.27 -11.63
C LYS B 35 -7.48 32.22 -12.02
N ILE B 36 -7.08 32.19 -13.30
CA ILE B 36 -6.10 31.19 -13.75
C ILE B 36 -4.72 31.45 -13.15
N PHE B 37 -4.28 32.71 -13.13
CA PHE B 37 -2.96 33.01 -12.56
C PHE B 37 -2.90 32.63 -11.08
N LEU B 38 -3.96 32.95 -10.33
CA LEU B 38 -3.98 32.62 -8.91
C LEU B 38 -3.96 31.11 -8.71
N PHE B 39 -4.72 30.37 -9.52
CA PHE B 39 -4.73 28.93 -9.38
C PHE B 39 -3.34 28.36 -9.62
N TYR B 40 -2.70 28.77 -10.72
CA TYR B 40 -1.37 28.23 -11.00
C TYR B 40 -0.36 28.64 -9.93
N LEU B 41 -0.50 29.84 -9.36
CA LEU B 41 0.44 30.25 -8.32
C LEU B 41 0.32 29.35 -7.10
N ILE B 42 -0.92 29.07 -6.68
CA ILE B 42 -1.11 28.22 -5.51
C ILE B 42 -0.64 26.80 -5.80
N PHE B 43 -0.98 26.27 -6.98
CA PHE B 43 -0.58 24.92 -7.37
C PHE B 43 0.93 24.77 -7.38
N TYR B 44 1.63 25.64 -8.10
CA TYR B 44 3.08 25.56 -8.16
C TYR B 44 3.70 25.79 -6.79
N GLY B 45 3.07 26.62 -5.94
CA GLY B 45 3.62 26.84 -4.63
C GLY B 45 3.59 25.56 -3.82
N CYS B 46 2.47 24.84 -3.90
CA CYS B 46 2.36 23.58 -3.17
C CYS B 46 3.37 22.58 -3.71
N LEU B 47 3.55 22.58 -5.03
CA LEU B 47 4.51 21.68 -5.66
C LEU B 47 5.91 21.92 -5.13
N ALA B 48 6.31 23.20 -5.05
CA ALA B 48 7.63 23.56 -4.56
C ALA B 48 7.80 23.17 -3.10
N GLY B 49 6.79 23.43 -2.27
CA GLY B 49 6.90 23.09 -0.86
C GLY B 49 7.03 21.59 -0.64
N ILE B 50 6.31 20.80 -1.45
CA ILE B 50 6.40 19.35 -1.30
C ILE B 50 7.78 18.85 -1.72
N PHE B 51 8.29 19.36 -2.84
CA PHE B 51 9.61 18.93 -3.29
C PHE B 51 10.68 19.30 -2.25
N ILE B 52 10.54 20.48 -1.64
CA ILE B 52 11.51 20.91 -0.64
C ILE B 52 11.43 20.01 0.59
N GLY B 53 10.23 19.62 1.02
CA GLY B 53 10.13 18.75 2.18
C GLY B 53 10.76 17.40 1.90
N THR B 54 10.51 16.86 0.71
CA THR B 54 11.08 15.56 0.37
C THR B 54 12.60 15.66 0.20
N ILE B 55 13.14 16.85 0.03
CA ILE B 55 14.59 16.96 -0.10
C ILE B 55 15.20 17.17 1.29
N GLN B 56 14.43 17.74 2.21
CA GLN B 56 14.94 17.95 3.57
C GLN B 56 15.05 16.62 4.28
N VAL B 57 14.06 15.73 4.10
CA VAL B 57 14.19 14.44 4.77
C VAL B 57 15.44 13.73 4.26
N LEU B 58 15.81 14.02 3.02
CA LEU B 58 17.00 13.43 2.43
C LEU B 58 18.22 13.96 3.15
N LEU B 59 18.31 15.29 3.28
CA LEU B 59 19.45 15.87 3.98
C LEU B 59 19.57 15.28 5.37
N LEU B 60 18.43 14.92 5.98
CA LEU B 60 18.48 14.33 7.32
C LEU B 60 18.92 12.88 7.28
N THR B 61 18.91 12.23 6.11
CA THR B 61 19.31 10.84 5.98
C THR B 61 20.81 10.63 5.77
N LEU B 62 21.60 11.67 5.52
CA LEU B 62 23.04 11.51 5.29
C LEU B 62 23.91 12.10 6.40
N SER B 63 25.12 11.56 6.51
CA SER B 63 26.12 11.96 7.50
C SER B 63 27.12 12.93 6.89
N ASP B 64 27.59 13.86 7.72
CA ASP B 64 28.55 14.89 7.31
C ASP B 64 30.02 14.46 7.34
N PHE B 65 30.36 13.33 7.96
CA PHE B 65 31.75 12.90 8.02
C PHE B 65 32.08 11.69 7.16
N GLU B 66 31.13 11.16 6.39
CA GLU B 66 31.48 9.99 5.59
C GLU B 66 30.48 9.68 4.49
N PRO B 67 30.94 9.34 3.29
CA PRO B 67 30.01 9.02 2.20
C PRO B 67 29.47 7.61 2.43
N LYS B 68 28.15 7.48 2.37
CA LYS B 68 27.50 6.18 2.58
C LYS B 68 28.02 5.11 1.62
N TYR B 69 28.13 5.44 0.33
CA TYR B 69 28.60 4.50 -0.68
C TYR B 69 29.99 4.90 -1.17
N GLN B 70 30.95 3.99 -1.04
CA GLN B 70 32.33 4.21 -1.47
C GLN B 70 32.80 3.10 -2.41
N ASP B 71 31.92 2.57 -3.25
CA ASP B 71 32.32 1.51 -4.16
C ASP B 71 32.69 2.01 -5.55
N ARG B 72 32.23 3.19 -5.94
CA ARG B 72 32.57 3.70 -7.27
C ARG B 72 33.96 4.34 -7.28
N VAL B 73 34.62 4.40 -6.13
CA VAL B 73 35.95 4.99 -6.00
C VAL B 73 36.87 4.04 -5.24
N ALA B 74 36.67 2.72 -5.36
CA ALA B 74 37.54 1.81 -4.64
C ALA B 74 38.96 1.80 -5.20
N PRO B 75 39.20 1.48 -6.48
CA PRO B 75 40.59 1.51 -6.97
C PRO B 75 40.99 2.94 -7.27
N PRO B 76 41.94 3.50 -6.51
CA PRO B 76 42.36 4.89 -6.74
C PRO B 76 43.03 5.14 -8.08
N GLY B 77 42.87 6.38 -8.55
CA GLY B 77 43.44 6.83 -9.80
C GLY B 77 44.88 7.29 -9.63
N LEU B 78 45.45 7.75 -10.74
CA LEU B 78 46.82 8.25 -10.77
C LEU B 78 46.86 9.46 -11.70
N SER B 79 46.79 10.67 -11.14
CA SER B 79 46.82 11.85 -11.97
C SER B 79 48.20 12.51 -11.91
N HIS B 80 48.37 13.57 -12.69
CA HIS B 80 49.64 14.28 -12.74
C HIS B 80 49.39 15.78 -12.67
N ALA B 81 50.49 16.53 -12.58
CA ALA B 81 50.47 18.00 -12.51
C ALA B 81 50.22 18.71 -13.84
N PRO B 82 50.85 18.33 -14.95
CA PRO B 82 50.58 19.06 -16.20
C PRO B 82 49.19 18.74 -16.71
N TYR B 83 48.60 19.71 -17.39
CA TYR B 83 47.26 19.58 -17.95
C TYR B 83 47.43 19.37 -19.44
N ALA B 84 47.33 18.13 -19.88
CA ALA B 84 47.46 17.77 -21.28
C ALA B 84 46.07 17.61 -21.87
N ILE B 85 45.87 18.16 -23.07
CA ILE B 85 44.55 18.06 -23.69
C ILE B 85 44.27 16.62 -24.12
N LYS B 86 45.23 15.96 -24.77
CA LYS B 86 45.03 14.59 -25.20
C LYS B 86 46.11 13.69 -24.61
N THR B 87 46.55 14.00 -23.38
CA THR B 87 47.58 13.25 -22.67
C THR B 87 48.88 13.30 -23.46
N GLU B 88 49.15 14.47 -24.04
CA GLU B 88 50.34 14.72 -24.83
C GLU B 88 51.04 16.00 -24.37
N ILE B 89 52.36 15.94 -24.28
CA ILE B 89 53.19 17.06 -23.86
C ILE B 89 54.10 17.36 -25.04
N SER B 90 53.76 18.39 -25.81
CA SER B 90 54.53 18.80 -26.98
C SER B 90 54.90 20.27 -26.85
N PHE B 91 56.19 20.57 -26.88
CA PHE B 91 56.64 21.95 -26.76
C PHE B 91 58.04 22.12 -27.36
N SER B 92 58.28 23.31 -27.90
CA SER B 92 59.54 23.68 -28.52
C SER B 92 60.50 24.25 -27.48
N ILE B 93 61.78 23.84 -27.55
CA ILE B 93 62.77 24.35 -26.60
C ILE B 93 63.21 25.76 -26.93
N SER B 94 62.78 26.31 -28.06
CA SER B 94 63.16 27.68 -28.43
C SER B 94 62.06 28.68 -28.08
N ASN B 95 60.86 28.51 -28.67
CA ASN B 95 59.72 29.37 -28.43
C ASN B 95 59.26 29.27 -26.99
N PRO B 96 59.38 30.34 -26.19
CA PRO B 96 58.93 30.26 -24.79
C PRO B 96 57.43 30.15 -24.62
N LYS B 97 56.65 30.74 -25.54
CA LYS B 97 55.20 30.70 -25.45
C LYS B 97 54.61 29.34 -25.85
N SER B 98 55.40 28.28 -25.70
CA SER B 98 54.96 26.93 -26.05
C SER B 98 54.69 26.05 -24.84
N TYR B 99 55.49 26.19 -23.78
CA TYR B 99 55.30 25.38 -22.58
C TYR B 99 54.71 26.20 -21.42
N GLU B 100 54.11 27.35 -21.73
CA GLU B 100 53.52 28.18 -20.68
C GLU B 100 52.31 27.49 -20.03
N SER B 101 51.47 26.84 -20.85
CA SER B 101 50.30 26.15 -20.31
C SER B 101 50.69 25.06 -19.32
N PHE B 102 51.89 24.49 -19.48
CA PHE B 102 52.34 23.43 -18.58
C PHE B 102 52.81 24.02 -17.26
N VAL B 103 53.78 24.94 -17.33
CA VAL B 103 54.33 25.58 -16.14
C VAL B 103 53.23 26.23 -15.31
N LYS B 104 52.26 26.86 -15.97
CA LYS B 104 51.17 27.51 -15.23
C LYS B 104 50.45 26.48 -14.35
N SER B 105 50.13 25.31 -14.91
CA SER B 105 49.45 24.27 -14.15
C SER B 105 50.36 23.79 -13.03
N MET B 106 51.52 23.24 -13.40
CA MET B 106 52.51 22.75 -12.45
C MET B 106 52.58 23.68 -11.25
N HIS B 107 52.75 24.98 -11.53
CA HIS B 107 52.83 26.00 -10.50
C HIS B 107 51.57 26.02 -9.66
N LYS B 108 50.40 25.94 -10.31
CA LYS B 108 49.14 25.94 -9.56
C LYS B 108 49.11 24.79 -8.55
N LEU B 109 49.64 23.64 -8.94
CA LEU B 109 49.66 22.49 -8.03
C LEU B 109 50.65 22.67 -6.89
N MET B 110 51.90 23.02 -7.21
CA MET B 110 52.92 23.20 -6.17
C MET B 110 52.67 24.42 -5.28
N ASP B 111 51.93 25.42 -5.77
CA ASP B 111 51.64 26.63 -5.00
C ASP B 111 50.85 26.35 -3.73
N LEU B 112 50.38 25.12 -3.53
CA LEU B 112 49.62 24.75 -2.34
C LEU B 112 50.49 24.13 -1.26
N TYR B 113 51.74 23.81 -1.58
CA TYR B 113 52.68 23.21 -0.64
C TYR B 113 53.67 24.23 -0.09
N ASN B 114 53.39 25.53 -0.28
CA ASN B 114 54.26 26.60 0.19
C ASN B 114 54.44 26.47 1.70
N GLU B 115 55.66 26.68 2.18
CA GLU B 115 55.92 26.57 3.61
C GLU B 115 55.11 27.59 4.41
N SER B 116 54.92 28.80 3.86
CA SER B 116 54.14 29.81 4.58
C SER B 116 52.77 29.28 4.98
N SER B 117 52.18 28.42 4.13
CA SER B 117 50.87 27.86 4.45
C SER B 117 50.98 26.88 5.61
N GLN B 118 52.04 26.07 5.62
CA GLN B 118 52.29 25.06 6.65
C GLN B 118 53.11 25.70 7.77
N ALA B 119 52.43 26.19 8.80
CA ALA B 119 53.17 26.81 9.90
C ALA B 119 52.42 26.65 11.22
N GLY B 120 53.21 26.59 12.30
CA GLY B 120 52.67 26.45 13.65
C GLY B 120 52.45 25.00 14.01
N ASN B 121 51.87 24.81 15.20
CA ASN B 121 51.57 23.47 15.67
C ASN B 121 50.24 23.02 15.12
N SER B 122 49.32 23.96 14.97
CA SER B 122 48.01 23.71 14.45
C SER B 122 47.94 24.29 13.04
N PRO B 123 47.44 23.52 12.06
CA PRO B 123 47.02 22.17 12.42
C PRO B 123 48.06 21.15 11.96
N PHE B 124 49.23 21.63 11.53
CA PHE B 124 50.32 20.79 11.02
C PHE B 124 51.22 20.20 12.11
N GLU B 125 51.71 18.99 11.83
CA GLU B 125 52.59 18.24 12.71
C GLU B 125 53.78 17.66 11.95
N ASP B 126 54.97 17.81 12.53
CA ASP B 126 56.19 17.29 11.91
C ASP B 126 56.20 15.77 11.96
N CYS B 127 56.39 15.13 10.81
CA CYS B 127 56.41 13.67 10.74
C CYS B 127 57.79 13.19 10.26
N SER B 128 58.01 11.89 10.45
CA SER B 128 59.25 11.20 10.08
C SER B 128 59.78 11.62 8.72
N ASP B 129 61.04 12.06 8.69
CA ASP B 129 61.67 12.48 7.44
C ASP B 129 61.90 11.31 6.49
N THR B 130 61.77 10.08 6.97
CA THR B 130 61.93 8.83 6.29
C THR B 130 60.59 8.11 6.28
N PRO B 131 60.23 7.39 5.20
CA PRO B 131 58.94 6.70 5.16
C PRO B 131 58.62 5.95 6.46
N ALA B 132 57.35 5.97 6.88
CA ALA B 132 56.95 5.30 8.10
C ALA B 132 55.62 4.59 7.85
N ASP B 133 55.00 4.13 8.94
CA ASP B 133 53.74 3.43 8.87
C ASP B 133 52.54 4.36 9.00
N TYR B 134 51.35 3.76 8.99
CA TYR B 134 50.10 4.48 9.09
C TYR B 134 50.03 5.22 10.42
N ILE B 135 49.07 6.13 10.51
CA ILE B 135 48.84 6.92 11.71
C ILE B 135 47.35 7.11 11.80
N LYS B 136 46.76 6.66 12.90
CA LYS B 136 45.32 6.76 13.13
C LYS B 136 45.05 7.83 14.18
N ARG B 137 44.36 8.89 13.76
CA ARG B 137 44.02 9.99 14.65
C ARG B 137 42.63 9.81 15.24
N GLY B 138 42.28 8.56 15.51
CA GLY B 138 41.00 8.21 16.07
C GLY B 138 40.01 7.80 15.01
N ASP B 139 38.74 7.87 15.37
CA ASP B 139 37.65 7.51 14.47
C ASP B 139 37.26 8.71 13.62
N LEU B 140 36.15 8.59 12.91
CA LEU B 140 35.63 9.67 12.07
C LEU B 140 34.52 10.39 12.82
N ASP B 141 34.92 11.07 13.89
CA ASP B 141 33.99 11.80 14.74
C ASP B 141 34.46 13.23 14.95
N ASP B 142 33.61 13.97 15.66
CA ASP B 142 33.82 15.35 16.02
C ASP B 142 34.22 15.50 17.47
N SER B 143 34.36 14.38 18.20
CA SER B 143 34.74 14.38 19.60
C SER B 143 36.03 15.18 19.69
N GLN B 144 37.10 14.66 19.12
CA GLN B 144 38.35 15.42 19.15
C GLN B 144 38.19 16.47 18.07
N GLY B 145 38.79 17.64 18.27
CA GLY B 145 38.65 18.66 17.27
C GLY B 145 39.30 18.28 15.94
N GLN B 146 39.48 19.28 15.08
CA GLN B 146 40.09 19.06 13.78
C GLN B 146 41.36 18.25 13.90
N LYS B 147 41.40 17.10 13.22
CA LYS B 147 42.58 16.24 13.27
C LYS B 147 43.80 16.97 12.73
N LYS B 148 44.97 16.32 12.77
CA LYS B 148 46.22 16.91 12.30
C LYS B 148 46.81 16.11 11.15
N ALA B 149 47.30 16.80 10.13
CA ALA B 149 47.89 16.19 8.95
C ALA B 149 49.39 16.45 8.91
N CYS B 150 50.14 15.50 8.33
CA CYS B 150 51.59 15.62 8.22
C CYS B 150 51.98 16.68 7.19
N ARG B 151 53.11 17.33 7.46
CA ARG B 151 53.64 18.37 6.59
C ARG B 151 54.40 17.75 5.42
N PHE B 152 54.27 18.35 4.24
CA PHE B 152 54.95 17.88 3.04
C PHE B 152 55.67 19.09 2.46
N SER B 153 57.00 19.08 2.54
CA SER B 153 57.80 20.18 2.04
C SER B 153 58.03 20.13 0.54
N ARG B 154 58.17 21.33 -0.04
CA ARG B 154 58.42 21.48 -1.48
C ARG B 154 59.76 20.88 -1.83
N MET B 155 60.82 21.42 -1.22
CA MET B 155 62.21 21.03 -1.39
C MET B 155 62.43 19.53 -1.51
N TRP B 156 61.54 18.72 -0.92
CA TRP B 156 61.71 17.28 -1.02
C TRP B 156 61.88 16.91 -2.49
N LEU B 157 61.08 17.52 -3.36
CA LEU B 157 61.19 17.28 -4.79
C LEU B 157 62.44 18.08 -5.13
N LYS B 158 63.51 17.41 -5.53
CA LYS B 158 64.75 18.15 -5.80
C LYS B 158 64.89 19.00 -7.05
N ASN B 159 64.90 18.44 -8.26
CA ASN B 159 65.05 19.33 -9.40
C ASN B 159 63.74 19.87 -9.96
N CYS B 160 62.57 19.44 -9.48
CA CYS B 160 61.29 19.96 -9.97
C CYS B 160 60.54 20.54 -8.76
N SER B 161 60.79 21.81 -8.48
CA SER B 161 60.13 22.48 -7.37
C SER B 161 59.78 23.92 -7.66
N GLY B 162 60.21 24.47 -8.79
CA GLY B 162 59.93 25.84 -9.16
C GLY B 162 60.56 26.85 -8.23
N LEU B 163 61.42 26.39 -7.33
CA LEU B 163 62.11 27.26 -6.38
C LEU B 163 63.46 27.69 -6.93
N ASP B 164 64.06 26.82 -7.76
CA ASP B 164 65.35 27.06 -8.39
C ASP B 164 65.18 27.44 -9.85
N ASP B 165 64.58 26.56 -10.63
CA ASP B 165 64.31 26.74 -12.06
C ASP B 165 62.80 26.75 -12.22
N THR B 166 62.19 27.91 -11.95
CA THR B 166 60.75 28.15 -12.04
C THR B 166 60.07 27.35 -13.14
N THR B 167 60.66 27.33 -14.33
CA THR B 167 60.11 26.58 -15.46
C THR B 167 59.91 25.09 -15.17
N TYR B 168 60.73 24.53 -14.27
CA TYR B 168 60.78 23.12 -13.83
C TYR B 168 61.45 22.16 -14.79
N GLY B 169 62.16 22.63 -15.81
CA GLY B 169 62.79 21.67 -16.70
C GLY B 169 62.57 21.90 -18.18
N TYR B 170 61.33 22.26 -18.52
CA TYR B 170 60.86 22.52 -19.88
C TYR B 170 61.74 23.50 -20.65
N ALA B 171 62.64 24.20 -19.95
CA ALA B 171 63.52 25.16 -20.59
C ALA B 171 64.65 24.53 -21.40
N GLU B 172 65.17 23.36 -21.02
CA GLU B 172 66.25 22.80 -21.81
C GLU B 172 66.04 21.33 -22.18
N GLY B 173 64.81 20.94 -22.47
CA GLY B 173 64.59 19.55 -22.85
C GLY B 173 64.69 18.52 -21.74
N LYS B 174 64.17 18.84 -20.55
CA LYS B 174 64.20 17.92 -19.41
C LYS B 174 62.98 18.20 -18.56
N PRO B 175 61.80 17.89 -19.07
CA PRO B 175 60.57 18.15 -18.32
C PRO B 175 60.37 17.20 -17.14
N CYS B 176 59.55 17.66 -16.20
CA CYS B 176 59.21 16.92 -15.00
C CYS B 176 57.72 16.61 -15.03
N VAL B 177 57.30 15.65 -14.21
CA VAL B 177 55.91 15.24 -14.13
C VAL B 177 55.62 14.85 -12.69
N VAL B 178 54.83 15.68 -12.01
CA VAL B 178 54.46 15.43 -10.62
C VAL B 178 53.23 14.54 -10.57
N ALA B 179 53.41 13.29 -10.15
CA ALA B 179 52.34 12.32 -10.04
C ALA B 179 51.69 12.45 -8.66
N LYS B 180 50.41 12.08 -8.61
CA LYS B 180 49.63 12.14 -7.38
C LYS B 180 48.55 11.05 -7.34
N LEU B 181 48.37 10.51 -6.14
CA LEU B 181 47.38 9.46 -5.86
C LEU B 181 46.08 10.10 -5.41
N ASN B 182 44.97 9.67 -6.02
CA ASN B 182 43.65 10.21 -5.70
C ASN B 182 43.25 9.97 -4.24
N ARG B 183 42.92 11.07 -3.56
CA ARG B 183 42.51 11.09 -2.16
C ARG B 183 41.20 10.34 -1.92
N ILE B 184 41.24 9.32 -1.05
CA ILE B 184 40.07 8.52 -0.72
C ILE B 184 39.95 8.47 0.80
N ILE B 185 38.72 8.65 1.31
CA ILE B 185 38.48 8.63 2.75
C ILE B 185 38.63 7.23 3.30
N GLY B 186 39.37 7.10 4.40
CA GLY B 186 39.59 5.81 5.04
C GLY B 186 40.29 4.78 4.21
N PHE B 187 41.06 5.19 3.21
CA PHE B 187 41.77 4.26 2.34
C PHE B 187 43.21 4.06 2.81
N TYR B 188 43.56 2.81 3.10
CA TYR B 188 44.90 2.49 3.56
C TYR B 188 45.68 1.90 2.39
N PRO B 189 46.77 2.51 1.94
CA PRO B 189 47.51 1.92 0.82
C PRO B 189 48.30 0.73 1.34
N LYS B 190 48.26 -0.36 0.57
CA LYS B 190 48.98 -1.57 0.95
C LYS B 190 49.92 -2.01 -0.16
N PRO B 191 51.21 -2.15 0.12
CA PRO B 191 52.17 -2.56 -0.90
C PRO B 191 52.35 -4.08 -0.97
N LEU B 192 52.89 -4.52 -2.09
CA LEU B 192 53.16 -5.92 -2.33
C LEU B 192 54.24 -6.42 -1.39
N LYS B 193 54.12 -7.68 -0.96
CA LYS B 193 55.12 -8.22 -0.04
C LYS B 193 56.32 -8.80 -0.80
N ASN B 194 57.41 -9.04 -0.04
CA ASN B 194 58.69 -9.56 -0.48
C ASN B 194 58.73 -11.00 -1.02
N THR B 195 57.60 -11.70 -1.10
CA THR B 195 57.58 -13.07 -1.60
C THR B 195 58.17 -13.18 -3.01
N THR B 196 58.53 -14.41 -3.40
CA THR B 196 59.12 -14.71 -4.71
C THR B 196 58.33 -14.17 -5.89
N ASP B 197 57.05 -13.84 -5.71
CA ASP B 197 56.26 -13.29 -6.80
C ASP B 197 56.13 -11.81 -6.50
N LEU B 198 56.69 -11.02 -7.39
CA LEU B 198 56.76 -9.57 -7.37
C LEU B 198 57.34 -9.20 -8.72
N PRO B 199 56.99 -8.05 -9.29
CA PRO B 199 57.56 -7.70 -10.58
C PRO B 199 59.08 -7.61 -10.49
N GLU B 200 59.71 -7.50 -11.65
CA GLU B 200 61.17 -7.40 -11.70
C GLU B 200 61.63 -6.14 -10.97
N GLU B 201 61.23 -5.00 -11.51
CA GLU B 201 61.52 -3.65 -11.01
C GLU B 201 61.51 -3.44 -9.48
N LEU B 202 60.39 -3.81 -8.85
CA LEU B 202 60.15 -3.66 -7.41
C LEU B 202 61.12 -4.35 -6.45
N GLN B 203 61.86 -5.39 -6.86
CA GLN B 203 62.76 -6.07 -5.92
C GLN B 203 63.69 -5.12 -5.15
N ALA B 204 64.50 -4.33 -5.82
CA ALA B 204 65.41 -3.42 -5.12
C ALA B 204 64.68 -2.31 -4.37
N ASN B 205 65.21 -1.96 -3.18
CA ASN B 205 64.68 -0.91 -2.31
C ASN B 205 63.24 -1.19 -1.85
N TYR B 206 63.03 -2.35 -1.23
CA TYR B 206 61.69 -2.72 -0.77
C TYR B 206 61.33 -2.09 0.59
N ASN B 207 61.15 -0.77 0.61
CA ASN B 207 60.77 -0.17 1.88
C ASN B 207 59.29 -0.51 2.00
N GLN B 208 58.92 -1.38 2.95
CA GLN B 208 57.51 -1.74 3.10
C GLN B 208 56.60 -0.52 3.13
N TYR B 209 56.98 0.47 3.90
CA TYR B 209 56.23 1.72 4.06
C TYR B 209 56.16 2.58 2.81
N VAL B 210 56.59 2.19 1.62
CA VAL B 210 56.51 3.04 0.44
C VAL B 210 55.70 2.35 -0.66
N LEU B 211 54.77 3.10 -1.26
CA LEU B 211 53.95 2.56 -2.33
C LEU B 211 54.74 2.90 -3.59
N PRO B 212 55.24 1.92 -4.32
CA PRO B 212 56.04 2.20 -5.53
C PRO B 212 55.29 2.64 -6.77
N LEU B 213 55.94 3.55 -7.50
CA LEU B 213 55.47 4.13 -8.75
C LEU B 213 56.62 3.92 -9.72
N ARG B 214 56.34 3.32 -10.87
CA ARG B 214 57.40 3.07 -11.85
C ARG B 214 56.85 3.25 -13.25
N CYS B 215 57.53 4.09 -14.03
CA CYS B 215 57.15 4.39 -15.40
C CYS B 215 57.97 3.56 -16.39
N ALA B 216 57.41 3.36 -17.57
CA ALA B 216 58.07 2.59 -18.62
C ALA B 216 57.50 3.03 -19.97
N ALA B 217 57.81 2.27 -21.01
CA ALA B 217 57.35 2.55 -22.36
C ALA B 217 56.24 1.60 -22.76
N LYS B 218 55.22 2.15 -23.42
CA LYS B 218 54.08 1.35 -23.86
C LYS B 218 54.49 0.24 -24.83
N ARG B 219 55.29 0.59 -25.83
CA ARG B 219 55.74 -0.39 -26.81
C ARG B 219 57.17 -0.84 -26.53
N GLU B 220 57.51 -2.03 -27.04
CA GLU B 220 58.84 -2.58 -26.83
C GLU B 220 59.90 -1.77 -27.55
N GLU B 221 59.55 -1.18 -28.70
CA GLU B 221 60.51 -0.38 -29.46
C GLU B 221 60.95 0.86 -28.70
N ASP B 222 59.98 1.68 -28.28
CA ASP B 222 60.22 2.92 -27.55
C ASP B 222 61.17 2.81 -26.36
N ARG B 223 61.41 1.62 -25.82
CA ARG B 223 62.33 1.47 -24.69
C ARG B 223 63.62 2.25 -24.93
N GLU B 224 64.33 1.87 -25.99
CA GLU B 224 65.59 2.48 -26.39
C GLU B 224 65.54 4.01 -26.52
N LYS B 225 64.45 4.54 -27.08
CA LYS B 225 64.34 5.99 -27.27
C LYS B 225 64.03 6.77 -26.00
N ILE B 226 63.74 6.11 -24.89
CA ILE B 226 63.45 6.79 -23.62
C ILE B 226 64.72 6.68 -22.81
N GLY B 227 65.19 7.80 -22.26
CA GLY B 227 66.41 7.74 -21.50
C GLY B 227 66.45 7.35 -20.04
N SER B 228 66.73 8.29 -19.14
CA SER B 228 66.80 7.95 -17.72
C SER B 228 65.70 8.61 -16.89
N ILE B 229 64.76 7.77 -16.48
CA ILE B 229 63.63 8.15 -15.63
C ILE B 229 64.17 8.37 -14.22
N GLU B 230 64.28 9.61 -13.78
CA GLU B 230 64.80 9.94 -12.45
C GLU B 230 63.65 10.38 -11.56
N TYR B 231 63.28 9.54 -10.59
CA TYR B 231 62.21 9.86 -9.66
C TYR B 231 62.69 10.54 -8.40
N PHE B 232 61.88 11.47 -7.89
CA PHE B 232 62.14 12.25 -6.69
C PHE B 232 60.96 12.05 -5.74
N GLY B 233 61.24 11.88 -4.47
CA GLY B 233 60.17 11.69 -3.51
C GLY B 233 60.64 11.77 -2.08
N LEU B 234 59.74 11.39 -1.17
CA LEU B 234 60.02 11.41 0.26
C LEU B 234 61.05 10.33 0.59
N GLY B 235 62.20 10.75 1.10
CA GLY B 235 63.23 9.81 1.44
C GLY B 235 64.10 9.39 0.28
N GLY B 236 63.82 9.90 -0.92
CA GLY B 236 64.57 9.58 -2.10
C GLY B 236 64.01 8.39 -2.87
N TYR B 237 62.97 7.76 -2.35
CA TYR B 237 62.34 6.61 -2.97
C TYR B 237 61.33 7.04 -4.02
N ALA B 238 61.00 6.11 -4.91
CA ALA B 238 60.04 6.36 -5.97
C ALA B 238 58.66 5.84 -5.56
N GLY B 239 58.10 6.51 -4.55
CA GLY B 239 56.79 6.09 -4.09
C GLY B 239 56.18 7.09 -3.14
N PHE B 240 55.11 6.66 -2.50
CA PHE B 240 54.36 7.45 -1.54
C PHE B 240 54.47 6.89 -0.14
N PRO B 241 54.86 7.70 0.84
CA PRO B 241 54.99 7.20 2.22
C PRO B 241 53.62 6.90 2.81
N LEU B 242 53.51 5.73 3.44
CA LEU B 242 52.26 5.31 4.06
C LEU B 242 51.82 6.20 5.22
N GLN B 243 52.73 7.01 5.77
CA GLN B 243 52.37 7.88 6.90
C GLN B 243 51.37 8.98 6.55
N TYR B 244 51.21 9.34 5.28
CA TYR B 244 50.26 10.39 4.92
C TYR B 244 48.84 9.87 4.75
N TYR B 245 48.54 8.71 5.32
CA TYR B 245 47.23 8.10 5.23
C TYR B 245 46.84 7.56 6.59
N PRO B 246 45.53 7.38 6.84
CA PRO B 246 44.48 7.68 5.85
C PRO B 246 44.03 9.14 5.85
N TYR B 247 43.16 9.44 4.89
CA TYR B 247 42.61 10.78 4.72
C TYR B 247 41.27 10.77 5.44
N TYR B 248 41.07 11.72 6.35
CA TYR B 248 39.84 11.81 7.12
C TYR B 248 38.77 12.68 6.47
N GLY B 249 38.96 13.12 5.24
CA GLY B 249 37.91 13.95 4.67
C GLY B 249 38.10 15.42 4.97
N LYS B 250 37.56 16.24 4.08
CA LYS B 250 37.65 17.69 4.22
C LYS B 250 37.15 18.22 5.56
N ARG B 251 35.92 17.82 5.94
CA ARG B 251 35.34 18.28 7.20
C ARG B 251 36.21 17.96 8.42
N LEU B 252 36.80 16.76 8.47
CA LEU B 252 37.62 16.41 9.62
C LEU B 252 39.11 16.69 9.45
N GLN B 253 39.57 17.15 8.29
CA GLN B 253 40.99 17.41 8.12
C GLN B 253 41.30 18.54 7.14
N LYS B 254 40.61 19.68 7.25
CA LYS B 254 40.94 20.74 6.31
C LYS B 254 42.43 21.02 6.44
N LYS B 255 43.02 21.61 5.40
CA LYS B 255 44.46 21.92 5.40
C LYS B 255 45.26 20.62 5.43
N TYR B 256 44.90 19.68 4.56
CA TYR B 256 45.55 18.38 4.46
C TYR B 256 46.28 18.30 3.13
N LEU B 257 47.52 17.82 3.16
CA LEU B 257 48.34 17.70 1.97
C LEU B 257 48.66 16.23 1.69
N GLN B 258 48.45 15.81 0.46
CA GLN B 258 48.68 14.47 -0.06
C GLN B 258 50.09 14.38 -0.62
N PRO B 259 50.79 13.25 -0.44
CA PRO B 259 52.15 13.14 -0.97
C PRO B 259 52.17 13.34 -2.48
N LEU B 260 53.36 13.61 -3.01
CA LEU B 260 53.57 13.82 -4.42
C LEU B 260 54.87 13.17 -4.84
N LEU B 261 54.99 12.83 -6.12
CA LEU B 261 56.21 12.19 -6.60
C LEU B 261 56.63 12.85 -7.91
N ALA B 262 57.85 13.37 -7.98
CA ALA B 262 58.31 14.01 -9.20
C ALA B 262 59.02 13.02 -10.09
N ILE B 263 58.87 13.18 -11.41
CA ILE B 263 59.52 12.28 -12.37
C ILE B 263 60.17 13.10 -13.46
N GLN B 264 61.50 13.00 -13.58
CA GLN B 264 62.24 13.73 -14.60
C GLN B 264 62.59 12.75 -15.71
N PHE B 265 62.22 13.07 -16.93
CA PHE B 265 62.49 12.22 -18.09
C PHE B 265 63.76 12.66 -18.79
N THR B 266 64.88 12.56 -18.06
CA THR B 266 66.15 12.97 -18.66
C THR B 266 66.47 12.13 -19.88
N ASN B 267 67.38 12.67 -20.71
CA ASN B 267 67.83 12.02 -21.95
C ASN B 267 66.67 11.57 -22.83
N LEU B 268 65.87 12.52 -23.28
CA LEU B 268 64.72 12.25 -24.13
C LEU B 268 65.06 12.53 -25.59
N THR B 269 64.82 11.52 -26.44
CA THR B 269 65.10 11.67 -27.86
C THR B 269 64.32 12.87 -28.39
N GLN B 270 64.98 13.64 -29.25
CA GLN B 270 64.40 14.83 -29.83
C GLN B 270 63.64 14.54 -31.13
N ASN B 271 62.58 15.33 -31.34
CA ASN B 271 61.70 15.27 -32.50
C ASN B 271 61.07 13.89 -32.77
N MET B 272 60.37 13.37 -31.76
CA MET B 272 59.72 12.06 -31.90
C MET B 272 58.77 11.79 -30.73
N GLU B 273 57.53 11.40 -31.05
CA GLU B 273 56.49 11.10 -30.07
C GLU B 273 56.78 9.84 -29.23
N LEU B 274 56.94 10.02 -27.93
CA LEU B 274 57.21 8.91 -27.00
C LEU B 274 56.02 8.69 -26.06
N ARG B 275 55.55 7.43 -26.03
CA ARG B 275 54.42 7.00 -25.20
C ARG B 275 54.98 6.40 -23.90
N ILE B 276 54.78 7.10 -22.78
CA ILE B 276 55.26 6.67 -21.48
C ILE B 276 54.09 6.34 -20.56
N GLU B 277 54.05 5.11 -20.06
CA GLU B 277 53.01 4.65 -19.16
C GLU B 277 53.58 4.49 -17.75
N CYS B 278 53.00 5.19 -16.79
CA CYS B 278 53.44 5.12 -15.40
C CYS B 278 52.46 4.24 -14.65
N LYS B 279 52.95 3.42 -13.72
CA LYS B 279 52.07 2.53 -12.98
C LYS B 279 52.49 2.32 -11.53
N VAL B 280 51.50 2.29 -10.64
CA VAL B 280 51.67 2.08 -9.21
C VAL B 280 51.38 0.60 -8.96
N TYR B 281 51.99 0.04 -7.93
CA TYR B 281 51.80 -1.37 -7.60
C TYR B 281 51.32 -1.52 -6.17
N GLY B 282 50.39 -2.44 -5.95
CA GLY B 282 49.85 -2.69 -4.62
C GLY B 282 48.64 -3.58 -4.58
N GLU B 283 48.34 -4.12 -3.40
CA GLU B 283 47.20 -5.00 -3.16
C GLU B 283 45.86 -4.37 -3.48
N ASN B 284 45.47 -3.34 -2.73
CA ASN B 284 44.20 -2.66 -2.94
C ASN B 284 44.21 -1.77 -4.17
N ILE B 285 45.08 -2.07 -5.13
CA ILE B 285 45.21 -1.30 -6.36
C ILE B 285 44.93 -2.26 -7.51
N ASP B 286 44.00 -1.88 -8.39
CA ASP B 286 43.62 -2.69 -9.54
C ASP B 286 43.38 -1.75 -10.71
N TYR B 287 43.81 -2.18 -11.89
CA TYR B 287 43.66 -1.39 -13.10
C TYR B 287 42.38 -1.76 -13.86
N SER B 288 42.03 -0.92 -14.84
CA SER B 288 40.84 -1.14 -15.65
C SER B 288 41.14 -0.88 -17.12
N GLU B 289 40.70 -1.79 -17.99
CA GLU B 289 40.92 -1.64 -19.42
C GLU B 289 40.08 -0.53 -20.03
N LYS B 290 39.07 -0.04 -19.30
CA LYS B 290 38.19 1.03 -19.77
C LYS B 290 38.64 2.40 -19.27
N ASP B 291 39.02 2.48 -18.00
CA ASP B 291 39.48 3.73 -17.40
C ASP B 291 41.00 3.67 -17.44
N ARG B 292 41.60 4.53 -18.26
CA ARG B 292 43.05 4.58 -18.41
C ARG B 292 43.74 5.45 -17.37
N PHE B 293 43.05 5.76 -16.27
CA PHE B 293 43.60 6.58 -15.20
C PHE B 293 43.49 5.88 -13.86
N ARG B 294 42.99 4.65 -13.84
CA ARG B 294 42.81 3.86 -12.63
C ARG B 294 44.13 3.15 -12.30
N GLY B 295 44.88 3.71 -11.35
CA GLY B 295 46.14 3.14 -10.93
C GLY B 295 47.34 3.52 -11.79
N ARG B 296 47.13 3.65 -13.09
CA ARG B 296 48.20 4.02 -14.02
C ARG B 296 47.80 5.26 -14.80
N PHE B 297 48.71 5.71 -15.67
CA PHE B 297 48.42 6.88 -16.48
C PHE B 297 49.37 6.86 -17.69
N GLU B 298 48.94 7.51 -18.76
CA GLU B 298 49.71 7.59 -19.99
C GLU B 298 50.02 9.03 -20.36
N VAL B 299 51.21 9.24 -20.91
CA VAL B 299 51.67 10.56 -21.32
C VAL B 299 52.38 10.43 -22.66
N LYS B 300 52.16 11.40 -23.54
CA LYS B 300 52.77 11.42 -24.87
C LYS B 300 53.70 12.62 -24.90
N ILE B 301 54.98 12.40 -24.58
CA ILE B 301 55.94 13.51 -24.58
C ILE B 301 56.63 13.60 -25.93
N GLU B 302 56.85 14.83 -26.37
CA GLU B 302 57.51 15.12 -27.64
C GLU B 302 58.19 16.47 -27.49
N VAL B 303 59.48 16.47 -27.23
CA VAL B 303 60.25 17.71 -27.05
C VAL B 303 60.84 18.01 -28.43
N LYS B 304 60.05 18.68 -29.26
CA LYS B 304 60.45 19.06 -30.61
C LYS B 304 61.21 20.37 -30.59
N SER B 305 62.47 20.34 -31.02
CA SER B 305 63.29 21.56 -31.05
C SER B 305 64.18 21.58 -32.28
N GLU C 24 37.83 -4.37 12.83
CA GLU C 24 38.04 -3.64 11.58
C GLU C 24 39.45 -3.06 11.53
N GLY C 25 39.57 -1.87 10.94
CA GLY C 25 40.85 -1.21 10.83
C GLY C 25 41.52 -1.33 9.48
N PRO C 26 42.77 -1.80 9.47
CA PRO C 26 43.51 -1.95 8.20
C PRO C 26 42.86 -2.85 7.17
N ASP C 27 42.29 -3.99 7.58
CA ASP C 27 41.65 -4.93 6.67
C ASP C 27 40.18 -4.61 6.39
N ASN C 28 39.79 -3.34 6.41
CA ASN C 28 38.40 -2.95 6.15
C ASN C 28 38.12 -2.92 4.64
N ASP C 29 38.39 -4.06 3.99
CA ASP C 29 38.17 -4.16 2.54
C ASP C 29 36.70 -4.27 2.18
N GLU C 30 35.88 -4.84 3.05
CA GLU C 30 34.45 -4.99 2.77
C GLU C 30 33.76 -3.65 2.57
N ARG C 31 34.26 -2.59 3.21
CA ARG C 31 33.68 -1.25 3.10
C ARG C 31 33.72 -0.70 1.67
N PHE C 32 34.32 -1.44 0.74
CA PHE C 32 34.41 -1.00 -0.65
C PHE C 32 33.93 -2.06 -1.64
N THR C 33 33.13 -3.02 -1.18
CA THR C 33 32.62 -4.08 -2.04
C THR C 33 31.10 -4.14 -1.99
N TYR C 34 30.51 -4.49 -3.13
CA TYR C 34 29.07 -4.62 -3.27
C TYR C 34 28.80 -5.82 -4.16
N ASP C 35 27.85 -6.66 -3.75
CA ASP C 35 27.51 -7.87 -4.50
C ASP C 35 26.49 -7.57 -5.61
N TYR C 36 26.98 -6.93 -6.67
CA TYR C 36 26.10 -6.59 -7.79
C TYR C 36 25.60 -7.85 -8.49
N TYR C 37 26.38 -8.94 -8.45
CA TYR C 37 25.98 -10.18 -9.09
C TYR C 37 24.65 -10.68 -8.54
N ARG C 38 24.59 -10.88 -7.22
CA ARG C 38 23.36 -11.37 -6.60
C ARG C 38 22.19 -10.43 -6.88
N LEU C 39 22.49 -9.12 -6.92
CA LEU C 39 21.43 -8.15 -7.19
C LEU C 39 20.87 -8.33 -8.58
N ARG C 40 21.74 -8.54 -9.57
CA ARG C 40 21.28 -8.74 -10.93
C ARG C 40 20.46 -10.02 -11.04
N VAL C 41 20.93 -11.08 -10.37
CA VAL C 41 20.21 -12.36 -10.41
C VAL C 41 18.78 -12.18 -9.90
N VAL C 42 18.64 -11.58 -8.72
CA VAL C 42 17.31 -11.36 -8.15
C VAL C 42 16.46 -10.47 -9.05
N GLY C 43 17.03 -9.35 -9.51
CA GLY C 43 16.25 -8.47 -10.37
C GLY C 43 15.77 -9.15 -11.63
N LEU C 44 16.53 -10.14 -12.12
CA LEU C 44 16.09 -10.84 -13.32
C LEU C 44 14.99 -11.82 -12.98
N ILE C 45 15.13 -12.53 -11.85
CA ILE C 45 14.09 -13.47 -11.45
C ILE C 45 12.76 -12.74 -11.33
N VAL C 46 12.79 -11.58 -10.67
CA VAL C 46 11.58 -10.78 -10.48
C VAL C 46 11.02 -10.32 -11.83
N ALA C 47 11.89 -9.80 -12.71
CA ALA C 47 11.40 -9.34 -14.02
C ALA C 47 10.69 -10.48 -14.75
N ALA C 48 11.31 -11.67 -14.74
CA ALA C 48 10.72 -12.84 -15.39
C ALA C 48 9.35 -13.15 -14.83
N VAL C 49 9.25 -13.18 -13.49
CA VAL C 49 7.96 -13.46 -12.84
C VAL C 49 6.91 -12.46 -13.28
N LEU C 50 7.23 -11.17 -13.23
CA LEU C 50 6.26 -10.15 -13.65
C LEU C 50 5.81 -10.38 -15.08
N CYS C 51 6.75 -10.75 -15.96
CA CYS C 51 6.41 -10.99 -17.36
C CYS C 51 5.44 -12.15 -17.47
N VAL C 52 5.69 -13.22 -16.71
CA VAL C 52 4.81 -14.39 -16.74
C VAL C 52 3.41 -13.98 -16.30
N ILE C 53 3.30 -13.42 -15.09
CA ILE C 53 2.01 -12.98 -14.56
C ILE C 53 1.26 -12.18 -15.62
N GLY C 54 1.98 -11.26 -16.29
CA GLY C 54 1.35 -10.46 -17.34
C GLY C 54 0.72 -11.34 -18.39
N ILE C 55 1.50 -12.28 -18.92
CA ILE C 55 0.98 -13.19 -19.95
C ILE C 55 -0.25 -13.93 -19.44
N ILE C 56 -0.19 -14.43 -18.20
CA ILE C 56 -1.31 -15.15 -17.60
C ILE C 56 -2.57 -14.31 -17.66
N ILE C 57 -2.49 -13.07 -17.16
CA ILE C 57 -3.64 -12.18 -17.16
C ILE C 57 -4.15 -11.94 -18.59
N LEU C 58 -3.22 -11.73 -19.52
CA LEU C 58 -3.61 -11.48 -20.92
C LEU C 58 -4.39 -12.64 -21.53
N LEU C 59 -3.90 -13.87 -21.37
CA LEU C 59 -4.59 -15.02 -21.95
C LEU C 59 -5.68 -15.61 -21.07
N ALA C 60 -5.85 -15.14 -19.84
CA ALA C 60 -6.89 -15.66 -18.95
C ALA C 60 -8.27 -15.20 -19.43
N GLY C 61 -8.97 -16.09 -20.13
CA GLY C 61 -10.29 -15.79 -20.66
C GLY C 61 -10.48 -16.45 -22.00
N LYS C 62 -9.38 -16.60 -22.74
CA LYS C 62 -9.39 -17.24 -24.05
C LYS C 62 -9.15 -18.73 -23.94
N CYS C 63 -9.55 -19.32 -22.83
CA CYS C 63 -9.41 -20.74 -22.53
C CYS C 63 -10.21 -21.05 -21.26
N ASP D 36 11.53 -6.76 72.54
CA ASP D 36 12.59 -6.90 71.53
C ASP D 36 13.30 -5.55 71.37
N LEU D 37 14.08 -5.17 72.38
CA LEU D 37 14.80 -3.91 72.32
C LEU D 37 15.83 -3.98 71.20
N ASP D 38 15.64 -3.14 70.17
CA ASP D 38 16.57 -3.15 69.04
C ASP D 38 17.89 -2.49 69.37
N GLU D 39 17.89 -1.40 70.14
CA GLU D 39 19.17 -0.77 70.45
C GLU D 39 20.07 -1.70 71.24
N LEU D 40 19.51 -2.55 72.11
CA LEU D 40 20.38 -3.44 72.87
C LEU D 40 20.80 -4.62 72.02
N LYS D 41 20.23 -4.73 70.84
CA LYS D 41 20.55 -5.77 69.89
C LYS D 41 21.42 -5.19 68.78
N LYS D 42 21.43 -3.85 68.67
CA LYS D 42 22.25 -3.20 67.65
C LYS D 42 23.67 -3.06 68.14
N GLU D 43 23.85 -3.04 69.46
CA GLU D 43 25.14 -2.92 70.11
C GLU D 43 26.01 -4.13 69.79
N VAL D 44 27.32 -3.94 69.90
CA VAL D 44 28.24 -5.04 69.62
C VAL D 44 28.28 -5.97 70.82
N SER D 45 28.42 -7.26 70.54
CA SER D 45 28.46 -8.30 71.55
C SER D 45 29.48 -8.03 72.65
N MET D 46 29.09 -8.37 73.88
CA MET D 46 29.87 -8.24 75.10
C MET D 46 29.97 -9.64 75.67
N ASP D 47 30.81 -9.85 76.68
CA ASP D 47 30.92 -11.21 77.22
C ASP D 47 31.65 -11.19 78.56
N ASP D 48 31.80 -12.40 79.11
CA ASP D 48 32.46 -12.67 80.38
C ASP D 48 33.68 -13.57 80.18
N HIS D 49 34.24 -13.55 78.97
CA HIS D 49 35.40 -14.37 78.63
C HIS D 49 36.57 -14.13 79.57
N LYS D 50 36.95 -12.86 79.77
CA LYS D 50 38.08 -12.51 80.63
C LYS D 50 37.75 -12.84 82.09
N LEU D 51 37.83 -14.12 82.42
CA LEU D 51 37.55 -14.62 83.75
C LEU D 51 38.48 -15.81 83.98
N SER D 52 38.12 -16.66 84.94
CA SER D 52 38.89 -17.85 85.27
C SER D 52 37.96 -19.04 85.26
N LEU D 53 38.51 -20.23 85.49
CA LEU D 53 37.65 -21.40 85.50
C LEU D 53 36.87 -21.44 86.80
N ASP D 54 37.47 -20.90 87.86
CA ASP D 54 36.81 -20.86 89.15
C ASP D 54 35.71 -19.81 89.14
N GLU D 55 35.99 -18.64 88.57
CA GLU D 55 34.99 -17.58 88.52
C GLU D 55 33.82 -18.02 87.65
N LEU D 56 34.10 -18.74 86.56
CA LEU D 56 33.05 -19.20 85.67
C LEU D 56 32.17 -20.22 86.39
N HIS D 57 32.80 -21.22 87.01
CA HIS D 57 32.05 -22.24 87.72
C HIS D 57 31.30 -21.63 88.90
N ASN D 58 31.82 -20.53 89.46
CA ASN D 58 31.18 -19.87 90.58
C ASN D 58 30.05 -18.97 90.14
N LYS D 59 30.03 -18.57 88.86
CA LYS D 59 28.95 -17.70 88.40
C LYS D 59 27.78 -18.52 87.88
N TYR D 60 28.03 -19.57 87.09
CA TYR D 60 26.88 -20.34 86.63
C TYR D 60 26.58 -21.54 87.51
N GLY D 61 27.58 -22.04 88.24
CA GLY D 61 27.39 -23.19 89.11
C GLY D 61 27.70 -24.47 88.37
N THR D 62 28.87 -25.06 88.53
CA THR D 62 29.14 -26.29 87.80
C THR D 62 30.47 -26.92 88.21
N ASP D 63 30.45 -28.25 88.32
CA ASP D 63 31.63 -29.04 88.68
C ASP D 63 32.49 -29.20 87.44
N LEU D 64 33.76 -28.80 87.53
CA LEU D 64 34.63 -28.93 86.36
C LEU D 64 34.94 -30.39 86.04
N THR D 65 34.89 -31.28 87.02
CA THR D 65 35.18 -32.69 86.79
C THR D 65 33.97 -33.61 86.91
N ARG D 66 32.83 -33.12 87.39
CA ARG D 66 31.64 -33.95 87.53
C ARG D 66 30.43 -33.37 86.82
N GLY D 67 30.47 -32.11 86.40
CA GLY D 67 29.35 -31.52 85.72
C GLY D 67 28.18 -31.30 86.68
N LEU D 68 27.01 -31.15 86.09
CA LEU D 68 25.78 -30.92 86.84
C LEU D 68 25.11 -32.25 87.17
N THR D 69 24.07 -32.16 87.99
CA THR D 69 23.29 -33.31 88.41
C THR D 69 22.06 -33.34 87.51
N ASN D 70 21.50 -34.54 87.33
CA ASN D 70 20.31 -34.65 86.47
C ASN D 70 19.14 -33.83 87.01
N ALA D 71 18.91 -33.87 88.33
CA ALA D 71 17.81 -33.10 88.89
C ALA D 71 18.03 -31.61 88.67
N ARG D 72 19.26 -31.14 88.88
CA ARG D 72 19.57 -29.73 88.69
C ARG D 72 19.47 -29.36 87.21
N ALA D 73 19.90 -30.28 86.35
CA ALA D 73 19.85 -30.04 84.91
C ALA D 73 18.41 -29.85 84.47
N LYS D 74 17.50 -30.72 84.94
CA LYS D 74 16.10 -30.58 84.56
C LYS D 74 15.50 -29.33 85.18
N GLU D 75 15.98 -28.95 86.38
CA GLU D 75 15.45 -27.75 87.03
C GLU D 75 15.77 -26.52 86.19
N ILE D 76 16.93 -26.52 85.54
CA ILE D 76 17.30 -25.38 84.73
C ILE D 76 16.62 -25.48 83.36
N LEU D 77 16.52 -26.71 82.83
CA LEU D 77 15.88 -26.91 81.54
C LEU D 77 14.47 -26.35 81.56
N ALA D 78 13.76 -26.58 82.67
CA ALA D 78 12.40 -26.08 82.82
C ALA D 78 12.40 -24.62 83.27
N ARG D 79 13.51 -24.17 83.87
CA ARG D 79 13.60 -22.80 84.35
C ARG D 79 13.77 -21.78 83.22
N ASP D 80 14.52 -22.09 82.15
CA ASP D 80 14.66 -21.07 81.11
C ASP D 80 14.36 -21.44 79.66
N GLY D 81 14.21 -22.72 79.30
CA GLY D 81 13.91 -23.01 77.91
C GLY D 81 14.95 -23.81 77.16
N PRO D 82 14.50 -24.61 76.20
CA PRO D 82 15.41 -25.44 75.40
C PRO D 82 16.39 -24.61 74.56
N ASN D 83 17.53 -25.24 74.28
CA ASN D 83 18.62 -24.65 73.49
C ASN D 83 18.30 -24.72 71.99
N SER D 84 17.18 -24.13 71.60
CA SER D 84 16.76 -24.12 70.20
C SER D 84 16.22 -22.75 69.82
N LEU D 85 16.65 -22.25 68.65
CA LEU D 85 16.21 -20.95 68.18
C LEU D 85 14.70 -20.94 67.95
N THR D 86 14.10 -19.78 68.20
CA THR D 86 12.67 -19.62 68.02
C THR D 86 12.29 -19.76 66.54
N PRO D 87 11.07 -20.22 66.26
CA PRO D 87 10.64 -20.36 64.87
C PRO D 87 10.23 -19.01 64.31
N PRO D 88 10.27 -18.85 62.98
CA PRO D 88 9.87 -17.57 62.39
C PRO D 88 8.39 -17.28 62.57
N PRO D 89 7.97 -16.02 62.37
CA PRO D 89 6.56 -15.67 62.52
C PRO D 89 5.78 -16.15 61.31
N THR D 90 5.06 -17.27 61.45
CA THR D 90 4.25 -17.89 60.39
C THR D 90 3.36 -16.93 59.60
N THR D 91 2.67 -17.44 58.57
CA THR D 91 1.81 -16.59 57.75
C THR D 91 0.68 -17.31 57.01
N PRO D 92 -0.57 -17.20 57.48
CA PRO D 92 -1.68 -17.86 56.79
C PRO D 92 -1.76 -17.43 55.32
N GLU D 93 -2.30 -18.31 54.48
CA GLU D 93 -2.41 -18.01 53.06
C GLU D 93 -3.47 -16.96 52.73
N TRP D 94 -4.54 -16.83 53.53
CA TRP D 94 -5.53 -15.82 53.18
C TRP D 94 -4.97 -14.43 53.45
N ILE D 95 -4.02 -14.31 54.36
CA ILE D 95 -3.43 -13.02 54.67
C ILE D 95 -2.65 -12.51 53.46
N LYS D 96 -1.80 -13.36 52.89
CA LYS D 96 -1.04 -12.89 51.73
C LYS D 96 -1.93 -12.78 50.51
N PHE D 97 -3.08 -13.49 50.49
CA PHE D 97 -3.94 -13.34 49.32
C PHE D 97 -4.60 -11.97 49.40
N CYS D 98 -4.91 -11.54 50.64
CA CYS D 98 -5.53 -10.24 50.84
C CYS D 98 -4.49 -9.16 50.54
N ARG D 99 -3.21 -9.48 50.80
CA ARG D 99 -2.16 -8.52 50.53
C ARG D 99 -2.07 -8.28 49.03
N GLN D 100 -2.13 -9.36 48.25
CA GLN D 100 -2.08 -9.21 46.80
C GLN D 100 -3.32 -8.51 46.26
N LEU D 101 -4.47 -8.67 46.93
CA LEU D 101 -5.68 -8.01 46.45
C LEU D 101 -5.63 -6.50 46.63
N PHE D 102 -4.70 -5.99 47.43
CA PHE D 102 -4.52 -4.56 47.72
C PHE D 102 -3.20 -4.09 47.09
N GLY D 103 -2.76 -2.90 47.51
CA GLY D 103 -1.54 -2.31 47.01
C GLY D 103 -1.71 -0.87 46.58
N GLY D 104 -1.12 -0.48 45.45
CA GLY D 104 -1.26 0.89 45.00
C GLY D 104 -2.13 0.98 43.75
N PHE D 105 -1.82 0.13 42.79
CA PHE D 105 -2.57 0.10 41.53
C PHE D 105 -3.95 -0.50 41.76
N SER D 106 -4.00 -1.65 42.44
CA SER D 106 -5.25 -2.31 42.71
C SER D 106 -6.16 -1.42 43.54
N ILE D 107 -5.60 -0.54 44.36
CA ILE D 107 -6.43 0.35 45.17
C ILE D 107 -7.09 1.38 44.27
N LEU D 108 -6.36 1.84 43.25
CA LEU D 108 -6.95 2.81 42.32
C LEU D 108 -8.12 2.16 41.60
N LEU D 109 -7.95 0.89 41.19
CA LEU D 109 -9.04 0.23 40.50
C LEU D 109 -10.21 -0.02 41.46
N TRP D 110 -9.90 -0.19 42.75
CA TRP D 110 -10.96 -0.41 43.75
C TRP D 110 -11.81 0.84 43.90
N ILE D 111 -11.15 2.01 43.95
CA ILE D 111 -11.92 3.24 44.09
C ILE D 111 -12.72 3.47 42.83
N GLY D 112 -12.21 3.01 41.68
CA GLY D 112 -12.96 3.20 40.44
C GLY D 112 -14.26 2.40 40.47
N ALA D 113 -14.18 1.16 40.93
CA ALA D 113 -15.38 0.33 41.01
C ALA D 113 -16.39 0.94 41.98
N ILE D 114 -15.89 1.43 43.12
CA ILE D 114 -16.78 2.04 44.11
C ILE D 114 -17.52 3.23 43.51
N LEU D 115 -16.78 4.08 42.78
CA LEU D 115 -17.40 5.24 42.15
C LEU D 115 -18.47 4.82 41.14
N CYS D 116 -18.20 3.77 40.36
CA CYS D 116 -19.19 3.31 39.38
C CYS D 116 -20.49 2.92 40.06
N PHE D 117 -20.40 2.17 41.17
CA PHE D 117 -21.64 1.77 41.83
C PHE D 117 -22.35 2.97 42.45
N LEU D 118 -21.60 4.00 42.87
CA LEU D 118 -22.25 5.17 43.45
C LEU D 118 -23.08 5.88 42.39
N ALA D 119 -22.49 6.06 41.20
CA ALA D 119 -23.22 6.72 40.13
C ALA D 119 -24.44 5.91 39.72
N TYR D 120 -24.36 4.59 39.84
CA TYR D 120 -25.53 3.78 39.45
C TYR D 120 -26.65 3.99 40.47
N GLY D 121 -26.31 4.03 41.75
CA GLY D 121 -27.35 4.24 42.76
C GLY D 121 -28.05 5.57 42.54
N ILE D 122 -27.27 6.60 42.17
CA ILE D 122 -27.87 7.91 41.93
C ILE D 122 -28.85 7.82 40.77
N GLN D 123 -28.36 7.42 39.58
CA GLN D 123 -29.25 7.29 38.43
C GLN D 123 -30.50 6.48 38.75
N ALA D 124 -30.40 5.52 39.66
CA ALA D 124 -31.59 4.72 39.99
C ALA D 124 -32.59 5.52 40.80
N ALA D 125 -32.12 6.29 41.79
CA ALA D 125 -33.06 7.05 42.60
C ALA D 125 -33.58 8.33 41.92
N THR D 126 -32.90 8.83 40.89
CA THR D 126 -33.37 10.06 40.22
C THR D 126 -34.18 9.84 38.95
N GLU D 127 -33.85 8.86 38.12
CA GLU D 127 -34.60 8.64 36.89
C GLU D 127 -35.09 7.21 36.76
N ASP D 128 -35.96 7.03 35.78
CA ASP D 128 -36.58 5.76 35.43
C ASP D 128 -35.94 5.29 34.14
N GLU D 129 -35.77 3.96 34.02
CA GLU D 129 -35.16 3.22 32.91
C GLU D 129 -33.64 3.41 33.00
N PRO D 130 -33.08 3.43 34.22
CA PRO D 130 -31.63 3.62 34.37
C PRO D 130 -30.75 2.67 33.56
N ALA D 131 -29.87 3.21 32.73
CA ALA D 131 -28.99 2.36 31.95
C ALA D 131 -28.04 1.63 32.90
N ASN D 132 -27.92 0.32 32.72
CA ASN D 132 -27.06 -0.51 33.56
C ASN D 132 -25.58 -0.48 33.15
N ASP D 133 -25.19 0.53 32.38
CA ASP D 133 -23.80 0.66 31.92
C ASP D 133 -22.79 0.70 33.07
N ASN D 134 -23.07 1.57 34.06
CA ASN D 134 -22.19 1.73 35.21
C ASN D 134 -22.02 0.46 36.04
N LEU D 135 -23.10 -0.31 36.20
CA LEU D 135 -22.99 -1.54 36.99
C LEU D 135 -22.11 -2.58 36.31
N TYR D 136 -22.23 -2.70 34.98
CA TYR D 136 -21.40 -3.66 34.26
C TYR D 136 -19.94 -3.27 34.40
N LEU D 137 -19.65 -1.97 34.22
CA LEU D 137 -18.26 -1.53 34.34
C LEU D 137 -17.71 -1.77 35.74
N GLY D 138 -18.54 -1.65 36.77
CA GLY D 138 -18.04 -1.88 38.12
C GLY D 138 -17.72 -3.34 38.39
N VAL D 139 -18.59 -4.25 37.96
CA VAL D 139 -18.29 -5.65 38.22
C VAL D 139 -17.07 -6.06 37.41
N VAL D 140 -16.88 -5.48 36.22
CA VAL D 140 -15.71 -5.83 35.42
C VAL D 140 -14.43 -5.40 36.11
N LEU D 141 -14.41 -4.17 36.66
CA LEU D 141 -13.21 -3.71 37.33
C LEU D 141 -12.89 -4.59 38.54
N SER D 142 -13.93 -4.99 39.30
CA SER D 142 -13.67 -5.83 40.46
C SER D 142 -13.08 -7.16 40.03
N THR D 143 -13.59 -7.73 38.94
CA THR D 143 -13.06 -9.01 38.47
C THR D 143 -11.62 -8.87 38.03
N VAL D 144 -11.27 -7.73 37.43
CA VAL D 144 -9.89 -7.52 36.98
C VAL D 144 -8.95 -7.53 38.17
N VAL D 145 -9.33 -6.83 39.25
CA VAL D 145 -8.48 -6.79 40.43
C VAL D 145 -8.32 -8.18 41.04
N ILE D 146 -9.41 -8.93 41.13
CA ILE D 146 -9.35 -10.28 41.70
C ILE D 146 -8.44 -11.20 40.88
N VAL D 147 -8.57 -11.17 39.55
CA VAL D 147 -7.74 -12.02 38.71
C VAL D 147 -6.26 -11.66 38.84
N THR D 148 -5.94 -10.37 38.85
CA THR D 148 -4.54 -9.98 38.97
C THR D 148 -3.97 -10.47 40.30
N GLY D 149 -4.76 -10.37 41.37
CA GLY D 149 -4.28 -10.82 42.67
C GLY D 149 -4.02 -12.31 42.66
N CYS D 150 -4.93 -13.09 42.05
CA CYS D 150 -4.74 -14.54 42.01
C CYS D 150 -3.45 -14.92 41.29
N PHE D 151 -3.17 -14.26 40.15
CA PHE D 151 -1.95 -14.59 39.40
C PHE D 151 -0.68 -14.24 40.18
N SER D 152 -0.60 -13.01 40.71
CA SER D 152 0.60 -12.64 41.46
C SER D 152 0.81 -13.53 42.68
N TYR D 153 -0.28 -13.87 43.37
CA TYR D 153 -0.17 -14.72 44.55
C TYR D 153 0.31 -16.11 44.17
N TYR D 154 -0.18 -16.65 43.05
CA TYR D 154 0.25 -17.97 42.62
C TYR D 154 1.74 -18.00 42.34
N GLN D 155 2.27 -16.92 41.75
CA GLN D 155 3.71 -16.91 41.48
C GLN D 155 4.53 -16.89 42.76
N GLU D 156 4.16 -16.01 43.71
CA GLU D 156 4.94 -15.99 44.94
C GLU D 156 4.80 -17.30 45.70
N ALA D 157 3.72 -18.05 45.48
CA ALA D 157 3.57 -19.31 46.18
C ALA D 157 4.45 -20.37 45.52
N LYS D 158 4.59 -20.29 44.20
CA LYS D 158 5.44 -21.24 43.49
C LYS D 158 6.85 -21.14 44.04
N SER D 159 7.34 -19.89 44.13
CA SER D 159 8.69 -19.68 44.65
C SER D 159 8.79 -20.16 46.09
N SER D 160 7.72 -19.99 46.89
CA SER D 160 7.80 -20.43 48.27
C SER D 160 7.91 -21.96 48.37
N ARG D 161 7.23 -22.69 47.48
CA ARG D 161 7.32 -24.15 47.53
C ARG D 161 8.71 -24.62 47.15
N ILE D 162 9.25 -24.10 46.04
CA ILE D 162 10.59 -24.54 45.67
C ILE D 162 11.57 -24.08 46.73
N MET D 163 11.21 -23.07 47.53
CA MET D 163 12.09 -22.59 48.59
C MET D 163 12.02 -23.53 49.79
N ASP D 164 10.85 -24.11 50.03
CA ASP D 164 10.70 -25.03 51.16
C ASP D 164 11.43 -26.33 50.88
N SER D 165 11.64 -26.64 49.61
CA SER D 165 12.35 -27.91 49.39
C SER D 165 13.88 -27.82 49.75
N PHE D 166 14.40 -26.77 50.38
CA PHE D 166 15.82 -26.66 50.71
C PHE D 166 16.14 -26.79 52.20
N LYS D 167 15.20 -26.49 53.09
CA LYS D 167 15.48 -26.58 54.52
C LYS D 167 15.52 -28.05 54.94
N ASN D 168 16.71 -28.61 55.02
CA ASN D 168 16.92 -30.00 55.41
C ASN D 168 17.44 -29.93 56.84
N MET D 169 16.60 -30.30 57.80
CA MET D 169 16.96 -30.27 59.21
C MET D 169 16.95 -31.66 59.84
N VAL D 170 18.14 -32.21 60.04
CA VAL D 170 18.33 -33.54 60.64
C VAL D 170 18.61 -33.32 62.12
N PRO D 171 17.89 -33.98 63.03
CA PRO D 171 18.15 -33.78 64.46
C PRO D 171 19.61 -34.04 64.81
N GLN D 172 20.09 -33.32 65.82
CA GLN D 172 21.47 -33.42 66.29
C GLN D 172 21.51 -33.59 67.80
N GLN D 173 22.42 -34.46 68.26
CA GLN D 173 22.58 -34.75 69.68
C GLN D 173 24.01 -34.44 70.14
N ALA D 174 24.12 -33.78 71.29
CA ALA D 174 25.37 -33.38 71.91
C ALA D 174 25.78 -34.36 73.00
N LEU D 175 27.06 -34.28 73.38
CA LEU D 175 27.65 -35.13 74.42
C LEU D 175 27.85 -34.27 75.68
N VAL D 176 27.04 -34.55 76.70
CA VAL D 176 27.06 -33.84 77.97
C VAL D 176 27.50 -34.79 79.07
N ILE D 177 28.20 -34.25 80.07
CA ILE D 177 28.69 -35.01 81.20
C ILE D 177 27.93 -34.57 82.45
N ARG D 178 27.13 -35.46 83.00
CA ARG D 178 26.34 -35.19 84.20
C ARG D 178 26.60 -36.27 85.24
N ASP D 179 26.76 -35.84 86.49
CA ASP D 179 27.02 -36.71 87.64
C ASP D 179 28.29 -37.53 87.44
N GLY D 180 29.09 -37.20 86.43
CA GLY D 180 30.31 -37.92 86.16
C GLY D 180 30.20 -38.92 85.03
N GLU D 181 29.14 -38.85 84.22
CA GLU D 181 28.97 -39.79 83.12
C GLU D 181 28.66 -39.06 81.82
N LYS D 182 29.12 -39.67 80.72
CA LYS D 182 28.95 -39.16 79.37
C LYS D 182 27.66 -39.67 78.76
N SER D 183 26.84 -38.76 78.24
CA SER D 183 25.58 -39.13 77.62
C SER D 183 25.32 -38.24 76.41
N THR D 184 24.69 -38.81 75.39
CA THR D 184 24.38 -38.09 74.16
C THR D 184 22.88 -37.79 74.21
N ILE D 185 22.54 -36.52 74.36
CA ILE D 185 21.15 -36.08 74.42
C ILE D 185 20.87 -35.09 73.30
N ASN D 186 19.60 -35.00 72.94
CA ASN D 186 19.15 -34.10 71.89
C ASN D 186 19.68 -32.69 72.14
N ALA D 187 19.94 -31.96 71.05
CA ALA D 187 20.46 -30.60 71.19
C ALA D 187 19.48 -29.70 71.93
N GLU D 188 18.19 -30.01 71.88
CA GLU D 188 17.15 -29.24 72.55
C GLU D 188 17.10 -29.48 74.06
N PHE D 189 17.97 -30.32 74.61
CA PHE D 189 17.97 -30.60 76.04
C PHE D 189 19.21 -30.08 76.75
N VAL D 190 20.07 -29.34 76.06
CA VAL D 190 21.28 -28.81 76.68
C VAL D 190 20.93 -27.52 77.42
N VAL D 191 21.48 -27.36 78.62
CA VAL D 191 21.19 -26.16 79.41
C VAL D 191 22.49 -25.44 79.75
N ALA D 192 22.38 -24.31 80.41
CA ALA D 192 23.54 -23.52 80.79
C ALA D 192 24.13 -24.08 82.09
N GLY D 193 25.43 -24.40 82.06
CA GLY D 193 26.12 -24.93 83.23
C GLY D 193 26.64 -26.35 83.09
N ASP D 194 25.95 -27.20 82.32
CA ASP D 194 26.47 -28.56 82.22
C ASP D 194 27.77 -28.59 81.41
N LEU D 195 28.48 -29.71 81.52
CA LEU D 195 29.73 -29.93 80.82
C LEU D 195 29.43 -30.54 79.46
N VAL D 196 30.09 -30.04 78.42
CA VAL D 196 29.87 -30.53 77.06
C VAL D 196 31.21 -30.83 76.42
N GLU D 197 31.31 -32.00 75.80
CA GLU D 197 32.51 -32.46 75.13
C GLU D 197 32.24 -32.47 73.63
N VAL D 198 33.26 -32.08 72.86
CA VAL D 198 33.16 -32.05 71.41
C VAL D 198 34.32 -32.85 70.84
N LYS D 199 34.13 -33.30 69.60
CA LYS D 199 35.09 -34.10 68.86
C LYS D 199 35.09 -33.67 67.40
N GLY D 200 36.26 -33.67 66.79
CA GLY D 200 36.42 -33.27 65.40
C GLY D 200 35.40 -33.91 64.48
N GLY D 201 34.48 -33.11 63.96
CA GLY D 201 33.45 -33.59 63.07
C GLY D 201 32.06 -33.25 63.55
N ASP D 202 31.95 -32.90 64.84
CA ASP D 202 30.68 -32.55 65.44
C ASP D 202 30.51 -31.02 65.44
N ARG D 203 29.29 -30.60 65.78
CA ARG D 203 28.92 -29.20 65.82
C ARG D 203 28.81 -28.70 67.25
N ILE D 204 29.31 -27.50 67.51
CA ILE D 204 29.26 -26.91 68.83
C ILE D 204 27.79 -26.63 69.12
N PRO D 205 27.21 -27.26 70.14
CA PRO D 205 25.78 -27.02 70.43
C PRO D 205 25.39 -25.58 70.77
N ALA D 206 25.84 -25.11 71.94
CA ALA D 206 25.56 -23.76 72.42
C ALA D 206 26.87 -22.99 72.56
N ASP D 207 26.80 -21.81 73.18
CA ASP D 207 28.00 -21.01 73.37
C ASP D 207 28.71 -21.55 74.61
N LEU D 208 29.84 -22.21 74.38
CA LEU D 208 30.69 -22.83 75.38
C LEU D 208 31.89 -21.99 75.76
N ARG D 209 32.46 -22.35 76.91
CA ARG D 209 33.63 -21.71 77.50
C ARG D 209 34.60 -22.89 77.65
N ILE D 210 35.55 -22.99 76.72
CA ILE D 210 36.52 -24.08 76.75
C ILE D 210 37.28 -24.13 78.06
N ILE D 211 37.36 -25.34 78.63
CA ILE D 211 38.06 -25.57 79.88
C ILE D 211 39.29 -26.44 79.69
N SER D 212 39.29 -27.32 78.68
CA SER D 212 40.40 -28.21 78.38
C SER D 212 40.28 -28.63 76.93
N ALA D 213 41.34 -28.43 76.15
CA ALA D 213 41.34 -28.79 74.75
C ALA D 213 42.55 -29.64 74.41
N HIS D 214 42.47 -30.37 73.29
CA HIS D 214 43.56 -31.24 72.83
C HIS D 214 43.70 -30.99 71.32
N GLY D 215 44.43 -29.93 70.97
CA GLY D 215 44.65 -29.58 69.57
C GLY D 215 43.33 -29.45 68.83
N CYS D 216 42.37 -28.77 69.44
CA CYS D 216 41.04 -28.57 68.86
C CYS D 216 40.91 -27.31 68.02
N LYS D 217 40.64 -27.50 66.72
CA LYS D 217 40.46 -26.42 65.76
C LYS D 217 38.96 -26.28 65.49
N VAL D 218 38.53 -25.06 65.17
CA VAL D 218 37.12 -24.79 64.90
C VAL D 218 36.98 -23.95 63.63
N ASP D 219 35.82 -24.09 62.97
CA ASP D 219 35.51 -23.35 61.74
C ASP D 219 34.55 -22.20 62.05
N ASN D 220 35.10 -21.00 62.16
CA ASN D 220 34.34 -19.78 62.46
C ASN D 220 34.05 -18.97 61.19
N SER D 221 33.76 -19.65 60.08
CA SER D 221 33.48 -18.97 58.81
C SER D 221 32.08 -18.37 58.75
N SER D 222 31.06 -19.10 59.17
CA SER D 222 29.69 -18.57 59.11
C SER D 222 29.48 -17.41 60.07
N LEU D 223 29.86 -17.56 61.33
CA LEU D 223 29.65 -16.48 62.30
C LEU D 223 30.66 -15.34 62.17
N THR D 224 31.95 -15.61 62.40
CA THR D 224 32.97 -14.57 62.32
C THR D 224 33.62 -14.40 60.96
N GLY D 225 33.38 -15.29 59.99
CA GLY D 225 33.99 -15.11 58.69
C GLY D 225 35.48 -15.41 58.58
N GLU D 226 36.05 -16.18 59.49
CA GLU D 226 37.47 -16.52 59.44
C GLU D 226 37.65 -17.74 58.54
N SER D 227 38.30 -17.53 57.39
CA SER D 227 38.52 -18.59 56.41
C SER D 227 39.33 -19.77 56.94
N GLU D 228 40.26 -19.57 57.87
CA GLU D 228 40.99 -20.75 58.33
C GLU D 228 40.55 -21.21 59.71
N PRO D 229 40.85 -22.46 60.07
CA PRO D 229 40.45 -22.98 61.39
C PRO D 229 41.24 -22.42 62.56
N GLN D 230 40.57 -21.62 63.39
CA GLN D 230 41.19 -21.02 64.56
C GLN D 230 41.21 -22.04 65.69
N THR D 231 42.38 -22.24 66.29
CA THR D 231 42.51 -23.20 67.38
C THR D 231 41.87 -22.67 68.65
N ARG D 232 41.08 -23.51 69.32
CA ARG D 232 40.39 -23.15 70.55
C ARG D 232 41.23 -23.63 71.73
N SER D 233 41.74 -22.68 72.51
CA SER D 233 42.57 -22.99 73.67
C SER D 233 41.88 -22.52 74.94
N PRO D 234 42.08 -23.22 76.06
CA PRO D 234 41.43 -22.80 77.31
C PRO D 234 41.89 -21.44 77.81
N GLU D 235 43.06 -20.97 77.39
CA GLU D 235 43.55 -19.67 77.83
C GLU D 235 42.90 -18.55 77.03
N PHE D 236 42.94 -17.34 77.58
CA PHE D 236 42.36 -16.16 76.94
C PHE D 236 43.43 -15.42 76.17
N SER D 237 43.03 -14.80 75.06
CA SER D 237 44.04 -14.08 74.29
C SER D 237 43.68 -12.67 73.85
N SER D 238 42.43 -12.41 73.44
CA SER D 238 42.05 -11.08 73.00
C SER D 238 40.81 -10.56 73.73
N GLU D 239 40.77 -9.23 73.90
CA GLU D 239 39.67 -8.56 74.56
C GLU D 239 38.35 -8.72 73.82
N ASN D 240 38.41 -9.00 72.51
CA ASN D 240 37.22 -9.19 71.70
C ASN D 240 36.77 -10.64 71.82
N PRO D 241 35.55 -10.92 72.27
CA PRO D 241 35.12 -12.32 72.39
C PRO D 241 35.19 -13.11 71.08
N LEU D 242 34.99 -12.46 69.93
CA LEU D 242 35.06 -13.19 68.67
C LEU D 242 36.48 -13.60 68.32
N GLU D 243 37.49 -12.94 68.90
CA GLU D 243 38.89 -13.25 68.63
C GLU D 243 39.52 -14.21 69.63
N THR D 244 39.01 -14.29 70.85
CA THR D 244 39.60 -15.20 71.83
C THR D 244 39.35 -16.66 71.44
N ARG D 245 40.18 -17.54 71.99
CA ARG D 245 40.10 -18.97 71.73
C ARG D 245 39.45 -19.78 72.84
N ASN D 246 39.05 -19.15 73.95
CA ASN D 246 38.41 -19.88 75.04
C ASN D 246 36.89 -19.91 74.94
N ILE D 247 36.34 -19.60 73.78
CA ILE D 247 34.89 -19.60 73.60
C ILE D 247 34.50 -20.28 72.30
N ALA D 248 33.61 -21.27 72.40
CA ALA D 248 33.11 -22.01 71.26
C ALA D 248 31.81 -21.30 70.88
N PHE D 249 31.43 -21.34 69.61
CA PHE D 249 30.22 -20.65 69.23
C PHE D 249 29.16 -21.57 68.63
N PHE D 250 27.91 -21.11 68.78
CA PHE D 250 26.74 -21.81 68.27
C PHE D 250 26.83 -21.93 66.76
N SER D 251 26.49 -23.12 66.24
CA SER D 251 26.48 -23.48 64.83
C SER D 251 27.88 -23.67 64.25
N THR D 252 28.93 -23.62 65.06
CA THR D 252 30.28 -23.79 64.56
C THR D 252 30.63 -25.27 64.64
N ASN D 253 31.55 -25.72 63.80
CA ASN D 253 31.96 -27.11 63.77
C ASN D 253 33.44 -27.25 64.13
N CYS D 254 33.74 -28.33 64.85
CA CYS D 254 35.09 -28.66 65.29
C CYS D 254 35.74 -29.47 64.17
N VAL D 255 36.70 -28.87 63.48
CA VAL D 255 37.39 -29.56 62.39
C VAL D 255 38.23 -30.72 62.90
N GLU D 256 39.26 -30.44 63.70
CA GLU D 256 40.11 -31.48 64.23
C GLU D 256 40.43 -31.26 65.70
N GLY D 257 40.37 -32.35 66.47
CA GLY D 257 40.65 -32.32 67.90
C GLY D 257 39.40 -32.54 68.73
N THR D 258 39.61 -32.57 70.03
CA THR D 258 38.55 -32.76 71.01
C THR D 258 38.67 -31.69 72.08
N ALA D 259 37.54 -31.32 72.68
CA ALA D 259 37.58 -30.30 73.71
C ALA D 259 36.41 -30.44 74.67
N ARG D 260 36.52 -29.74 75.79
CA ARG D 260 35.53 -29.71 76.86
C ARG D 260 35.14 -28.26 77.09
N GLY D 261 33.97 -28.04 77.69
CA GLY D 261 33.56 -26.68 77.94
C GLY D 261 32.26 -26.57 78.69
N VAL D 262 32.09 -25.44 79.36
CA VAL D 262 30.90 -25.13 80.15
C VAL D 262 30.00 -24.26 79.29
N VAL D 263 28.73 -24.64 79.20
CA VAL D 263 27.77 -23.89 78.39
C VAL D 263 27.53 -22.53 79.05
N VAL D 264 27.96 -21.46 78.38
CA VAL D 264 27.77 -20.12 78.92
C VAL D 264 26.48 -19.51 78.41
N TYR D 265 26.23 -19.61 77.11
CA TYR D 265 25.02 -19.07 76.51
C TYR D 265 24.23 -20.19 75.86
N THR D 266 22.91 -20.14 76.01
CA THR D 266 22.01 -21.15 75.46
C THR D 266 20.78 -20.48 74.86
N GLY D 267 20.16 -21.20 73.93
CA GLY D 267 18.96 -20.78 73.21
C GLY D 267 19.14 -19.52 72.39
N ASP D 268 18.04 -18.79 72.25
CA ASP D 268 18.03 -17.54 71.49
C ASP D 268 19.02 -16.52 72.03
N ARG D 269 19.38 -16.61 73.31
CA ARG D 269 20.33 -15.67 73.90
C ARG D 269 21.74 -15.82 73.36
N THR D 270 21.98 -16.76 72.44
CA THR D 270 23.31 -16.95 71.87
C THR D 270 23.64 -15.81 70.89
N VAL D 271 24.88 -15.81 70.41
CA VAL D 271 25.34 -14.78 69.47
C VAL D 271 24.50 -14.81 68.20
N MET D 272 24.50 -15.94 67.50
CA MET D 272 23.72 -16.01 66.28
C MET D 272 22.22 -15.93 66.54
N GLY D 273 21.81 -16.07 67.81
CA GLY D 273 20.40 -15.99 68.14
C GLY D 273 20.04 -14.53 68.15
N ARG D 274 20.90 -13.70 68.75
CA ARG D 274 20.62 -12.28 68.77
C ARG D 274 20.71 -11.71 67.35
N ILE D 275 21.62 -12.26 66.53
CA ILE D 275 21.72 -11.78 65.16
C ILE D 275 20.47 -12.13 64.37
N ALA D 276 19.97 -13.37 64.51
CA ALA D 276 18.77 -13.75 63.78
C ALA D 276 17.57 -12.94 64.25
N THR D 277 17.46 -12.73 65.57
CA THR D 277 16.33 -11.96 66.08
C THR D 277 16.40 -10.52 65.57
N LEU D 278 17.62 -9.98 65.41
CA LEU D 278 17.74 -8.63 64.90
C LEU D 278 17.33 -8.59 63.44
N ALA D 279 17.73 -9.61 62.68
CA ALA D 279 17.38 -9.66 61.26
C ALA D 279 15.86 -9.67 61.11
N SER D 280 15.18 -10.49 61.89
CA SER D 280 13.72 -10.54 61.80
C SER D 280 13.08 -9.22 62.26
N GLY D 281 13.74 -8.50 63.16
CA GLY D 281 13.22 -7.25 63.65
C GLY D 281 13.73 -6.01 62.93
N LEU D 282 13.78 -6.09 61.61
CA LEU D 282 14.23 -5.00 60.75
C LEU D 282 13.10 -4.72 59.77
N GLU D 283 13.06 -3.50 59.25
CA GLU D 283 11.97 -3.23 58.31
C GLU D 283 12.32 -3.77 56.93
N VAL D 284 11.38 -3.66 56.00
CA VAL D 284 11.56 -4.15 54.64
C VAL D 284 11.96 -3.05 53.68
N GLY D 285 11.17 -1.98 53.60
CA GLY D 285 11.51 -0.91 52.69
C GLY D 285 10.46 -0.75 51.61
N ARG D 286 10.83 -0.10 50.51
CA ARG D 286 9.90 0.11 49.39
C ARG D 286 10.76 0.26 48.14
N THR D 287 10.75 -0.78 47.30
CA THR D 287 11.50 -0.87 46.05
C THR D 287 11.31 0.35 45.13
N PRO D 288 12.18 0.52 44.13
CA PRO D 288 12.03 1.68 43.24
C PRO D 288 10.85 1.56 42.28
N ILE D 289 10.59 0.36 41.78
CA ILE D 289 9.47 0.16 40.85
C ILE D 289 8.16 0.56 41.49
N ALA D 290 8.03 0.31 42.80
CA ALA D 290 6.81 0.66 43.50
C ALA D 290 6.66 2.18 43.59
N ILE D 291 7.76 2.87 43.87
CA ILE D 291 7.70 4.33 43.96
C ILE D 291 7.35 4.91 42.59
N GLU D 292 7.83 4.27 41.52
CA GLU D 292 7.52 4.78 40.19
C GLU D 292 6.03 4.59 39.90
N ILE D 293 5.48 3.43 40.27
CA ILE D 293 4.07 3.19 40.04
C ILE D 293 3.23 4.18 40.83
N GLU D 294 3.69 4.51 42.05
CA GLU D 294 2.97 5.46 42.89
C GLU D 294 2.94 6.84 42.26
N HIS D 295 4.10 7.33 41.79
CA HIS D 295 4.11 8.65 41.16
C HIS D 295 3.30 8.64 39.87
N PHE D 296 3.20 7.47 39.24
CA PHE D 296 2.43 7.35 38.01
C PHE D 296 0.95 7.55 38.33
N ILE D 297 0.50 6.89 39.40
CA ILE D 297 -0.90 7.02 39.79
C ILE D 297 -1.15 8.47 40.20
N HIS D 298 -0.14 9.12 40.77
CA HIS D 298 -0.30 10.51 41.18
C HIS D 298 -0.63 11.39 39.98
N ILE D 299 0.09 11.18 38.86
CA ILE D 299 -0.18 11.97 37.67
C ILE D 299 -1.54 11.62 37.07
N ILE D 300 -1.85 10.32 36.99
CA ILE D 300 -3.13 9.91 36.42
C ILE D 300 -4.30 10.52 37.19
N THR D 301 -4.20 10.57 38.52
CA THR D 301 -5.29 11.15 39.29
C THR D 301 -5.30 12.66 39.18
N GLY D 302 -4.14 13.28 38.99
CA GLY D 302 -4.12 14.73 38.85
C GLY D 302 -4.93 15.15 37.65
N VAL D 303 -4.59 14.57 36.48
CA VAL D 303 -5.32 14.94 35.28
C VAL D 303 -6.78 14.46 35.31
N ALA D 304 -7.08 13.39 36.05
CA ALA D 304 -8.46 12.92 36.08
C ALA D 304 -9.34 13.85 36.90
N VAL D 305 -8.90 14.23 38.10
CA VAL D 305 -9.74 15.12 38.88
C VAL D 305 -9.76 16.50 38.26
N PHE D 306 -8.74 16.84 37.46
CA PHE D 306 -8.75 18.17 36.86
C PHE D 306 -9.82 18.23 35.77
N LEU D 307 -9.84 17.21 34.89
CA LEU D 307 -10.84 17.22 33.84
C LEU D 307 -12.24 17.08 34.42
N GLY D 308 -12.38 16.42 35.58
CA GLY D 308 -13.72 16.30 36.12
C GLY D 308 -14.24 17.56 36.78
N VAL D 309 -13.44 18.20 37.64
CA VAL D 309 -13.95 19.41 38.28
C VAL D 309 -14.14 20.50 37.24
N SER D 310 -13.33 20.50 36.17
CA SER D 310 -13.49 21.54 35.16
C SER D 310 -14.75 21.28 34.33
N PHE D 311 -14.95 20.04 33.89
CA PHE D 311 -16.18 19.91 33.11
C PHE D 311 -17.40 19.94 34.00
N PHE D 312 -17.22 20.02 35.32
CA PHE D 312 -18.35 20.08 36.22
C PHE D 312 -18.79 21.52 36.29
N ILE D 313 -17.82 22.43 36.43
CA ILE D 313 -18.20 23.84 36.47
C ILE D 313 -18.75 24.25 35.11
N LEU D 314 -18.16 23.70 34.03
CA LEU D 314 -18.65 24.03 32.69
C LEU D 314 -20.07 23.53 32.47
N SER D 315 -20.38 22.30 32.93
CA SER D 315 -21.73 21.81 32.73
C SER D 315 -22.71 22.62 33.56
N LEU D 316 -22.29 23.08 34.74
CA LEU D 316 -23.21 23.89 35.53
C LEU D 316 -23.42 25.25 34.87
N ILE D 317 -22.44 25.70 34.09
CA ILE D 317 -22.56 26.98 33.42
C ILE D 317 -23.42 26.88 32.16
N LEU D 318 -23.66 25.67 31.64
CA LEU D 318 -24.48 25.52 30.45
C LEU D 318 -25.94 25.16 30.73
N GLY D 319 -26.35 25.09 32.00
CA GLY D 319 -27.73 24.76 32.32
C GLY D 319 -28.03 23.42 32.98
N TYR D 320 -27.31 22.34 32.63
CA TYR D 320 -27.55 21.03 33.25
C TYR D 320 -27.81 21.12 34.74
N SER D 321 -28.45 20.10 35.32
CA SER D 321 -28.73 20.15 36.74
C SER D 321 -27.57 19.52 37.52
N TRP D 322 -27.62 19.68 38.83
CA TRP D 322 -26.57 19.14 39.70
C TRP D 322 -26.52 17.62 39.62
N LEU D 323 -27.68 16.96 39.76
CA LEU D 323 -27.76 15.51 39.69
C LEU D 323 -27.02 14.94 38.49
N GLU D 324 -27.13 15.60 37.33
CA GLU D 324 -26.44 15.13 36.13
C GLU D 324 -24.95 15.46 36.16
N ALA D 325 -24.60 16.66 36.62
CA ALA D 325 -23.20 17.06 36.68
C ALA D 325 -22.39 16.13 37.58
N VAL D 326 -23.00 15.62 38.65
CA VAL D 326 -22.26 14.72 39.54
C VAL D 326 -21.91 13.43 38.79
N ILE D 327 -22.87 12.93 38.00
CA ILE D 327 -22.63 11.71 37.23
C ILE D 327 -21.57 11.98 36.20
N PHE D 328 -21.54 13.21 35.64
CA PHE D 328 -20.53 13.54 34.65
C PHE D 328 -19.15 13.53 35.27
N LEU D 329 -19.04 14.10 36.48
CA LEU D 329 -17.76 14.14 37.17
C LEU D 329 -17.25 12.74 37.44
N ILE D 330 -18.12 11.88 37.97
CA ILE D 330 -17.72 10.50 38.27
C ILE D 330 -17.37 9.76 36.99
N GLY D 331 -18.13 9.99 35.91
CA GLY D 331 -17.84 9.32 34.67
C GLY D 331 -16.50 9.69 34.07
N ILE D 332 -16.15 10.98 34.12
CA ILE D 332 -14.87 11.39 33.56
C ILE D 332 -13.71 10.88 34.41
N ILE D 333 -13.86 10.93 35.74
CA ILE D 333 -12.77 10.46 36.59
C ILE D 333 -12.58 8.96 36.43
N VAL D 334 -13.67 8.19 36.42
CA VAL D 334 -13.55 6.75 36.25
C VAL D 334 -13.02 6.42 34.86
N ALA D 335 -13.41 7.20 33.85
CA ALA D 335 -12.95 6.94 32.49
C ALA D 335 -11.45 7.16 32.37
N ASN D 336 -10.87 8.03 33.19
CA ASN D 336 -9.43 8.26 33.11
C ASN D 336 -8.64 7.29 33.98
N VAL D 337 -8.88 5.98 33.85
CA VAL D 337 -8.16 5.00 34.65
C VAL D 337 -7.79 3.77 33.81
N PRO D 338 -6.49 3.50 33.60
CA PRO D 338 -6.08 2.32 32.82
C PRO D 338 -6.36 1.02 33.53
N GLU D 339 -7.41 0.31 33.14
CA GLU D 339 -7.74 -0.96 33.80
C GLU D 339 -6.82 -2.10 33.37
N GLY D 340 -6.53 -2.24 32.08
CA GLY D 340 -5.67 -3.32 31.65
C GLY D 340 -4.19 -3.15 31.93
N LEU D 341 -3.75 -1.95 32.30
CA LEU D 341 -2.34 -1.73 32.58
C LEU D 341 -1.86 -2.55 33.79
N LEU D 342 -2.76 -2.94 34.68
CA LEU D 342 -2.36 -3.73 35.84
C LEU D 342 -1.95 -5.14 35.43
N ALA D 343 -2.80 -5.80 34.65
CA ALA D 343 -2.48 -7.16 34.21
C ALA D 343 -1.26 -7.13 33.28
N THR D 344 -1.16 -6.08 32.46
CA THR D 344 -0.02 -5.97 31.55
C THR D 344 1.27 -5.79 32.33
N VAL D 345 1.28 -4.94 33.36
CA VAL D 345 2.49 -4.73 34.14
C VAL D 345 2.85 -6.01 34.88
N THR D 346 1.85 -6.70 35.43
CA THR D 346 2.13 -7.94 36.15
C THR D 346 2.75 -8.98 35.23
N VAL D 347 2.24 -9.09 34.00
CA VAL D 347 2.79 -10.06 33.07
C VAL D 347 4.18 -9.63 32.61
N CYS D 348 4.36 -8.31 32.46
CA CYS D 348 5.66 -7.79 32.03
C CYS D 348 6.72 -8.19 33.04
N LEU D 349 6.46 -7.91 34.32
CA LEU D 349 7.40 -8.26 35.37
C LEU D 349 7.61 -9.76 35.47
N THR D 350 6.53 -10.55 35.31
CA THR D 350 6.61 -12.01 35.39
C THR D 350 7.48 -12.64 34.29
N LEU D 351 7.43 -12.05 33.09
CA LEU D 351 8.20 -12.59 31.97
C LEU D 351 9.70 -12.53 32.25
N THR D 352 10.19 -11.40 32.76
CA THR D 352 11.61 -11.30 33.05
C THR D 352 12.04 -12.23 34.18
N ALA D 353 11.10 -12.65 35.03
CA ALA D 353 11.46 -13.55 36.13
C ALA D 353 11.66 -14.98 35.66
N LYS D 354 10.90 -15.42 34.66
CA LYS D 354 11.14 -16.81 34.23
C LYS D 354 12.51 -17.00 33.59
N ARG D 355 13.04 -15.99 32.90
CA ARG D 355 14.36 -16.11 32.30
C ARG D 355 15.40 -16.31 33.39
N MET D 356 15.32 -15.45 34.42
CA MET D 356 16.23 -15.52 35.54
C MET D 356 16.16 -16.92 36.14
N ALA D 357 14.94 -17.47 36.23
CA ALA D 357 14.79 -18.81 36.79
C ALA D 357 15.38 -19.84 35.83
N ARG D 358 15.55 -19.49 34.56
CA ARG D 358 16.12 -20.44 33.61
C ARG D 358 17.62 -20.50 33.81
N LYS D 359 18.22 -19.40 34.27
CA LYS D 359 19.65 -19.36 34.51
C LYS D 359 19.98 -19.61 35.98
N ASN D 360 19.01 -20.18 36.73
CA ASN D 360 19.12 -20.52 38.16
C ASN D 360 19.17 -19.31 39.08
N CYS D 361 18.40 -18.27 38.77
CA CYS D 361 18.31 -17.05 39.56
C CYS D 361 16.86 -16.94 39.99
N LEU D 362 16.54 -17.31 41.24
CA LEU D 362 15.16 -17.25 41.70
C LEU D 362 14.86 -16.07 42.62
N VAL D 363 13.75 -15.37 42.33
CA VAL D 363 13.30 -14.22 43.11
C VAL D 363 12.07 -14.64 43.90
N LYS D 364 12.03 -14.26 45.18
CA LYS D 364 10.87 -14.63 46.01
C LYS D 364 9.70 -13.70 45.75
N ASN D 365 9.95 -12.40 45.63
CA ASN D 365 8.90 -11.43 45.38
C ASN D 365 8.79 -11.28 43.86
N LEU D 366 8.00 -10.33 43.38
CA LEU D 366 7.87 -10.14 41.95
C LEU D 366 8.53 -8.87 41.43
N GLU D 367 8.60 -7.82 42.25
CA GLU D 367 9.23 -6.58 41.82
C GLU D 367 10.73 -6.56 42.04
N ALA D 368 11.27 -7.51 42.78
CA ALA D 368 12.72 -7.57 43.02
C ALA D 368 13.52 -7.86 41.76
N VAL D 369 12.84 -8.02 40.62
CA VAL D 369 13.51 -8.29 39.36
C VAL D 369 14.08 -7.02 38.72
N GLU D 370 13.53 -5.86 39.05
CA GLU D 370 13.98 -4.58 38.52
C GLU D 370 15.03 -3.88 39.38
N THR D 371 15.05 -4.13 40.69
CA THR D 371 16.03 -3.49 41.57
C THR D 371 17.48 -3.70 41.14
N LEU D 372 17.80 -4.86 40.55
CA LEU D 372 19.18 -5.08 40.12
C LEU D 372 19.62 -4.07 39.06
N GLY D 373 18.76 -3.78 38.10
CA GLY D 373 19.13 -2.82 37.06
C GLY D 373 19.34 -1.42 37.56
N SER D 374 18.62 -1.03 38.62
CA SER D 374 18.74 0.30 39.19
C SER D 374 19.85 0.43 40.23
N THR D 375 20.50 -0.66 40.59
CA THR D 375 21.57 -0.60 41.58
C THR D 375 22.77 0.18 41.06
N SER D 376 23.41 0.92 41.97
CA SER D 376 24.59 1.72 41.64
C SER D 376 25.72 1.54 42.64
N THR D 377 25.57 0.65 43.62
CA THR D 377 26.60 0.42 44.63
C THR D 377 26.34 -0.99 45.18
N ILE D 378 27.22 -1.92 44.86
CA ILE D 378 27.09 -3.31 45.31
C ILE D 378 28.07 -3.56 46.46
N CYS D 379 27.52 -3.94 47.62
CA CYS D 379 28.31 -4.25 48.79
C CYS D 379 28.41 -5.76 48.83
N SER D 380 29.61 -6.30 48.65
CA SER D 380 29.79 -7.75 48.66
C SER D 380 30.52 -8.32 49.86
N LYS D 382 33.23 -11.42 51.25
CA LYS D 382 34.40 -12.14 50.74
C LYS D 382 34.29 -13.65 50.89
N THR D 383 34.28 -14.12 52.14
CA THR D 383 34.19 -15.54 52.44
C THR D 383 32.81 -16.09 52.06
N GLY D 384 32.80 -17.07 51.15
CA GLY D 384 31.59 -17.70 50.70
C GLY D 384 30.90 -17.03 49.53
N THR D 385 31.19 -15.75 49.27
CA THR D 385 30.57 -15.04 48.15
C THR D 385 31.62 -14.69 47.10
N LEU D 386 32.61 -13.89 47.47
CA LEU D 386 33.67 -13.52 46.53
C LEU D 386 34.64 -14.67 46.30
N THR D 387 34.80 -15.54 47.29
CA THR D 387 35.70 -16.69 47.25
C THR D 387 34.94 -18.02 47.29
N GLN D 388 35.71 -19.11 47.38
CA GLN D 388 35.18 -20.47 47.44
C GLN D 388 35.26 -21.12 48.81
N ASN D 389 35.88 -20.48 49.79
CA ASN D 389 36.01 -21.01 51.15
C ASN D 389 36.65 -22.41 51.18
N ARG D 390 37.51 -22.72 50.22
CA ARG D 390 38.18 -24.03 50.18
C ARG D 390 39.65 -23.83 49.88
N MET D 391 40.52 -24.38 50.72
CA MET D 391 41.96 -24.25 50.53
C MET D 391 42.41 -25.02 49.28
N THR D 392 43.22 -24.37 48.45
CA THR D 392 43.73 -24.97 47.22
C THR D 392 45.17 -24.57 46.97
N VAL D 393 45.97 -25.52 46.47
CA VAL D 393 47.38 -25.31 46.15
C VAL D 393 47.47 -24.27 45.04
N ALA D 394 48.00 -23.09 45.36
CA ALA D 394 48.12 -22.02 44.37
C ALA D 394 49.44 -21.95 43.62
N HIS D 395 50.56 -21.77 44.32
CA HIS D 395 51.87 -21.67 43.69
C HIS D 395 52.85 -22.71 44.23
N MET D 396 53.79 -23.12 43.38
CA MET D 396 54.81 -24.11 43.73
C MET D 396 56.19 -23.64 43.30
N TRP D 397 57.20 -23.92 44.13
CA TRP D 397 58.58 -23.55 43.84
C TRP D 397 59.41 -24.80 43.56
N PHE D 398 60.16 -24.78 42.47
CA PHE D 398 61.04 -25.88 42.07
C PHE D 398 61.84 -25.43 40.85
N ASP D 399 63.10 -25.86 40.81
CA ASP D 399 64.03 -25.52 39.73
C ASP D 399 64.14 -24.00 39.56
N ASN D 400 64.37 -23.32 40.69
CA ASN D 400 64.50 -21.87 40.75
C ASN D 400 63.49 -21.20 39.81
N GLN D 401 62.23 -21.59 39.96
CA GLN D 401 61.19 -21.04 39.10
C GLN D 401 59.82 -21.21 39.73
N ILE D 402 59.05 -20.12 39.78
CA ILE D 402 57.71 -20.14 40.35
C ILE D 402 56.75 -20.72 39.31
N HIS D 403 55.93 -21.68 39.73
CA HIS D 403 54.97 -22.33 38.88
C HIS D 403 53.58 -22.10 39.45
N GLU D 404 52.61 -21.85 38.58
CA GLU D 404 51.24 -21.62 38.99
C GLU D 404 50.37 -22.81 38.62
N ALA D 405 49.45 -23.14 39.52
CA ALA D 405 48.54 -24.25 39.34
C ALA D 405 47.12 -23.73 39.17
N ASP D 406 46.28 -24.54 38.54
CA ASP D 406 44.89 -24.16 38.30
C ASP D 406 44.10 -24.28 39.59
N THR D 407 43.53 -23.16 40.02
CA THR D 407 42.73 -23.10 41.25
C THR D 407 41.29 -22.72 40.94
N THR D 408 40.70 -23.36 39.93
CA THR D 408 39.32 -23.07 39.54
C THR D 408 38.47 -24.34 39.60
N GLU D 409 37.26 -24.16 40.15
CA GLU D 409 36.25 -25.20 40.35
C GLU D 409 36.14 -26.26 39.25
N ASN D 410 35.87 -25.83 38.02
CA ASN D 410 35.73 -26.76 36.91
C ASN D 410 37.03 -27.13 36.22
N GLN D 411 38.18 -26.68 36.74
CA GLN D 411 39.49 -26.98 36.15
C GLN D 411 39.55 -26.58 34.68
N SER D 412 39.46 -25.27 34.45
CA SER D 412 39.50 -24.69 33.11
C SER D 412 40.65 -23.69 33.09
N GLY D 413 41.87 -24.19 32.88
CA GLY D 413 43.01 -23.28 32.84
C GLY D 413 44.28 -23.78 32.18
N ALA D 414 45.42 -23.44 32.78
CA ALA D 414 46.73 -23.83 32.26
C ALA D 414 47.47 -24.81 33.17
N ALA D 415 48.06 -25.84 32.57
CA ALA D 415 48.80 -26.84 33.31
C ALA D 415 50.14 -26.22 33.76
N PHE D 416 50.89 -26.95 34.60
CA PHE D 416 52.16 -26.39 35.07
C PHE D 416 53.42 -27.09 34.56
N ASP D 417 53.41 -27.68 33.35
CA ASP D 417 54.61 -28.34 32.81
C ASP D 417 55.05 -29.54 33.64
N LYS D 418 54.26 -30.61 33.57
CA LYS D 418 54.57 -31.84 34.31
C LYS D 418 55.59 -32.74 33.59
N THR D 419 56.73 -32.18 33.16
CA THR D 419 57.72 -32.99 32.46
C THR D 419 59.08 -33.13 33.14
N SER D 420 59.31 -32.49 34.28
CA SER D 420 60.61 -32.60 34.94
C SER D 420 60.58 -33.64 36.05
N ALA D 421 61.77 -34.14 36.41
CA ALA D 421 61.85 -35.14 37.46
C ALA D 421 61.60 -34.50 38.82
N THR D 422 61.95 -33.22 38.96
CA THR D 422 61.76 -32.50 40.21
C THR D 422 60.30 -32.59 40.63
N TRP D 423 59.38 -32.34 39.69
CA TRP D 423 57.95 -32.42 40.00
C TRP D 423 57.58 -33.81 40.49
N SER D 424 58.15 -34.85 39.89
CA SER D 424 57.84 -36.21 40.32
C SER D 424 58.27 -36.42 41.76
N ALA D 425 59.49 -35.99 42.09
CA ALA D 425 59.97 -36.13 43.46
C ALA D 425 59.08 -35.35 44.41
N LEU D 426 58.60 -34.19 43.98
CA LEU D 426 57.72 -33.37 44.81
C LEU D 426 56.41 -34.10 45.05
N SER D 427 55.89 -34.74 44.01
CA SER D 427 54.65 -35.49 44.14
C SER D 427 54.83 -36.64 45.11
N ARG D 428 56.00 -37.27 45.09
CA ARG D 428 56.22 -38.37 46.02
C ARG D 428 56.32 -37.87 47.45
N ILE D 429 56.97 -36.73 47.66
CA ILE D 429 57.10 -36.18 49.00
C ILE D 429 55.73 -35.83 49.56
N ALA D 430 54.98 -35.01 48.83
CA ALA D 430 53.64 -34.60 49.29
C ALA D 430 52.68 -35.78 49.42
N ALA D 431 52.62 -36.65 48.41
CA ALA D 431 51.71 -37.78 48.46
C ALA D 431 52.06 -38.79 49.55
N LEU D 432 53.32 -38.87 49.95
CA LEU D 432 53.67 -39.84 50.98
C LEU D 432 53.58 -39.22 52.38
N CYS D 433 54.30 -38.12 52.61
CA CYS D 433 54.29 -37.44 53.90
C CYS D 433 52.99 -36.65 54.03
N ASN D 434 51.89 -37.41 54.18
CA ASN D 434 50.55 -36.86 54.32
C ASN D 434 49.68 -38.01 54.83
N ARG D 435 48.92 -37.75 55.90
CA ARG D 435 48.06 -38.75 56.52
C ARG D 435 46.58 -38.67 56.16
N ALA D 436 46.13 -37.68 55.39
CA ALA D 436 44.72 -37.61 55.05
C ALA D 436 44.37 -38.51 53.87
N VAL D 437 43.10 -38.96 53.84
CA VAL D 437 42.60 -39.83 52.79
C VAL D 437 41.13 -39.50 52.52
N PHE D 438 40.75 -39.58 51.24
CA PHE D 438 39.37 -39.30 50.85
C PHE D 438 38.40 -40.15 51.66
N GLN D 439 37.24 -39.58 51.93
CA GLN D 439 36.22 -40.30 52.70
C GLN D 439 35.64 -41.42 51.86
N ALA D 440 35.47 -42.59 52.48
CA ALA D 440 34.90 -43.74 51.77
C ALA D 440 33.66 -43.34 51.00
N GLY D 441 33.47 -43.97 49.84
CA GLY D 441 32.31 -43.69 49.00
C GLY D 441 32.19 -42.36 48.29
N GLN D 442 33.28 -41.86 47.70
CA GLN D 442 33.27 -40.59 46.97
C GLN D 442 33.62 -40.81 45.51
N ASP D 443 33.67 -42.07 45.09
CA ASP D 443 33.98 -42.52 43.74
C ASP D 443 33.16 -41.83 42.65
N ASN D 444 32.12 -41.08 43.03
CA ASN D 444 31.26 -40.38 42.08
C ASN D 444 31.53 -38.88 41.96
N VAL D 445 31.69 -38.16 43.06
CA VAL D 445 31.93 -36.72 43.00
C VAL D 445 33.24 -36.39 42.29
N PRO D 446 33.51 -35.13 41.97
CA PRO D 446 34.75 -34.78 41.29
C PRO D 446 35.91 -34.75 42.28
N ILE D 447 37.12 -34.63 41.73
CA ILE D 447 38.34 -34.59 42.54
C ILE D 447 38.39 -33.42 43.51
N LEU D 448 37.76 -32.29 43.19
CA LEU D 448 37.86 -31.18 44.14
C LEU D 448 36.71 -31.11 45.16
N LYS D 449 35.50 -31.45 44.77
CA LYS D 449 34.37 -31.39 45.71
C LYS D 449 34.23 -32.61 46.63
N ARG D 450 35.16 -33.56 46.67
CA ARG D 450 34.93 -34.67 47.58
C ARG D 450 35.40 -34.36 49.00
N SER D 451 34.86 -35.13 49.94
CA SER D 451 35.17 -34.99 51.35
C SER D 451 36.49 -35.66 51.69
N VAL D 452 37.36 -34.93 52.42
CA VAL D 452 38.67 -35.44 52.82
C VAL D 452 38.79 -35.27 54.33
N ALA D 453 39.11 -36.36 55.03
CA ALA D 453 39.26 -36.35 56.48
C ALA D 453 40.70 -35.95 56.84
N GLY D 454 40.87 -34.76 57.39
CA GLY D 454 42.17 -34.29 57.78
C GLY D 454 42.22 -32.77 57.80
N ASP D 455 43.44 -32.26 57.94
CA ASP D 455 43.67 -30.82 57.98
C ASP D 455 43.40 -30.23 56.60
N ALA D 456 43.31 -28.89 56.54
CA ALA D 456 43.04 -28.24 55.26
C ALA D 456 44.27 -28.26 54.35
N SER D 457 45.46 -28.03 54.92
CA SER D 457 46.67 -28.03 54.10
C SER D 457 46.92 -29.41 53.49
N GLU D 458 46.83 -30.45 54.32
CA GLU D 458 47.04 -31.80 53.81
C GLU D 458 45.97 -32.17 52.79
N SER D 459 44.76 -31.63 52.97
CA SER D 459 43.69 -31.94 52.03
C SER D 459 43.99 -31.30 50.67
N ALA D 460 44.45 -30.05 50.68
CA ALA D 460 44.77 -29.39 49.42
C ALA D 460 45.90 -30.12 48.71
N LEU D 461 46.92 -30.54 49.47
CA LEU D 461 48.04 -31.26 48.88
C LEU D 461 47.57 -32.58 48.26
N LEU D 462 46.73 -33.31 49.00
CA LEU D 462 46.23 -34.58 48.51
C LEU D 462 45.42 -34.38 47.24
N LYS D 463 44.60 -33.33 47.20
CA LYS D 463 43.79 -33.07 46.01
C LYS D 463 44.66 -32.70 44.81
N CYS D 464 45.70 -31.90 45.01
CA CYS D 464 46.54 -31.53 43.87
C CYS D 464 47.28 -32.74 43.32
N ILE D 465 47.76 -33.62 44.22
CA ILE D 465 48.48 -34.81 43.76
C ILE D 465 47.51 -35.75 43.06
N GLU D 466 46.31 -35.92 43.62
CA GLU D 466 45.32 -36.81 43.01
C GLU D 466 44.81 -36.21 41.71
N LEU D 467 45.00 -34.91 41.52
CA LEU D 467 44.55 -34.22 40.32
C LEU D 467 45.49 -34.43 39.14
N CYS D 468 46.79 -34.14 39.31
CA CYS D 468 47.69 -34.32 38.18
C CYS D 468 48.72 -35.44 38.37
N CYS D 469 48.46 -36.40 39.24
CA CYS D 469 49.40 -37.50 39.45
C CYS D 469 48.68 -38.83 39.62
N GLY D 470 47.38 -38.88 39.31
CA GLY D 470 46.60 -40.09 39.45
C GLY D 470 46.35 -40.48 40.90
N SER D 471 45.68 -41.63 41.04
CA SER D 471 45.30 -42.22 42.32
C SER D 471 46.40 -42.25 43.37
N VAL D 472 46.19 -41.49 44.46
CA VAL D 472 47.17 -41.45 45.54
C VAL D 472 47.15 -42.75 46.33
N GLN D 473 46.01 -43.43 46.38
CA GLN D 473 45.94 -44.69 47.12
C GLN D 473 46.91 -45.74 46.60
N GLY D 474 47.24 -45.68 45.31
CA GLY D 474 48.16 -46.65 44.77
C GLY D 474 49.55 -46.09 44.91
N MET D 475 49.65 -44.76 44.86
CA MET D 475 50.97 -44.14 45.02
C MET D 475 51.47 -44.40 46.42
N ARG D 476 50.54 -44.51 47.38
CA ARG D 476 50.83 -44.76 48.78
C ARG D 476 51.05 -46.24 49.02
N ASP D 477 50.30 -47.11 48.32
CA ASP D 477 50.56 -48.52 48.58
C ASP D 477 51.78 -49.00 47.81
N ARG D 478 52.24 -48.19 46.84
CA ARG D 478 53.42 -48.52 46.05
C ARG D 478 54.70 -48.36 46.86
N ASN D 479 54.64 -47.61 47.98
CA ASN D 479 55.75 -47.33 48.89
C ASN D 479 55.24 -47.48 50.32
N PRO D 480 55.60 -48.56 51.01
CA PRO D 480 55.14 -48.78 52.39
C PRO D 480 55.83 -47.91 53.43
N LYS D 481 55.04 -47.16 54.19
CA LYS D 481 55.55 -46.28 55.24
C LYS D 481 56.02 -47.08 56.43
N ILE D 482 57.31 -46.97 56.77
CA ILE D 482 57.84 -47.72 57.90
C ILE D 482 57.73 -46.97 59.22
N VAL D 483 58.30 -45.78 59.33
CA VAL D 483 58.21 -45.07 60.60
C VAL D 483 57.94 -43.59 60.37
N GLU D 484 56.99 -43.04 61.12
CA GLU D 484 56.60 -41.63 61.01
C GLU D 484 56.67 -40.94 62.36
N ILE D 485 57.19 -39.72 62.36
CA ILE D 485 57.28 -38.90 63.56
C ILE D 485 56.26 -37.78 63.39
N PRO D 486 55.15 -37.80 64.15
CA PRO D 486 54.11 -36.76 64.00
C PRO D 486 54.56 -35.32 64.10
N PHE D 487 53.59 -34.42 64.15
CA PHE D 487 53.86 -32.99 64.22
C PHE D 487 53.92 -32.50 65.65
N ASN D 488 55.13 -32.11 66.05
CA ASN D 488 55.45 -31.58 67.36
C ASN D 488 55.27 -30.07 67.27
N SER D 489 55.02 -29.42 68.41
CA SER D 489 54.88 -27.98 68.28
C SER D 489 56.23 -27.30 68.27
N THR D 490 57.29 -28.03 68.58
CA THR D 490 58.66 -27.55 68.60
C THR D 490 59.38 -27.89 67.30
N ASN D 491 59.20 -29.13 66.82
CA ASN D 491 59.84 -29.56 65.58
C ASN D 491 59.24 -28.84 64.38
N LYS D 492 57.96 -28.46 64.48
CA LYS D 492 57.23 -27.77 63.43
C LYS D 492 57.59 -28.38 62.08
N TYR D 493 57.65 -29.72 62.06
CA TYR D 493 57.98 -30.47 60.86
C TYR D 493 57.44 -31.89 61.00
N GLN D 494 57.00 -32.45 59.88
CA GLN D 494 56.44 -33.80 59.81
C GLN D 494 57.32 -34.65 58.91
N LEU D 495 57.89 -35.73 59.45
CA LEU D 495 58.75 -36.59 58.64
C LEU D 495 58.33 -38.05 58.76
N SER D 496 58.80 -38.84 57.80
CA SER D 496 58.49 -40.27 57.77
C SER D 496 59.35 -40.97 56.73
N ILE D 497 59.66 -42.23 57.01
CA ILE D 497 60.45 -43.09 56.13
C ILE D 497 59.59 -44.22 55.62
N HIS D 498 59.79 -44.53 54.34
CA HIS D 498 59.08 -45.55 53.59
C HIS D 498 60.09 -46.28 52.70
N GLU D 499 59.65 -47.43 52.21
CA GLU D 499 60.49 -48.23 51.34
C GLU D 499 60.51 -47.59 49.95
N ASN D 500 61.51 -47.92 49.15
CA ASN D 500 61.62 -47.38 47.80
C ASN D 500 61.11 -48.41 46.81
N GLU D 501 60.12 -48.03 46.01
CA GLU D 501 59.54 -48.94 45.03
C GLU D 501 60.46 -49.24 43.86
N LYS D 502 61.68 -48.70 43.82
CA LYS D 502 62.55 -48.99 42.70
C LYS D 502 62.92 -50.47 42.76
N SER D 503 62.62 -51.22 41.70
CA SER D 503 62.96 -52.63 41.74
C SER D 503 64.46 -52.86 41.64
N SER D 504 65.22 -51.80 41.36
CA SER D 504 66.68 -51.88 41.25
C SER D 504 67.37 -51.28 42.46
N GLU D 505 66.63 -50.58 43.32
CA GLU D 505 67.17 -49.94 44.52
C GLU D 505 66.30 -50.31 45.69
N SER D 506 66.86 -51.05 46.65
CA SER D 506 66.16 -51.49 47.84
C SER D 506 66.41 -50.57 49.04
N ARG D 507 66.98 -49.38 48.81
CA ARG D 507 67.27 -48.43 49.87
C ARG D 507 66.01 -47.89 50.54
N TYR D 508 66.20 -46.95 51.47
CA TYR D 508 65.10 -46.35 52.20
C TYR D 508 64.94 -44.87 51.89
N LEU D 509 63.70 -44.42 51.78
CA LEU D 509 63.38 -43.03 51.48
C LEU D 509 62.88 -42.31 52.73
N LEU D 510 63.35 -41.08 52.93
CA LEU D 510 62.97 -40.25 54.07
C LEU D 510 62.42 -38.94 53.53
N VAL D 511 61.25 -38.52 54.01
CA VAL D 511 60.63 -37.28 53.55
C VAL D 511 60.11 -36.45 54.71
N MET D 512 60.46 -35.17 54.74
CA MET D 512 60.01 -34.26 55.78
C MET D 512 59.39 -33.04 55.11
N LYS D 513 58.47 -32.40 55.82
CA LYS D 513 57.77 -31.22 55.33
C LYS D 513 57.50 -30.26 56.48
N GLY D 514 57.57 -28.97 56.21
CA GLY D 514 57.33 -28.01 57.28
C GLY D 514 57.55 -26.57 56.84
N ALA D 515 57.77 -25.70 57.82
CA ALA D 515 58.00 -24.30 57.51
C ALA D 515 59.28 -24.14 56.69
N PRO D 516 59.27 -23.28 55.66
CA PRO D 516 60.48 -23.11 54.83
C PRO D 516 61.73 -22.68 55.58
N GLU D 517 61.62 -21.92 56.67
CA GLU D 517 62.84 -21.52 57.39
C GLU D 517 63.48 -22.71 58.08
N ARG D 518 62.68 -23.46 58.84
CA ARG D 518 63.20 -24.63 59.54
C ARG D 518 63.78 -25.64 58.56
N ILE D 519 63.06 -25.91 57.46
CA ILE D 519 63.55 -26.87 56.48
C ILE D 519 64.80 -26.34 55.78
N LEU D 520 64.87 -25.01 55.56
CA LEU D 520 66.05 -24.46 54.91
C LEU D 520 67.28 -24.65 55.78
N ASP D 521 67.10 -24.56 57.10
CA ASP D 521 68.23 -24.76 58.00
C ASP D 521 68.64 -26.22 58.10
N ARG D 522 67.96 -27.13 57.40
CA ARG D 522 68.30 -28.55 57.44
C ARG D 522 68.71 -29.13 56.10
N CYS D 523 69.16 -28.31 55.15
CA CYS D 523 69.56 -28.84 53.87
C CYS D 523 70.94 -28.33 53.47
N SER D 524 71.49 -28.99 52.47
CA SER D 524 72.79 -28.65 51.93
C SER D 524 72.89 -28.96 50.45
N THR D 525 71.82 -29.46 49.85
CA THR D 525 71.78 -29.80 48.43
C THR D 525 70.44 -29.32 47.88
N ILE D 526 70.34 -29.29 46.56
CA ILE D 526 69.14 -28.85 45.86
C ILE D 526 68.98 -29.69 44.61
N LEU D 527 67.78 -30.23 44.42
CA LEU D 527 67.45 -31.07 43.28
C LEU D 527 67.08 -30.12 42.14
N LEU D 528 68.05 -29.82 41.29
CA LEU D 528 67.85 -28.93 40.15
C LEU D 528 67.70 -29.74 38.87
N ASN D 529 66.55 -29.60 38.22
CA ASN D 529 66.21 -30.28 36.97
C ASN D 529 66.43 -31.79 37.05
N GLY D 530 66.59 -32.32 38.26
CA GLY D 530 66.81 -33.73 38.47
C GLY D 530 68.12 -33.99 39.18
N ALA D 531 69.21 -33.42 38.66
CA ALA D 531 70.51 -33.62 39.28
C ALA D 531 70.55 -32.88 40.62
N GLU D 532 71.65 -33.07 41.36
CA GLU D 532 71.78 -32.40 42.64
C GLU D 532 72.88 -31.35 42.53
N GLU D 533 72.80 -30.35 43.41
CA GLU D 533 73.78 -29.27 43.43
C GLU D 533 73.92 -28.76 44.84
N PRO D 534 74.98 -28.02 45.15
CA PRO D 534 75.14 -27.50 46.52
C PRO D 534 74.14 -26.40 46.79
N LEU D 535 74.09 -25.98 48.05
CA LEU D 535 73.18 -24.93 48.52
C LEU D 535 73.89 -23.58 48.67
N LYS D 536 74.71 -23.18 47.69
CA LYS D 536 75.40 -21.90 47.79
C LYS D 536 74.42 -20.75 48.00
N GLU D 537 74.92 -19.63 48.53
CA GLU D 537 74.08 -18.45 48.81
C GLU D 537 73.29 -17.94 47.61
N ASP D 538 73.67 -18.28 46.37
CA ASP D 538 72.90 -17.79 45.24
C ASP D 538 71.49 -18.36 45.27
N MET D 539 71.38 -19.68 45.42
CA MET D 539 70.06 -20.27 45.47
C MET D 539 69.40 -20.01 46.82
N LYS D 540 70.21 -19.71 47.85
CA LYS D 540 69.61 -19.42 49.15
C LYS D 540 68.89 -18.09 49.08
N GLU D 541 69.44 -17.15 48.29
CA GLU D 541 68.80 -15.86 48.17
C GLU D 541 67.63 -15.99 47.20
N ALA D 542 67.73 -16.90 46.22
CA ALA D 542 66.61 -17.06 45.33
C ALA D 542 65.46 -17.69 46.09
N PHE D 543 65.79 -18.46 47.12
CA PHE D 543 64.77 -19.10 47.94
C PHE D 543 64.15 -18.09 48.88
N GLN D 544 64.95 -17.09 49.30
CA GLN D 544 64.39 -16.07 50.18
C GLN D 544 63.44 -15.19 49.39
N ASN D 545 63.83 -14.83 48.16
CA ASN D 545 62.95 -14.00 47.35
C ASN D 545 61.69 -14.78 46.99
N ALA D 546 61.81 -16.10 46.78
CA ALA D 546 60.64 -16.89 46.45
C ALA D 546 59.71 -16.95 47.67
N TYR D 547 60.30 -17.06 48.86
CA TYR D 547 59.50 -17.13 50.08
C TYR D 547 58.72 -15.83 50.25
N LEU D 548 59.39 -14.69 50.04
CA LEU D 548 58.66 -13.43 50.18
C LEU D 548 57.69 -13.19 49.05
N GLU D 549 57.91 -13.83 47.89
CA GLU D 549 56.99 -13.64 46.77
C GLU D 549 55.69 -14.38 47.07
N LEU D 550 55.81 -15.64 47.50
CA LEU D 550 54.61 -16.40 47.82
C LEU D 550 53.94 -15.87 49.08
N GLY D 551 54.74 -15.32 50.02
CA GLY D 551 54.16 -14.80 51.24
C GLY D 551 53.39 -13.52 51.00
N GLY D 552 53.96 -12.61 50.20
CA GLY D 552 53.28 -11.36 49.92
C GLY D 552 51.97 -11.55 49.18
N LEU D 553 51.79 -12.69 48.54
CA LEU D 553 50.58 -13.02 47.80
C LEU D 553 49.45 -13.44 48.72
N GLY D 554 49.64 -13.31 50.03
CA GLY D 554 48.61 -13.70 50.98
C GLY D 554 48.46 -15.19 51.15
N GLU D 555 49.39 -15.97 50.61
CA GLU D 555 49.37 -17.42 50.68
C GLU D 555 50.23 -17.97 51.82
N ARG D 556 49.97 -19.22 52.15
CA ARG D 556 50.67 -19.97 53.19
C ARG D 556 51.56 -20.95 52.44
N VAL D 557 52.87 -20.82 52.62
CA VAL D 557 53.84 -21.67 51.94
C VAL D 557 54.48 -22.68 52.89
N LEU D 558 54.73 -23.88 52.36
CA LEU D 558 55.34 -24.99 53.06
C LEU D 558 56.51 -25.50 52.21
N GLY D 559 57.40 -26.26 52.85
CA GLY D 559 58.56 -26.82 52.19
C GLY D 559 58.65 -28.33 52.27
N PHE D 560 58.89 -28.97 51.14
CA PHE D 560 59.01 -30.42 51.02
C PHE D 560 60.44 -30.82 50.65
N CYS D 561 61.01 -31.75 51.43
CA CYS D 561 62.36 -32.21 51.16
C CYS D 561 62.45 -33.70 51.46
N HIS D 562 63.49 -34.33 50.92
CA HIS D 562 63.68 -35.76 51.11
C HIS D 562 65.16 -36.12 51.04
N PHE D 563 65.45 -37.37 51.38
CA PHE D 563 66.82 -37.88 51.36
C PHE D 563 66.80 -39.40 51.28
N ALA D 564 67.78 -39.94 50.56
CA ALA D 564 67.94 -41.38 50.37
C ALA D 564 68.87 -41.90 51.47
N LEU D 565 68.33 -42.69 52.38
CA LEU D 565 69.14 -43.24 53.46
C LEU D 565 70.07 -44.32 52.91
N PRO D 566 71.37 -44.28 53.25
CA PRO D 566 72.30 -45.29 52.75
C PRO D 566 71.96 -46.66 53.33
N GLU D 567 71.69 -47.62 52.44
CA GLU D 567 71.35 -48.96 52.91
C GLU D 567 72.54 -49.68 53.53
N ASP D 568 73.72 -49.09 53.53
CA ASP D 568 74.89 -49.73 54.12
C ASP D 568 74.97 -49.45 55.61
N LYS D 569 74.49 -48.29 56.04
CA LYS D 569 74.49 -47.89 57.45
C LYS D 569 73.16 -48.20 58.11
N TYR D 570 72.12 -48.41 57.30
CA TYR D 570 70.76 -48.72 57.75
C TYR D 570 70.25 -49.76 56.75
N ASN D 571 70.50 -51.04 57.05
CA ASN D 571 70.08 -52.13 56.18
C ASN D 571 68.56 -52.23 56.11
N GLU D 572 68.10 -53.12 55.22
CA GLU D 572 66.67 -53.34 55.04
C GLU D 572 66.01 -53.99 56.25
N GLY D 573 66.80 -54.58 57.14
CA GLY D 573 66.26 -55.22 58.32
C GLY D 573 66.27 -54.37 59.57
N TYR D 574 67.13 -53.36 59.62
CA TYR D 574 67.20 -52.50 60.79
C TYR D 574 65.91 -51.74 61.01
N PRO D 575 65.38 -51.69 62.24
CA PRO D 575 64.15 -50.95 62.50
C PRO D 575 64.46 -49.60 63.13
N PHE D 576 64.03 -48.51 62.49
CA PHE D 576 64.29 -47.17 63.02
C PHE D 576 63.19 -46.72 63.97
N ASP D 577 63.23 -47.22 65.20
CA ASP D 577 62.23 -46.83 66.18
C ASP D 577 62.33 -45.33 66.45
N ALA D 578 61.19 -44.65 66.54
CA ALA D 578 61.16 -43.21 66.77
C ALA D 578 61.51 -42.88 68.23
N ASP D 579 62.80 -42.98 68.55
CA ASP D 579 63.25 -42.67 69.91
C ASP D 579 64.49 -41.78 69.94
N GLU D 580 65.54 -42.17 69.22
CA GLU D 580 66.80 -41.46 69.15
C GLU D 580 67.10 -40.93 67.74
N PRO D 581 68.25 -40.25 67.50
CA PRO D 581 68.51 -39.76 66.14
C PRO D 581 68.93 -40.85 65.17
N ASN D 582 67.94 -41.49 64.56
CA ASN D 582 68.17 -42.55 63.60
C ASN D 582 68.25 -42.02 62.18
N PHE D 583 67.84 -40.78 61.95
CA PHE D 583 67.86 -40.20 60.63
C PHE D 583 68.63 -38.89 60.66
N PRO D 584 69.39 -38.59 59.61
CA PRO D 584 70.15 -37.33 59.60
C PRO D 584 69.21 -36.14 59.46
N THR D 585 69.06 -35.36 60.52
CA THR D 585 68.17 -34.19 60.47
C THR D 585 68.65 -33.21 59.40
N THR D 586 69.96 -32.96 59.35
CA THR D 586 70.54 -32.05 58.39
C THR D 586 70.99 -32.85 57.16
N ASP D 587 71.68 -32.17 56.24
CA ASP D 587 72.19 -32.76 55.01
C ASP D 587 71.10 -33.35 54.13
N LEU D 588 69.86 -32.86 54.25
CA LEU D 588 68.76 -33.37 53.45
C LEU D 588 68.78 -32.70 52.07
N CYS D 589 67.87 -33.11 51.19
CA CYS D 589 67.78 -32.57 49.84
C CYS D 589 66.45 -31.85 49.71
N PHE D 590 66.50 -30.52 49.67
CA PHE D 590 65.31 -29.70 49.54
C PHE D 590 64.82 -29.78 48.09
N VAL D 591 63.54 -30.06 47.86
CA VAL D 591 63.06 -30.14 46.49
C VAL D 591 62.32 -28.88 46.08
N GLY D 592 61.48 -28.34 46.96
CA GLY D 592 60.76 -27.13 46.59
C GLY D 592 59.62 -26.73 47.50
N LEU D 593 59.26 -25.45 47.46
CA LEU D 593 58.18 -24.91 48.26
C LEU D 593 56.82 -25.18 47.62
N MET D 594 55.78 -25.16 48.45
CA MET D 594 54.41 -25.39 48.01
C MET D 594 53.47 -24.46 48.77
N ALA D 595 52.92 -23.47 48.07
CA ALA D 595 52.00 -22.53 48.68
C ALA D 595 50.56 -22.98 48.51
N MET D 596 49.64 -22.28 49.18
CA MET D 596 48.23 -22.62 49.11
C MET D 596 47.40 -21.48 49.69
N ILE D 597 46.20 -21.31 49.14
CA ILE D 597 45.27 -20.27 49.59
C ILE D 597 43.91 -20.56 48.97
N ASP D 598 42.87 -19.94 49.55
CA ASP D 598 41.51 -20.13 49.05
C ASP D 598 41.29 -19.30 47.79
N PRO D 599 41.01 -19.91 46.64
CA PRO D 599 40.81 -19.13 45.41
C PRO D 599 39.38 -18.67 45.23
N PRO D 600 39.16 -17.66 44.39
CA PRO D 600 37.80 -17.15 44.15
C PRO D 600 37.06 -17.99 43.11
N ARG D 601 35.74 -17.78 43.07
CA ARG D 601 34.91 -18.50 42.12
C ARG D 601 35.23 -18.07 40.69
N ALA D 602 35.01 -19.00 39.75
CA ALA D 602 35.26 -18.82 38.33
C ALA D 602 34.89 -17.47 37.69
N ALA D 603 33.60 -17.13 37.66
CA ALA D 603 33.13 -15.89 37.07
C ALA D 603 33.16 -14.70 38.02
N VAL D 604 34.00 -14.71 39.05
CA VAL D 604 34.04 -13.58 39.98
C VAL D 604 34.76 -12.38 39.36
N PRO D 605 35.98 -12.51 38.83
CA PRO D 605 36.63 -11.32 38.25
C PRO D 605 35.87 -10.73 37.07
N ASP D 606 35.42 -11.57 36.14
CA ASP D 606 34.68 -11.08 34.99
C ASP D 606 33.40 -10.37 35.41
N ALA D 607 32.67 -10.93 36.37
CA ALA D 607 31.44 -10.28 36.82
C ALA D 607 31.73 -8.95 37.50
N VAL D 608 32.78 -8.89 38.32
CA VAL D 608 33.10 -7.62 38.98
C VAL D 608 33.47 -6.58 37.94
N GLY D 609 34.22 -6.99 36.90
CA GLY D 609 34.59 -6.06 35.87
C GLY D 609 33.37 -5.58 35.10
N LYS D 610 32.42 -6.48 34.85
CA LYS D 610 31.21 -6.11 34.13
C LYS D 610 30.41 -5.10 34.94
N CYS D 611 30.34 -5.31 36.26
CA CYS D 611 29.59 -4.39 37.11
C CYS D 611 30.25 -3.03 37.12
N ARG D 612 31.59 -3.00 37.21
CA ARG D 612 32.29 -1.72 37.21
C ARG D 612 32.11 -1.01 35.87
N SER D 613 32.02 -1.78 34.79
CA SER D 613 31.83 -1.19 33.46
C SER D 613 30.50 -0.46 33.39
N ALA D 614 29.48 -1.00 34.05
CA ALA D 614 28.14 -0.42 34.06
C ALA D 614 28.01 0.72 35.05
N GLY D 615 29.13 1.18 35.62
CA GLY D 615 29.10 2.27 36.57
C GLY D 615 28.64 1.90 37.97
N ILE D 616 28.74 0.64 38.35
CA ILE D 616 28.33 0.17 39.67
C ILE D 616 29.55 0.15 40.59
N LYS D 617 29.47 0.88 41.69
CA LYS D 617 30.56 0.95 42.65
C LYS D 617 30.61 -0.33 43.47
N VAL D 618 31.75 -1.03 43.41
CA VAL D 618 31.95 -2.27 44.14
C VAL D 618 32.73 -1.95 45.41
N ILE D 619 32.14 -2.23 46.55
CA ILE D 619 32.75 -1.98 47.85
C ILE D 619 32.80 -3.30 48.60
N MET D 620 34.00 -3.71 49.01
CA MET D 620 34.11 -4.98 49.74
C MET D 620 33.81 -4.76 51.21
N VAL D 621 33.00 -5.64 51.80
CA VAL D 621 32.62 -5.58 53.21
C VAL D 621 32.75 -6.99 53.75
N THR D 622 33.79 -7.24 54.56
CA THR D 622 33.97 -8.56 55.11
C THR D 622 34.63 -8.50 56.48
N GLY D 623 34.36 -9.53 57.30
CA GLY D 623 34.90 -9.63 58.63
C GLY D 623 36.17 -10.45 58.71
N ASP D 624 36.95 -10.47 57.63
CA ASP D 624 38.19 -11.23 57.57
C ASP D 624 39.39 -10.31 57.76
N HIS D 625 40.57 -10.94 57.85
CA HIS D 625 41.81 -10.21 58.02
C HIS D 625 42.02 -9.22 56.89
N PRO D 626 42.54 -8.01 57.17
CA PRO D 626 42.76 -7.05 56.09
C PRO D 626 43.84 -7.47 55.11
N ILE D 627 44.86 -8.19 55.59
CA ILE D 627 45.95 -8.64 54.72
C ILE D 627 45.43 -9.58 53.63
N THR D 628 44.37 -10.32 53.91
CA THR D 628 43.80 -11.22 52.92
C THR D 628 42.71 -10.54 52.12
N ALA D 629 41.94 -9.65 52.78
CA ALA D 629 40.88 -8.94 52.10
C ALA D 629 41.44 -8.06 50.99
N LYS D 630 42.55 -7.37 51.27
CA LYS D 630 43.15 -6.51 50.25
C LYS D 630 43.64 -7.32 49.06
N ALA D 631 44.23 -8.49 49.33
CA ALA D 631 44.72 -9.33 48.24
C ALA D 631 43.57 -9.83 47.39
N ILE D 632 42.48 -10.27 48.02
CA ILE D 632 41.35 -10.76 47.25
C ILE D 632 40.72 -9.61 46.48
N ALA D 633 40.71 -8.41 47.07
CA ALA D 633 40.14 -7.26 46.39
C ALA D 633 40.91 -6.95 45.13
N LYS D 634 42.25 -6.94 45.22
CA LYS D 634 43.06 -6.68 44.05
C LYS D 634 42.93 -7.79 43.02
N GLY D 635 42.70 -9.03 43.49
CA GLY D 635 42.56 -10.15 42.59
C GLY D 635 41.22 -10.24 41.87
N VAL D 636 40.18 -9.65 42.45
CA VAL D 636 38.85 -9.69 41.82
C VAL D 636 38.48 -8.41 41.08
N GLY D 637 39.25 -7.32 41.27
CA GLY D 637 38.97 -6.07 40.60
C GLY D 637 38.46 -4.95 41.47
N ILE D 638 38.23 -5.18 42.77
CA ILE D 638 37.74 -4.09 43.62
C ILE D 638 38.80 -3.00 43.73
N ILE D 639 40.05 -3.39 43.91
CA ILE D 639 41.16 -2.45 44.02
C ILE D 639 41.93 -2.61 42.72
N SER D 640 41.59 -1.79 41.72
CA SER D 640 42.25 -1.85 40.42
C SER D 640 43.76 -1.79 40.57
N GLU D 641 44.45 -2.58 39.75
CA GLU D 641 45.91 -2.62 39.82
C GLU D 641 46.43 -1.24 39.44
N GLY D 642 47.25 -0.67 40.33
CA GLY D 642 47.84 0.64 40.14
C GLY D 642 47.42 1.64 41.22
N ASN D 643 46.20 1.52 41.72
CA ASN D 643 45.72 2.42 42.75
C ASN D 643 46.53 2.15 44.02
N GLU D 644 46.56 3.12 44.93
CA GLU D 644 47.33 2.92 46.14
C GLU D 644 46.69 3.52 47.39
N THR D 645 46.99 2.90 48.52
CA THR D 645 46.54 3.26 49.85
C THR D 645 47.58 4.15 50.51
N ILE D 646 47.18 4.84 51.59
CA ILE D 646 48.10 5.73 52.27
C ILE D 646 49.31 4.96 52.83
N GLU D 647 49.10 3.74 53.30
CA GLU D 647 50.24 2.98 53.84
C GLU D 647 51.19 2.58 52.72
N ASP D 648 50.65 2.29 51.53
CA ASP D 648 51.51 1.90 50.42
C ASP D 648 52.40 3.07 50.03
N ILE D 649 51.86 4.29 50.06
CA ILE D 649 52.66 5.46 49.71
C ILE D 649 53.73 5.70 50.77
N ALA D 650 53.35 5.54 52.05
CA ALA D 650 54.33 5.74 53.11
C ALA D 650 55.44 4.71 53.03
N ALA D 651 55.13 3.51 52.51
CA ALA D 651 56.14 2.47 52.41
C ALA D 651 57.00 2.68 51.17
N ARG D 652 56.42 3.22 50.10
CA ARG D 652 57.19 3.45 48.88
C ARG D 652 58.13 4.64 49.04
N LEU D 653 57.79 5.57 49.93
CA LEU D 653 58.62 6.75 50.17
C LEU D 653 59.53 6.63 51.38
N ASN D 654 59.16 5.80 52.36
CA ASN D 654 59.91 5.57 53.60
C ASN D 654 59.75 6.74 54.55
N ILE D 655 58.52 7.23 54.67
CA ILE D 655 58.18 8.36 55.53
C ILE D 655 56.98 7.96 56.38
N PRO D 656 56.74 8.65 57.49
CA PRO D 656 55.59 8.30 58.34
C PRO D 656 54.28 8.44 57.57
N ILE D 657 53.24 7.81 58.11
CA ILE D 657 51.93 7.86 57.46
C ILE D 657 51.17 9.16 57.76
N GLY D 658 51.47 9.82 58.87
CA GLY D 658 50.79 11.06 59.21
C GLY D 658 51.14 12.25 58.35
N GLN D 659 52.14 12.12 57.46
CA GLN D 659 52.55 13.21 56.59
C GLN D 659 51.82 13.25 55.26
N VAL D 660 51.60 12.10 54.63
CA VAL D 660 50.93 12.06 53.34
C VAL D 660 49.48 12.56 53.44
N ASN D 661 48.99 13.11 52.32
CA ASN D 661 47.64 13.66 52.18
C ASN D 661 46.70 12.54 51.76
N PRO D 662 45.55 12.36 52.43
CA PRO D 662 44.62 11.28 52.04
C PRO D 662 43.89 11.50 50.73
N ARG D 663 44.06 12.64 50.06
CA ARG D 663 43.35 12.84 48.80
C ARG D 663 44.06 12.19 47.62
N ASP D 664 45.35 11.89 47.75
CA ASP D 664 46.12 11.26 46.70
C ASP D 664 45.93 9.74 46.67
N ALA D 665 45.11 9.18 47.56
CA ALA D 665 44.86 7.74 47.63
C ALA D 665 43.43 7.46 47.19
N LYS D 666 43.29 6.76 46.06
CA LYS D 666 41.98 6.41 45.52
C LYS D 666 41.31 5.27 46.29
N ALA D 667 42.06 4.25 46.67
CA ALA D 667 41.53 3.09 47.39
C ALA D 667 41.92 3.13 48.86
N CYS D 668 40.99 2.71 49.72
CA CYS D 668 41.24 2.69 51.16
C CYS D 668 40.73 1.43 51.83
N VAL D 669 41.49 0.96 52.80
CA VAL D 669 41.20 -0.23 53.60
C VAL D 669 40.82 0.26 54.99
N VAL D 670 39.54 0.17 55.34
CA VAL D 670 39.04 0.61 56.63
C VAL D 670 38.91 -0.59 57.56
N HIS D 671 39.63 -0.56 58.68
CA HIS D 671 39.61 -1.63 59.66
C HIS D 671 38.38 -1.50 60.56
N GLY D 672 37.85 -2.64 61.00
CA GLY D 672 36.67 -2.62 61.86
C GLY D 672 36.93 -1.93 63.19
N SER D 673 38.07 -2.22 63.82
CA SER D 673 38.39 -1.61 65.10
C SER D 673 38.33 -0.10 64.98
N ASP D 674 38.79 0.44 63.85
CA ASP D 674 38.76 1.89 63.63
C ASP D 674 37.36 2.34 63.26
N LEU D 675 36.59 1.46 62.62
CA LEU D 675 35.22 1.79 62.22
C LEU D 675 34.33 1.99 63.44
N LYS D 676 34.65 1.30 64.54
CA LYS D 676 33.83 1.44 65.75
C LYS D 676 33.86 2.85 66.30
N ASP D 677 34.97 3.58 66.14
CA ASP D 677 35.14 4.95 66.63
C ASP D 677 34.98 5.99 65.53
N LEU D 678 34.02 5.89 64.62
CA LEU D 678 33.88 6.88 63.56
C LEU D 678 32.49 7.51 63.51
N SER D 679 32.47 8.84 63.35
CA SER D 679 31.25 9.63 63.27
C SER D 679 30.53 9.39 61.94
N THR D 680 29.32 9.95 61.83
CA THR D 680 28.52 9.80 60.61
C THR D 680 29.17 10.53 59.44
N GLU D 681 29.61 11.77 59.67
CA GLU D 681 30.24 12.54 58.60
C GLU D 681 31.50 11.86 58.09
N VAL D 682 32.28 11.27 58.99
CA VAL D 682 33.51 10.60 58.56
C VAL D 682 33.17 9.47 57.59
N LEU D 683 32.14 8.68 57.89
CA LEU D 683 31.77 7.59 56.97
C LEU D 683 31.30 8.17 55.65
N ASP D 684 30.55 9.27 55.71
CA ASP D 684 30.08 9.88 54.47
C ASP D 684 31.26 10.29 53.62
N ASP D 685 32.28 10.87 54.25
CA ASP D 685 33.49 11.30 53.53
C ASP D 685 34.27 10.10 53.01
N ILE D 686 34.27 8.99 53.76
CA ILE D 686 34.99 7.81 53.33
C ILE D 686 34.40 7.31 52.03
N LEU D 687 33.07 7.32 51.93
CA LEU D 687 32.44 6.85 50.70
C LEU D 687 32.44 7.92 49.62
N HIS D 688 32.54 9.20 50.01
CA HIS D 688 32.55 10.33 49.09
C HIS D 688 33.90 10.62 48.46
N TYR D 689 35.01 10.19 49.07
CA TYR D 689 36.33 10.46 48.51
C TYR D 689 37.08 9.24 48.01
N HIS D 690 36.75 8.04 48.49
CA HIS D 690 37.45 6.83 48.07
C HIS D 690 36.56 6.04 47.10
N THR D 691 37.11 5.72 45.93
CA THR D 691 36.37 4.98 44.91
C THR D 691 36.46 3.47 45.10
N GLU D 692 37.55 2.96 45.66
CA GLU D 692 37.77 1.54 45.88
C GLU D 692 37.92 1.35 47.39
N ILE D 693 36.81 1.08 48.07
CA ILE D 693 36.78 0.88 49.51
C ILE D 693 36.66 -0.58 49.89
N VAL D 694 37.40 -0.96 50.93
CA VAL D 694 37.41 -2.32 51.44
C VAL D 694 37.32 -2.24 52.97
N PHE D 695 36.20 -2.69 53.52
CA PHE D 695 35.95 -2.70 54.95
C PHE D 695 36.34 -4.09 55.46
N ALA D 696 37.37 -4.14 56.29
CA ALA D 696 37.85 -5.40 56.84
C ALA D 696 37.63 -5.45 58.35
N ARG D 697 37.46 -6.68 58.84
CA ARG D 697 37.23 -6.94 60.27
C ARG D 697 35.98 -6.21 60.78
N THR D 698 34.94 -6.16 59.95
CA THR D 698 33.70 -5.50 60.30
C THR D 698 32.67 -6.52 60.79
N SER D 699 32.04 -6.23 61.92
CA SER D 699 31.03 -7.09 62.51
C SER D 699 29.73 -6.97 61.72
N PRO D 700 28.80 -7.93 61.89
CA PRO D 700 27.53 -7.82 61.14
C PRO D 700 26.82 -6.50 61.38
N GLN D 701 26.84 -6.02 62.63
CA GLN D 701 26.20 -4.75 62.93
C GLN D 701 26.88 -3.64 62.15
N GLN D 702 28.21 -3.73 62.03
CA GLN D 702 28.92 -2.71 61.28
C GLN D 702 28.58 -2.83 59.80
N LYS D 703 28.31 -4.06 59.33
CA LYS D 703 27.94 -4.23 57.93
C LYS D 703 26.65 -3.46 57.67
N LEU D 704 25.71 -3.59 58.61
CA LEU D 704 24.43 -2.89 58.49
C LEU D 704 24.67 -1.38 58.50
N ILE D 705 25.59 -0.93 59.36
CA ILE D 705 25.89 0.50 59.43
C ILE D 705 26.45 0.99 58.11
N ILE D 706 27.26 0.16 57.45
CA ILE D 706 27.84 0.54 56.17
C ILE D 706 26.76 0.65 55.11
N VAL D 707 25.82 -0.32 55.09
CA VAL D 707 24.75 -0.26 54.11
C VAL D 707 23.94 1.02 54.32
N GLU D 708 23.66 1.34 55.58
CA GLU D 708 22.90 2.56 55.88
C GLU D 708 23.68 3.79 55.44
N GLY D 709 25.01 3.76 55.65
CA GLY D 709 25.82 4.90 55.25
C GLY D 709 25.78 5.09 53.74
N CYS D 710 25.53 4.01 53.01
CA CYS D 710 25.45 4.14 51.56
C CYS D 710 24.09 4.68 51.15
N GLN D 711 23.03 4.26 51.85
CA GLN D 711 21.69 4.74 51.53
C GLN D 711 21.50 6.22 51.90
N ARG D 712 22.07 6.66 53.01
CA ARG D 712 21.92 8.06 53.45
C ARG D 712 22.15 9.07 52.33
N GLN D 713 23.01 8.76 51.37
CA GLN D 713 23.27 9.69 50.28
C GLN D 713 22.13 9.68 49.27
N GLY D 714 21.77 8.50 48.75
CA GLY D 714 20.69 8.44 47.78
C GLY D 714 20.83 7.41 46.68
N ALA D 715 21.73 6.46 46.86
CA ALA D 715 21.95 5.42 45.87
C ALA D 715 21.33 4.09 46.31
N ILE D 716 20.96 3.27 45.32
CA ILE D 716 20.36 1.97 45.58
C ILE D 716 21.46 1.01 45.99
N VAL D 717 21.18 0.09 46.90
CA VAL D 717 22.20 -0.85 47.35
C VAL D 717 21.76 -2.31 47.22
N ALA D 718 22.72 -3.14 46.81
CA ALA D 718 22.55 -4.57 46.63
C ALA D 718 23.67 -5.25 47.41
N VAL D 719 23.30 -6.07 48.39
CA VAL D 719 24.26 -6.77 49.22
C VAL D 719 24.26 -8.25 48.81
N THR D 720 25.44 -8.79 48.53
CA THR D 720 25.60 -10.18 48.12
C THR D 720 26.37 -10.96 49.19
N GLY D 721 25.69 -11.92 49.84
CA GLY D 721 26.35 -12.71 50.87
C GLY D 721 25.97 -14.18 50.98
N ASP D 722 26.51 -14.83 52.02
CA ASP D 722 26.23 -16.25 52.24
C ASP D 722 25.97 -16.69 53.68
N GLY D 723 26.72 -16.15 54.65
CA GLY D 723 26.56 -16.52 56.04
C GLY D 723 25.53 -15.73 56.81
N VAL D 724 25.49 -16.01 58.13
CA VAL D 724 24.55 -15.33 59.01
C VAL D 724 24.98 -13.90 59.28
N ASN D 725 26.29 -13.62 59.20
CA ASN D 725 26.75 -12.26 59.44
C ASN D 725 26.23 -11.30 58.39
N ASP D 726 25.74 -11.83 57.27
CA ASP D 726 25.20 -11.03 56.19
C ASP D 726 23.69 -10.83 56.32
N SER D 727 23.04 -11.53 57.26
CA SER D 727 21.60 -11.38 57.42
C SER D 727 21.19 -9.93 57.69
N PRO D 728 21.77 -9.21 58.66
CA PRO D 728 21.34 -7.81 58.86
C PRO D 728 21.71 -6.91 57.70
N ALA D 729 22.63 -7.33 56.84
CA ALA D 729 23.04 -6.53 55.68
C ALA D 729 22.16 -6.79 54.47
N LEU D 730 21.72 -8.04 54.29
CA LEU D 730 20.86 -8.38 53.17
C LEU D 730 19.46 -7.85 53.36
N LYS D 731 19.01 -7.77 54.62
CA LYS D 731 17.67 -7.29 54.94
C LYS D 731 17.54 -5.78 54.71
N LYS D 732 18.43 -4.99 55.30
CA LYS D 732 18.36 -3.54 55.14
C LYS D 732 18.75 -3.05 53.76
N ALA D 733 19.47 -3.84 52.97
CA ALA D 733 19.84 -3.38 51.65
C ALA D 733 18.63 -3.33 50.74
N ASP D 734 18.69 -2.49 49.71
CA ASP D 734 17.57 -2.40 48.78
C ASP D 734 17.28 -3.76 48.16
N ILE D 735 18.32 -4.59 48.02
CA ILE D 735 18.12 -5.92 47.44
C ILE D 735 19.23 -6.84 47.93
N GLY D 736 18.84 -8.00 48.45
CA GLY D 736 19.78 -8.98 48.96
C GLY D 736 19.91 -10.15 48.01
N VAL D 737 21.13 -10.64 47.88
CA VAL D 737 21.48 -11.76 47.01
C VAL D 737 22.16 -12.78 47.91
N ALA D 738 21.50 -13.90 48.13
CA ALA D 738 22.09 -14.94 48.97
C ALA D 738 22.54 -16.11 48.12
N MET D 739 23.61 -16.76 48.59
CA MET D 739 24.11 -17.90 47.86
C MET D 739 23.19 -19.07 48.14
N GLY D 740 23.05 -19.97 47.18
CA GLY D 740 22.16 -21.10 47.39
C GLY D 740 22.76 -22.34 48.00
N ILE D 741 23.93 -22.77 47.53
CA ILE D 741 24.56 -23.96 48.07
C ILE D 741 25.41 -23.65 49.29
N SER D 742 26.24 -22.62 49.22
CA SER D 742 27.11 -22.22 50.33
C SER D 742 26.48 -21.21 51.28
N GLY D 743 25.20 -20.90 51.13
CA GLY D 743 24.56 -19.93 52.01
C GLY D 743 23.91 -20.55 53.23
N SER D 744 23.70 -19.70 54.24
CA SER D 744 23.08 -20.10 55.50
C SER D 744 21.57 -19.98 55.38
N ASP D 745 20.86 -20.77 56.20
CA ASP D 745 19.40 -20.74 56.18
C ASP D 745 18.83 -19.39 56.61
N VAL D 746 19.44 -18.75 57.60
CA VAL D 746 18.93 -17.46 58.06
C VAL D 746 19.09 -16.40 56.97
N SER D 747 20.28 -16.31 56.38
CA SER D 747 20.49 -15.32 55.33
C SER D 747 19.71 -15.68 54.09
N LYS D 748 19.39 -16.96 53.91
CA LYS D 748 18.63 -17.39 52.74
C LYS D 748 17.17 -17.00 52.90
N GLN D 749 16.66 -17.05 54.14
CA GLN D 749 15.28 -16.70 54.41
C GLN D 749 15.08 -15.19 54.51
N ALA D 750 16.14 -14.44 54.82
CA ALA D 750 16.04 -12.99 54.93
C ALA D 750 16.41 -12.26 53.65
N ALA D 751 16.86 -12.97 52.61
CA ALA D 751 17.24 -12.35 51.35
C ALA D 751 16.04 -12.25 50.42
N ASP D 752 16.22 -11.50 49.33
CA ASP D 752 15.17 -11.31 48.34
C ASP D 752 15.43 -12.07 47.05
N MET D 753 16.69 -12.39 46.75
CA MET D 753 17.04 -13.12 45.54
C MET D 753 18.00 -14.23 45.95
N ILE D 754 17.80 -15.42 45.38
CA ILE D 754 18.64 -16.57 45.69
C ILE D 754 19.33 -17.07 44.43
N LEU D 755 20.61 -17.42 44.59
CA LEU D 755 21.46 -17.93 43.51
C LEU D 755 21.59 -19.42 43.79
N LEU D 756 20.66 -20.21 43.24
CA LEU D 756 20.67 -21.65 43.44
C LEU D 756 21.89 -22.35 42.85
N ASP D 757 22.62 -21.71 41.92
CA ASP D 757 23.80 -22.33 41.34
C ASP D 757 25.10 -21.74 41.85
N ASP D 758 25.04 -20.72 42.71
CA ASP D 758 26.21 -20.06 43.28
C ASP D 758 27.10 -19.43 42.22
N ASN D 759 26.52 -19.04 41.09
CA ASN D 759 27.26 -18.42 40.00
C ASN D 759 27.21 -16.91 40.19
N PHE D 760 28.36 -16.25 40.02
CA PHE D 760 28.39 -14.81 40.21
C PHE D 760 28.10 -14.03 38.94
N ALA D 761 28.20 -14.65 37.75
CA ALA D 761 27.92 -13.93 36.52
C ALA D 761 26.44 -13.57 36.43
N SER D 762 25.62 -14.28 37.22
CA SER D 762 24.20 -14.04 37.25
C SER D 762 23.91 -12.60 37.67
N ILE D 763 24.82 -11.98 38.42
CA ILE D 763 24.61 -10.60 38.84
C ILE D 763 24.64 -9.70 37.61
N VAL D 764 25.55 -10.00 36.68
CA VAL D 764 25.66 -9.22 35.45
C VAL D 764 24.40 -9.44 34.62
N THR D 765 23.98 -10.70 34.51
CA THR D 765 22.77 -10.98 33.74
C THR D 765 21.58 -10.22 34.32
N GLY D 766 21.49 -10.20 35.65
CA GLY D 766 20.40 -9.51 36.31
C GLY D 766 20.43 -8.01 36.09
N VAL D 767 21.62 -7.39 36.20
CA VAL D 767 21.71 -5.95 36.00
C VAL D 767 21.34 -5.61 34.56
N GLU D 768 21.53 -6.55 33.63
CA GLU D 768 21.19 -6.29 32.24
C GLU D 768 19.68 -6.37 32.04
N GLU D 769 19.08 -7.45 32.56
CA GLU D 769 17.64 -7.65 32.43
C GLU D 769 16.85 -6.54 33.13
N GLY D 770 17.36 -6.06 34.27
CA GLY D 770 16.68 -5.00 35.00
C GLY D 770 16.50 -3.74 34.19
N ARG D 771 17.45 -3.46 33.29
CA ARG D 771 17.37 -2.27 32.44
C ARG D 771 16.46 -2.54 31.25
N LEU D 772 16.72 -3.64 30.55
CA LEU D 772 15.90 -4.01 29.39
C LEU D 772 14.40 -3.95 29.72
N ILE D 773 14.00 -4.50 30.88
CA ILE D 773 12.59 -4.48 31.23
C ILE D 773 12.11 -3.11 31.67
N PHE D 774 13.03 -2.17 31.85
CA PHE D 774 12.63 -0.83 32.27
C PHE D 774 12.26 -0.05 31.02
N ASP D 775 13.14 -0.11 30.01
CA ASP D 775 12.82 0.60 28.78
C ASP D 775 11.58 -0.02 28.15
N ASN D 776 11.37 -1.33 28.39
CA ASN D 776 10.18 -1.95 27.81
C ASN D 776 8.94 -1.52 28.58
N LEU D 777 9.05 -1.32 29.90
CA LEU D 777 7.87 -0.87 30.63
C LEU D 777 7.46 0.51 30.13
N LYS D 778 8.45 1.36 29.85
CA LYS D 778 8.14 2.70 29.34
C LYS D 778 7.36 2.61 28.03
N LYS D 779 7.85 1.79 27.10
CA LYS D 779 7.16 1.66 25.81
C LYS D 779 5.73 1.14 25.99
N SER D 780 5.55 0.09 26.78
CA SER D 780 4.21 -0.47 26.98
C SER D 780 3.28 0.54 27.66
N ILE D 781 3.80 1.34 28.59
CA ILE D 781 2.95 2.32 29.25
C ILE D 781 2.47 3.36 28.25
N ALA D 782 3.38 3.84 27.39
CA ALA D 782 2.94 4.83 26.41
C ALA D 782 1.89 4.23 25.49
N TYR D 783 2.01 2.93 25.20
CA TYR D 783 1.04 2.27 24.33
C TYR D 783 -0.33 2.23 24.97
N THR D 784 -0.41 1.72 26.20
CA THR D 784 -1.70 1.64 26.88
C THR D 784 -2.28 3.02 27.22
N LEU D 785 -1.46 4.07 27.26
CA LEU D 785 -1.99 5.39 27.59
C LEU D 785 -2.42 6.19 26.37
N THR D 786 -1.92 5.87 25.18
CA THR D 786 -2.32 6.62 23.98
C THR D 786 -3.81 6.48 23.68
N SER D 787 -4.40 5.31 23.90
CA SER D 787 -5.82 5.08 23.62
C SER D 787 -6.77 5.79 24.58
N ASN D 788 -6.26 6.42 25.65
CA ASN D 788 -7.15 7.10 26.60
C ASN D 788 -7.92 8.25 25.95
N ILE D 789 -7.28 9.01 25.06
CA ILE D 789 -7.93 10.15 24.39
C ILE D 789 -9.09 9.72 23.48
N PRO D 790 -8.88 8.79 22.51
CA PRO D 790 -10.01 8.39 21.65
C PRO D 790 -11.10 7.63 22.37
N GLU D 791 -11.04 7.59 23.70
CA GLU D 791 -12.01 6.90 24.52
C GLU D 791 -12.73 7.84 25.47
N ILE D 792 -12.25 9.08 25.58
CA ILE D 792 -12.85 10.09 26.44
C ILE D 792 -13.40 11.24 25.62
N THR D 793 -12.71 11.61 24.53
CA THR D 793 -13.18 12.70 23.68
C THR D 793 -14.62 12.51 23.21
N PRO D 794 -15.07 11.31 22.81
CA PRO D 794 -16.47 11.18 22.37
C PRO D 794 -17.47 11.66 23.41
N PHE D 795 -17.28 11.30 24.67
CA PHE D 795 -18.20 11.72 25.72
C PHE D 795 -18.10 13.23 25.97
N LEU D 796 -16.91 13.79 25.84
CA LEU D 796 -16.76 15.23 26.05
C LEU D 796 -17.50 15.99 24.98
N VAL D 797 -17.40 15.54 23.72
CA VAL D 797 -18.09 16.22 22.64
C VAL D 797 -19.58 15.92 22.77
N PHE D 798 -19.93 14.81 23.43
CA PHE D 798 -21.32 14.45 23.61
C PHE D 798 -22.00 15.44 24.54
N ILE D 799 -21.29 15.85 25.60
CA ILE D 799 -21.88 16.80 26.54
C ILE D 799 -21.77 18.25 26.05
N ILE D 800 -20.64 18.63 25.43
CA ILE D 800 -20.50 20.01 24.95
C ILE D 800 -21.24 20.26 23.65
N GLY D 801 -21.08 19.41 22.64
CA GLY D 801 -21.74 19.61 21.36
C GLY D 801 -23.12 19.01 21.17
N ASN D 802 -23.59 18.18 22.10
CA ASN D 802 -24.91 17.55 22.01
C ASN D 802 -25.09 16.74 20.73
N VAL D 803 -24.21 15.76 20.54
CA VAL D 803 -24.26 14.89 19.37
C VAL D 803 -24.55 13.48 19.89
N PRO D 804 -24.99 12.56 19.02
CA PRO D 804 -25.26 11.20 19.51
C PRO D 804 -23.99 10.59 20.07
N LEU D 805 -24.14 9.83 21.15
CA LEU D 805 -23.02 9.17 21.82
C LEU D 805 -22.14 8.42 20.82
N PRO D 806 -20.86 8.80 20.68
CA PRO D 806 -19.98 8.11 19.74
C PRO D 806 -19.38 6.77 20.18
N LEU D 807 -18.82 6.68 21.39
CA LEU D 807 -18.21 5.45 21.90
C LEU D 807 -18.94 4.86 23.10
N GLY D 808 -19.60 3.72 22.89
CA GLY D 808 -20.33 3.04 23.94
C GLY D 808 -19.40 2.50 25.02
N THR D 809 -20.00 1.90 26.06
CA THR D 809 -19.22 1.33 27.15
C THR D 809 -18.72 -0.08 26.91
N VAL D 810 -19.51 -0.93 26.22
CA VAL D 810 -19.03 -2.29 26.00
C VAL D 810 -17.96 -2.30 24.93
N THR D 811 -17.75 -1.19 24.25
CA THR D 811 -16.71 -1.13 23.23
C THR D 811 -15.44 -0.68 23.90
N ILE D 812 -15.57 0.25 24.85
CA ILE D 812 -14.39 0.70 25.58
C ILE D 812 -13.86 -0.50 26.33
N LEU D 813 -14.76 -1.33 26.85
CA LEU D 813 -14.35 -2.53 27.56
C LEU D 813 -13.70 -3.53 26.60
N CYS D 814 -14.24 -3.66 25.38
CA CYS D 814 -13.64 -4.58 24.44
C CYS D 814 -12.27 -4.10 23.96
N ILE D 815 -11.96 -2.82 24.18
CA ILE D 815 -10.67 -2.27 23.76
C ILE D 815 -9.64 -2.33 24.88
N ASP D 816 -9.97 -1.77 26.05
CA ASP D 816 -9.04 -1.75 27.18
C ASP D 816 -8.71 -3.15 27.71
N LEU D 817 -9.68 -4.06 27.75
CA LEU D 817 -9.42 -5.40 28.25
C LEU D 817 -9.36 -6.48 27.19
N GLY D 818 -9.47 -6.15 25.91
CA GLY D 818 -9.40 -7.17 24.90
C GLY D 818 -8.17 -7.06 24.03
N THR D 819 -8.39 -6.67 22.78
CA THR D 819 -7.36 -6.49 21.76
C THR D 819 -6.03 -5.95 22.29
N ASP D 820 -6.10 -4.81 22.98
CA ASP D 820 -4.94 -4.13 23.54
C ASP D 820 -4.01 -4.99 24.41
N MET D 821 -4.56 -5.95 25.16
CA MET D 821 -3.73 -6.79 26.03
C MET D 821 -2.57 -7.49 25.34
N VAL D 822 -2.82 -8.24 24.27
CA VAL D 822 -1.73 -8.95 23.58
C VAL D 822 -0.60 -8.03 23.10
N PRO D 823 -0.87 -6.91 22.42
CA PRO D 823 0.25 -6.05 21.98
C PRO D 823 1.06 -5.48 23.13
N ALA D 824 0.38 -5.00 24.17
CA ALA D 824 1.11 -4.44 25.31
C ALA D 824 1.99 -5.50 25.94
N ILE D 825 1.53 -6.75 25.95
CA ILE D 825 2.32 -7.84 26.53
C ILE D 825 3.51 -8.13 25.63
N SER D 826 3.30 -8.04 24.32
CA SER D 826 4.38 -8.30 23.36
C SER D 826 5.48 -7.25 23.44
N LEU D 827 5.13 -6.01 23.77
CA LEU D 827 6.16 -4.97 23.86
C LEU D 827 7.29 -5.29 24.84
N ALA D 828 7.16 -6.34 25.65
CA ALA D 828 8.21 -6.68 26.60
C ALA D 828 9.36 -7.43 25.94
N TYR D 829 9.07 -8.22 24.92
CA TYR D 829 10.03 -9.02 24.15
C TYR D 829 10.93 -8.19 23.25
N GLU D 830 10.95 -6.86 23.39
CA GLU D 830 11.80 -6.03 22.54
C GLU D 830 13.25 -6.06 22.99
N GLN D 831 14.15 -6.24 22.02
CA GLN D 831 15.57 -6.30 22.27
C GLN D 831 16.13 -4.89 22.43
N ALA D 832 17.40 -4.82 22.81
CA ALA D 832 18.05 -3.54 23.02
C ALA D 832 18.25 -2.81 21.69
N GLU D 833 18.43 -1.49 21.80
CA GLU D 833 18.64 -0.60 20.67
C GLU D 833 20.11 -0.23 20.56
N SER D 834 20.71 0.09 21.70
CA SER D 834 22.11 0.46 21.86
C SER D 834 22.66 -0.45 22.95
N ASP D 835 23.93 -0.34 23.27
CA ASP D 835 24.47 -1.20 24.31
C ASP D 835 23.93 -0.74 25.66
N ILE D 836 23.23 -1.62 26.36
CA ILE D 836 22.69 -1.24 27.67
C ILE D 836 23.75 -1.36 28.74
N MET D 837 24.70 -2.28 28.57
CA MET D 837 25.78 -2.49 29.53
C MET D 837 26.88 -1.46 29.37
N LYS D 838 26.59 -0.33 28.74
CA LYS D 838 27.54 0.75 28.52
C LYS D 838 27.12 2.07 29.14
N ARG D 839 25.83 2.40 29.12
CA ARG D 839 25.37 3.65 29.69
C ARG D 839 25.48 3.64 31.22
N GLN D 840 25.58 4.83 31.78
CA GLN D 840 25.70 5.01 33.22
C GLN D 840 24.36 4.70 33.90
N PRO D 841 24.39 4.38 35.20
CA PRO D 841 23.14 4.07 35.90
C PRO D 841 22.19 5.27 35.89
N ARG D 842 20.90 4.96 35.76
CA ARG D 842 19.89 6.01 35.74
C ARG D 842 19.86 6.79 37.05
N ASN D 843 19.70 8.10 36.93
CA ASN D 843 19.65 8.92 38.14
C ASN D 843 18.26 8.79 38.75
N PRO D 844 18.16 8.48 40.05
CA PRO D 844 16.83 8.34 40.65
C PRO D 844 16.10 9.65 40.87
N LYS D 845 16.82 10.73 41.19
CA LYS D 845 16.20 12.03 41.42
C LYS D 845 15.79 12.79 40.16
N THR D 846 16.24 12.39 38.98
CA THR D 846 15.85 13.14 37.78
C THR D 846 15.18 12.30 36.70
N ASP D 847 15.75 11.15 36.33
CA ASP D 847 15.16 10.31 35.29
C ASP D 847 14.13 9.37 35.92
N LYS D 848 12.86 9.66 35.69
CA LYS D 848 11.74 8.88 36.20
C LYS D 848 11.27 7.86 35.17
N LEU D 849 10.19 7.17 35.51
CA LEU D 849 9.60 6.15 34.64
C LEU D 849 8.52 6.75 33.75
N VAL D 850 7.72 7.67 34.30
CA VAL D 850 6.65 8.33 33.57
C VAL D 850 6.82 9.83 33.79
N ASN D 851 7.37 10.53 32.79
CA ASN D 851 7.60 11.95 32.87
C ASN D 851 6.55 12.69 32.03
N GLU D 852 6.70 14.00 31.93
CA GLU D 852 5.76 14.80 31.14
C GLU D 852 6.00 14.63 29.65
N ARG D 853 7.18 14.13 29.28
CA ARG D 853 7.49 13.93 27.87
C ARG D 853 6.63 12.81 27.28
N LEU D 854 6.20 11.87 28.12
CA LEU D 854 5.36 10.78 27.66
C LEU D 854 3.93 11.28 27.52
N ILE D 855 3.43 11.97 28.56
CA ILE D 855 2.09 12.52 28.56
C ILE D 855 1.88 13.43 27.35
N SER D 856 2.92 14.19 26.98
CA SER D 856 2.80 15.07 25.83
C SER D 856 2.61 14.30 24.53
N MET D 857 3.07 13.04 24.49
CA MET D 857 2.94 12.20 23.30
C MET D 857 1.63 11.41 23.27
N ALA D 858 1.40 10.58 24.29
CA ALA D 858 0.19 9.78 24.35
C ALA D 858 -1.07 10.63 24.43
N TYR D 859 -1.17 11.45 25.49
CA TYR D 859 -2.34 12.30 25.65
C TYR D 859 -2.37 13.49 24.70
N GLY D 860 -1.21 14.00 24.31
CA GLY D 860 -1.16 15.15 23.42
C GLY D 860 -1.09 15.06 21.91
N GLN D 861 -0.27 14.17 21.35
CA GLN D 861 -0.15 14.08 19.90
C GLN D 861 -0.73 12.83 19.23
N ILE D 862 -0.38 11.63 19.69
CA ILE D 862 -0.91 10.42 19.05
C ILE D 862 -2.39 10.21 19.38
N GLY D 863 -2.74 10.30 20.67
CA GLY D 863 -4.13 10.09 21.06
C GLY D 863 -5.08 11.07 20.37
N MET D 864 -4.61 12.28 20.11
CA MET D 864 -5.45 13.27 19.45
C MET D 864 -5.78 12.82 18.03
N ILE D 865 -4.78 12.34 17.30
CA ILE D 865 -4.99 11.88 15.93
C ILE D 865 -5.93 10.69 15.93
N GLN D 866 -5.76 9.77 16.89
CA GLN D 866 -6.64 8.61 16.94
C GLN D 866 -8.08 9.04 17.20
N ALA D 867 -8.28 10.04 18.06
CA ALA D 867 -9.62 10.50 18.34
C ALA D 867 -10.24 11.13 17.10
N LEU D 868 -9.43 11.89 16.35
CA LEU D 868 -9.96 12.52 15.14
C LEU D 868 -10.36 11.46 14.13
N GLY D 869 -9.57 10.38 14.01
CA GLY D 869 -9.91 9.32 13.08
C GLY D 869 -11.22 8.66 13.46
N GLY D 870 -11.41 8.44 14.77
CA GLY D 870 -12.65 7.83 15.22
C GLY D 870 -13.85 8.71 14.88
N PHE D 871 -13.73 10.01 15.15
CA PHE D 871 -14.83 10.91 14.84
C PHE D 871 -15.09 10.96 13.35
N PHE D 872 -14.03 10.75 12.54
CA PHE D 872 -14.20 10.77 11.10
C PHE D 872 -15.07 9.59 10.67
N SER D 873 -14.72 8.39 11.13
CA SER D 873 -15.52 7.22 10.76
C SER D 873 -16.95 7.39 11.25
N TYR D 874 -17.10 8.03 12.42
CA TYR D 874 -18.41 8.28 12.99
C TYR D 874 -19.27 9.11 12.04
N PHE D 875 -18.81 10.33 11.75
CA PHE D 875 -19.54 11.21 10.85
C PHE D 875 -19.80 10.54 9.50
N VAL D 876 -18.89 9.68 9.03
CA VAL D 876 -19.11 9.01 7.76
C VAL D 876 -20.32 8.08 7.85
N ILE D 877 -20.37 7.27 8.92
CA ILE D 877 -21.48 6.35 9.08
C ILE D 877 -22.81 7.10 9.17
N LEU D 878 -22.83 8.19 9.93
CA LEU D 878 -24.08 8.94 10.03
C LEU D 878 -24.43 9.73 8.77
N ALA D 879 -23.44 10.09 7.97
CA ALA D 879 -23.73 10.84 6.75
C ALA D 879 -24.24 9.94 5.64
N GLU D 880 -23.79 8.68 5.62
CA GLU D 880 -24.25 7.77 4.58
C GLU D 880 -25.68 7.30 4.81
N ASN D 881 -26.14 7.26 6.06
CA ASN D 881 -27.50 6.83 6.35
C ASN D 881 -28.53 7.95 6.32
N GLY D 882 -28.12 9.21 6.17
CA GLY D 882 -29.10 10.28 6.13
C GLY D 882 -28.96 11.44 7.10
N PHE D 883 -28.07 11.33 8.09
CA PHE D 883 -27.88 12.39 9.08
C PHE D 883 -26.59 13.15 8.78
N LEU D 884 -26.73 14.28 8.09
CA LEU D 884 -25.58 15.11 7.73
C LEU D 884 -25.01 15.80 8.98
N PRO D 885 -23.72 16.19 8.92
CA PRO D 885 -23.10 16.86 10.07
C PRO D 885 -23.77 18.14 10.54
N MET D 886 -24.48 18.87 9.67
CA MET D 886 -25.11 20.11 10.11
C MET D 886 -26.33 19.86 10.99
N ASP D 887 -27.05 18.76 10.78
CA ASP D 887 -28.23 18.46 11.57
C ASP D 887 -27.96 17.62 12.82
N LEU D 888 -26.72 17.20 13.07
CA LEU D 888 -26.46 16.39 14.26
C LEU D 888 -26.27 17.24 15.52
N ILE D 889 -25.81 18.48 15.39
CA ILE D 889 -25.58 19.35 16.54
C ILE D 889 -26.93 19.81 17.10
N GLY D 890 -27.26 19.38 18.32
CA GLY D 890 -28.51 19.77 18.93
C GLY D 890 -29.61 18.72 18.92
N LYS D 891 -29.29 17.47 18.58
CA LYS D 891 -30.28 16.40 18.51
C LYS D 891 -30.35 15.46 19.71
N ARG D 892 -29.30 15.34 20.53
CA ARG D 892 -29.33 14.43 21.68
C ARG D 892 -30.61 14.41 22.51
N VAL D 893 -31.29 15.56 22.68
CA VAL D 893 -32.51 15.57 23.47
C VAL D 893 -33.58 14.72 22.81
N ARG D 894 -33.71 14.82 21.49
CA ARG D 894 -34.72 14.02 20.81
C ARG D 894 -34.14 12.70 20.33
N TRP D 895 -32.81 12.65 20.13
CA TRP D 895 -32.19 11.41 19.68
C TRP D 895 -32.24 10.38 20.79
N ASP D 896 -32.27 10.82 22.04
CA ASP D 896 -32.33 9.90 23.17
C ASP D 896 -33.76 9.59 23.59
N ASP D 897 -34.63 10.61 23.62
CA ASP D 897 -36.04 10.43 24.00
C ASP D 897 -36.57 9.11 23.44
N ARG D 898 -37.17 8.32 24.31
CA ARG D 898 -37.71 7.02 23.93
C ARG D 898 -39.13 7.06 23.40
N TRP D 899 -39.81 8.22 23.45
CA TRP D 899 -41.18 8.29 22.96
C TRP D 899 -41.36 9.14 21.70
N ILE D 900 -40.31 9.44 20.96
CA ILE D 900 -40.42 10.25 19.75
C ILE D 900 -40.15 9.31 18.58
N SER D 901 -41.23 8.79 17.99
CA SER D 901 -41.12 7.88 16.85
C SER D 901 -41.11 8.58 15.49
N ASP D 902 -40.66 9.84 15.44
CA ASP D 902 -40.62 10.57 14.17
C ASP D 902 -39.52 11.63 14.27
N VAL D 903 -38.29 11.23 13.93
CA VAL D 903 -37.13 12.12 13.97
C VAL D 903 -36.72 12.39 12.54
N GLU D 904 -36.91 13.64 12.10
CA GLU D 904 -36.56 14.04 10.75
C GLU D 904 -35.05 14.16 10.58
N ASP D 905 -34.55 13.64 9.47
CA ASP D 905 -33.13 13.69 9.17
C ASP D 905 -32.88 14.80 8.16
N SER D 906 -31.64 14.91 7.68
CA SER D 906 -31.29 15.93 6.71
C SER D 906 -32.06 15.83 5.40
N PHE D 907 -32.65 14.68 5.08
CA PHE D 907 -33.39 14.53 3.84
C PHE D 907 -34.91 14.54 4.02
N GLY D 908 -35.41 14.54 5.25
CA GLY D 908 -36.83 14.57 5.50
C GLY D 908 -37.45 13.24 5.90
N GLN D 909 -36.67 12.18 6.02
CA GLN D 909 -37.21 10.87 6.40
C GLN D 909 -37.51 10.84 7.90
N GLN D 910 -38.47 10.00 8.27
CA GLN D 910 -38.89 9.83 9.66
C GLN D 910 -38.32 8.53 10.19
N TRP D 911 -37.50 8.62 11.24
CA TRP D 911 -36.85 7.49 11.89
C TRP D 911 -37.39 7.18 13.27
N THR D 912 -37.78 5.92 13.49
CA THR D 912 -38.30 5.55 14.80
C THR D 912 -37.12 5.50 15.78
N TYR D 913 -37.43 5.27 17.07
CA TYR D 913 -36.39 5.24 18.10
C TYR D 913 -35.40 4.08 17.91
N GLU D 914 -35.91 2.85 17.80
CA GLU D 914 -35.01 1.70 17.65
C GLU D 914 -34.17 1.76 16.37
N GLN D 915 -34.70 2.35 15.29
CA GLN D 915 -33.92 2.42 14.05
C GLN D 915 -32.70 3.33 14.22
N ARG D 916 -32.89 4.48 14.86
CA ARG D 916 -31.76 5.38 15.03
C ARG D 916 -30.79 4.79 16.05
N LYS D 917 -31.31 4.01 17.01
CA LYS D 917 -30.40 3.41 17.98
C LYS D 917 -29.52 2.36 17.30
N ILE D 918 -30.09 1.63 16.34
CA ILE D 918 -29.29 0.63 15.64
C ILE D 918 -28.14 1.30 14.91
N VAL D 919 -28.42 2.48 14.34
CA VAL D 919 -27.33 3.17 13.63
C VAL D 919 -26.27 3.64 14.63
N GLU D 920 -26.68 4.13 15.81
CA GLU D 920 -25.69 4.58 16.79
C GLU D 920 -24.80 3.43 17.21
N PHE D 921 -25.38 2.23 17.37
CA PHE D 921 -24.58 1.08 17.78
C PHE D 921 -23.60 0.70 16.67
N THR D 922 -24.05 0.80 15.41
CA THR D 922 -23.11 0.47 14.34
C THR D 922 -21.99 1.49 14.32
N CYS D 923 -22.24 2.70 14.83
CA CYS D 923 -21.20 3.71 14.86
C CYS D 923 -20.23 3.38 15.97
N HIS D 924 -20.70 2.66 16.99
CA HIS D 924 -19.80 2.30 18.08
C HIS D 924 -18.86 1.21 17.59
N THR D 925 -19.43 0.27 16.82
CA THR D 925 -18.63 -0.82 16.28
C THR D 925 -17.54 -0.28 15.36
N SER D 926 -17.91 0.64 14.47
CA SER D 926 -16.90 1.20 13.57
C SER D 926 -15.89 2.05 14.34
N PHE D 927 -16.30 2.69 15.43
CA PHE D 927 -15.35 3.50 16.18
C PHE D 927 -14.30 2.59 16.81
N PHE D 928 -14.74 1.46 17.34
CA PHE D 928 -13.83 0.49 17.97
C PHE D 928 -12.86 -0.07 16.92
N ILE D 929 -13.37 -0.31 15.71
CA ILE D 929 -12.49 -0.83 14.68
C ILE D 929 -11.48 0.24 14.26
N SER D 930 -11.90 1.51 14.28
CA SER D 930 -10.99 2.58 13.92
C SER D 930 -9.88 2.64 14.95
N ILE D 931 -10.24 2.40 16.21
CA ILE D 931 -9.25 2.42 17.29
C ILE D 931 -8.20 1.35 17.01
N VAL D 932 -8.63 0.16 16.62
CA VAL D 932 -7.67 -0.91 16.32
C VAL D 932 -6.76 -0.51 15.16
N VAL D 933 -7.35 0.10 14.12
CA VAL D 933 -6.56 0.51 12.95
C VAL D 933 -5.48 1.50 13.35
N VAL D 934 -5.82 2.48 14.20
CA VAL D 934 -4.77 3.44 14.58
C VAL D 934 -3.82 2.80 15.58
N GLN D 935 -4.27 1.76 16.30
CA GLN D 935 -3.37 1.11 17.24
C GLN D 935 -2.28 0.37 16.50
N TRP D 936 -2.52 0.02 15.24
CA TRP D 936 -1.48 -0.67 14.49
C TRP D 936 -0.23 0.21 14.42
N ALA D 937 -0.42 1.43 13.90
CA ALA D 937 0.69 2.37 13.80
C ALA D 937 1.17 2.80 15.16
N ASP D 938 0.32 2.74 16.19
CA ASP D 938 0.82 3.15 17.50
C ASP D 938 1.75 2.09 18.06
N LEU D 939 1.43 0.81 17.82
CA LEU D 939 2.27 -0.28 18.32
C LEU D 939 3.58 -0.31 17.54
N ILE D 940 3.54 0.16 16.30
CA ILE D 940 4.77 0.16 15.51
C ILE D 940 5.65 1.34 15.89
N ILE D 941 5.04 2.50 16.20
CA ILE D 941 5.86 3.63 16.59
C ILE D 941 6.30 3.50 18.04
N CYS D 942 5.64 2.62 18.80
CA CYS D 942 5.99 2.40 20.20
C CYS D 942 7.02 1.29 20.33
N LYS D 943 7.20 0.50 19.27
CA LYS D 943 8.18 -0.58 19.29
C LYS D 943 9.57 -0.05 19.62
N THR D 944 9.97 1.05 18.98
CA THR D 944 11.26 1.69 19.19
C THR D 944 11.07 3.10 19.72
N ARG D 945 11.95 3.52 20.63
CA ARG D 945 11.86 4.86 21.20
C ARG D 945 12.73 5.88 20.48
N ARG D 946 13.87 5.48 19.95
CA ARG D 946 14.76 6.39 19.23
C ARG D 946 15.07 5.88 17.83
N ASN D 947 15.62 4.68 17.71
CA ASN D 947 15.97 4.04 16.44
C ASN D 947 14.81 3.97 15.46
N SER D 948 15.12 3.68 14.19
CA SER D 948 14.12 3.58 13.14
C SER D 948 13.67 2.13 12.98
N ILE D 949 12.52 1.96 12.32
CA ILE D 949 12.00 0.61 12.10
C ILE D 949 12.86 -0.13 11.08
N PHE D 950 13.39 0.58 10.08
CA PHE D 950 14.22 -0.07 9.07
C PHE D 950 15.59 -0.45 9.61
N GLN D 951 15.89 -0.14 10.86
CA GLN D 951 17.17 -0.46 11.47
C GLN D 951 16.97 -1.64 12.42
N GLN D 952 16.21 -1.45 13.51
CA GLN D 952 15.93 -2.50 14.48
C GLN D 952 15.43 -3.72 13.74
N GLY D 953 14.24 -3.62 13.16
CA GLY D 953 13.64 -4.70 12.40
C GLY D 953 12.45 -5.32 13.12
N MET D 954 11.57 -5.93 12.33
CA MET D 954 10.37 -6.58 12.85
C MET D 954 10.64 -8.07 13.08
N LYS D 955 11.62 -8.32 13.96
CA LYS D 955 12.01 -9.68 14.31
C LYS D 955 11.21 -10.22 15.49
N ASN D 956 10.40 -9.38 16.12
CA ASN D 956 9.57 -9.77 17.26
C ASN D 956 8.33 -10.46 16.72
N LYS D 957 8.30 -11.79 16.79
CA LYS D 957 7.17 -12.56 16.29
C LYS D 957 5.90 -12.33 17.12
N ILE D 958 6.06 -12.07 18.42
CA ILE D 958 4.91 -11.84 19.28
C ILE D 958 4.14 -10.61 18.84
N LEU D 959 4.85 -9.53 18.49
CA LEU D 959 4.16 -8.31 18.05
C LEU D 959 3.34 -8.56 16.80
N ILE D 960 3.90 -9.33 15.85
CA ILE D 960 3.19 -9.65 14.61
C ILE D 960 1.93 -10.44 14.94
N PHE D 961 2.06 -11.39 15.86
CA PHE D 961 0.92 -12.21 16.26
C PHE D 961 -0.12 -11.33 16.94
N GLY D 962 0.34 -10.32 17.66
CA GLY D 962 -0.57 -9.42 18.34
C GLY D 962 -1.41 -8.65 17.35
N LEU D 963 -0.78 -8.14 16.30
CA LEU D 963 -1.53 -7.39 15.29
C LEU D 963 -2.57 -8.29 14.61
N PHE D 964 -2.14 -9.48 14.19
CA PHE D 964 -3.07 -10.40 13.53
C PHE D 964 -4.26 -10.75 14.43
N GLU D 965 -3.99 -11.08 15.70
CA GLU D 965 -5.07 -11.43 16.61
C GLU D 965 -5.96 -10.23 16.89
N GLU D 966 -5.36 -9.04 17.03
CA GLU D 966 -6.10 -7.83 17.29
C GLU D 966 -7.11 -7.57 16.19
N THR D 967 -6.76 -7.91 14.95
CA THR D 967 -7.71 -7.69 13.85
C THR D 967 -8.77 -8.78 13.80
N ALA D 968 -8.35 -10.03 14.01
CA ALA D 968 -9.29 -11.14 13.98
C ALA D 968 -10.36 -11.01 15.06
N LEU D 969 -9.99 -10.50 16.23
CA LEU D 969 -10.98 -10.35 17.30
C LEU D 969 -12.03 -9.31 16.94
N ALA D 970 -11.63 -8.19 16.34
CA ALA D 970 -12.61 -7.16 15.97
C ALA D 970 -13.56 -7.69 14.91
N ALA D 971 -13.02 -8.43 13.93
CA ALA D 971 -13.90 -8.96 12.89
C ALA D 971 -14.86 -9.98 13.48
N PHE D 972 -14.37 -10.79 14.42
CA PHE D 972 -15.22 -11.79 15.04
C PHE D 972 -16.34 -11.15 15.86
N LEU D 973 -16.01 -10.12 16.65
CA LEU D 973 -17.03 -9.46 17.45
C LEU D 973 -18.06 -8.77 16.58
N SER D 974 -17.70 -8.39 15.37
CA SER D 974 -18.75 -7.73 14.57
C SER D 974 -19.58 -8.68 13.71
N TYR D 975 -18.95 -9.61 13.00
CA TYR D 975 -19.65 -10.55 12.11
C TYR D 975 -20.30 -11.77 12.75
N CYS D 976 -20.03 -12.12 14.00
CA CYS D 976 -20.68 -13.32 14.54
C CYS D 976 -22.16 -13.10 14.84
N PRO D 977 -23.05 -14.00 14.40
CA PRO D 977 -24.48 -13.84 14.66
C PRO D 977 -24.79 -13.79 16.15
N GLY D 978 -25.82 -13.04 16.49
CA GLY D 978 -26.24 -12.90 17.86
C GLY D 978 -25.41 -11.94 18.69
N THR D 979 -24.61 -11.10 18.05
CA THR D 979 -23.80 -10.14 18.79
C THR D 979 -24.56 -8.85 19.00
N ASP D 980 -25.42 -8.49 18.05
CA ASP D 980 -26.21 -7.27 18.15
C ASP D 980 -27.27 -7.43 19.23
N VAL D 981 -27.41 -8.64 19.76
CA VAL D 981 -28.35 -8.98 20.81
C VAL D 981 -27.65 -9.06 22.15
N ALA D 982 -26.51 -9.75 22.17
CA ALA D 982 -25.71 -9.92 23.38
C ALA D 982 -24.85 -8.70 23.71
N LEU D 983 -23.94 -8.31 22.80
CA LEU D 983 -23.07 -7.17 23.02
C LEU D 983 -23.47 -5.89 22.31
N ARG D 984 -24.47 -5.93 21.42
CA ARG D 984 -24.93 -4.75 20.69
C ARG D 984 -23.89 -4.21 19.70
N MET D 985 -23.42 -5.06 18.80
CA MET D 985 -22.43 -4.69 17.78
C MET D 985 -22.97 -5.24 16.47
N TYR D 986 -23.30 -4.34 15.54
CA TYR D 986 -23.84 -4.70 14.24
C TYR D 986 -22.75 -4.82 13.17
N PRO D 987 -23.02 -5.59 12.12
CA PRO D 987 -22.05 -5.76 11.04
C PRO D 987 -21.78 -4.46 10.30
N LEU D 988 -20.57 -4.35 9.76
CA LEU D 988 -20.14 -3.19 9.01
C LEU D 988 -20.05 -3.48 7.52
N LYS D 989 -20.24 -2.46 6.73
CA LYS D 989 -20.18 -2.54 5.28
C LYS D 989 -18.74 -2.35 4.85
N PRO D 990 -18.19 -3.26 4.02
CA PRO D 990 -16.79 -3.18 3.57
C PRO D 990 -16.19 -1.84 3.18
N SER D 991 -16.99 -0.79 2.97
CA SER D 991 -16.38 0.48 2.62
C SER D 991 -16.00 1.32 3.83
N TRP D 992 -16.59 1.03 4.99
CA TRP D 992 -16.30 1.78 6.21
C TRP D 992 -14.91 1.45 6.78
N TRP D 993 -14.56 0.16 6.85
CA TRP D 993 -13.27 -0.27 7.38
C TRP D 993 -12.05 0.51 6.89
N PHE D 994 -12.18 1.28 5.81
CA PHE D 994 -11.07 2.06 5.28
C PHE D 994 -11.10 3.55 5.65
N CYS D 995 -11.90 3.94 6.64
CA CYS D 995 -11.94 5.35 7.01
C CYS D 995 -10.82 5.77 7.97
N ALA D 996 -10.16 4.82 8.64
CA ALA D 996 -9.09 5.14 9.57
C ALA D 996 -7.68 4.94 9.01
N PHE D 997 -7.55 4.32 7.84
CA PHE D 997 -6.23 4.07 7.23
C PHE D 997 -5.37 5.31 7.06
N PRO D 998 -5.86 6.44 6.49
CA PRO D 998 -4.97 7.61 6.33
C PRO D 998 -4.43 8.14 7.65
N TYR D 999 -5.25 8.14 8.70
CA TYR D 999 -4.78 8.63 9.99
C TYR D 999 -3.65 7.76 10.50
N SER D 1000 -3.76 6.44 10.31
CA SER D 1000 -2.71 5.53 10.76
C SER D 1000 -1.41 5.79 10.02
N LEU D 1001 -1.47 5.91 8.69
CA LEU D 1001 -0.23 6.17 7.97
C LEU D 1001 0.38 7.50 8.41
N ILE D 1002 -0.47 8.51 8.65
CA ILE D 1002 0.03 9.81 9.08
C ILE D 1002 0.74 9.67 10.43
N ILE D 1003 0.18 8.86 11.32
CA ILE D 1003 0.81 8.66 12.63
C ILE D 1003 2.20 8.08 12.44
N PHE D 1004 2.30 7.07 11.57
CA PHE D 1004 3.59 6.44 11.30
C PHE D 1004 4.59 7.45 10.76
N LEU D 1005 4.16 8.29 9.81
CA LEU D 1005 5.06 9.29 9.23
C LEU D 1005 5.51 10.33 10.25
N TYR D 1006 4.58 10.80 11.08
CA TYR D 1006 4.93 11.80 12.08
C TYR D 1006 5.94 11.26 13.06
N ASP D 1007 5.67 10.08 13.63
CA ASP D 1007 6.63 9.52 14.58
C ASP D 1007 7.95 9.17 13.91
N GLU D 1008 7.92 8.80 12.61
CA GLU D 1008 9.16 8.46 11.94
C GLU D 1008 10.03 9.69 11.81
N MET D 1009 9.46 10.82 11.40
CA MET D 1009 10.29 12.02 11.29
C MET D 1009 10.68 12.50 12.68
N ARG D 1010 9.88 12.18 13.70
CA ARG D 1010 10.19 12.58 15.06
C ARG D 1010 11.47 11.89 15.52
N ARG D 1011 11.51 10.56 15.38
CA ARG D 1011 12.64 9.74 15.75
C ARG D 1011 13.85 9.92 14.83
N PHE D 1012 13.84 10.98 14.03
CA PHE D 1012 14.93 11.29 13.10
C PHE D 1012 15.73 12.50 13.52
N ILE D 1013 15.05 13.56 13.94
CA ILE D 1013 15.74 14.77 14.37
C ILE D 1013 16.45 14.48 15.68
N ILE D 1014 15.92 13.54 16.48
CA ILE D 1014 16.54 13.19 17.75
C ILE D 1014 17.90 12.57 17.48
N ARG D 1015 17.99 11.75 16.44
CA ARG D 1015 19.24 11.09 16.08
C ARG D 1015 20.22 12.11 15.51
N ARG D 1016 19.81 12.83 14.46
CA ARG D 1016 20.72 13.80 13.86
C ARG D 1016 21.04 14.96 14.80
N SER D 1017 20.07 15.43 15.60
CA SER D 1017 20.28 16.53 16.53
C SER D 1017 20.24 16.05 17.98
N PRO D 1018 21.36 15.61 18.57
CA PRO D 1018 21.34 15.16 19.96
C PRO D 1018 21.33 16.33 20.93
N GLY D 1019 20.34 16.34 21.83
CA GLY D 1019 20.20 17.39 22.80
C GLY D 1019 19.31 18.53 22.39
N GLY D 1020 18.74 18.47 21.18
CA GLY D 1020 17.86 19.51 20.68
C GLY D 1020 16.47 19.51 21.29
N TRP D 1021 15.66 20.44 20.79
CA TRP D 1021 14.28 20.61 21.23
C TRP D 1021 13.47 19.31 21.21
N VAL D 1022 13.52 18.59 20.08
CA VAL D 1022 12.75 17.35 19.99
C VAL D 1022 13.17 16.34 21.05
N GLU D 1023 14.42 16.42 21.53
CA GLU D 1023 14.85 15.47 22.55
C GLU D 1023 14.38 15.88 23.94
N GLN D 1024 14.60 17.13 24.35
CA GLN D 1024 14.14 17.51 25.68
C GLN D 1024 12.65 17.78 25.72
N GLU D 1025 11.93 17.56 24.63
CA GLU D 1025 10.49 17.79 24.59
C GLU D 1025 9.69 16.52 24.31
N THR D 1026 10.18 15.61 23.44
CA THR D 1026 9.45 14.39 23.13
C THR D 1026 10.18 13.08 23.44
N TYR D 1027 11.40 13.11 23.97
CA TYR D 1027 12.16 11.88 24.26
C TYR D 1027 11.84 11.31 25.64
N TYR D 1028 10.74 10.57 25.71
CA TYR D 1028 10.21 9.90 26.92
C TYR D 1028 11.07 9.98 28.19
N GLY E 12 10.27 23.34 47.32
CA GLY E 12 9.42 22.60 46.41
C GLY E 12 8.18 23.37 45.99
N TRP E 13 7.17 23.33 46.86
CA TRP E 13 5.89 24.01 46.63
C TRP E 13 6.06 25.42 46.07
N LYS E 14 6.86 26.24 46.76
CA LYS E 14 7.09 27.62 46.35
C LYS E 14 8.08 27.76 45.19
N LYS E 15 9.22 27.06 45.27
CA LYS E 15 10.23 27.15 44.21
C LYS E 15 9.70 26.72 42.84
N PHE E 16 9.18 25.49 42.72
CA PHE E 16 8.68 25.05 41.42
C PHE E 16 7.59 25.95 40.85
N LEU E 17 7.22 27.00 41.57
CA LEU E 17 6.21 27.95 41.13
C LEU E 17 6.82 29.25 40.67
N TRP E 18 7.85 29.73 41.36
CA TRP E 18 8.52 30.97 41.01
C TRP E 18 9.82 31.17 41.76
N ASP E 19 10.95 31.12 41.06
CA ASP E 19 12.26 31.31 41.65
C ASP E 19 12.75 32.65 41.10
N SER E 20 13.62 33.34 41.83
CA SER E 20 14.07 34.63 41.33
C SER E 20 15.54 34.66 40.89
N GLU E 21 16.21 33.52 40.77
CA GLU E 21 17.59 33.57 40.33
C GLU E 21 17.65 33.28 38.83
N LYS E 22 16.97 32.23 38.39
CA LYS E 22 16.91 31.83 36.99
C LYS E 22 15.73 32.48 36.29
N LYS E 23 14.92 33.26 37.00
CA LYS E 23 13.73 33.93 36.46
C LYS E 23 12.83 32.95 35.73
N GLU E 24 12.52 31.86 36.42
CA GLU E 24 11.67 30.78 35.92
C GLU E 24 10.28 30.76 36.55
N PHE E 25 9.29 30.41 35.73
CA PHE E 25 7.90 30.32 36.15
C PHE E 25 7.43 28.91 35.80
N LEU E 26 7.00 28.14 36.80
CA LEU E 26 6.52 26.78 36.64
C LEU E 26 7.60 25.81 36.19
N GLY E 27 8.77 26.31 35.82
CA GLY E 27 9.85 25.43 35.39
C GLY E 27 10.71 25.99 34.27
N ARG E 28 10.11 26.69 33.33
CA ARG E 28 10.84 27.28 32.22
C ARG E 28 10.90 28.80 32.35
N THR E 29 11.58 29.42 31.38
CA THR E 29 11.74 30.86 31.34
C THR E 29 10.65 31.43 30.44
N GLY E 30 10.72 32.72 30.12
CA GLY E 30 9.71 33.32 29.28
C GLY E 30 9.66 32.77 27.86
N SER E 31 10.82 32.64 27.21
CA SER E 31 10.90 32.14 25.84
C SER E 31 10.49 30.66 25.64
N SER E 32 10.58 29.83 26.68
CA SER E 32 10.22 28.42 26.49
C SER E 32 8.72 28.23 26.29
N TRP E 33 7.91 28.76 27.22
CA TRP E 33 6.46 28.63 27.08
C TRP E 33 6.01 29.08 25.70
N PHE E 34 6.73 30.03 25.10
CA PHE E 34 6.38 30.51 23.77
C PHE E 34 6.71 29.45 22.74
N LYS E 35 7.88 28.80 22.87
CA LYS E 35 8.21 27.78 21.88
C LYS E 35 7.20 26.64 21.91
N ILE E 36 6.80 26.20 23.10
CA ILE E 36 5.84 25.10 23.21
C ILE E 36 4.45 25.53 22.72
N PHE E 37 3.99 26.72 23.10
CA PHE E 37 2.68 27.18 22.66
C PHE E 37 2.62 27.30 21.14
N LEU E 38 3.67 27.86 20.53
CA LEU E 38 3.68 28.01 19.09
C LEU E 38 3.69 26.65 18.40
N PHE E 39 4.45 25.69 18.94
CA PHE E 39 4.48 24.37 18.32
C PHE E 39 3.10 23.73 18.37
N TYR E 40 2.45 23.75 19.53
CA TYR E 40 1.13 23.16 19.62
C TYR E 40 0.12 23.89 18.74
N LEU E 41 0.24 25.20 18.59
CA LEU E 41 -0.71 25.91 17.75
C LEU E 41 -0.57 25.47 16.30
N ILE E 42 0.67 25.35 15.82
CA ILE E 42 0.88 24.93 14.43
C ILE E 42 0.42 23.49 14.23
N PHE E 43 0.76 22.62 15.20
CA PHE E 43 0.38 21.21 15.11
C PHE E 43 -1.14 21.04 15.06
N TYR E 44 -1.85 21.62 16.04
CA TYR E 44 -3.30 21.50 16.06
C TYR E 44 -3.92 22.17 14.84
N GLY E 45 -3.30 23.23 14.31
CA GLY E 45 -3.86 23.87 13.13
C GLY E 45 -3.81 22.93 11.95
N CYS E 46 -2.68 22.23 11.79
CA CYS E 46 -2.56 21.28 10.69
C CYS E 46 -3.56 20.15 10.87
N LEU E 47 -3.74 19.71 12.12
CA LEU E 47 -4.69 18.64 12.42
C LEU E 47 -6.10 19.03 11.99
N ALA E 48 -6.50 20.26 12.34
CA ALA E 48 -7.83 20.74 11.99
C ALA E 48 -7.99 20.86 10.48
N GLY E 49 -6.99 21.39 9.78
CA GLY E 49 -7.10 21.52 8.34
C GLY E 49 -7.21 20.17 7.65
N ILE E 50 -6.49 19.17 8.15
CA ILE E 50 -6.55 17.85 7.53
C ILE E 50 -7.93 17.24 7.76
N PHE E 51 -8.45 17.34 8.99
CA PHE E 51 -9.77 16.78 9.26
C PHE E 51 -10.83 17.45 8.40
N ILE E 52 -10.71 18.77 8.21
CA ILE E 52 -11.68 19.49 7.39
C ILE E 52 -11.60 19.04 5.94
N GLY E 53 -10.39 18.84 5.42
CA GLY E 53 -10.28 18.39 4.04
C GLY E 53 -10.90 17.01 3.85
N THR E 54 -10.65 16.11 4.81
CA THR E 54 -11.20 14.76 4.71
C THR E 54 -12.71 14.79 4.89
N ILE E 55 -13.27 15.87 5.44
CA ILE E 55 -14.72 15.92 5.59
C ILE E 55 -15.33 16.55 4.34
N GLN E 56 -14.56 17.41 3.66
CA GLN E 56 -15.08 18.03 2.46
C GLN E 56 -15.19 17.00 1.34
N VAL E 57 -14.19 16.11 1.23
CA VAL E 57 -14.29 15.11 0.16
C VAL E 57 -15.54 14.27 0.42
N LEU E 58 -15.91 14.13 1.70
CA LEU E 58 -17.10 13.37 2.05
C LEU E 58 -18.33 14.09 1.54
N LEU E 59 -18.43 15.39 1.85
CA LEU E 59 -19.58 16.15 1.37
C LEU E 59 -19.69 16.06 -0.14
N LEU E 60 -18.55 15.92 -0.83
CA LEU E 60 -18.58 15.81 -2.28
C LEU E 60 -19.01 14.41 -2.73
N THR E 61 -19.00 13.43 -1.82
CA THR E 61 -19.38 12.06 -2.17
C THR E 61 -20.89 11.77 -2.04
N LEU E 62 -21.68 12.67 -1.46
CA LEU E 62 -23.12 12.44 -1.29
C LEU E 62 -23.99 13.35 -2.15
N SER E 63 -25.20 12.85 -2.45
CA SER E 63 -26.22 13.54 -3.25
C SER E 63 -27.22 14.26 -2.36
N ASP E 64 -27.71 15.40 -2.84
CA ASP E 64 -28.67 16.23 -2.12
C ASP E 64 -30.13 15.81 -2.29
N PHE E 65 -30.46 14.95 -3.25
CA PHE E 65 -31.85 14.55 -3.44
C PHE E 65 -32.16 13.12 -3.04
N GLU E 66 -31.21 12.38 -2.47
CA GLU E 66 -31.54 11.01 -2.10
C GLU E 66 -30.54 10.37 -1.16
N PRO E 67 -30.99 9.65 -0.13
CA PRO E 67 -30.06 8.99 0.79
C PRO E 67 -29.50 7.75 0.12
N LYS E 68 -28.18 7.62 0.13
CA LYS E 68 -27.53 6.47 -0.49
C LYS E 68 -28.03 5.14 0.07
N TYR E 69 -28.14 5.03 1.39
CA TYR E 69 -28.61 3.80 2.03
C TYR E 69 -30.00 4.01 2.63
N GLN E 70 -30.96 3.17 2.19
CA GLN E 70 -32.33 3.23 2.67
C GLN E 70 -32.79 1.88 3.20
N ASP E 71 -31.91 1.10 3.82
CA ASP E 71 -32.29 -0.20 4.34
C ASP E 71 -32.67 -0.19 5.81
N ARG E 72 -32.22 0.80 6.58
CA ARG E 72 -32.56 0.86 7.99
C ARG E 72 -33.95 1.44 8.22
N VAL E 73 -34.62 1.87 7.14
CA VAL E 73 -35.96 2.45 7.21
C VAL E 73 -36.87 1.80 6.17
N ALA E 74 -36.65 0.51 5.87
CA ALA E 74 -37.51 -0.12 4.86
C ALA E 74 -38.93 -0.33 5.40
N PRO E 75 -39.18 -1.05 6.50
CA PRO E 75 -40.55 -1.20 6.96
C PRO E 75 -40.98 0.05 7.72
N PRO E 76 -41.93 0.83 7.18
CA PRO E 76 -42.36 2.05 7.85
C PRO E 76 -43.03 1.84 9.20
N GLY E 77 -42.89 2.87 10.04
CA GLY E 77 -43.46 2.87 11.37
C GLY E 77 -44.90 3.36 11.37
N LEU E 78 -45.48 3.42 12.56
CA LEU E 78 -46.86 3.87 12.75
C LEU E 78 -46.91 4.71 14.03
N SER E 79 -46.85 6.04 13.88
CA SER E 79 -46.89 6.88 15.06
C SER E 79 -48.28 7.51 15.22
N HIS E 80 -48.46 8.25 16.30
CA HIS E 80 -49.73 8.91 16.57
C HIS E 80 -49.50 10.34 17.01
N ALA E 81 -50.61 11.07 17.16
CA ALA E 81 -50.61 12.48 17.57
C ALA E 81 -50.35 12.73 19.06
N PRO E 82 -50.99 11.99 19.98
CA PRO E 82 -50.72 12.27 21.40
C PRO E 82 -49.33 11.82 21.78
N TYR E 83 -48.74 12.53 22.75
CA TYR E 83 -47.41 12.22 23.23
C TYR E 83 -47.58 11.54 24.58
N ALA E 84 -47.46 10.22 24.58
CA ALA E 84 -47.59 9.43 25.79
C ALA E 84 -46.19 9.10 26.30
N ILE E 85 -45.99 9.23 27.61
CA ILE E 85 -44.68 8.93 28.18
C ILE E 85 -44.38 7.45 28.11
N LYS E 86 -45.33 6.61 28.50
CA LYS E 86 -45.12 5.16 28.46
C LYS E 86 -46.19 4.49 27.60
N THR E 87 -46.63 5.19 26.55
CA THR E 87 -47.65 4.70 25.63
C THR E 87 -48.95 4.48 26.39
N GLU E 88 -49.25 5.40 27.31
CA GLU E 88 -50.43 5.36 28.14
C GLU E 88 -51.14 6.70 28.12
N ILE E 89 -52.47 6.66 28.01
CA ILE E 89 -53.31 7.85 27.98
C ILE E 89 -54.22 7.75 29.19
N SER E 90 -53.89 8.47 30.26
CA SER E 90 -54.67 8.47 31.50
C SER E 90 -55.05 9.90 31.86
N PHE E 91 -56.35 10.16 31.97
CA PHE E 91 -56.81 11.50 32.31
C PHE E 91 -58.20 11.45 32.93
N SER E 92 -58.46 12.40 33.83
CA SER E 92 -59.72 12.53 34.52
C SER E 92 -60.69 13.40 33.73
N ILE E 93 -61.96 12.98 33.66
CA ILE E 93 -62.95 13.76 32.92
C ILE E 93 -63.41 14.99 33.69
N SER E 94 -62.98 15.14 34.94
CA SER E 94 -63.38 16.30 35.74
C SER E 94 -62.29 17.36 35.74
N ASN E 95 -61.10 17.02 36.24
CA ASN E 95 -59.97 17.94 36.31
C ASN E 95 -59.50 18.31 34.90
N PRO E 96 -59.63 19.58 34.51
CA PRO E 96 -59.18 19.97 33.16
C PRO E 96 -57.68 19.94 32.97
N LYS E 97 -56.90 20.21 34.02
CA LYS E 97 -55.45 20.21 33.93
C LYS E 97 -54.86 18.80 33.87
N SER E 98 -55.63 17.83 33.37
CA SER E 98 -55.17 16.45 33.27
C SER E 98 -54.90 16.03 31.85
N TYR E 99 -55.70 16.49 30.87
CA TYR E 99 -55.51 16.13 29.48
C TYR E 99 -54.92 17.27 28.66
N GLU E 100 -54.33 18.27 29.32
CA GLU E 100 -53.75 19.40 28.61
C GLU E 100 -52.54 18.98 27.78
N SER E 101 -51.69 18.10 28.33
CA SER E 101 -50.52 17.64 27.61
C SER E 101 -50.90 16.93 26.31
N PHE E 102 -52.08 16.32 26.27
CA PHE E 102 -52.52 15.61 25.08
C PHE E 102 -53.01 16.60 24.02
N VAL E 103 -53.99 17.43 24.39
CA VAL E 103 -54.54 18.43 23.46
C VAL E 103 -53.45 19.32 22.90
N LYS E 104 -52.47 19.71 23.73
CA LYS E 104 -51.39 20.57 23.23
C LYS E 104 -50.66 19.89 22.08
N SER E 105 -50.34 18.61 22.22
CA SER E 105 -49.64 17.88 21.16
C SER E 105 -50.56 17.78 19.94
N MET E 106 -51.71 17.13 20.12
CA MET E 106 -52.69 16.96 19.05
C MET E 106 -52.77 18.25 18.22
N HIS E 107 -52.96 19.37 18.92
CA HIS E 107 -53.05 20.68 18.29
C HIS E 107 -51.78 20.98 17.50
N LYS E 108 -50.62 20.70 18.08
CA LYS E 108 -49.36 20.96 17.37
C LYS E 108 -49.32 20.21 16.04
N LEU E 109 -49.83 18.98 16.03
CA LEU E 109 -49.83 18.19 14.80
C LEU E 109 -50.83 18.73 13.78
N MET E 110 -52.09 18.95 14.19
CA MET E 110 -53.11 19.44 13.27
C MET E 110 -52.87 20.89 12.82
N ASP E 111 -52.14 21.68 13.61
CA ASP E 111 -51.86 23.07 13.28
C ASP E 111 -51.07 23.23 11.99
N LEU E 112 -50.59 22.14 11.40
CA LEU E 112 -49.83 22.20 10.17
C LEU E 112 -50.69 21.94 8.94
N TYR E 113 -51.94 21.54 9.13
CA TYR E 113 -52.87 21.27 8.04
C TYR E 113 -53.86 22.40 7.86
N ASN E 114 -53.61 23.56 8.46
CA ASN E 114 -54.49 24.72 8.36
C ASN E 114 -54.66 25.08 6.89
N GLU E 115 -55.90 25.43 6.50
CA GLU E 115 -56.15 25.80 5.12
C GLU E 115 -55.35 27.03 4.70
N SER E 116 -55.16 27.98 5.61
CA SER E 116 -54.41 29.19 5.27
C SER E 116 -53.03 28.82 4.72
N SER E 117 -52.43 27.76 5.23
CA SER E 117 -51.12 27.33 4.76
C SER E 117 -51.22 26.79 3.34
N GLN E 118 -52.26 26.01 3.07
CA GLN E 118 -52.51 25.40 1.76
C GLN E 118 -53.33 26.36 0.91
N ALA E 119 -52.66 27.17 0.09
CA ALA E 119 -53.40 28.10 -0.74
C ALA E 119 -52.66 28.38 -2.04
N GLY E 120 -53.44 28.68 -3.08
CA GLY E 120 -52.91 28.98 -4.40
C GLY E 120 -52.66 27.74 -5.22
N ASN E 121 -52.09 27.95 -6.39
CA ASN E 121 -51.78 26.84 -7.29
C ASN E 121 -50.44 26.25 -6.92
N SER E 122 -49.54 27.09 -6.46
CA SER E 122 -48.22 26.69 -6.04
C SER E 122 -48.14 26.79 -4.52
N PRO E 123 -47.64 25.76 -3.84
CA PRO E 123 -47.20 24.61 -4.63
C PRO E 123 -48.25 23.48 -4.52
N PHE E 124 -49.42 23.78 -3.96
CA PHE E 124 -50.49 22.81 -3.77
C PHE E 124 -51.39 22.60 -4.99
N GLU E 125 -51.87 21.36 -5.11
CA GLU E 125 -52.74 20.92 -6.20
C GLU E 125 -53.93 20.12 -5.67
N ASP E 126 -55.12 20.43 -6.17
CA ASP E 126 -56.33 19.73 -5.76
C ASP E 126 -56.33 18.30 -6.31
N CYS E 127 -56.50 17.32 -5.43
CA CYS E 127 -56.52 15.93 -5.84
C CYS E 127 -57.88 15.30 -5.55
N SER E 128 -58.09 14.13 -6.15
CA SER E 128 -59.33 13.36 -6.04
C SER E 128 -59.86 13.30 -4.60
N ASP E 129 -61.13 13.69 -4.43
CA ASP E 129 -61.76 13.67 -3.12
C ASP E 129 -61.97 12.25 -2.61
N THR E 130 -61.83 11.25 -3.47
CA THR E 130 -61.99 9.84 -3.22
C THR E 130 -60.63 9.17 -3.45
N PRO E 131 -60.27 8.14 -2.66
CA PRO E 131 -58.96 7.48 -2.86
C PRO E 131 -58.64 7.21 -4.32
N ALA E 132 -57.38 7.38 -4.70
CA ALA E 132 -56.97 7.15 -6.08
C ALA E 132 -55.63 6.41 -6.07
N ASP E 133 -55.00 6.33 -7.25
CA ASP E 133 -53.74 5.65 -7.41
C ASP E 133 -52.55 6.59 -7.21
N TYR E 134 -51.35 6.03 -7.40
CA TYR E 134 -50.11 6.75 -7.27
C TYR E 134 -50.04 7.90 -8.28
N ILE E 135 -49.09 8.80 -8.06
CA ILE E 135 -48.89 9.94 -8.93
C ILE E 135 -47.38 10.16 -8.96
N LYS E 136 -46.79 10.09 -10.14
CA LYS E 136 -45.35 10.28 -10.32
C LYS E 136 -45.10 11.63 -10.95
N ARG E 137 -44.42 12.51 -10.23
CA ARG E 137 -44.09 13.85 -10.70
C ARG E 137 -42.69 13.88 -11.31
N GLY E 138 -42.33 12.79 -11.98
CA GLY E 138 -41.05 12.66 -12.62
C GLY E 138 -40.05 11.92 -11.75
N ASP E 139 -38.78 12.12 -12.06
CA ASP E 139 -37.69 11.50 -11.32
C ASP E 139 -37.32 12.36 -10.13
N LEU E 140 -36.19 12.04 -9.50
CA LEU E 140 -35.69 12.77 -8.34
C LEU E 140 -34.60 13.72 -8.82
N ASP E 141 -35.00 14.70 -9.60
CA ASP E 141 -34.08 15.68 -10.16
C ASP E 141 -34.56 17.10 -9.90
N ASP E 142 -33.72 18.03 -10.33
CA ASP E 142 -33.96 19.46 -10.21
C ASP E 142 -34.35 20.07 -11.54
N SER E 143 -34.47 19.24 -12.59
CA SER E 143 -34.85 19.70 -13.92
C SER E 143 -36.15 20.48 -13.73
N GLN E 144 -37.23 19.79 -13.39
CA GLN E 144 -38.47 20.49 -13.17
C GLN E 144 -38.33 21.15 -11.80
N GLY E 145 -38.95 22.30 -11.62
CA GLY E 145 -38.82 22.95 -10.32
C GLY E 145 -39.45 22.16 -9.20
N GLN E 146 -39.64 22.81 -8.06
CA GLN E 146 -40.25 22.17 -6.90
C GLN E 146 -41.52 21.43 -7.28
N LYS E 147 -41.55 20.13 -7.02
CA LYS E 147 -42.71 19.32 -7.35
C LYS E 147 -43.95 19.82 -6.60
N LYS E 148 -45.10 19.20 -6.86
CA LYS E 148 -46.35 19.60 -6.22
C LYS E 148 -46.93 18.45 -5.41
N ALA E 149 -47.43 18.78 -4.21
CA ALA E 149 -48.02 17.80 -3.30
C ALA E 149 -49.52 18.02 -3.19
N CYS E 150 -50.26 16.93 -2.95
CA CYS E 150 -51.71 16.99 -2.81
C CYS E 150 -52.11 17.66 -1.49
N ARG E 151 -53.25 18.34 -1.53
CA ARG E 151 -53.78 19.03 -0.37
C ARG E 151 -54.55 18.06 0.52
N PHE E 152 -54.42 18.25 1.84
CA PHE E 152 -55.10 17.40 2.81
C PHE E 152 -55.83 18.35 3.75
N SER E 153 -57.15 18.35 3.68
CA SER E 153 -57.97 19.22 4.50
C SER E 153 -58.20 18.68 5.91
N ARG E 154 -58.34 19.62 6.85
CA ARG E 154 -58.59 19.30 8.25
C ARG E 154 -59.94 18.60 8.40
N MET E 155 -60.99 19.30 7.98
CA MET E 155 -62.38 18.86 8.02
C MET E 155 -62.58 17.41 7.64
N TRP E 156 -61.68 16.84 6.82
CA TRP E 156 -61.84 15.44 6.45
C TRP E 156 -62.01 14.61 7.70
N LEU E 157 -61.21 14.91 8.74
CA LEU E 157 -61.32 14.21 10.00
C LEU E 157 -62.57 14.86 10.58
N LYS E 158 -63.65 14.08 10.74
CA LYS E 158 -64.89 14.67 11.24
C LYS E 158 -65.03 15.07 12.70
N ASN E 159 -65.04 14.14 13.65
CA ASN E 159 -65.20 14.61 15.02
C ASN E 159 -63.90 14.95 15.73
N CYS E 160 -62.73 14.71 15.14
CA CYS E 160 -61.45 15.06 15.77
C CYS E 160 -60.71 16.00 14.83
N SER E 161 -60.96 17.29 14.97
CA SER E 161 -60.32 18.30 14.14
C SER E 161 -59.98 19.57 14.90
N GLY E 162 -60.42 19.71 16.14
CA GLY E 162 -60.14 20.89 16.93
C GLY E 162 -60.79 22.14 16.39
N LEU E 163 -61.65 22.00 15.37
CA LEU E 163 -62.34 23.12 14.77
C LEU E 163 -63.70 23.33 15.42
N ASP E 164 -64.29 22.24 15.92
CA ASP E 164 -65.58 22.24 16.59
C ASP E 164 -65.41 22.13 18.10
N ASP E 165 -64.79 21.04 18.56
CA ASP E 165 -64.54 20.76 19.96
C ASP E 165 -63.02 20.72 20.11
N THR E 166 -62.42 21.92 20.25
CA THR E 166 -60.99 22.14 20.42
C THR E 166 -60.30 21.02 21.19
N THR E 167 -60.89 20.61 22.30
CA THR E 167 -60.32 19.54 23.14
C THR E 167 -60.12 18.23 22.37
N TYR E 168 -60.94 17.98 21.34
CA TYR E 168 -60.96 16.79 20.45
C TYR E 168 -61.62 15.56 21.05
N GLY E 169 -62.35 15.66 22.16
CA GLY E 169 -62.97 14.46 22.70
C GLY E 169 -62.73 14.19 24.16
N TYR E 170 -61.49 14.43 24.60
CA TYR E 170 -61.03 14.24 25.98
C TYR E 170 -61.93 14.90 27.03
N ALA E 171 -62.83 15.78 26.59
CA ALA E 171 -63.72 16.49 27.51
C ALA E 171 -64.84 15.61 28.07
N GLU E 172 -65.35 14.62 27.33
CA GLU E 172 -66.43 13.82 27.88
C GLU E 172 -66.19 12.31 27.76
N GLY E 173 -64.95 11.86 27.90
CA GLY E 173 -64.74 10.43 27.80
C GLY E 173 -64.81 9.82 26.42
N LYS E 174 -64.31 10.51 25.40
CA LYS E 174 -64.34 10.02 24.03
C LYS E 174 -63.11 10.57 23.32
N PRO E 175 -61.92 10.13 23.71
CA PRO E 175 -60.69 10.62 23.08
C PRO E 175 -60.49 10.11 21.66
N CYS E 176 -59.67 10.87 20.92
CA CYS E 176 -59.33 10.56 19.54
C CYS E 176 -57.83 10.28 19.48
N VAL E 177 -57.41 9.64 18.40
CA VAL E 177 -56.01 9.29 18.18
C VAL E 177 -55.72 9.39 16.70
N VAL E 178 -54.94 10.40 16.32
CA VAL E 178 -54.57 10.64 14.92
C VAL E 178 -53.33 9.81 14.59
N ALA E 179 -53.51 8.78 13.78
CA ALA E 179 -52.42 7.91 13.38
C ALA E 179 -51.78 8.48 12.11
N LYS E 180 -50.48 8.16 11.94
CA LYS E 180 -49.71 8.63 10.81
C LYS E 180 -48.62 7.62 10.42
N LEU E 181 -48.43 7.50 9.11
CA LEU E 181 -47.44 6.61 8.50
C LEU E 181 -46.13 7.37 8.29
N ASN E 182 -45.02 6.78 8.72
CA ASN E 182 -43.71 7.41 8.61
C ASN E 182 -43.31 7.67 7.15
N ARG E 183 -42.99 8.93 6.87
CA ARG E 183 -42.57 9.40 5.55
C ARG E 183 -41.26 8.79 5.08
N ILE E 184 -41.29 8.10 3.93
CA ILE E 184 -40.11 7.48 3.35
C ILE E 184 -40.00 7.92 1.90
N ILE E 185 -38.77 8.27 1.49
CA ILE E 185 -38.53 8.74 0.12
C ILE E 185 -38.66 7.58 -0.86
N GLY E 186 -39.40 7.81 -1.94
CA GLY E 186 -39.61 6.81 -2.97
C GLY E 186 -40.30 5.54 -2.53
N PHE E 187 -41.07 5.60 -1.44
CA PHE E 187 -41.77 4.44 -0.93
C PHE E 187 -43.21 4.38 -1.45
N TYR E 188 -43.55 3.30 -2.13
CA TYR E 188 -44.89 3.12 -2.67
C TYR E 188 -45.66 2.18 -1.76
N PRO E 189 -46.76 2.60 -1.14
CA PRO E 189 -47.49 1.67 -0.28
C PRO E 189 -48.26 0.70 -1.15
N LYS E 190 -48.22 -0.58 -0.78
CA LYS E 190 -48.93 -1.60 -1.55
C LYS E 190 -49.86 -2.39 -0.65
N PRO E 191 -51.15 -2.44 -0.96
CA PRO E 191 -52.10 -3.18 -0.12
C PRO E 191 -52.26 -4.63 -0.56
N LEU E 192 -52.81 -5.42 0.36
CA LEU E 192 -53.05 -6.83 0.13
C LEU E 192 -54.13 -7.01 -0.93
N LYS E 193 -54.00 -8.05 -1.75
CA LYS E 193 -55.00 -8.28 -2.79
C LYS E 193 -56.19 -9.09 -2.28
N ASN E 194 -57.27 -9.06 -3.07
CA ASN E 194 -58.55 -9.73 -2.83
C ASN E 194 -58.58 -11.26 -2.79
N THR E 195 -57.44 -11.93 -2.94
CA THR E 195 -57.41 -13.40 -2.92
C THR E 195 -57.98 -13.96 -1.62
N THR E 196 -58.35 -15.26 -1.65
CA THR E 196 -58.92 -15.98 -0.51
C THR E 196 -58.13 -15.84 0.77
N ASP E 197 -56.87 -15.44 0.72
CA ASP E 197 -56.07 -15.28 1.93
C ASP E 197 -55.97 -13.78 2.14
N LEU E 198 -56.53 -13.34 3.23
CA LEU E 198 -56.61 -11.97 3.69
C LEU E 198 -57.19 -12.06 5.08
N PRO E 199 -56.86 -11.15 5.99
CA PRO E 199 -57.44 -11.24 7.33
C PRO E 199 -58.95 -11.15 7.27
N GLU E 200 -59.58 -11.42 8.40
CA GLU E 200 -61.03 -11.37 8.47
C GLU E 200 -61.52 -9.95 8.20
N GLU E 201 -61.12 -9.03 9.08
CA GLU E 201 -61.43 -7.60 9.04
C GLU E 201 -61.42 -6.91 7.68
N LEU E 202 -60.31 -7.04 6.96
CA LEU E 202 -60.07 -6.43 5.64
C LEU E 202 -61.03 -6.77 4.51
N GLN E 203 -61.75 -7.89 4.55
CA GLN E 203 -62.65 -8.23 3.44
C GLN E 203 -63.59 -7.09 3.01
N ALA E 204 -64.42 -6.58 3.92
CA ALA E 204 -65.32 -5.51 3.55
C ALA E 204 -64.61 -4.20 3.20
N ASN E 205 -65.14 -3.49 2.20
CA ASN E 205 -64.62 -2.20 1.71
C ASN E 205 -63.18 -2.30 1.20
N TYR E 206 -62.96 -3.19 0.23
CA TYR E 206 -61.62 -3.38 -0.33
C TYR E 206 -61.27 -2.33 -1.41
N ASN E 207 -61.10 -1.09 -0.99
CA ASN E 207 -60.73 -0.09 -2.00
C ASN E 207 -59.24 -0.36 -2.22
N GLN E 208 -58.86 -0.87 -3.40
CA GLN E 208 -57.45 -1.15 -3.65
C GLN E 208 -56.56 0.03 -3.28
N TYR E 209 -56.95 1.21 -3.69
CA TYR E 209 -56.21 2.45 -3.44
C TYR E 209 -56.14 2.85 -1.97
N VAL E 210 -56.57 2.09 -0.97
CA VAL E 210 -56.51 2.50 0.42
C VAL E 210 -55.69 1.51 1.24
N LEU E 211 -54.76 2.04 2.05
CA LEU E 211 -53.93 1.19 2.90
C LEU E 211 -54.72 1.09 4.19
N PRO E 212 -55.22 -0.09 4.56
CA PRO E 212 -56.02 -0.23 5.79
C PRO E 212 -55.28 -0.21 7.12
N LEU E 213 -55.93 0.41 8.10
CA LEU E 213 -55.47 0.56 9.47
C LEU E 213 -56.62 0.02 10.31
N ARG E 214 -56.33 -0.91 11.21
CA ARG E 214 -57.38 -1.48 12.05
C ARG E 214 -56.82 -1.76 13.44
N CYS E 215 -57.52 -1.24 14.44
CA CYS E 215 -57.15 -1.39 15.84
C CYS E 215 -57.96 -2.51 16.49
N ALA E 216 -57.39 -3.08 17.56
CA ALA E 216 -58.04 -4.16 18.29
C ALA E 216 -57.47 -4.17 19.71
N ALA E 217 -57.78 -5.24 20.44
CA ALA E 217 -57.33 -5.41 21.81
C ALA E 217 -56.19 -6.43 21.88
N LYS E 218 -55.18 -6.12 22.69
CA LYS E 218 -54.04 -7.01 22.84
C LYS E 218 -54.44 -8.37 23.40
N ARG E 219 -55.24 -8.38 24.46
CA ARG E 219 -55.68 -9.63 25.07
C ARG E 219 -57.10 -9.96 24.64
N GLU E 220 -57.42 -11.26 24.74
CA GLU E 220 -58.75 -11.74 24.36
C GLU E 220 -59.83 -11.21 25.31
N GLU E 221 -59.49 -11.03 26.58
CA GLU E 221 -60.45 -10.53 27.56
C GLU E 221 -60.90 -9.11 27.24
N ASP E 222 -59.94 -8.19 27.12
CA ASP E 222 -60.19 -6.78 26.84
C ASP E 222 -61.14 -6.51 25.68
N ARG E 223 -61.36 -7.46 24.77
CA ARG E 223 -62.28 -7.23 23.65
C ARG E 223 -63.58 -6.59 24.12
N GLU E 224 -64.28 -7.30 25.00
CA GLU E 224 -65.56 -6.86 25.58
C GLU E 224 -65.52 -5.47 26.20
N LYS E 225 -64.43 -5.14 26.91
CA LYS E 225 -64.34 -3.82 27.56
C LYS E 225 -64.04 -2.67 26.61
N ILE E 226 -63.74 -2.92 25.35
CA ILE E 226 -63.46 -1.88 24.38
C ILE E 226 -64.74 -1.73 23.56
N GLY E 227 -65.20 -0.49 23.41
CA GLY E 227 -66.44 -0.30 22.67
C GLY E 227 -66.47 -0.20 21.17
N SER E 228 -66.76 0.98 20.62
CA SER E 228 -66.83 1.13 19.16
C SER E 228 -65.74 2.02 18.60
N ILE E 229 -64.79 1.38 17.92
CA ILE E 229 -63.66 2.02 17.26
C ILE E 229 -64.21 2.68 16.00
N GLU E 230 -64.32 4.00 15.99
CA GLU E 230 -64.85 4.74 14.84
C GLU E 230 -63.71 5.46 14.14
N TYR E 231 -63.33 4.99 12.96
CA TYR E 231 -62.25 5.59 12.18
C TYR E 231 -62.76 6.66 11.21
N PHE E 232 -61.95 7.70 11.04
CA PHE E 232 -62.22 8.82 10.16
C PHE E 232 -61.04 8.97 9.20
N GLY E 233 -61.32 9.22 7.94
CA GLY E 233 -60.24 9.36 6.98
C GLY E 233 -60.72 9.90 5.65
N LEU E 234 -59.81 9.86 4.68
CA LEU E 234 -60.10 10.33 3.33
C LEU E 234 -61.11 9.42 2.65
N GLY E 235 -62.27 9.97 2.30
CA GLY E 235 -63.29 9.17 1.67
C GLY E 235 -64.15 8.38 2.63
N GLY E 236 -63.88 8.48 3.93
CA GLY E 236 -64.62 7.78 4.94
C GLY E 236 -64.05 6.42 5.28
N TYR E 237 -63.01 6.00 4.58
CA TYR E 237 -62.36 4.71 4.80
C TYR E 237 -61.35 4.79 5.94
N ALA E 238 -61.01 3.63 6.47
CA ALA E 238 -60.06 3.51 7.56
C ALA E 238 -58.68 3.18 7.00
N GLY E 239 -58.12 4.14 6.27
CA GLY E 239 -56.81 3.91 5.69
C GLY E 239 -56.20 5.18 5.14
N PHE E 240 -55.13 4.98 4.38
CA PHE E 240 -54.38 6.06 3.75
C PHE E 240 -54.51 5.97 2.23
N PRO E 241 -54.90 7.06 1.58
CA PRO E 241 -55.03 7.04 0.11
C PRO E 241 -53.65 6.97 -0.55
N LEU E 242 -53.54 6.07 -1.52
CA LEU E 242 -52.28 5.88 -2.24
C LEU E 242 -51.85 7.10 -3.05
N GLN E 243 -52.75 8.04 -3.31
CA GLN E 243 -52.41 9.24 -4.08
C GLN E 243 -51.43 10.18 -3.39
N TYR E 244 -51.26 10.10 -2.08
CA TYR E 244 -50.33 10.98 -1.39
C TYR E 244 -48.90 10.45 -1.39
N TYR E 245 -48.59 9.55 -2.31
CA TYR E 245 -47.27 8.95 -2.42
C TYR E 245 -46.87 8.89 -3.89
N PRO E 246 -45.56 8.80 -4.17
CA PRO E 246 -44.52 8.78 -3.14
C PRO E 246 -44.09 10.16 -2.67
N TYR E 247 -43.22 10.16 -1.66
CA TYR E 247 -42.68 11.37 -1.06
C TYR E 247 -41.34 11.60 -1.73
N TYR E 248 -41.15 12.80 -2.28
CA TYR E 248 -39.93 13.15 -2.98
C TYR E 248 -38.86 13.77 -2.08
N GLY E 249 -39.06 13.78 -0.78
CA GLY E 249 -38.01 14.38 0.04
C GLY E 249 -38.22 15.87 0.24
N LYS E 250 -37.68 16.37 1.35
CA LYS E 250 -37.80 17.78 1.69
C LYS E 250 -37.29 18.71 0.59
N ARG E 251 -36.07 18.48 0.12
CA ARG E 251 -35.49 19.33 -0.93
C ARG E 251 -36.36 19.41 -2.18
N LEU E 252 -36.94 18.30 -2.62
CA LEU E 252 -37.76 18.33 -3.83
C LEU E 252 -39.25 18.52 -3.58
N GLN E 253 -39.71 18.58 -2.34
CA GLN E 253 -41.13 18.76 -2.10
C GLN E 253 -41.45 19.50 -0.81
N LYS E 254 -40.77 20.62 -0.53
CA LYS E 254 -41.11 21.31 0.70
C LYS E 254 -42.62 21.61 0.67
N LYS E 255 -43.21 21.81 1.84
CA LYS E 255 -44.64 22.09 1.93
C LYS E 255 -45.44 20.87 1.48
N TYR E 256 -45.05 19.69 2.00
CA TYR E 256 -45.70 18.43 1.66
C TYR E 256 -46.43 17.92 2.90
N LEU E 257 -47.66 17.46 2.70
CA LEU E 257 -48.48 16.93 3.79
C LEU E 257 -48.79 15.47 3.56
N GLN E 258 -48.56 14.67 4.61
CA GLN E 258 -48.79 13.23 4.66
C GLN E 258 -50.20 12.95 5.15
N PRO E 259 -50.88 11.93 4.61
CA PRO E 259 -52.24 11.64 5.07
C PRO E 259 -52.26 11.33 6.56
N LEU E 260 -53.46 11.40 7.14
CA LEU E 260 -53.67 11.14 8.55
C LEU E 260 -54.96 10.38 8.73
N LEU E 261 -55.07 9.63 9.83
CA LEU E 261 -56.29 8.87 10.08
C LEU E 261 -56.71 9.06 11.52
N ALA E 262 -57.94 9.51 11.75
CA ALA E 262 -58.40 9.72 13.11
C ALA E 262 -59.11 8.47 13.63
N ILE E 263 -58.96 8.20 14.93
CA ILE E 263 -59.59 7.03 15.54
C ILE E 263 -60.26 7.44 16.84
N GLN E 264 -61.58 7.31 16.92
CA GLN E 264 -62.33 7.64 18.12
C GLN E 264 -62.67 6.34 18.84
N PHE E 265 -62.30 6.27 20.11
CA PHE E 265 -62.55 5.08 20.92
C PHE E 265 -63.84 5.26 21.72
N THR E 266 -64.96 5.39 21.00
CA THR E 266 -66.23 5.57 21.70
C THR E 266 -66.54 4.37 22.58
N ASN E 267 -67.45 4.59 23.53
CA ASN E 267 -67.90 3.59 24.49
C ASN E 267 -66.73 2.87 25.18
N LEU E 268 -65.95 3.64 25.91
CA LEU E 268 -64.79 3.11 26.63
C LEU E 268 -65.13 2.90 28.10
N THR E 269 -64.88 1.67 28.58
CA THR E 269 -65.15 1.34 29.97
C THR E 269 -64.40 2.31 30.86
N GLN E 270 -65.06 2.74 31.93
CA GLN E 270 -64.49 3.68 32.86
C GLN E 270 -63.72 3.01 34.00
N ASN E 271 -62.67 3.69 34.46
CA ASN E 271 -61.80 3.27 35.55
C ASN E 271 -61.16 1.88 35.35
N MET E 272 -60.44 1.72 34.22
CA MET E 272 -59.78 0.44 33.93
C MET E 272 -58.83 0.58 32.74
N GLU E 273 -57.58 0.12 32.91
CA GLU E 273 -56.54 0.16 31.89
C GLU E 273 -56.82 -0.75 30.69
N LEU E 274 -56.98 -0.16 29.51
CA LEU E 274 -57.24 -0.90 28.28
C LEU E 274 -56.06 -0.80 27.32
N ARG E 275 -55.56 -1.96 26.88
CA ARG E 275 -54.44 -2.11 25.95
C ARG E 275 -54.99 -2.25 24.54
N ILE E 276 -54.80 -1.22 23.71
CA ILE E 276 -55.28 -1.20 22.32
C ILE E 276 -54.10 -1.20 21.36
N GLU E 277 -54.05 -2.20 20.48
CA GLU E 277 -53.00 -2.33 19.48
C GLU E 277 -53.57 -2.04 18.10
N CYS E 278 -53.00 -1.05 17.42
CA CYS E 278 -53.44 -0.66 16.09
C CYS E 278 -52.44 -1.24 15.10
N LYS E 279 -52.93 -1.71 13.95
CA LYS E 279 -52.05 -2.30 12.96
C LYS E 279 -52.47 -2.04 11.52
N VAL E 280 -51.46 -1.76 10.67
CA VAL E 280 -51.64 -1.50 9.25
C VAL E 280 -51.34 -2.81 8.53
N TYR E 281 -51.94 -3.02 7.36
CA TYR E 281 -51.74 -4.24 6.60
C TYR E 281 -51.26 -3.90 5.19
N GLY E 282 -50.32 -4.70 4.69
CA GLY E 282 -49.78 -4.49 3.36
C GLY E 282 -48.56 -5.31 3.03
N GLU E 283 -48.26 -5.42 1.73
CA GLU E 283 -47.11 -6.18 1.22
C GLU E 283 -45.77 -5.67 1.74
N ASN E 284 -45.39 -4.44 1.36
CA ASN E 284 -44.13 -3.86 1.79
C ASN E 284 -44.15 -3.41 3.24
N ILE E 285 -45.01 -4.02 4.05
CA ILE E 285 -45.15 -3.70 5.47
C ILE E 285 -44.86 -4.98 6.24
N ASP E 286 -43.93 -4.90 7.20
CA ASP E 286 -43.54 -6.04 8.02
C ASP E 286 -43.32 -5.53 9.43
N TYR E 287 -43.74 -6.33 10.41
CA TYR E 287 -43.58 -5.96 11.81
C TYR E 287 -42.31 -6.55 12.40
N SER E 288 -41.97 -6.08 13.61
CA SER E 288 -40.78 -6.53 14.32
C SER E 288 -41.08 -6.78 15.79
N GLU E 289 -40.63 -7.92 16.31
CA GLU E 289 -40.86 -8.24 17.71
C GLU E 289 -40.02 -7.39 18.65
N LYS E 290 -39.02 -6.67 18.13
CA LYS E 290 -38.15 -5.82 18.92
C LYS E 290 -38.61 -4.37 18.90
N ASP E 291 -39.00 -3.87 17.72
CA ASP E 291 -39.46 -2.49 17.56
C ASP E 291 -40.98 -2.58 17.58
N ARG E 292 -41.59 -2.03 18.63
CA ARG E 292 -43.04 -2.07 18.78
C ARG E 292 -43.74 -0.90 18.08
N PHE E 293 -43.06 -0.25 17.15
CA PHE E 293 -43.62 0.87 16.40
C PHE E 293 -43.50 0.66 14.91
N ARG E 294 -42.99 -0.50 14.49
CA ARG E 294 -42.81 -0.85 13.08
C ARG E 294 -44.11 -1.42 12.54
N GLY E 295 -44.86 -0.59 11.81
CA GLY E 295 -46.12 -1.01 11.24
C GLY E 295 -47.32 -0.94 12.17
N ARG E 296 -47.12 -1.23 13.45
CA ARG E 296 -48.19 -1.20 14.44
C ARG E 296 -47.80 -0.28 15.58
N PHE E 297 -48.72 -0.15 16.54
CA PHE E 297 -48.44 0.69 17.70
C PHE E 297 -49.38 0.28 18.82
N GLU E 298 -48.96 0.55 20.05
CA GLU E 298 -49.74 0.21 21.24
C GLU E 298 -50.06 1.45 22.06
N VAL E 299 -51.25 1.45 22.64
CA VAL E 299 -51.72 2.56 23.46
C VAL E 299 -52.42 1.99 24.69
N LYS E 300 -52.22 2.62 25.83
CA LYS E 300 -52.83 2.20 27.10
C LYS E 300 -53.77 3.32 27.52
N ILE E 301 -55.04 3.21 27.14
CA ILE E 301 -56.01 4.24 27.50
C ILE E 301 -56.71 3.87 28.80
N GLU E 302 -56.94 4.90 29.62
CA GLU E 302 -57.60 4.74 30.91
C GLU E 302 -58.29 6.07 31.21
N VAL E 303 -59.60 6.14 30.95
CA VAL E 303 -60.37 7.36 31.20
C VAL E 303 -60.96 7.19 32.59
N LYS E 304 -60.18 7.56 33.59
CA LYS E 304 -60.58 7.46 34.99
C LYS E 304 -61.36 8.72 35.41
N SER E 305 -62.61 8.53 35.80
CA SER E 305 -63.45 9.66 36.21
C SER E 305 -64.34 9.27 37.38
N GLU F 24 -37.76 -0.26 -13.65
CA GLU F 24 -37.97 0.02 -12.24
C GLU F 24 -39.39 0.53 -12.00
N GLY F 25 -39.52 1.47 -11.06
CA GLY F 25 -40.81 2.05 -10.74
C GLY F 25 -41.47 1.48 -9.50
N PRO F 26 -42.72 1.02 -9.65
CA PRO F 26 -43.45 0.46 -8.51
C PRO F 26 -42.79 -0.72 -7.82
N ASP F 27 -42.22 -1.66 -8.59
CA ASP F 27 -41.57 -2.84 -8.02
C ASP F 27 -40.10 -2.62 -7.65
N ASN F 28 -39.72 -1.40 -7.25
CA ASN F 28 -38.33 -1.10 -6.87
C ASN F 28 -38.06 -1.57 -5.44
N ASP F 29 -38.31 -2.85 -5.19
CA ASP F 29 -38.09 -3.42 -3.86
C ASP F 29 -36.62 -3.63 -3.55
N GLU F 30 -35.79 -3.89 -4.57
CA GLU F 30 -34.36 -4.10 -4.34
C GLU F 30 -33.68 -2.89 -3.71
N ARG F 31 -34.20 -1.68 -3.97
CA ARG F 31 -33.64 -0.45 -3.43
C ARG F 31 -33.68 -0.39 -1.89
N PHE F 32 -34.26 -1.41 -1.26
CA PHE F 32 -34.36 -1.45 0.19
C PHE F 32 -33.87 -2.77 0.78
N THR F 33 -33.05 -3.51 0.04
CA THR F 33 -32.54 -4.79 0.51
C THR F 33 -31.02 -4.82 0.45
N TYR F 34 -30.42 -5.51 1.41
CA TYR F 34 -28.97 -5.67 1.51
C TYR F 34 -28.70 -7.10 1.95
N ASP F 35 -27.75 -7.74 1.30
CA ASP F 35 -27.38 -9.13 1.62
C ASP F 35 -26.37 -9.19 2.76
N TYR F 36 -26.87 -8.95 3.98
CA TYR F 36 -25.99 -8.99 5.14
C TYR F 36 -25.47 -10.39 5.39
N TYR F 37 -26.24 -11.41 5.00
CA TYR F 37 -25.83 -12.80 5.20
C TYR F 37 -24.50 -13.08 4.52
N ARG F 38 -24.42 -12.84 3.21
CA ARG F 38 -23.19 -13.08 2.47
C ARG F 38 -22.05 -12.27 3.05
N LEU F 39 -22.34 -11.05 3.50
CA LEU F 39 -21.30 -10.20 4.08
C LEU F 39 -20.74 -10.83 5.34
N ARG F 40 -21.61 -11.36 6.20
CA ARG F 40 -21.14 -11.98 7.43
C ARG F 40 -20.31 -13.23 7.10
N VAL F 41 -20.77 -14.02 6.13
CA VAL F 41 -20.04 -15.23 5.76
C VAL F 41 -18.62 -14.88 5.33
N VAL F 42 -18.48 -13.92 4.41
CA VAL F 42 -17.15 -13.53 3.94
C VAL F 42 -16.30 -12.96 5.09
N GLY F 43 -16.89 -12.06 5.89
CA GLY F 43 -16.12 -11.50 6.99
C GLY F 43 -15.63 -12.56 7.96
N LEU F 44 -16.38 -13.65 8.10
CA LEU F 44 -15.93 -14.70 9.01
C LEU F 44 -14.82 -15.51 8.37
N ILE F 45 -14.95 -15.80 7.07
CA ILE F 45 -13.91 -16.56 6.38
C ILE F 45 -12.59 -15.82 6.52
N VAL F 46 -12.62 -14.50 6.27
CA VAL F 46 -11.42 -13.67 6.36
C VAL F 46 -10.87 -13.67 7.79
N ALA F 47 -11.74 -13.48 8.79
CA ALA F 47 -11.26 -13.48 10.17
C ALA F 47 -10.54 -14.78 10.49
N ALA F 48 -11.14 -15.91 10.09
CA ALA F 48 -10.55 -17.21 10.33
C ALA F 48 -9.16 -17.31 9.69
N VAL F 49 -9.06 -16.90 8.42
CA VAL F 49 -7.79 -16.94 7.72
C VAL F 49 -6.73 -16.14 8.46
N LEU F 50 -7.06 -14.90 8.84
CA LEU F 50 -6.11 -14.06 9.56
C LEU F 50 -5.66 -14.74 10.85
N CYS F 51 -6.59 -15.38 11.55
CA CYS F 51 -6.25 -16.07 12.80
C CYS F 51 -5.26 -17.20 12.53
N VAL F 52 -5.50 -17.96 11.47
CA VAL F 52 -4.61 -19.07 11.11
C VAL F 52 -3.22 -18.53 10.84
N ILE F 53 -3.11 -17.60 9.87
CA ILE F 53 -1.82 -16.99 9.53
C ILE F 53 -1.09 -16.57 10.80
N GLY F 54 -1.81 -15.93 11.72
CA GLY F 54 -1.20 -15.51 12.97
C GLY F 54 -0.56 -16.68 13.68
N ILE F 55 -1.33 -17.76 13.87
CA ILE F 55 -0.79 -18.94 14.55
C ILE F 55 0.45 -19.46 13.82
N ILE F 56 0.38 -19.53 12.49
CA ILE F 56 1.51 -20.01 11.69
C ILE F 56 2.77 -19.22 12.03
N ILE F 57 2.67 -17.88 11.95
CA ILE F 57 3.81 -17.03 12.26
C ILE F 57 4.31 -17.26 13.68
N LEU F 58 3.40 -17.38 14.64
CA LEU F 58 3.78 -17.60 16.03
C LEU F 58 4.57 -18.89 16.24
N LEU F 59 4.09 -20.00 15.68
CA LEU F 59 4.79 -21.27 15.85
C LEU F 59 5.90 -21.52 14.83
N ALA F 60 6.06 -20.68 13.83
CA ALA F 60 7.09 -20.87 12.81
C ALA F 60 8.46 -20.58 13.42
N GLY F 61 9.18 -21.64 13.81
CA GLY F 61 10.50 -21.52 14.40
C GLY F 61 10.70 -22.58 15.45
N LYS F 62 9.61 -22.98 16.10
CA LYS F 62 9.62 -24.00 17.13
C LYS F 62 9.39 -25.38 16.55
N CYS F 63 9.81 -25.57 15.29
CA CYS F 63 9.67 -26.81 14.55
C CYS F 63 10.47 -26.69 13.26
#